data_3O4X
#
_entry.id   3O4X
#
_cell.length_a   95.762
_cell.length_b   206.832
_cell.length_c   131.065
_cell.angle_alpha   90.00
_cell.angle_beta   105.94
_cell.angle_gamma   90.00
#
_symmetry.space_group_name_H-M   'P 1 21 1'
#
loop_
_entity.id
_entity.type
_entity.pdbx_description
1 polymer 'Protein diaphanous homolog 1'
2 polymer 'Protein diaphanous homolog 1'
3 water water
#
loop_
_entity_poly.entity_id
_entity_poly.type
_entity_poly.pdbx_seq_one_letter_code
_entity_poly.pdbx_strand_id
1 'polypeptide(L)'
;GSESSRSAMMYIQELRSGLRDMHLLSCLESLRVSLNNNPVSWVQTFGAEGLASLLDILKRLHDEKEETSGNYDSRNQHEI
IRCLKAFMNNKFGIKTMLETEEGILLLVRAMDPAVPNMMIDAAKLLSALCILPQPEDMNERVLEAMTERAEMDEVERFQP
LLDGLKSGTSIALKVGCLQLINALITPAEELDFRVHIRSELMRLGLHQVLQELREIENEDMKVQLCVFDEQGDEDFFDLK
GRLDDIRMEMDDFGEVFQIILNTVKDSKAEPHFLSILQHLLLVRNDYEARPQYYKLIEECVSQIVLHKNGTDPDFKCRHL
QIDIERLVDQ
;
A,B,C,D
2 'polypeptide(L)'
;GSFGFGVPAAPVLPFGLTPKKVYKPEVQLRRPNWSKFVAEDLSQDCFWTKVKEDRFENNELFAKLTLAFSAQTKTSKAKK
DQEGGEEKKSVQKKKVKELKVLDSKTAQNLSIFLGSFRMPYQEIKNVILEVNEAVLTESMIQNLIKQMPEPEQLKMLSEL
KEEYDDLAESEQFGVVMGTVPRLRPRLNAILFKLQFSEQVENIKPEIVSVTAACEELRKSENFSSLLELTLLVGNYMNAG
SRNAGAFGFNISFLCKLRDTKSADQKMTLLHFLAELCENDHPEVLKFPDELAHVEKASRVSAENLQKSLDQMKKQIADVE
RDVQNFPAATDEKDKFVEKMTSFVKDAQEQYNKLRMMHSNMETLYKELGDYFVFDPKKLSVEEFFMDLHNFRNMFLQAVK
ENQKRRETEEKMRRAKLAKEKAEKERLEKQQKREQLIDMNAEGDETGVMDSLLEALQSGAAFRRKRG
;
E,H,G,F
#
# COMPACT_ATOMS: atom_id res chain seq x y z
N ARG A 6 -69.16 34.40 21.76
CA ARG A 6 -70.04 34.84 22.88
C ARG A 6 -69.46 36.06 23.59
N SER A 7 -68.84 35.81 24.73
CA SER A 7 -68.25 36.83 25.60
C SER A 7 -66.72 36.81 25.50
N ALA A 8 -66.21 35.99 24.59
CA ALA A 8 -64.78 35.79 24.38
C ALA A 8 -64.03 37.06 24.00
N MET A 9 -64.61 37.86 23.12
CA MET A 9 -63.98 39.11 22.69
C MET A 9 -63.86 40.09 23.86
N MET A 10 -64.81 40.02 24.78
CA MET A 10 -64.77 40.85 25.99
C MET A 10 -63.50 40.61 26.80
N TYR A 11 -63.12 39.34 26.95
CA TYR A 11 -61.87 38.98 27.62
C TYR A 11 -60.64 39.56 26.93
N ILE A 12 -60.60 39.46 25.61
CA ILE A 12 -59.47 40.01 24.83
C ILE A 12 -59.39 41.51 25.06
N GLN A 13 -60.55 42.18 25.02
CA GLN A 13 -60.62 43.63 25.25
C GLN A 13 -60.23 43.99 26.68
N GLU A 14 -60.50 43.08 27.62
CA GLU A 14 -60.09 43.24 29.02
C GLU A 14 -58.58 43.09 29.20
N LEU A 15 -58.01 42.13 28.49
CA LEU A 15 -56.58 41.83 28.60
C LEU A 15 -55.74 42.94 27.94
N ARG A 16 -56.20 43.42 26.79
CA ARG A 16 -55.48 44.47 26.05
C ARG A 16 -55.68 45.87 26.63
N SER A 17 -56.58 45.98 27.62
CA SER A 17 -56.89 47.26 28.26
C SER A 17 -55.86 47.70 29.32
N GLY A 18 -55.03 46.76 29.75
CA GLY A 18 -53.96 47.07 30.70
C GLY A 18 -54.43 47.11 32.13
N LEU A 19 -54.96 46.00 32.60
CA LEU A 19 -55.30 45.82 34.01
C LEU A 19 -54.02 45.56 34.79
N ARG A 20 -54.06 45.75 36.10
CA ARG A 20 -52.90 45.46 36.96
C ARG A 20 -53.26 44.73 38.25
N ASP A 21 -52.23 44.37 39.02
CA ASP A 21 -52.36 43.69 40.33
C ASP A 21 -53.50 42.68 40.42
N MET A 22 -54.41 42.88 41.37
CA MET A 22 -55.47 41.92 41.64
C MET A 22 -56.65 42.07 40.69
N HIS A 23 -56.68 43.18 39.94
CA HIS A 23 -57.67 43.35 38.88
C HIS A 23 -57.34 42.39 37.74
N LEU A 24 -56.08 42.43 37.29
CA LEU A 24 -55.60 41.51 36.26
C LEU A 24 -55.77 40.07 36.69
N LEU A 25 -55.61 39.82 37.99
CA LEU A 25 -55.76 38.47 38.54
C LEU A 25 -57.20 37.95 38.54
N SER A 26 -58.14 38.80 38.97
CA SER A 26 -59.54 38.42 39.08
C SER A 26 -60.13 38.02 37.73
N CYS A 27 -59.70 38.75 36.70
CA CYS A 27 -60.14 38.55 35.32
C CYS A 27 -59.62 37.22 34.76
N LEU A 28 -58.31 37.00 34.90
CA LEU A 28 -57.65 35.79 34.42
C LEU A 28 -58.19 34.55 35.10
N GLU A 29 -58.63 34.72 36.35
CA GLU A 29 -59.18 33.65 37.15
C GLU A 29 -60.49 33.19 36.56
N SER A 30 -61.36 34.14 36.24
CA SER A 30 -62.66 33.84 35.64
C SER A 30 -62.53 33.43 34.17
N LEU A 31 -61.40 33.78 33.56
CA LEU A 31 -61.10 33.38 32.19
C LEU A 31 -60.70 31.93 32.18
N ARG A 32 -59.98 31.51 33.22
CA ARG A 32 -59.60 30.11 33.37
C ARG A 32 -60.87 29.27 33.53
N VAL A 33 -61.81 29.79 34.31
CA VAL A 33 -63.10 29.14 34.51
C VAL A 33 -63.85 28.98 33.18
N SER A 34 -64.03 30.08 32.45
CA SER A 34 -64.65 30.07 31.14
C SER A 34 -63.96 29.10 30.18
N LEU A 35 -62.63 29.13 30.16
CA LEU A 35 -61.86 28.25 29.28
C LEU A 35 -62.08 26.75 29.57
N ASN A 36 -62.14 26.43 30.87
CA ASN A 36 -62.33 25.08 31.36
C ASN A 36 -63.76 24.54 31.33
N ASN A 37 -64.74 25.43 31.14
CA ASN A 37 -66.14 25.05 31.28
C ASN A 37 -67.04 25.23 30.07
N ASN A 38 -66.66 26.14 29.17
CA ASN A 38 -67.36 26.33 27.90
C ASN A 38 -67.07 25.18 26.90
N PRO A 39 -67.84 25.10 25.80
CA PRO A 39 -67.49 24.11 24.78
C PRO A 39 -66.14 24.42 24.10
N VAL A 40 -65.66 23.48 23.29
CA VAL A 40 -64.44 23.66 22.52
C VAL A 40 -64.67 24.79 21.52
N SER A 41 -65.88 24.83 20.99
CA SER A 41 -66.38 25.91 20.15
C SER A 41 -65.94 27.29 20.66
N TRP A 42 -66.14 27.52 21.95
CA TRP A 42 -65.85 28.80 22.59
C TRP A 42 -64.36 29.14 22.64
N VAL A 43 -63.50 28.14 22.75
CA VAL A 43 -62.05 28.37 22.84
C VAL A 43 -61.51 28.92 21.51
N GLN A 44 -62.06 28.41 20.41
CA GLN A 44 -61.60 28.76 19.07
C GLN A 44 -61.87 30.22 18.71
N THR A 45 -62.88 30.81 19.33
CA THR A 45 -63.26 32.20 19.06
C THR A 45 -62.36 33.18 19.83
N PHE A 46 -61.94 32.77 21.02
CA PHE A 46 -60.86 33.42 21.76
C PHE A 46 -59.59 33.27 20.93
N GLY A 47 -59.29 32.03 20.54
CA GLY A 47 -58.34 31.72 19.49
C GLY A 47 -56.96 32.34 19.53
N ALA A 48 -56.33 32.41 18.36
CA ALA A 48 -54.98 32.95 18.19
C ALA A 48 -54.84 34.38 18.70
N GLU A 49 -55.89 35.18 18.49
CA GLU A 49 -55.97 36.56 18.98
C GLU A 49 -55.84 36.61 20.51
N GLY A 50 -56.71 35.86 21.19
CA GLY A 50 -56.76 35.82 22.66
C GLY A 50 -55.55 35.22 23.33
N LEU A 51 -55.02 34.15 22.76
CA LEU A 51 -53.78 33.56 23.26
C LEU A 51 -52.63 34.54 23.15
N ALA A 52 -52.59 35.27 22.04
CA ALA A 52 -51.51 36.22 21.77
C ALA A 52 -51.39 37.27 22.86
N SER A 53 -52.54 37.73 23.36
CA SER A 53 -52.57 38.72 24.43
C SER A 53 -52.16 38.10 25.77
N LEU A 54 -52.68 36.92 26.07
CA LEU A 54 -52.23 36.19 27.26
C LEU A 54 -50.72 36.16 27.29
N LEU A 55 -50.12 35.82 26.15
CA LEU A 55 -48.67 35.72 26.04
C LEU A 55 -47.98 37.09 26.11
N ASP A 56 -48.65 38.13 25.60
CA ASP A 56 -48.14 39.49 25.72
C ASP A 56 -48.10 39.92 27.18
N ILE A 57 -49.18 39.67 27.92
CA ILE A 57 -49.26 39.98 29.36
C ILE A 57 -48.12 39.28 30.11
N LEU A 58 -47.88 38.03 29.74
CA LEU A 58 -46.86 37.21 30.37
C LEU A 58 -45.48 37.76 30.08
N LYS A 59 -45.28 38.19 28.83
CA LYS A 59 -44.01 38.70 28.36
C LYS A 59 -43.65 40.02 29.07
N ARG A 60 -44.69 40.78 29.42
CA ARG A 60 -44.58 41.99 30.24
C ARG A 60 -44.16 41.60 31.66
N LEU A 61 -44.91 40.68 32.27
CA LEU A 61 -44.63 40.20 33.63
C LEU A 61 -43.25 39.54 33.80
N HIS A 62 -42.85 38.71 32.85
CA HIS A 62 -41.55 38.04 32.92
C HIS A 62 -40.40 39.02 32.97
N ASP A 63 -40.59 40.18 32.34
CA ASP A 63 -39.65 41.28 32.46
C ASP A 63 -39.79 41.89 33.86
N GLU A 64 -39.08 41.28 34.81
CA GLU A 64 -39.11 41.70 36.21
C GLU A 64 -37.72 42.17 36.67
N LYS A 65 -37.67 43.43 37.10
CA LYS A 65 -36.49 44.00 37.73
C LYS A 65 -36.91 44.74 39.00
N GLU A 66 -36.17 44.51 40.08
CA GLU A 66 -36.53 44.99 41.43
C GLU A 66 -36.56 46.51 41.54
N SER A 69 -39.50 42.27 48.62
CA SER A 69 -38.84 41.03 48.21
C SER A 69 -39.67 40.25 47.20
N GLY A 70 -39.29 40.34 45.92
CA GLY A 70 -39.98 39.64 44.84
C GLY A 70 -41.35 40.20 44.52
N ASN A 71 -41.90 39.82 43.37
CA ASN A 71 -43.24 40.26 42.97
C ASN A 71 -44.36 39.26 43.31
N TYR A 72 -45.46 39.82 43.81
CA TYR A 72 -46.67 39.06 44.16
C TYR A 72 -47.39 38.65 42.88
N ASP A 73 -47.03 39.32 41.79
CA ASP A 73 -47.51 39.04 40.45
C ASP A 73 -46.99 37.71 39.91
N SER A 74 -46.46 36.87 40.78
CA SER A 74 -46.21 35.47 40.42
C SER A 74 -47.55 34.72 40.44
N ARG A 75 -48.52 35.28 41.18
CA ARG A 75 -49.90 34.82 41.15
C ARG A 75 -50.48 35.03 39.75
N ASN A 76 -50.22 36.21 39.18
CA ASN A 76 -50.60 36.56 37.81
C ASN A 76 -49.95 35.68 36.76
N GLN A 77 -48.66 35.39 36.95
CA GLN A 77 -47.91 34.58 36.00
C GLN A 77 -48.43 33.16 36.03
N HIS A 78 -48.53 32.60 37.23
CA HIS A 78 -49.03 31.25 37.42
C HIS A 78 -50.46 31.11 36.89
N GLU A 79 -51.29 32.13 37.09
CA GLU A 79 -52.67 32.09 36.61
C GLU A 79 -52.80 32.09 35.09
N ILE A 80 -51.85 32.74 34.41
CA ILE A 80 -51.78 32.68 32.96
C ILE A 80 -51.41 31.26 32.53
N ILE A 81 -50.38 30.70 33.14
CA ILE A 81 -49.99 29.32 32.88
C ILE A 81 -51.20 28.40 33.00
N ARG A 82 -52.04 28.66 33.99
CA ARG A 82 -53.27 27.90 34.21
C ARG A 82 -54.30 28.04 33.08
N CYS A 83 -54.45 29.27 32.58
CA CYS A 83 -55.28 29.48 31.41
C CYS A 83 -54.74 28.68 30.23
N LEU A 84 -53.44 28.81 29.99
CA LEU A 84 -52.73 28.08 28.95
C LEU A 84 -53.01 26.57 28.98
N LYS A 85 -53.09 25.99 30.19
CA LYS A 85 -53.41 24.58 30.31
C LYS A 85 -54.84 24.32 29.83
N ALA A 86 -55.76 25.20 30.21
CA ALA A 86 -57.16 25.06 29.85
C ALA A 86 -57.34 25.22 28.35
N PHE A 87 -56.71 26.27 27.82
CA PHE A 87 -56.68 26.59 26.39
C PHE A 87 -56.18 25.41 25.58
N MET A 88 -55.12 24.77 26.07
CA MET A 88 -54.50 23.63 25.41
C MET A 88 -55.12 22.30 25.81
N ASN A 89 -56.20 22.34 26.57
CA ASN A 89 -56.88 21.12 26.98
C ASN A 89 -57.77 20.50 25.88
N ASN A 90 -57.63 21.04 24.68
CA ASN A 90 -58.33 20.54 23.50
C ASN A 90 -57.47 20.73 22.24
N LYS A 91 -57.66 19.84 21.27
CA LYS A 91 -56.78 19.72 20.08
C LYS A 91 -56.47 21.02 19.33
N PHE A 92 -57.38 21.99 19.37
CA PHE A 92 -57.13 23.26 18.69
C PHE A 92 -56.07 24.07 19.43
N GLY A 93 -56.28 24.23 20.73
CA GLY A 93 -55.39 25.00 21.59
C GLY A 93 -53.92 24.63 21.45
N ILE A 94 -53.66 23.32 21.39
CA ILE A 94 -52.29 22.83 21.22
C ILE A 94 -51.69 23.31 19.91
N LYS A 95 -52.33 22.95 18.80
CA LYS A 95 -51.84 23.30 17.48
C LYS A 95 -51.70 24.81 17.31
N THR A 96 -52.53 25.56 18.03
CA THR A 96 -52.53 27.03 17.98
C THR A 96 -51.37 27.63 18.76
N MET A 97 -51.01 26.98 19.86
CA MET A 97 -49.92 27.42 20.71
C MET A 97 -48.58 27.13 20.04
N LEU A 98 -48.48 25.96 19.42
CA LEU A 98 -47.27 25.54 18.71
C LEU A 98 -46.92 26.47 17.54
N GLU A 99 -47.86 27.34 17.18
CA GLU A 99 -47.67 28.25 16.06
C GLU A 99 -47.11 29.61 16.47
N THR A 100 -47.21 29.96 17.75
CA THR A 100 -46.67 31.23 18.24
C THR A 100 -45.15 31.15 18.26
N GLU A 101 -44.50 32.28 18.02
CA GLU A 101 -43.04 32.35 17.99
C GLU A 101 -42.44 32.27 19.39
N GLU A 102 -43.23 32.60 20.42
CA GLU A 102 -42.72 32.74 21.77
C GLU A 102 -43.48 31.96 22.84
N GLY A 103 -44.40 31.10 22.41
CA GLY A 103 -45.21 30.31 23.33
C GLY A 103 -44.42 29.30 24.15
N ILE A 104 -43.63 28.46 23.47
CA ILE A 104 -42.89 27.42 24.17
C ILE A 104 -41.81 28.06 25.04
N LEU A 105 -41.21 29.12 24.52
CA LEU A 105 -40.17 29.86 25.24
C LEU A 105 -40.69 30.47 26.54
N LEU A 106 -41.85 31.12 26.46
CA LEU A 106 -42.43 31.76 27.63
C LEU A 106 -42.79 30.76 28.72
N LEU A 107 -43.19 29.55 28.31
CA LEU A 107 -43.39 28.45 29.25
C LEU A 107 -42.08 28.08 29.96
N VAL A 108 -41.03 27.90 29.17
CA VAL A 108 -39.70 27.59 29.69
C VAL A 108 -39.27 28.62 30.73
N ARG A 109 -39.56 29.89 30.44
CA ARG A 109 -39.18 31.00 31.33
C ARG A 109 -39.96 30.95 32.64
N ALA A 110 -41.09 30.25 32.62
CA ALA A 110 -41.94 30.14 33.79
C ALA A 110 -41.54 28.95 34.65
N MET A 111 -40.44 28.28 34.29
CA MET A 111 -39.84 27.26 35.14
C MET A 111 -38.84 27.89 36.12
N ASP A 112 -39.39 28.53 37.14
CA ASP A 112 -38.58 29.12 38.21
C ASP A 112 -38.72 28.28 39.47
N PRO A 113 -37.68 27.48 39.79
CA PRO A 113 -37.68 26.66 41.01
C PRO A 113 -38.00 27.46 42.28
N ALA A 114 -37.72 28.77 42.26
CA ALA A 114 -38.05 29.66 43.37
C ALA A 114 -39.57 29.94 43.51
N VAL A 115 -40.37 29.56 42.51
CA VAL A 115 -41.84 29.45 42.66
C VAL A 115 -42.32 28.06 42.20
N PRO A 116 -42.17 27.05 43.07
CA PRO A 116 -42.41 25.65 42.75
C PRO A 116 -43.67 25.37 41.93
N ASN A 117 -44.84 25.69 42.48
CA ASN A 117 -46.13 25.32 41.87
C ASN A 117 -46.37 25.80 40.45
N MET A 118 -45.76 26.92 40.07
CA MET A 118 -45.81 27.41 38.70
C MET A 118 -44.97 26.51 37.80
N MET A 119 -43.71 26.32 38.19
CA MET A 119 -42.80 25.42 37.49
C MET A 119 -43.40 24.04 37.27
N ILE A 120 -44.02 23.50 38.32
CA ILE A 120 -44.77 22.25 38.22
C ILE A 120 -45.74 22.25 37.03
N ASP A 121 -46.59 23.28 36.97
CA ASP A 121 -47.62 23.38 35.93
C ASP A 121 -47.01 23.64 34.56
N ALA A 122 -45.94 24.43 34.52
CA ALA A 122 -45.25 24.79 33.28
C ALA A 122 -44.50 23.61 32.68
N ALA A 123 -43.66 22.98 33.51
CA ALA A 123 -42.89 21.80 33.10
C ALA A 123 -43.81 20.65 32.71
N LYS A 124 -45.04 20.69 33.21
CA LYS A 124 -46.04 19.66 32.92
C LYS A 124 -46.60 19.80 31.51
N LEU A 125 -46.72 21.06 31.06
CA LEU A 125 -47.17 21.37 29.72
C LEU A 125 -46.08 21.05 28.72
N LEU A 126 -44.89 21.60 28.97
CA LEU A 126 -43.70 21.33 28.17
C LEU A 126 -43.43 19.81 27.98
N SER A 127 -43.78 19.01 28.99
CA SER A 127 -43.64 17.56 28.91
C SER A 127 -44.68 16.96 27.95
N ALA A 128 -45.90 17.47 27.99
CA ALA A 128 -46.96 17.00 27.11
C ALA A 128 -46.70 17.36 25.64
N LEU A 129 -46.14 18.55 25.41
CA LEU A 129 -45.73 18.97 24.07
C LEU A 129 -44.66 18.04 23.53
N CYS A 130 -43.70 17.65 24.39
CA CYS A 130 -42.55 16.80 24.05
C CYS A 130 -42.89 15.45 23.46
N ILE A 131 -43.96 14.85 24.00
CA ILE A 131 -44.39 13.52 23.61
C ILE A 131 -45.54 13.55 22.60
N LEU A 132 -45.61 14.60 21.79
CA LEU A 132 -46.58 14.71 20.70
C LEU A 132 -46.04 14.09 19.42
N PRO A 133 -46.90 13.42 18.64
CA PRO A 133 -46.51 12.81 17.38
C PRO A 133 -46.28 13.86 16.30
N GLN A 134 -47.21 14.81 16.18
CA GLN A 134 -47.12 15.88 15.20
C GLN A 134 -47.06 17.21 15.94
N PRO A 135 -46.16 18.13 15.53
CA PRO A 135 -45.26 18.02 14.38
C PRO A 135 -43.98 17.26 14.71
N GLU A 136 -43.14 17.07 13.69
CA GLU A 136 -41.91 16.27 13.76
C GLU A 136 -41.25 16.12 15.15
N ASP A 137 -40.10 16.77 15.34
CA ASP A 137 -39.27 16.52 16.51
C ASP A 137 -39.58 17.49 17.65
N MET A 138 -40.71 17.24 18.34
CA MET A 138 -41.20 18.14 19.38
C MET A 138 -40.22 18.40 20.52
N ASN A 139 -39.58 17.33 20.99
CA ASN A 139 -38.62 17.41 22.09
C ASN A 139 -37.47 18.37 21.78
N GLU A 140 -37.02 18.34 20.52
CA GLU A 140 -35.92 19.18 20.07
C GLU A 140 -36.31 20.66 20.08
N ARG A 141 -37.57 20.94 19.76
CA ARG A 141 -38.11 22.30 19.86
C ARG A 141 -38.13 22.79 21.32
N VAL A 142 -38.65 21.94 22.22
CA VAL A 142 -38.67 22.22 23.66
C VAL A 142 -37.25 22.44 24.21
N LEU A 143 -36.32 21.61 23.76
CA LEU A 143 -34.92 21.77 24.13
C LEU A 143 -34.32 23.06 23.52
N GLU A 144 -34.61 23.31 22.25
CA GLU A 144 -34.18 24.53 21.57
C GLU A 144 -34.57 25.77 22.39
N ALA A 145 -35.79 25.78 22.91
CA ALA A 145 -36.29 26.89 23.73
C ALA A 145 -35.55 27.03 25.06
N MET A 146 -35.16 25.89 25.65
CA MET A 146 -34.43 25.90 26.92
C MET A 146 -33.04 26.50 26.75
N THR A 147 -32.45 26.26 25.59
CA THR A 147 -31.18 26.84 25.23
C THR A 147 -31.31 28.33 25.01
N GLU A 148 -32.39 28.75 24.33
CA GLU A 148 -32.63 30.17 24.07
C GLU A 148 -32.71 30.95 25.38
N ARG A 149 -33.39 30.39 26.38
CA ARG A 149 -33.55 31.02 27.70
C ARG A 149 -32.23 31.05 28.46
N ALA A 150 -31.41 30.03 28.24
CA ALA A 150 -30.13 29.86 28.92
C ALA A 150 -29.06 30.87 28.49
N GLU A 151 -29.19 31.36 27.27
CA GLU A 151 -28.23 32.34 26.74
C GLU A 151 -28.56 33.77 27.16
N MET A 152 -29.85 34.10 27.23
CA MET A 152 -30.27 35.42 27.71
C MET A 152 -30.08 35.57 29.22
N ASP A 153 -29.89 34.44 29.92
CA ASP A 153 -29.63 34.45 31.36
C ASP A 153 -28.15 34.19 31.68
N GLU A 154 -27.41 33.68 30.69
CA GLU A 154 -26.00 33.27 30.85
C GLU A 154 -25.80 32.14 31.87
N VAL A 155 -26.72 31.19 31.88
CA VAL A 155 -26.62 30.03 32.78
C VAL A 155 -26.59 28.72 31.96
N GLU A 156 -26.58 27.59 32.66
CA GLU A 156 -26.72 26.27 32.05
C GLU A 156 -28.18 26.04 31.71
N ARG A 157 -28.46 25.54 30.51
CA ARG A 157 -29.85 25.34 30.08
C ARG A 157 -30.60 24.33 30.93
N PHE A 158 -29.87 23.48 31.66
CA PHE A 158 -30.50 22.50 32.54
C PHE A 158 -30.45 22.85 34.02
N GLN A 159 -29.86 24.00 34.34
CA GLN A 159 -29.76 24.44 35.73
C GLN A 159 -31.14 24.50 36.41
N PRO A 160 -32.12 25.20 35.79
CA PRO A 160 -33.48 25.19 36.34
C PRO A 160 -33.93 23.79 36.77
N LEU A 161 -33.80 22.82 35.87
CA LEU A 161 -34.24 21.44 36.13
C LEU A 161 -33.50 20.78 37.29
N LEU A 162 -32.17 20.84 37.27
CA LEU A 162 -31.38 20.32 38.38
C LEU A 162 -31.74 21.00 39.71
N ASP A 163 -31.98 22.30 39.69
CA ASP A 163 -32.34 23.03 40.91
C ASP A 163 -33.66 22.55 41.49
N GLY A 164 -34.59 22.18 40.62
CA GLY A 164 -35.87 21.63 41.07
C GLY A 164 -35.75 20.24 41.67
N LEU A 165 -34.57 19.65 41.54
CA LEU A 165 -34.30 18.29 42.03
C LEU A 165 -33.53 18.26 43.35
N LYS A 166 -32.83 19.34 43.69
CA LYS A 166 -32.02 19.40 44.92
C LYS A 166 -32.86 19.29 46.20
N SER A 167 -32.21 18.86 47.28
CA SER A 167 -32.89 18.29 48.46
C SER A 167 -33.90 19.18 49.19
N GLY A 168 -33.73 20.49 49.12
CA GLY A 168 -34.66 21.42 49.75
C GLY A 168 -36.04 21.51 49.10
N THR A 169 -36.10 21.18 47.82
CA THR A 169 -37.32 21.32 47.00
C THR A 169 -38.40 20.31 47.36
N SER A 170 -39.66 20.68 47.08
CA SER A 170 -40.81 19.81 47.36
C SER A 170 -40.76 18.51 46.55
N ILE A 171 -41.43 17.48 47.07
CA ILE A 171 -41.42 16.16 46.45
C ILE A 171 -42.13 16.17 45.07
N ALA A 172 -43.15 17.03 44.93
CA ALA A 172 -43.91 17.10 43.67
C ALA A 172 -43.16 17.84 42.57
N LEU A 173 -42.34 18.82 42.96
CA LEU A 173 -41.45 19.53 42.04
C LEU A 173 -40.41 18.60 41.48
N LYS A 174 -39.91 17.72 42.37
CA LYS A 174 -38.93 16.69 42.02
C LYS A 174 -39.47 15.76 40.95
N VAL A 175 -40.73 15.34 41.10
CA VAL A 175 -41.39 14.47 40.10
C VAL A 175 -41.53 15.18 38.77
N GLY A 176 -42.23 16.32 38.78
CA GLY A 176 -42.38 17.15 37.59
C GLY A 176 -41.07 17.43 36.86
N CYS A 177 -40.01 17.68 37.63
CA CYS A 177 -38.68 17.92 37.04
C CYS A 177 -38.19 16.70 36.27
N LEU A 178 -38.02 15.58 36.98
CA LEU A 178 -37.55 14.35 36.36
C LEU A 178 -38.50 13.89 35.26
N GLN A 179 -39.77 14.30 35.36
CA GLN A 179 -40.74 14.02 34.33
C GLN A 179 -40.36 14.71 33.02
N LEU A 180 -40.01 15.99 33.08
CA LEU A 180 -39.53 16.69 31.90
C LEU A 180 -38.25 16.05 31.36
N ILE A 181 -37.34 15.66 32.27
CA ILE A 181 -36.08 15.03 31.87
C ILE A 181 -36.41 13.88 30.92
N ASN A 182 -37.31 13.01 31.35
CA ASN A 182 -37.71 11.85 30.56
C ASN A 182 -38.46 12.22 29.29
N ALA A 183 -39.21 13.31 29.34
CA ALA A 183 -39.95 13.82 28.19
C ALA A 183 -39.00 14.29 27.09
N LEU A 184 -37.82 14.78 27.48
CA LEU A 184 -36.81 15.22 26.53
C LEU A 184 -35.98 14.07 25.96
N ILE A 185 -35.59 13.11 26.82
CA ILE A 185 -34.77 11.94 26.44
C ILE A 185 -35.56 10.86 25.68
N THR A 186 -36.69 10.43 26.24
CA THR A 186 -37.40 9.23 25.75
C THR A 186 -37.85 9.23 24.28
N PRO A 187 -38.50 10.31 23.80
CA PRO A 187 -39.00 10.30 22.42
C PRO A 187 -37.90 10.38 21.38
N ALA A 188 -36.76 10.97 21.75
CA ALA A 188 -35.61 11.12 20.87
C ALA A 188 -35.13 9.78 20.36
N GLU A 189 -34.89 9.70 19.04
CA GLU A 189 -34.59 8.42 18.42
C GLU A 189 -33.10 8.08 18.32
N GLU A 190 -32.26 9.07 18.02
CA GLU A 190 -30.83 8.80 17.82
C GLU A 190 -30.07 8.55 19.13
N LEU A 191 -29.33 7.44 19.14
CA LEU A 191 -28.60 7.02 20.33
C LEU A 191 -27.65 8.12 20.83
N ASP A 192 -26.79 8.62 19.94
CA ASP A 192 -25.87 9.73 20.27
C ASP A 192 -26.56 10.92 20.96
N PHE A 193 -27.76 11.26 20.50
CA PHE A 193 -28.47 12.41 21.05
C PHE A 193 -28.96 12.15 22.46
N ARG A 194 -29.47 10.94 22.69
CA ARG A 194 -29.93 10.57 24.03
C ARG A 194 -28.76 10.60 25.01
N VAL A 195 -27.67 9.94 24.63
CA VAL A 195 -26.47 9.89 25.47
C VAL A 195 -25.87 11.29 25.65
N HIS A 196 -25.92 12.10 24.58
CA HIS A 196 -25.39 13.45 24.64
C HIS A 196 -26.09 14.28 25.70
N ILE A 197 -27.41 14.17 25.75
CA ILE A 197 -28.22 14.92 26.72
C ILE A 197 -28.06 14.36 28.12
N ARG A 198 -28.15 13.04 28.25
CA ARG A 198 -27.98 12.41 29.56
C ARG A 198 -26.62 12.76 30.16
N SER A 199 -25.56 12.67 29.36
CA SER A 199 -24.21 13.02 29.79
C SER A 199 -24.08 14.49 30.20
N GLU A 200 -24.93 15.35 29.61
CA GLU A 200 -24.96 16.75 29.99
C GLU A 200 -25.60 16.90 31.36
N LEU A 201 -26.63 16.10 31.64
CA LEU A 201 -27.27 16.10 32.95
C LEU A 201 -26.30 15.66 34.04
N MET A 202 -25.60 14.56 33.82
CA MET A 202 -24.63 14.04 34.78
C MET A 202 -23.56 15.09 35.03
N ARG A 203 -23.07 15.70 33.94
CA ARG A 203 -22.05 16.75 33.99
C ARG A 203 -22.45 17.87 34.95
N LEU A 204 -23.75 18.17 34.98
CA LEU A 204 -24.31 19.24 35.80
C LEU A 204 -24.55 18.79 37.24
N GLY A 205 -24.54 17.48 37.46
CA GLY A 205 -24.62 16.90 38.81
C GLY A 205 -25.82 16.00 39.10
N LEU A 206 -26.39 15.40 38.05
CA LEU A 206 -27.56 14.53 38.18
C LEU A 206 -27.25 13.25 38.96
N HIS A 207 -26.02 12.73 38.88
CA HIS A 207 -25.77 11.44 39.49
C HIS A 207 -25.93 11.43 41.01
N GLN A 208 -25.30 12.35 41.72
CA GLN A 208 -25.39 12.38 43.19
C GLN A 208 -26.82 12.61 43.62
N VAL A 209 -27.61 13.25 42.75
CA VAL A 209 -29.00 13.57 43.04
C VAL A 209 -29.87 12.31 42.96
N LEU A 210 -29.81 11.62 41.83
CA LEU A 210 -30.55 10.38 41.65
C LEU A 210 -30.36 9.41 42.83
N GLN A 211 -29.20 9.44 43.46
CA GLN A 211 -28.97 8.62 44.64
C GLN A 211 -29.98 8.98 45.73
N GLU A 212 -30.12 10.28 45.99
CA GLU A 212 -31.07 10.78 46.97
C GLU A 212 -32.50 10.44 46.57
N LEU A 213 -32.78 10.50 45.26
CA LEU A 213 -34.14 10.36 44.73
C LEU A 213 -34.72 8.97 44.79
N ARG A 214 -33.86 7.95 44.74
CA ARG A 214 -34.30 6.55 44.81
C ARG A 214 -34.83 6.17 46.17
N GLU A 215 -34.26 6.78 47.22
CA GLU A 215 -34.62 6.48 48.60
C GLU A 215 -36.02 6.99 49.00
N ILE A 216 -36.57 7.93 48.23
CA ILE A 216 -37.91 8.49 48.46
C ILE A 216 -38.97 7.48 48.05
N GLU A 217 -39.91 7.17 48.95
CA GLU A 217 -41.04 6.33 48.55
C GLU A 217 -42.29 7.12 48.20
N ASN A 218 -42.25 7.71 47.00
CA ASN A 218 -43.40 8.34 46.39
C ASN A 218 -43.66 7.61 45.09
N GLU A 219 -44.91 7.16 44.91
CA GLU A 219 -45.28 6.34 43.76
C GLU A 219 -44.98 7.00 42.41
N ASP A 220 -45.40 8.25 42.25
CA ASP A 220 -45.16 8.98 41.00
C ASP A 220 -43.66 9.11 40.75
N MET A 221 -42.90 9.33 41.81
CA MET A 221 -41.44 9.43 41.73
C MET A 221 -40.84 8.11 41.27
N LYS A 222 -41.19 7.02 41.97
CA LYS A 222 -40.67 5.70 41.64
C LYS A 222 -40.90 5.32 40.18
N VAL A 223 -42.04 5.74 39.63
CA VAL A 223 -42.37 5.52 38.21
C VAL A 223 -41.42 6.24 37.29
N GLN A 224 -41.10 7.48 37.63
CA GLN A 224 -40.24 8.29 36.79
C GLN A 224 -38.83 7.73 36.77
N LEU A 225 -38.34 7.31 37.93
CA LEU A 225 -36.98 6.78 38.04
C LEU A 225 -36.92 5.47 37.29
N CYS A 226 -38.03 4.75 37.27
CA CYS A 226 -38.09 3.52 36.51
C CYS A 226 -37.88 3.79 35.01
N VAL A 227 -38.59 4.79 34.50
CA VAL A 227 -38.52 5.20 33.10
C VAL A 227 -37.11 5.68 32.72
N PHE A 228 -36.52 6.51 33.56
CA PHE A 228 -35.19 7.06 33.32
C PHE A 228 -34.15 5.95 33.33
N ASP A 229 -34.36 4.95 34.19
CA ASP A 229 -33.49 3.78 34.26
C ASP A 229 -33.66 2.98 32.99
N GLU A 230 -34.92 2.72 32.62
CA GLU A 230 -35.26 1.94 31.44
C GLU A 230 -34.68 2.56 30.19
N GLN A 231 -34.79 3.88 30.09
CA GLN A 231 -34.40 4.58 28.89
C GLN A 231 -32.88 4.62 28.70
N GLY A 232 -32.16 4.54 29.82
CA GLY A 232 -30.71 4.46 29.84
C GLY A 232 -30.20 3.04 29.66
N ASP A 233 -30.98 2.08 30.14
CA ASP A 233 -30.67 0.66 29.94
C ASP A 233 -30.80 0.27 28.47
N GLU A 234 -31.74 0.92 27.78
CA GLU A 234 -31.95 0.72 26.35
C GLU A 234 -30.71 1.14 25.60
N ASP A 235 -30.26 2.37 25.87
CA ASP A 235 -29.15 2.98 25.17
C ASP A 235 -27.89 2.11 25.26
N PHE A 236 -27.68 1.53 26.45
CA PHE A 236 -26.56 0.62 26.67
C PHE A 236 -26.68 -0.56 25.73
N PHE A 237 -27.88 -1.12 25.60
CA PHE A 237 -28.12 -2.27 24.74
C PHE A 237 -27.82 -1.94 23.28
N ASP A 238 -28.30 -0.78 22.84
CA ASP A 238 -28.07 -0.31 21.48
C ASP A 238 -26.57 -0.12 21.22
N LEU A 239 -25.86 0.37 22.23
CA LEU A 239 -24.41 0.57 22.16
C LEU A 239 -23.67 -0.77 22.10
N LYS A 240 -24.13 -1.71 22.91
CA LYS A 240 -23.64 -3.09 22.90
C LYS A 240 -23.85 -3.64 21.48
N GLY A 241 -25.03 -3.40 20.94
CA GLY A 241 -25.35 -3.74 19.55
C GLY A 241 -24.42 -3.06 18.55
N ARG A 242 -24.27 -1.75 18.67
CA ARG A 242 -23.38 -1.00 17.79
C ARG A 242 -21.99 -1.63 17.76
N LEU A 243 -21.51 -2.04 18.94
CA LEU A 243 -20.20 -2.66 19.11
C LEU A 243 -20.04 -3.96 18.31
N ASP A 244 -21.08 -4.80 18.32
CA ASP A 244 -21.11 -6.03 17.51
C ASP A 244 -21.06 -5.75 16.00
N ASP A 245 -21.80 -4.73 15.54
CA ASP A 245 -21.69 -4.29 14.16
C ASP A 245 -20.24 -3.99 13.80
N ILE A 246 -19.56 -3.28 14.69
CA ILE A 246 -18.15 -2.94 14.52
C ILE A 246 -17.29 -4.20 14.47
N ARG A 247 -17.45 -5.10 15.44
CA ARG A 247 -16.66 -6.32 15.52
C ARG A 247 -16.77 -7.21 14.27
N MET A 248 -17.89 -7.09 13.57
CA MET A 248 -18.13 -7.85 12.33
C MET A 248 -17.48 -7.20 11.11
N GLU A 249 -17.75 -5.91 10.91
CA GLU A 249 -17.24 -5.16 9.75
C GLU A 249 -15.74 -4.89 9.82
N MET A 250 -15.24 -4.59 11.02
CA MET A 250 -13.85 -4.16 11.19
C MET A 250 -12.94 -5.28 11.69
N ASP A 251 -12.69 -6.26 10.83
CA ASP A 251 -11.85 -7.40 11.19
C ASP A 251 -10.45 -7.32 10.61
N ASP A 252 -10.11 -6.20 9.99
CA ASP A 252 -8.80 -6.01 9.37
C ASP A 252 -8.02 -4.89 10.03
N PHE A 253 -6.80 -5.19 10.50
CA PHE A 253 -5.97 -4.23 11.21
C PHE A 253 -5.75 -2.91 10.48
N GLY A 254 -5.39 -3.00 9.20
CA GLY A 254 -5.11 -1.82 8.38
C GLY A 254 -6.31 -0.93 8.21
N GLU A 255 -7.45 -1.55 7.90
CA GLU A 255 -8.72 -0.86 7.67
C GLU A 255 -9.22 -0.12 8.92
N VAL A 256 -9.25 -0.81 10.06
CA VAL A 256 -9.72 -0.19 11.31
C VAL A 256 -8.85 1.00 11.65
N PHE A 257 -7.53 0.81 11.58
CA PHE A 257 -6.56 1.83 11.92
C PHE A 257 -6.71 3.07 11.03
N GLN A 258 -7.09 2.85 9.78
CA GLN A 258 -7.33 3.95 8.85
C GLN A 258 -8.55 4.77 9.29
N ILE A 259 -9.58 4.07 9.74
CA ILE A 259 -10.85 4.69 10.16
C ILE A 259 -10.64 5.55 11.40
N ILE A 260 -9.85 5.06 12.35
CA ILE A 260 -9.51 5.82 13.56
C ILE A 260 -8.78 7.11 13.21
N LEU A 261 -7.80 7.01 12.31
CA LEU A 261 -7.11 8.20 11.78
C LEU A 261 -8.07 9.15 11.08
N ASN A 262 -8.97 8.60 10.27
CA ASN A 262 -9.93 9.40 9.54
C ASN A 262 -10.89 10.19 10.42
N THR A 263 -11.14 9.69 11.63
CA THR A 263 -12.06 10.34 12.56
C THR A 263 -11.35 11.28 13.53
N VAL A 264 -10.08 11.03 13.73
CA VAL A 264 -9.25 11.75 14.69
C VAL A 264 -8.45 12.87 14.03
N LYS A 265 -8.04 12.64 12.78
CA LYS A 265 -7.30 13.62 11.98
C LYS A 265 -7.87 15.02 12.15
N ASP A 266 -7.02 15.94 12.60
CA ASP A 266 -7.35 17.36 12.72
C ASP A 266 -8.31 17.72 13.87
N SER A 267 -8.37 16.86 14.88
CA SER A 267 -9.11 17.17 16.09
C SER A 267 -8.21 17.02 17.30
N LYS A 268 -8.56 17.68 18.40
CA LYS A 268 -7.76 17.63 19.62
C LYS A 268 -7.52 16.19 20.06
N ALA A 269 -8.32 15.26 19.54
CA ALA A 269 -8.22 13.84 19.89
C ALA A 269 -7.00 13.16 19.28
N GLU A 270 -6.37 13.82 18.29
CA GLU A 270 -5.23 13.26 17.56
C GLU A 270 -3.96 13.02 18.40
N PRO A 271 -3.41 14.07 19.04
CA PRO A 271 -2.23 13.85 19.86
C PRO A 271 -2.41 12.69 20.84
N HIS A 272 -3.59 12.58 21.43
CA HIS A 272 -3.87 11.54 22.43
C HIS A 272 -3.75 10.14 21.85
N PHE A 273 -4.24 9.94 20.62
CA PHE A 273 -4.20 8.63 19.99
C PHE A 273 -2.77 8.15 19.72
N LEU A 274 -1.91 9.06 19.28
CA LEU A 274 -0.50 8.77 19.10
C LEU A 274 0.12 8.38 20.43
N SER A 275 -0.21 9.18 21.45
CA SER A 275 0.26 8.95 22.82
C SER A 275 -0.10 7.55 23.29
N ILE A 276 -1.33 7.11 23.02
CA ILE A 276 -1.80 5.77 23.36
C ILE A 276 -0.89 4.74 22.68
N LEU A 277 -0.74 4.86 21.36
CA LEU A 277 0.09 3.95 20.59
C LEU A 277 1.55 3.93 21.06
N GLN A 278 2.10 5.10 21.33
CA GLN A 278 3.47 5.22 21.86
C GLN A 278 3.65 4.46 23.17
N HIS A 279 2.60 4.45 23.98
CA HIS A 279 2.59 3.68 25.21
C HIS A 279 2.55 2.19 24.91
N LEU A 280 1.87 1.84 23.83
CA LEU A 280 1.69 0.44 23.50
C LEU A 280 3.01 -0.21 23.13
N LEU A 281 3.96 0.61 22.68
CA LEU A 281 5.33 0.16 22.43
C LEU A 281 6.04 -0.16 23.73
N LEU A 282 5.72 0.61 24.77
CA LEU A 282 6.35 0.44 26.08
C LEU A 282 6.04 -0.87 26.79
N VAL A 283 4.85 -1.43 26.59
CA VAL A 283 4.49 -2.70 27.25
C VAL A 283 5.69 -3.62 27.08
N ARG A 284 6.34 -3.95 28.19
CA ARG A 284 7.69 -4.52 28.16
C ARG A 284 7.76 -5.86 27.44
N ASN A 285 8.91 -6.13 26.84
CA ASN A 285 9.12 -7.30 25.98
C ASN A 285 9.32 -8.60 26.77
N ASP A 286 8.21 -9.28 27.04
CA ASP A 286 8.21 -10.54 27.79
C ASP A 286 7.09 -11.46 27.31
N TYR A 287 7.43 -12.69 27.00
CA TYR A 287 6.52 -13.62 26.32
C TYR A 287 5.16 -13.73 27.00
N GLU A 288 5.17 -13.75 28.33
CA GLU A 288 3.96 -14.03 29.10
C GLU A 288 3.24 -12.79 29.62
N ALA A 289 4.02 -11.77 29.98
CA ALA A 289 3.49 -10.53 30.55
C ALA A 289 2.85 -9.61 29.52
N ARG A 290 3.37 -9.64 28.30
CA ARG A 290 2.87 -8.76 27.24
C ARG A 290 1.37 -8.97 26.92
N PRO A 291 0.95 -10.20 26.53
CA PRO A 291 -0.46 -10.39 26.19
C PRO A 291 -1.42 -10.04 27.33
N GLN A 292 -0.92 -10.01 28.55
CA GLN A 292 -1.75 -9.70 29.71
C GLN A 292 -1.88 -8.18 29.89
N TYR A 293 -0.83 -7.46 29.49
CA TYR A 293 -0.88 -6.00 29.39
C TYR A 293 -1.92 -5.57 28.37
N TYR A 294 -1.90 -6.23 27.21
CA TYR A 294 -2.82 -5.91 26.13
C TYR A 294 -4.25 -6.29 26.49
N LYS A 295 -4.40 -7.30 27.34
CA LYS A 295 -5.73 -7.68 27.83
C LYS A 295 -6.28 -6.66 28.82
N LEU A 296 -5.45 -6.23 29.75
CA LEU A 296 -5.84 -5.24 30.74
C LEU A 296 -6.07 -3.87 30.08
N ILE A 297 -5.21 -3.51 29.13
CA ILE A 297 -5.43 -2.32 28.32
C ILE A 297 -6.81 -2.42 27.67
N GLU A 298 -7.04 -3.53 26.95
CA GLU A 298 -8.33 -3.81 26.32
C GLU A 298 -9.46 -3.77 27.32
N GLU A 299 -9.22 -4.29 28.53
CA GLU A 299 -10.21 -4.24 29.58
C GLU A 299 -10.53 -2.80 29.93
N CYS A 300 -9.50 -1.99 30.16
CA CYS A 300 -9.70 -0.58 30.53
C CYS A 300 -10.42 0.21 29.44
N VAL A 301 -10.04 0.03 28.17
CA VAL A 301 -10.68 0.72 27.06
C VAL A 301 -12.13 0.27 26.87
N SER A 302 -12.40 -1.00 27.15
CA SER A 302 -13.74 -1.54 27.10
C SER A 302 -14.67 -0.87 28.12
N GLN A 303 -14.14 -0.61 29.32
CA GLN A 303 -14.90 -0.01 30.42
C GLN A 303 -15.18 1.46 30.16
N ILE A 304 -14.21 2.15 29.58
CA ILE A 304 -14.29 3.59 29.33
C ILE A 304 -15.28 3.86 28.19
N VAL A 305 -15.25 3.02 27.17
CA VAL A 305 -16.04 3.22 25.97
C VAL A 305 -17.48 2.73 26.15
N LEU A 306 -17.64 1.53 26.69
CA LEU A 306 -18.95 0.92 26.84
C LEU A 306 -19.51 1.17 28.25
N HIS A 307 -19.46 2.43 28.66
CA HIS A 307 -19.93 2.81 29.98
C HIS A 307 -21.41 2.51 30.08
N LYS A 308 -21.81 1.76 31.11
CA LYS A 308 -23.23 1.45 31.31
C LYS A 308 -23.98 2.65 31.85
N ASN A 309 -25.32 2.60 31.75
CA ASN A 309 -26.22 3.71 32.14
C ASN A 309 -26.45 4.72 31.02
N GLY A 310 -25.74 4.53 29.90
CA GLY A 310 -25.87 5.40 28.74
C GLY A 310 -25.45 6.82 29.01
N THR A 311 -24.26 6.96 29.61
CA THR A 311 -23.66 8.27 29.88
C THR A 311 -22.18 8.19 29.60
N ASP A 312 -21.57 9.34 29.33
CA ASP A 312 -20.12 9.43 29.24
C ASP A 312 -19.54 9.13 30.62
N PRO A 313 -18.26 8.71 30.67
CA PRO A 313 -17.60 8.62 31.97
C PRO A 313 -17.40 10.04 32.51
N ASP A 314 -17.43 10.21 33.82
CA ASP A 314 -17.21 11.52 34.40
C ASP A 314 -15.76 11.95 34.15
N PHE A 315 -15.55 12.90 33.24
CA PHE A 315 -14.19 13.30 32.87
C PHE A 315 -13.50 14.12 33.97
N LYS A 316 -14.23 14.41 35.04
CA LYS A 316 -13.65 15.08 36.19
C LYS A 316 -13.19 14.05 37.22
N CYS A 317 -13.80 12.87 37.18
CA CYS A 317 -13.46 11.75 38.05
C CYS A 317 -12.05 11.27 37.78
N ARG A 318 -11.24 11.25 38.83
CA ARG A 318 -9.81 11.05 38.70
C ARG A 318 -9.37 9.65 39.13
N HIS A 319 -10.33 8.85 39.62
CA HIS A 319 -10.05 7.46 39.97
C HIS A 319 -10.98 6.51 39.21
N LEU A 320 -10.43 5.40 38.72
CA LEU A 320 -11.23 4.40 38.01
C LEU A 320 -10.94 2.99 38.51
N GLN A 321 -11.99 2.21 38.71
CA GLN A 321 -11.84 0.78 39.00
C GLN A 321 -12.08 0.09 37.68
N ILE A 322 -11.28 -0.94 37.38
CA ILE A 322 -11.34 -1.62 36.08
C ILE A 322 -11.50 -3.12 36.32
N ASP A 323 -12.72 -3.56 36.57
CA ASP A 323 -12.93 -4.90 37.14
C ASP A 323 -12.79 -6.15 36.23
N ILE A 324 -12.24 -7.21 36.83
CA ILE A 324 -11.98 -8.54 36.21
C ILE A 324 -11.70 -8.47 34.71
N ARG B 6 -52.78 -33.73 -50.12
CA ARG B 6 -52.59 -34.20 -51.52
C ARG B 6 -51.53 -35.31 -51.64
N SER B 7 -50.82 -35.32 -52.76
CA SER B 7 -49.80 -36.32 -53.06
C SER B 7 -48.51 -36.16 -52.24
N ALA B 8 -48.49 -35.18 -51.35
CA ALA B 8 -47.35 -34.90 -50.48
C ALA B 8 -46.95 -36.11 -49.64
N MET B 9 -47.95 -36.84 -49.14
CA MET B 9 -47.73 -38.03 -48.34
C MET B 9 -47.07 -39.14 -49.17
N MET B 10 -47.35 -39.15 -50.47
CA MET B 10 -46.79 -40.14 -51.40
C MET B 10 -45.29 -39.99 -51.60
N TYR B 11 -44.84 -38.74 -51.75
CA TYR B 11 -43.41 -38.42 -51.87
C TYR B 11 -42.62 -38.96 -50.68
N ILE B 12 -43.17 -38.79 -49.47
CA ILE B 12 -42.53 -39.28 -48.25
C ILE B 12 -42.39 -40.80 -48.30
N GLN B 13 -43.37 -41.47 -48.87
CA GLN B 13 -43.30 -42.92 -49.02
C GLN B 13 -42.26 -43.27 -50.09
N GLU B 14 -42.25 -42.52 -51.19
CA GLU B 14 -41.25 -42.67 -52.24
C GLU B 14 -39.82 -42.58 -51.68
N LEU B 15 -39.59 -41.59 -50.82
CA LEU B 15 -38.27 -41.36 -50.23
C LEU B 15 -37.86 -42.47 -49.28
N ARG B 16 -38.77 -42.86 -48.39
CA ARG B 16 -38.48 -43.88 -47.38
C ARG B 16 -38.45 -45.29 -47.97
N SER B 17 -38.58 -45.37 -49.29
CA SER B 17 -38.51 -46.63 -50.02
C SER B 17 -37.08 -46.96 -50.44
N GLY B 18 -36.16 -46.03 -50.17
CA GLY B 18 -34.76 -46.20 -50.54
C GLY B 18 -34.56 -46.40 -52.04
N LEU B 19 -34.99 -45.41 -52.81
CA LEU B 19 -34.72 -45.37 -54.25
C LEU B 19 -33.26 -44.99 -54.49
N ARG B 20 -32.65 -45.61 -55.49
CA ARG B 20 -31.24 -45.44 -55.77
C ARG B 20 -31.01 -44.74 -57.11
N ASP B 21 -29.75 -44.38 -57.39
CA ASP B 21 -29.34 -43.78 -58.66
C ASP B 21 -30.29 -42.73 -59.25
N MET B 22 -30.63 -42.89 -60.53
CA MET B 22 -31.38 -41.88 -61.26
C MET B 22 -32.87 -41.92 -60.94
N HIS B 23 -33.33 -43.06 -60.44
CA HIS B 23 -34.69 -43.16 -59.89
C HIS B 23 -34.82 -42.14 -58.77
N LEU B 24 -33.87 -42.15 -57.85
CA LEU B 24 -33.81 -41.18 -56.76
C LEU B 24 -33.70 -39.75 -57.26
N LEU B 25 -32.93 -39.53 -58.31
CA LEU B 25 -32.76 -38.18 -58.87
C LEU B 25 -34.03 -37.66 -59.53
N SER B 26 -34.72 -38.54 -60.24
CA SER B 26 -35.98 -38.20 -60.91
C SER B 26 -37.08 -37.85 -59.91
N CYS B 27 -37.08 -38.55 -58.78
CA CYS B 27 -38.04 -38.30 -57.71
C CYS B 27 -37.84 -36.94 -57.05
N LEU B 28 -36.59 -36.65 -56.68
CA LEU B 28 -36.23 -35.40 -56.03
C LEU B 28 -36.44 -34.20 -56.97
N GLU B 29 -36.10 -34.41 -58.24
CA GLU B 29 -36.38 -33.43 -59.27
C GLU B 29 -37.87 -33.13 -59.36
N SER B 30 -38.68 -34.20 -59.36
CA SER B 30 -40.15 -34.09 -59.35
C SER B 30 -40.65 -33.49 -58.05
N LEU B 31 -39.92 -33.73 -56.95
CA LEU B 31 -40.27 -33.13 -55.66
C LEU B 31 -39.98 -31.62 -55.63
N ARG B 32 -38.93 -31.20 -56.32
CA ARG B 32 -38.57 -29.78 -56.35
C ARG B 32 -39.62 -28.93 -57.07
N VAL B 33 -40.11 -29.42 -58.21
CA VAL B 33 -41.13 -28.72 -58.98
C VAL B 33 -42.37 -28.44 -58.12
N SER B 34 -42.85 -29.49 -57.45
CA SER B 34 -44.01 -29.40 -56.56
C SER B 34 -43.81 -28.34 -55.46
N LEU B 35 -42.67 -28.41 -54.79
CA LEU B 35 -42.36 -27.52 -53.68
C LEU B 35 -42.27 -26.04 -54.07
N ASN B 36 -41.93 -25.79 -55.33
CA ASN B 36 -41.90 -24.41 -55.84
C ASN B 36 -43.27 -23.90 -56.27
N ASN B 37 -44.12 -24.80 -56.76
CA ASN B 37 -45.33 -24.42 -57.46
C ASN B 37 -46.65 -24.64 -56.73
N ASN B 38 -46.61 -25.39 -55.64
CA ASN B 38 -47.78 -25.53 -54.78
C ASN B 38 -47.83 -24.38 -53.79
N PRO B 39 -49.02 -24.11 -53.21
CA PRO B 39 -49.09 -23.10 -52.16
C PRO B 39 -48.45 -23.60 -50.87
N VAL B 40 -48.23 -22.68 -49.93
CA VAL B 40 -47.65 -22.99 -48.61
C VAL B 40 -48.38 -24.12 -47.89
N SER B 41 -49.69 -24.21 -48.13
CA SER B 41 -50.53 -25.27 -47.58
C SER B 41 -49.96 -26.67 -47.84
N TRP B 42 -49.55 -26.91 -49.08
CA TRP B 42 -49.04 -28.20 -49.54
C TRP B 42 -47.78 -28.65 -48.81
N VAL B 43 -46.91 -27.68 -48.52
CA VAL B 43 -45.64 -27.94 -47.84
C VAL B 43 -45.86 -28.33 -46.38
N GLN B 44 -46.91 -27.78 -45.78
CA GLN B 44 -47.21 -28.02 -44.37
C GLN B 44 -47.50 -29.50 -44.09
N THR B 45 -48.20 -30.14 -45.02
CA THR B 45 -48.55 -31.55 -44.87
C THR B 45 -47.45 -32.48 -45.36
N PHE B 46 -46.47 -31.91 -46.08
CA PHE B 46 -45.20 -32.57 -46.34
C PHE B 46 -44.39 -32.46 -45.06
N GLY B 47 -44.29 -31.23 -44.56
CA GLY B 47 -43.84 -30.91 -43.20
C GLY B 47 -42.64 -31.62 -42.60
N ALA B 48 -42.72 -31.80 -41.28
CA ALA B 48 -41.61 -32.32 -40.48
C ALA B 48 -41.17 -33.72 -40.86
N GLU B 49 -42.15 -34.58 -41.16
CA GLU B 49 -41.88 -35.96 -41.51
C GLU B 49 -41.24 -36.05 -42.89
N GLY B 50 -41.70 -35.21 -43.80
CA GLY B 50 -41.20 -35.18 -45.17
C GLY B 50 -39.79 -34.61 -45.29
N LEU B 51 -39.47 -33.63 -44.45
CA LEU B 51 -38.14 -33.07 -44.37
C LEU B 51 -37.18 -34.06 -43.72
N ALA B 52 -37.63 -34.70 -42.64
CA ALA B 52 -36.85 -35.69 -41.91
C ALA B 52 -36.18 -36.70 -42.83
N SER B 53 -36.94 -37.19 -43.81
CA SER B 53 -36.45 -38.19 -44.76
C SER B 53 -35.50 -37.58 -45.79
N LEU B 54 -35.78 -36.35 -46.20
CA LEU B 54 -34.91 -35.63 -47.12
C LEU B 54 -33.50 -35.44 -46.56
N LEU B 55 -33.42 -35.16 -45.26
CA LEU B 55 -32.15 -35.06 -44.57
C LEU B 55 -31.53 -36.43 -44.37
N ASP B 56 -32.39 -37.42 -44.12
CA ASP B 56 -31.94 -38.78 -43.84
C ASP B 56 -31.33 -39.45 -45.07
N ILE B 57 -31.82 -39.09 -46.25
CA ILE B 57 -31.24 -39.54 -47.51
C ILE B 57 -29.90 -38.83 -47.76
N LEU B 58 -29.89 -37.53 -47.50
CA LEU B 58 -28.67 -36.73 -47.59
C LEU B 58 -27.60 -37.23 -46.62
N LYS B 59 -28.04 -37.78 -45.50
CA LYS B 59 -27.16 -38.38 -44.51
C LYS B 59 -26.49 -39.63 -45.08
N ARG B 60 -27.24 -40.46 -45.81
CA ARG B 60 -26.69 -41.68 -46.44
C ARG B 60 -25.72 -41.32 -47.56
N LEU B 61 -26.13 -40.41 -48.43
CA LEU B 61 -25.31 -39.98 -49.57
C LEU B 61 -23.92 -39.51 -49.14
N HIS B 62 -23.87 -38.67 -48.09
CA HIS B 62 -22.60 -38.20 -47.51
C HIS B 62 -21.73 -39.34 -46.99
N ASP B 63 -22.18 -40.59 -47.20
CA ASP B 63 -21.40 -41.79 -46.82
C ASP B 63 -21.20 -42.73 -48.00
N LYS B 65 -19.54 -38.70 -49.16
CA LYS B 65 -19.07 -39.48 -50.30
C LYS B 65 -18.67 -40.91 -49.87
N GLU B 66 -17.57 -41.00 -49.10
CA GLU B 66 -17.06 -42.26 -48.52
C GLU B 66 -16.71 -43.37 -49.54
N GLU B 67 -17.04 -43.15 -50.80
CA GLU B 67 -16.65 -44.06 -51.87
C GLU B 67 -15.60 -43.41 -52.77
N THR B 68 -15.44 -43.92 -53.99
CA THR B 68 -14.36 -43.47 -54.88
C THR B 68 -14.81 -43.12 -56.30
N SER B 69 -13.92 -42.47 -57.05
CA SER B 69 -14.10 -42.10 -58.48
C SER B 69 -14.97 -40.86 -58.70
N GLY B 70 -15.11 -40.05 -57.66
CA GLY B 70 -16.02 -38.92 -57.68
C GLY B 70 -17.43 -39.42 -57.38
N ASN B 71 -18.07 -38.85 -56.37
CA ASN B 71 -19.37 -39.31 -55.90
C ASN B 71 -20.45 -39.29 -56.99
N TYR B 72 -20.42 -38.27 -57.84
CA TYR B 72 -21.43 -38.00 -58.87
C TYR B 72 -22.84 -37.76 -58.34
N ASP B 73 -23.29 -38.61 -57.41
CA ASP B 73 -24.56 -38.40 -56.71
C ASP B 73 -24.57 -37.02 -56.06
N SER B 74 -23.55 -36.24 -56.41
CA SER B 74 -23.51 -34.81 -56.21
C SER B 74 -24.74 -34.15 -56.83
N ARG B 75 -25.28 -34.77 -57.89
CA ARG B 75 -26.53 -34.34 -58.48
C ARG B 75 -27.68 -34.62 -57.51
N ASN B 76 -27.75 -35.86 -57.02
CA ASN B 76 -28.73 -36.26 -55.99
C ASN B 76 -28.61 -35.38 -54.75
N GLN B 77 -27.37 -35.21 -54.29
CA GLN B 77 -27.09 -34.31 -53.18
C GLN B 77 -27.58 -32.89 -53.50
N HIS B 78 -27.06 -32.31 -54.59
CA HIS B 78 -27.41 -30.96 -55.01
C HIS B 78 -28.92 -30.79 -55.13
N GLU B 79 -29.59 -31.81 -55.64
CA GLU B 79 -31.05 -31.75 -55.82
C GLU B 79 -31.81 -31.72 -54.50
N ILE B 80 -31.30 -32.41 -53.50
CA ILE B 80 -31.88 -32.35 -52.15
C ILE B 80 -31.75 -30.94 -51.58
N ILE B 81 -30.60 -30.32 -51.83
CA ILE B 81 -30.33 -28.96 -51.42
C ILE B 81 -31.22 -27.97 -52.17
N ARG B 82 -31.45 -28.23 -53.46
CA ARG B 82 -32.39 -27.43 -54.23
C ARG B 82 -33.82 -27.62 -53.74
N CYS B 83 -34.18 -28.85 -53.38
CA CYS B 83 -35.46 -29.13 -52.72
C CYS B 83 -35.55 -28.38 -51.40
N LEU B 84 -34.44 -28.33 -50.65
CA LEU B 84 -34.41 -27.69 -49.34
C LEU B 84 -34.69 -26.20 -49.44
N LYS B 85 -34.04 -25.56 -50.41
CA LYS B 85 -34.26 -24.14 -50.68
C LYS B 85 -35.75 -23.93 -51.00
N ALA B 86 -36.28 -24.75 -51.90
CA ALA B 86 -37.68 -24.71 -52.26
C ALA B 86 -38.58 -24.89 -51.03
N PHE B 87 -38.27 -25.92 -50.23
CA PHE B 87 -38.97 -26.21 -48.97
C PHE B 87 -38.98 -24.99 -48.05
N MET B 88 -37.85 -24.27 -48.02
CA MET B 88 -37.65 -23.18 -47.09
C MET B 88 -38.03 -21.82 -47.67
N ASN B 89 -38.68 -21.84 -48.83
CA ASN B 89 -39.05 -20.60 -49.49
C ASN B 89 -40.21 -19.90 -48.79
N ASN B 90 -40.79 -20.57 -47.79
CA ASN B 90 -41.87 -20.01 -46.98
C ASN B 90 -41.52 -19.95 -45.49
N LYS B 91 -42.31 -19.19 -44.72
CA LYS B 91 -42.03 -18.95 -43.31
C LYS B 91 -42.10 -20.18 -42.39
N PHE B 92 -42.68 -21.27 -42.88
CA PHE B 92 -42.72 -22.51 -42.12
C PHE B 92 -41.50 -23.41 -42.39
N GLY B 93 -41.08 -23.46 -43.65
CA GLY B 93 -39.89 -24.22 -44.04
C GLY B 93 -38.68 -23.84 -43.21
N ILE B 94 -38.49 -22.52 -43.04
CA ILE B 94 -37.43 -21.96 -42.21
C ILE B 94 -37.48 -22.45 -40.76
N LYS B 95 -38.66 -22.37 -40.15
CA LYS B 95 -38.81 -22.73 -38.75
C LYS B 95 -38.61 -24.23 -38.55
N THR B 96 -39.10 -25.02 -39.50
CA THR B 96 -39.02 -26.48 -39.42
C THR B 96 -37.58 -26.97 -39.52
N MET B 97 -36.84 -26.38 -40.44
CA MET B 97 -35.42 -26.68 -40.59
C MET B 97 -34.67 -26.33 -39.31
N LEU B 98 -34.95 -25.16 -38.77
CA LEU B 98 -34.23 -24.68 -37.58
C LEU B 98 -34.41 -25.57 -36.36
N GLU B 99 -35.39 -26.46 -36.40
CA GLU B 99 -35.65 -27.36 -35.30
C GLU B 99 -34.94 -28.70 -35.43
N THR B 100 -34.56 -29.05 -36.66
CA THR B 100 -33.94 -30.36 -36.91
C THR B 100 -32.56 -30.42 -36.27
N GLU B 101 -32.18 -31.62 -35.84
CA GLU B 101 -30.95 -31.80 -35.08
C GLU B 101 -29.71 -31.77 -35.98
N GLU B 102 -29.87 -32.19 -37.23
CA GLU B 102 -28.75 -32.26 -38.18
C GLU B 102 -28.87 -31.32 -39.37
N GLY B 103 -30.04 -30.69 -39.52
CA GLY B 103 -30.31 -29.78 -40.64
C GLY B 103 -29.16 -28.89 -41.06
N ILE B 104 -28.74 -27.99 -40.17
CA ILE B 104 -27.68 -27.04 -40.45
C ILE B 104 -26.39 -27.77 -40.82
N LEU B 105 -26.01 -28.74 -39.99
CA LEU B 105 -24.78 -29.50 -40.17
C LEU B 105 -24.68 -30.12 -41.56
N LEU B 106 -25.76 -30.74 -42.02
CA LEU B 106 -25.79 -31.41 -43.32
C LEU B 106 -25.74 -30.42 -44.49
N LEU B 107 -26.11 -29.18 -44.20
CA LEU B 107 -26.02 -28.11 -45.18
C LEU B 107 -24.59 -27.61 -45.24
N VAL B 108 -23.88 -27.74 -44.11
CA VAL B 108 -22.46 -27.39 -44.02
C VAL B 108 -21.61 -28.45 -44.69
N ARG B 109 -21.93 -29.72 -44.44
CA ARG B 109 -21.25 -30.83 -45.08
C ARG B 109 -21.44 -30.80 -46.61
N ALA B 110 -22.41 -30.02 -47.06
CA ALA B 110 -22.72 -29.85 -48.48
C ALA B 110 -21.80 -28.84 -49.15
N MET B 111 -21.13 -28.02 -48.35
CA MET B 111 -20.16 -27.04 -48.85
C MET B 111 -18.86 -27.74 -49.26
N ASP B 112 -18.73 -27.95 -50.55
CA ASP B 112 -17.62 -28.71 -51.10
C ASP B 112 -17.13 -27.99 -52.35
N PRO B 113 -15.99 -27.29 -52.25
CA PRO B 113 -15.34 -26.56 -53.35
C PRO B 113 -15.14 -27.40 -54.61
N ALA B 114 -15.07 -28.73 -54.46
CA ALA B 114 -14.97 -29.65 -55.59
C ALA B 114 -16.21 -29.64 -56.49
N VAL B 115 -17.39 -29.47 -55.89
CA VAL B 115 -18.63 -29.29 -56.64
C VAL B 115 -19.29 -27.94 -56.32
N PRO B 116 -18.97 -26.92 -57.14
CA PRO B 116 -19.21 -25.50 -56.83
C PRO B 116 -20.67 -25.08 -56.71
N ASN B 117 -21.50 -25.48 -57.66
CA ASN B 117 -22.91 -25.08 -57.68
C ASN B 117 -23.65 -25.50 -56.43
N MET B 118 -23.39 -26.73 -55.98
CA MET B 118 -23.97 -27.24 -54.74
C MET B 118 -23.57 -26.37 -53.57
N MET B 119 -22.25 -26.22 -53.36
CA MET B 119 -21.76 -25.30 -52.34
C MET B 119 -22.42 -23.92 -52.48
N ILE B 120 -22.44 -23.37 -53.70
CA ILE B 120 -23.05 -22.06 -53.95
C ILE B 120 -24.48 -21.93 -53.39
N ASP B 121 -25.31 -22.93 -53.66
CA ASP B 121 -26.69 -22.93 -53.19
C ASP B 121 -26.77 -23.14 -51.67
N ALA B 122 -25.88 -23.98 -51.14
CA ALA B 122 -25.91 -24.36 -49.72
C ALA B 122 -25.38 -23.26 -48.81
N ALA B 123 -24.28 -22.63 -49.21
CA ALA B 123 -23.74 -21.47 -48.52
C ALA B 123 -24.78 -20.35 -48.50
N LYS B 124 -25.48 -20.20 -49.63
CA LYS B 124 -26.52 -19.19 -49.80
C LYS B 124 -27.61 -19.31 -48.73
N LEU B 125 -27.98 -20.55 -48.41
CA LEU B 125 -28.96 -20.81 -47.36
C LEU B 125 -28.37 -20.44 -46.01
N LEU B 126 -27.18 -20.96 -45.72
CA LEU B 126 -26.51 -20.70 -44.45
C LEU B 126 -26.34 -19.20 -44.20
N SER B 127 -26.02 -18.45 -45.27
CA SER B 127 -25.91 -17.00 -45.23
C SER B 127 -27.25 -16.35 -44.91
N ALA B 128 -28.32 -16.89 -45.50
CA ALA B 128 -29.67 -16.41 -45.24
C ALA B 128 -30.11 -16.74 -43.82
N LEU B 129 -29.64 -17.89 -43.32
CA LEU B 129 -29.91 -18.32 -41.95
C LEU B 129 -29.24 -17.41 -40.93
N CYS B 130 -27.97 -17.06 -41.19
CA CYS B 130 -27.22 -16.17 -40.32
C CYS B 130 -27.94 -14.86 -40.05
N ILE B 131 -28.54 -14.28 -41.09
CA ILE B 131 -29.14 -12.94 -41.00
C ILE B 131 -30.62 -12.92 -40.61
N LEU B 132 -31.09 -14.02 -40.03
CA LEU B 132 -32.41 -14.06 -39.44
C LEU B 132 -32.43 -13.34 -38.09
N PRO B 133 -33.47 -12.55 -37.82
CA PRO B 133 -33.66 -11.93 -36.50
C PRO B 133 -33.95 -12.96 -35.41
N GLN B 134 -34.89 -13.88 -35.68
CA GLN B 134 -35.24 -14.93 -34.72
C GLN B 134 -34.91 -16.30 -35.30
N PRO B 135 -34.34 -17.21 -34.48
CA PRO B 135 -34.08 -17.06 -33.05
C PRO B 135 -32.68 -16.59 -32.70
N GLU B 136 -32.61 -15.70 -31.72
CA GLU B 136 -31.36 -15.22 -31.11
C GLU B 136 -30.14 -15.20 -32.05
N ASP B 137 -29.11 -15.96 -31.69
CA ASP B 137 -27.81 -15.84 -32.35
C ASP B 137 -27.63 -16.85 -33.49
N MET B 138 -28.17 -16.51 -34.65
CA MET B 138 -28.15 -17.41 -35.79
C MET B 138 -26.77 -17.62 -36.43
N ASN B 139 -25.99 -16.54 -36.55
CA ASN B 139 -24.62 -16.67 -37.03
C ASN B 139 -23.82 -17.69 -36.21
N GLU B 140 -23.97 -17.62 -34.89
CA GLU B 140 -23.26 -18.51 -33.97
C GLU B 140 -23.69 -19.97 -34.11
N ARG B 141 -24.98 -20.19 -34.33
CA ARG B 141 -25.50 -21.53 -34.60
C ARG B 141 -24.79 -22.10 -35.83
N VAL B 142 -24.80 -21.34 -36.91
CA VAL B 142 -24.13 -21.71 -38.17
C VAL B 142 -22.67 -22.03 -37.91
N LEU B 143 -22.04 -21.20 -37.10
CA LEU B 143 -20.63 -21.35 -36.77
C LEU B 143 -20.32 -22.66 -36.05
N GLU B 144 -21.16 -23.03 -35.09
CA GLU B 144 -21.01 -24.29 -34.36
C GLU B 144 -21.10 -25.51 -35.27
N ALA B 145 -21.90 -25.41 -36.32
CA ALA B 145 -21.98 -26.48 -37.30
C ALA B 145 -20.67 -26.58 -38.06
N MET B 146 -20.16 -25.45 -38.53
CA MET B 146 -18.91 -25.46 -39.29
C MET B 146 -17.80 -25.98 -38.41
N THR B 147 -17.90 -25.71 -37.11
CA THR B 147 -16.91 -26.12 -36.13
C THR B 147 -17.03 -27.63 -35.86
N GLU B 148 -18.28 -28.12 -35.84
CA GLU B 148 -18.59 -29.55 -35.69
C GLU B 148 -18.12 -30.32 -36.91
N ARG B 149 -18.29 -29.73 -38.09
CA ARG B 149 -17.87 -30.35 -39.33
C ARG B 149 -16.35 -30.54 -39.36
N ALA B 150 -15.62 -29.50 -38.95
CA ALA B 150 -14.16 -29.49 -39.00
C ALA B 150 -13.53 -30.53 -38.09
N GLU B 151 -14.20 -30.83 -36.99
CA GLU B 151 -13.70 -31.83 -36.05
C GLU B 151 -13.65 -33.25 -36.63
N MET B 152 -14.72 -33.68 -37.29
CA MET B 152 -14.81 -35.03 -37.86
C MET B 152 -13.93 -35.25 -39.10
N ASP B 153 -13.75 -34.19 -39.90
CA ASP B 153 -12.90 -34.23 -41.08
C ASP B 153 -11.43 -34.00 -40.74
N GLU B 154 -11.17 -33.58 -39.50
CA GLU B 154 -9.83 -33.25 -38.99
C GLU B 154 -9.21 -32.05 -39.69
N VAL B 155 -10.04 -31.10 -40.10
CA VAL B 155 -9.61 -29.95 -40.91
C VAL B 155 -9.75 -28.62 -40.14
N GLU B 156 -9.41 -27.51 -40.79
CA GLU B 156 -9.70 -26.15 -40.29
C GLU B 156 -11.12 -25.76 -40.73
N ARG B 157 -11.89 -25.17 -39.81
CA ARG B 157 -13.32 -24.92 -40.05
C ARG B 157 -13.62 -23.91 -41.14
N PHE B 158 -12.64 -23.08 -41.49
CA PHE B 158 -12.83 -22.10 -42.56
C PHE B 158 -12.10 -22.46 -43.84
N GLN B 159 -11.50 -23.65 -43.87
CA GLN B 159 -10.81 -24.11 -45.06
C GLN B 159 -11.75 -24.33 -46.25
N PRO B 160 -12.97 -24.87 -46.01
CA PRO B 160 -13.97 -24.91 -47.08
C PRO B 160 -14.23 -23.56 -47.75
N LEU B 161 -14.37 -22.51 -46.96
CA LEU B 161 -14.60 -21.18 -47.49
C LEU B 161 -13.34 -20.58 -48.12
N LEU B 162 -12.19 -20.88 -47.53
CA LEU B 162 -10.93 -20.38 -48.04
C LEU B 162 -10.46 -21.08 -49.31
N ASP B 163 -10.76 -22.37 -49.43
CA ASP B 163 -10.51 -23.10 -50.67
C ASP B 163 -11.39 -22.53 -51.79
N GLY B 164 -12.63 -22.20 -51.44
CA GLY B 164 -13.60 -21.63 -52.39
C GLY B 164 -13.23 -20.27 -52.98
N LEU B 165 -12.38 -19.52 -52.28
CA LEU B 165 -11.97 -18.19 -52.72
C LEU B 165 -10.73 -18.19 -53.61
N LYS B 166 -10.01 -19.32 -53.65
CA LYS B 166 -8.78 -19.47 -54.44
C LYS B 166 -8.99 -19.17 -55.93
N SER B 167 -7.94 -18.71 -56.60
CA SER B 167 -8.09 -18.09 -57.92
C SER B 167 -8.51 -19.05 -59.04
N GLY B 168 -8.30 -20.35 -58.84
CA GLY B 168 -8.74 -21.37 -59.80
C GLY B 168 -10.26 -21.49 -59.94
N THR B 169 -10.98 -21.14 -58.87
CA THR B 169 -12.43 -21.32 -58.81
C THR B 169 -13.21 -20.31 -59.65
N SER B 170 -14.51 -20.59 -59.83
CA SER B 170 -15.41 -19.71 -60.56
C SER B 170 -15.60 -18.40 -59.79
N ILE B 171 -16.04 -17.38 -60.50
CA ILE B 171 -16.30 -16.06 -59.91
C ILE B 171 -17.57 -16.03 -59.05
N ALA B 172 -18.57 -16.84 -59.43
CA ALA B 172 -19.86 -16.85 -58.74
C ALA B 172 -19.75 -17.54 -57.39
N LEU B 173 -18.76 -18.41 -57.25
CA LEU B 173 -18.47 -19.08 -55.97
C LEU B 173 -17.76 -18.13 -55.00
N LYS B 174 -16.75 -17.41 -55.49
CA LYS B 174 -15.98 -16.47 -54.68
C LYS B 174 -16.92 -15.53 -53.94
N VAL B 175 -17.99 -15.13 -54.61
CA VAL B 175 -19.00 -14.23 -54.02
C VAL B 175 -19.83 -14.95 -52.98
N GLY B 176 -20.18 -16.20 -53.24
CA GLY B 176 -20.95 -17.02 -52.30
C GLY B 176 -20.21 -17.26 -51.00
N CYS B 177 -18.89 -17.40 -51.12
CA CYS B 177 -18.03 -17.63 -49.97
C CYS B 177 -17.88 -16.36 -49.13
N LEU B 178 -17.38 -15.28 -49.74
CA LEU B 178 -17.24 -14.02 -49.04
C LEU B 178 -18.57 -13.56 -48.45
N GLN B 179 -19.66 -13.93 -49.12
CA GLN B 179 -21.01 -13.63 -48.65
C GLN B 179 -21.30 -14.34 -47.32
N LEU B 180 -20.95 -15.62 -47.25
CA LEU B 180 -21.15 -16.39 -46.04
C LEU B 180 -20.22 -15.91 -44.94
N ILE B 181 -19.02 -15.49 -45.33
CA ILE B 181 -18.07 -14.83 -44.44
C ILE B 181 -18.71 -13.58 -43.83
N ASN B 182 -19.21 -12.69 -44.69
CA ASN B 182 -19.94 -11.51 -44.22
C ASN B 182 -21.20 -11.83 -43.38
N ALA B 183 -21.77 -13.00 -43.59
CA ALA B 183 -22.97 -13.44 -42.89
C ALA B 183 -22.67 -13.91 -41.48
N LEU B 184 -21.43 -14.35 -41.24
CA LEU B 184 -21.00 -14.75 -39.89
C LEU B 184 -20.49 -13.57 -39.04
N ILE B 185 -19.99 -12.52 -39.71
CA ILE B 185 -19.34 -11.41 -39.02
C ILE B 185 -20.27 -10.21 -38.76
N THR B 186 -21.17 -9.92 -39.69
CA THR B 186 -21.98 -8.69 -39.59
C THR B 186 -23.08 -8.70 -38.51
N PRO B 187 -23.91 -9.75 -38.45
CA PRO B 187 -25.00 -9.78 -37.47
C PRO B 187 -24.48 -9.81 -36.03
N ALA B 188 -23.20 -10.16 -35.87
CA ALA B 188 -22.56 -10.22 -34.57
C ALA B 188 -22.51 -8.84 -33.90
N GLU B 189 -22.53 -8.82 -32.57
CA GLU B 189 -22.61 -7.57 -31.81
C GLU B 189 -21.33 -7.21 -31.06
N GLU B 190 -20.79 -8.16 -30.29
CA GLU B 190 -19.59 -7.92 -29.48
C GLU B 190 -18.38 -7.70 -30.38
N LEU B 191 -17.60 -6.67 -30.08
CA LEU B 191 -16.39 -6.40 -30.87
C LEU B 191 -15.43 -7.60 -30.89
N ASP B 192 -15.07 -8.12 -29.71
CA ASP B 192 -14.13 -9.24 -29.59
C ASP B 192 -14.43 -10.43 -30.51
N PHE B 193 -15.71 -10.77 -30.66
CA PHE B 193 -16.13 -11.91 -31.50
C PHE B 193 -15.82 -11.67 -32.97
N ARG B 194 -16.16 -10.47 -33.44
CA ARG B 194 -15.98 -10.10 -34.84
C ARG B 194 -14.49 -10.08 -35.19
N VAL B 195 -13.70 -9.55 -34.27
CA VAL B 195 -12.26 -9.46 -34.46
C VAL B 195 -11.66 -10.86 -34.39
N HIS B 196 -12.15 -11.68 -33.45
CA HIS B 196 -11.66 -13.05 -33.31
C HIS B 196 -11.84 -13.83 -34.60
N ILE B 197 -13.03 -13.74 -35.17
CA ILE B 197 -13.32 -14.47 -36.39
C ILE B 197 -12.63 -13.90 -37.62
N ARG B 198 -12.70 -12.59 -37.80
CA ARG B 198 -12.03 -11.98 -38.93
C ARG B 198 -10.55 -12.33 -38.90
N SER B 199 -9.96 -12.36 -37.70
CA SER B 199 -8.54 -12.73 -37.54
C SER B 199 -8.28 -14.20 -37.84
N GLU B 200 -9.28 -15.04 -37.62
CA GLU B 200 -9.14 -16.44 -37.94
C GLU B 200 -9.02 -16.63 -39.44
N LEU B 201 -9.83 -15.89 -40.21
CA LEU B 201 -9.81 -15.95 -41.66
C LEU B 201 -8.47 -15.52 -42.23
N MET B 202 -7.85 -14.55 -41.55
CA MET B 202 -6.58 -13.98 -41.97
C MET B 202 -5.39 -14.92 -41.68
N ARG B 203 -5.44 -15.58 -40.52
CA ARG B 203 -4.45 -16.59 -40.16
C ARG B 203 -4.47 -17.71 -41.19
N LEU B 204 -5.62 -17.86 -41.86
CA LEU B 204 -5.81 -18.86 -42.91
C LEU B 204 -5.42 -18.36 -44.30
N GLY B 205 -5.06 -17.08 -44.40
CA GLY B 205 -4.57 -16.49 -45.64
C GLY B 205 -5.58 -15.72 -46.48
N LEU B 206 -6.61 -15.18 -45.85
CA LEU B 206 -7.63 -14.38 -46.52
C LEU B 206 -7.06 -13.09 -47.11
N HIS B 207 -6.03 -12.54 -46.48
CA HIS B 207 -5.47 -11.27 -46.93
C HIS B 207 -4.78 -11.37 -48.28
N GLN B 208 -4.11 -12.50 -48.56
CA GLN B 208 -3.46 -12.69 -49.87
C GLN B 208 -4.52 -12.79 -50.94
N VAL B 209 -5.71 -13.21 -50.53
CA VAL B 209 -6.81 -13.48 -51.43
C VAL B 209 -7.60 -12.20 -51.65
N LEU B 210 -7.88 -11.48 -50.56
CA LEU B 210 -8.63 -10.23 -50.63
C LEU B 210 -7.99 -9.22 -51.56
N GLN B 211 -6.70 -9.39 -51.80
CA GLN B 211 -6.01 -8.54 -52.76
C GLN B 211 -6.41 -8.94 -54.17
N GLU B 212 -6.46 -10.24 -54.42
CA GLU B 212 -6.78 -10.74 -55.75
C GLU B 212 -8.24 -10.47 -56.13
N LEU B 213 -9.12 -10.43 -55.13
CA LEU B 213 -10.56 -10.23 -55.35
C LEU B 213 -10.92 -8.80 -55.70
N ARG B 214 -10.14 -7.85 -55.19
CA ARG B 214 -10.40 -6.44 -55.43
C ARG B 214 -10.06 -6.04 -56.85
N GLU B 215 -9.35 -6.91 -57.57
CA GLU B 215 -9.03 -6.73 -58.98
C GLU B 215 -10.28 -6.97 -59.83
N ILE B 216 -11.06 -7.98 -59.42
CA ILE B 216 -12.22 -8.45 -60.14
C ILE B 216 -13.29 -7.36 -60.24
N GLU B 217 -13.79 -7.13 -61.45
CA GLU B 217 -14.88 -6.17 -61.64
C GLU B 217 -16.21 -6.83 -61.96
N ASN B 218 -16.62 -7.74 -61.08
CA ASN B 218 -17.98 -8.29 -61.06
C ASN B 218 -18.77 -7.50 -60.02
N GLU B 219 -19.99 -7.13 -60.36
CA GLU B 219 -20.82 -6.26 -59.51
C GLU B 219 -21.13 -6.82 -58.12
N ASP B 220 -21.55 -8.08 -58.05
CA ASP B 220 -21.87 -8.72 -56.78
C ASP B 220 -20.66 -8.84 -55.87
N MET B 221 -19.50 -9.17 -56.47
CA MET B 221 -18.25 -9.21 -55.72
C MET B 221 -17.86 -7.84 -55.22
N LYS B 222 -18.06 -6.81 -56.04
CA LYS B 222 -17.79 -5.45 -55.63
C LYS B 222 -18.56 -5.10 -54.35
N VAL B 223 -19.79 -5.60 -54.26
CA VAL B 223 -20.65 -5.40 -53.08
C VAL B 223 -20.13 -6.10 -51.82
N GLN B 224 -19.76 -7.37 -51.97
CA GLN B 224 -19.37 -8.18 -50.82
C GLN B 224 -18.07 -7.69 -50.18
N LEU B 225 -17.17 -7.19 -51.02
CA LEU B 225 -15.92 -6.60 -50.54
C LEU B 225 -16.24 -5.32 -49.79
N CYS B 226 -17.10 -4.51 -50.39
CA CYS B 226 -17.55 -3.25 -49.81
C CYS B 226 -18.13 -3.43 -48.39
N VAL B 227 -18.86 -4.53 -48.19
CA VAL B 227 -19.44 -4.87 -46.89
C VAL B 227 -18.41 -5.41 -45.90
N PHE B 228 -17.50 -6.26 -46.39
CA PHE B 228 -16.41 -6.76 -45.55
C PHE B 228 -15.56 -5.60 -45.07
N ASP B 229 -15.18 -4.73 -46.02
CA ASP B 229 -14.38 -3.54 -45.73
C ASP B 229 -15.06 -2.66 -44.69
N GLU B 230 -16.27 -2.21 -44.99
CA GLU B 230 -17.07 -1.38 -44.07
C GLU B 230 -17.11 -1.97 -42.67
N GLN B 231 -17.40 -3.27 -42.58
CA GLN B 231 -17.56 -3.97 -41.31
C GLN B 231 -16.24 -4.02 -40.53
N GLY B 232 -15.13 -3.95 -41.25
CA GLY B 232 -13.84 -3.82 -40.62
C GLY B 232 -13.70 -2.42 -40.07
N ASP B 233 -13.82 -1.43 -40.95
CA ASP B 233 -13.77 -0.01 -40.58
C ASP B 233 -14.61 0.28 -39.33
N GLU B 234 -15.73 -0.43 -39.22
CA GLU B 234 -16.66 -0.28 -38.10
C GLU B 234 -16.03 -0.76 -36.79
N ASP B 235 -15.30 -1.87 -36.87
CA ASP B 235 -14.62 -2.46 -35.71
C ASP B 235 -13.42 -1.64 -35.27
N PHE B 236 -12.69 -1.08 -36.23
CA PHE B 236 -11.57 -0.18 -35.94
C PHE B 236 -12.07 1.03 -35.16
N PHE B 237 -13.19 1.60 -35.60
CA PHE B 237 -13.80 2.76 -34.95
C PHE B 237 -14.32 2.45 -33.53
N ASP B 238 -14.84 1.25 -33.32
CA ASP B 238 -15.26 0.84 -31.97
C ASP B 238 -14.03 0.65 -31.06
N LEU B 239 -12.97 0.07 -31.63
CA LEU B 239 -11.72 -0.19 -30.91
C LEU B 239 -10.98 1.11 -30.63
N LYS B 240 -11.09 2.06 -31.55
CA LYS B 240 -10.58 3.41 -31.39
C LYS B 240 -11.37 4.02 -30.25
N GLY B 241 -12.66 3.68 -30.19
CA GLY B 241 -13.55 4.15 -29.14
C GLY B 241 -13.23 3.59 -27.77
N ARG B 242 -12.90 2.30 -27.71
CA ARG B 242 -12.60 1.65 -26.44
C ARG B 242 -11.37 2.28 -25.77
N LEU B 243 -10.38 2.61 -26.59
CA LEU B 243 -9.14 3.21 -26.11
C LEU B 243 -9.41 4.54 -25.41
N ASP B 244 -10.37 5.30 -25.92
CA ASP B 244 -10.77 6.57 -25.32
C ASP B 244 -11.38 6.36 -23.94
N ASP B 245 -12.16 5.29 -23.79
CA ASP B 245 -12.74 4.92 -22.49
C ASP B 245 -11.66 4.46 -21.50
N ILE B 246 -10.55 3.94 -22.03
CA ILE B 246 -9.40 3.57 -21.19
C ILE B 246 -8.64 4.83 -20.83
N ARG B 247 -8.33 5.66 -21.84
CA ARG B 247 -7.63 6.94 -21.67
C ARG B 247 -8.25 7.82 -20.57
N MET B 248 -9.58 7.77 -20.45
CA MET B 248 -10.31 8.61 -19.51
C MET B 248 -10.19 8.12 -18.06
N GLU B 249 -10.41 6.81 -17.86
CA GLU B 249 -10.52 6.24 -16.51
C GLU B 249 -9.20 5.76 -15.91
N MET B 250 -8.31 5.27 -16.76
CA MET B 250 -7.00 4.79 -16.30
C MET B 250 -5.96 5.89 -16.44
N ASP B 251 -6.06 6.90 -15.59
CA ASP B 251 -5.12 8.03 -15.62
C ASP B 251 -4.16 7.99 -14.44
N ASP B 252 -4.14 6.87 -13.73
CA ASP B 252 -3.39 6.74 -12.50
C ASP B 252 -2.49 5.52 -12.59
N PHE B 253 -1.18 5.74 -12.63
CA PHE B 253 -0.22 4.66 -12.80
C PHE B 253 -0.50 3.40 -11.98
N GLY B 254 -0.44 3.54 -10.66
CA GLY B 254 -0.65 2.41 -9.76
C GLY B 254 -1.83 1.53 -10.15
N GLU B 255 -2.93 2.18 -10.51
CA GLU B 255 -4.17 1.49 -10.85
C GLU B 255 -4.06 0.71 -12.17
N VAL B 256 -3.46 1.33 -13.20
CA VAL B 256 -3.35 0.70 -14.53
C VAL B 256 -2.42 -0.49 -14.47
N PHE B 257 -1.32 -0.30 -13.77
CA PHE B 257 -0.32 -1.32 -13.61
C PHE B 257 -0.91 -2.53 -12.90
N GLN B 258 -1.69 -2.27 -11.85
CA GLN B 258 -2.36 -3.35 -11.12
C GLN B 258 -3.35 -4.12 -11.98
N ILE B 259 -4.01 -3.41 -12.89
CA ILE B 259 -5.03 -4.01 -13.76
C ILE B 259 -4.44 -4.93 -14.81
N ILE B 260 -3.36 -4.50 -15.47
CA ILE B 260 -2.64 -5.34 -16.43
C ILE B 260 -2.05 -6.55 -15.71
N LEU B 261 -1.45 -6.32 -14.54
CA LEU B 261 -0.98 -7.43 -13.71
C LEU B 261 -2.09 -8.46 -13.49
N ASN B 262 -3.28 -7.99 -13.10
CA ASN B 262 -4.45 -8.87 -12.97
C ASN B 262 -4.77 -9.60 -14.27
N THR B 263 -4.69 -8.88 -15.39
CA THR B 263 -5.08 -9.42 -16.68
C THR B 263 -4.07 -10.47 -17.16
N VAL B 264 -2.81 -10.24 -16.86
CA VAL B 264 -1.71 -11.01 -17.42
C VAL B 264 -1.22 -12.11 -16.45
N LYS B 265 -1.68 -12.02 -15.20
CA LYS B 265 -1.41 -12.99 -14.13
C LYS B 265 -1.69 -14.43 -14.55
N ASP B 266 -0.70 -15.30 -14.33
CA ASP B 266 -0.84 -16.75 -14.53
C ASP B 266 -1.24 -17.15 -15.95
N SER B 267 -1.04 -16.24 -16.90
CA SER B 267 -1.19 -16.54 -18.31
C SER B 267 0.21 -16.63 -18.94
N LYS B 268 0.29 -17.09 -20.19
CA LYS B 268 1.57 -17.09 -20.91
C LYS B 268 2.09 -15.65 -21.14
N ALA B 269 1.17 -14.69 -21.08
CA ALA B 269 1.48 -13.28 -21.30
C ALA B 269 2.36 -12.65 -20.21
N GLU B 270 2.40 -13.27 -19.04
CA GLU B 270 3.12 -12.73 -17.89
C GLU B 270 4.62 -12.53 -18.09
N PRO B 271 5.35 -13.60 -18.48
CA PRO B 271 6.79 -13.45 -18.72
C PRO B 271 7.15 -12.42 -19.79
N HIS B 272 6.25 -12.19 -20.74
CA HIS B 272 6.46 -11.16 -21.78
C HIS B 272 6.37 -9.73 -21.25
N PHE B 273 5.35 -9.46 -20.44
CA PHE B 273 5.16 -8.14 -19.88
C PHE B 273 6.36 -7.72 -19.02
N LEU B 274 6.87 -8.67 -18.24
CA LEU B 274 8.01 -8.42 -17.38
C LEU B 274 9.20 -8.04 -18.24
N SER B 275 9.41 -8.78 -19.32
CA SER B 275 10.49 -8.51 -20.26
C SER B 275 10.38 -7.10 -20.88
N ILE B 276 9.16 -6.69 -21.24
CA ILE B 276 8.87 -5.33 -21.72
C ILE B 276 9.36 -4.31 -20.69
N LEU B 277 8.89 -4.47 -19.45
CA LEU B 277 9.26 -3.55 -18.37
C LEU B 277 10.77 -3.53 -18.16
N GLN B 278 11.41 -4.69 -18.33
CA GLN B 278 12.85 -4.80 -18.14
C GLN B 278 13.57 -4.02 -19.24
N HIS B 279 13.13 -4.20 -20.48
CA HIS B 279 13.74 -3.48 -21.59
C HIS B 279 13.61 -1.97 -21.45
N LEU B 280 12.57 -1.49 -20.79
CA LEU B 280 12.45 -0.08 -20.46
C LEU B 280 13.58 0.40 -19.55
N LEU B 281 14.05 -0.48 -18.65
CA LEU B 281 15.16 -0.12 -17.78
C LEU B 281 16.49 0.03 -18.54
N LEU B 282 16.49 -0.36 -19.81
CA LEU B 282 17.66 -0.21 -20.68
C LEU B 282 17.64 1.07 -21.50
N VAL B 283 16.48 1.72 -21.63
CA VAL B 283 16.42 3.00 -22.34
C VAL B 283 17.49 3.91 -21.76
N ARG B 284 18.48 4.20 -22.59
CA ARG B 284 19.69 4.92 -22.21
C ARG B 284 19.40 6.18 -21.38
N ASN B 285 20.16 6.39 -20.32
CA ASN B 285 19.96 7.54 -19.45
C ASN B 285 20.56 8.82 -20.06
N ASP B 286 19.82 9.40 -20.99
CA ASP B 286 20.17 10.65 -21.64
C ASP B 286 18.96 11.58 -21.58
N TYR B 287 19.14 12.79 -21.06
CA TYR B 287 18.01 13.70 -20.82
C TYR B 287 17.04 13.85 -22.00
N GLU B 288 17.57 13.85 -23.21
CA GLU B 288 16.73 14.10 -24.39
C GLU B 288 16.58 12.93 -25.38
N ALA B 289 17.36 11.87 -25.18
CA ALA B 289 17.20 10.66 -25.99
C ALA B 289 16.14 9.74 -25.39
N ARG B 290 16.10 9.70 -24.07
CA ARG B 290 15.14 8.86 -23.33
C ARG B 290 13.67 9.12 -23.71
N PRO B 291 13.21 10.38 -23.69
CA PRO B 291 11.81 10.64 -24.01
C PRO B 291 11.47 10.26 -25.45
N GLN B 292 12.48 10.30 -26.31
CA GLN B 292 12.33 9.94 -27.72
C GLN B 292 12.19 8.43 -27.92
N TYR B 293 12.87 7.66 -27.07
CA TYR B 293 12.73 6.23 -27.01
C TYR B 293 11.32 5.85 -26.59
N TYR B 294 10.88 6.41 -25.46
CA TYR B 294 9.56 6.14 -24.93
C TYR B 294 8.44 6.51 -25.89
N LYS B 295 8.65 7.59 -26.65
CA LYS B 295 7.74 7.94 -27.74
C LYS B 295 7.70 6.82 -28.77
N LEU B 296 8.86 6.42 -29.27
CA LEU B 296 8.96 5.42 -30.31
C LEU B 296 8.29 4.13 -29.88
N ILE B 297 8.50 3.72 -28.63
CA ILE B 297 7.85 2.54 -28.08
C ILE B 297 6.36 2.78 -28.10
N GLU B 298 5.94 3.91 -27.51
CA GLU B 298 4.55 4.34 -27.52
C GLU B 298 3.99 4.15 -28.92
N GLU B 299 4.67 4.74 -29.90
CA GLU B 299 4.29 4.65 -31.30
C GLU B 299 4.17 3.20 -31.75
N CYS B 300 5.17 2.37 -31.45
CA CYS B 300 5.20 0.98 -31.94
C CYS B 300 4.10 0.13 -31.32
N VAL B 301 3.93 0.25 -29.99
CA VAL B 301 2.87 -0.46 -29.29
C VAL B 301 1.51 -0.09 -29.89
N SER B 302 1.26 1.21 -29.96
CA SER B 302 0.07 1.77 -30.59
C SER B 302 -0.29 1.07 -31.92
N GLN B 303 0.69 0.98 -32.84
CA GLN B 303 0.50 0.36 -34.15
C GLN B 303 0.12 -1.11 -34.03
N ILE B 304 0.71 -1.80 -33.05
CA ILE B 304 0.44 -3.23 -32.83
C ILE B 304 -0.98 -3.43 -32.30
N VAL B 305 -1.35 -2.62 -31.33
CA VAL B 305 -2.63 -2.80 -30.66
C VAL B 305 -3.81 -2.24 -31.48
N LEU B 306 -3.74 -0.96 -31.84
CA LEU B 306 -4.78 -0.34 -32.68
C LEU B 306 -4.57 -0.62 -34.17
N HIS B 307 -4.68 -1.90 -34.52
CA HIS B 307 -4.53 -2.36 -35.88
C HIS B 307 -5.83 -2.06 -36.64
N LYS B 308 -5.75 -1.21 -37.67
CA LYS B 308 -6.92 -0.95 -38.52
C LYS B 308 -7.34 -2.20 -39.30
N ASN B 309 -8.57 -2.18 -39.84
CA ASN B 309 -9.13 -3.33 -40.55
C ASN B 309 -9.82 -4.38 -39.66
N GLY B 310 -9.64 -4.24 -38.34
CA GLY B 310 -10.28 -5.15 -37.38
C GLY B 310 -9.75 -6.57 -37.39
N THR B 311 -8.42 -6.70 -37.30
CA THR B 311 -7.70 -7.97 -37.28
C THR B 311 -6.44 -7.84 -36.44
N ASP B 312 -6.01 -8.94 -35.80
CA ASP B 312 -4.74 -8.98 -35.09
C ASP B 312 -3.59 -8.71 -36.06
N PRO B 313 -2.40 -8.35 -35.52
CA PRO B 313 -1.21 -8.38 -36.35
C PRO B 313 -0.92 -9.80 -36.77
N ASP B 314 -0.28 -9.98 -37.92
CA ASP B 314 0.15 -11.31 -38.36
C ASP B 314 1.34 -11.77 -37.53
N PHE B 315 1.10 -12.74 -36.68
CA PHE B 315 2.14 -13.18 -35.76
C PHE B 315 3.26 -14.00 -36.43
N LYS B 316 3.01 -14.51 -37.64
CA LYS B 316 4.05 -15.19 -38.39
C LYS B 316 4.93 -14.18 -39.13
N CYS B 317 4.41 -12.97 -39.33
CA CYS B 317 5.16 -11.93 -40.03
C CYS B 317 6.29 -11.41 -39.17
N ARG B 318 7.51 -11.46 -39.71
CA ARG B 318 8.68 -11.11 -38.95
C ARG B 318 9.30 -9.77 -39.37
N HIS B 319 8.51 -8.95 -40.07
CA HIS B 319 8.93 -7.57 -40.35
C HIS B 319 7.84 -6.55 -40.06
N LEU B 320 8.23 -5.41 -39.50
CA LEU B 320 7.26 -4.48 -38.95
C LEU B 320 7.58 -3.00 -39.30
N GLN B 321 6.64 -2.33 -39.95
CA GLN B 321 6.82 -0.92 -40.30
C GLN B 321 6.00 -0.02 -39.40
N ILE B 322 6.63 1.01 -38.86
CA ILE B 322 5.99 1.95 -37.95
C ILE B 322 5.91 3.34 -38.59
N ASP B 323 4.69 3.85 -38.76
CA ASP B 323 4.48 5.18 -39.33
C ASP B 323 4.45 6.19 -38.19
N ILE B 324 5.44 7.06 -38.11
CA ILE B 324 5.54 8.01 -36.99
C ILE B 324 5.11 9.45 -37.33
N ARG C 6 71.53 27.55 -28.40
CA ARG C 6 72.06 27.89 -29.75
C ARG C 6 71.38 29.13 -30.36
N SER C 7 70.59 28.91 -31.41
CA SER C 7 69.90 29.99 -32.12
C SER C 7 68.39 29.83 -32.01
N ALA C 8 67.94 29.06 -31.02
CA ALA C 8 66.53 28.92 -30.71
C ALA C 8 65.98 30.25 -30.19
N MET C 9 66.83 30.98 -29.46
CA MET C 9 66.53 32.33 -29.00
C MET C 9 66.26 33.27 -30.17
N MET C 10 67.06 33.14 -31.23
CA MET C 10 66.93 33.96 -32.43
C MET C 10 65.62 33.75 -33.17
N TYR C 11 65.08 32.53 -33.10
CA TYR C 11 63.78 32.19 -33.69
C TYR C 11 62.65 32.91 -32.96
N ILE C 12 62.65 32.79 -31.64
CA ILE C 12 61.70 33.49 -30.78
C ILE C 12 61.71 35.00 -31.06
N GLN C 13 62.91 35.52 -31.36
CA GLN C 13 63.07 36.92 -31.73
C GLN C 13 62.42 37.21 -33.09
N GLU C 14 62.68 36.35 -34.07
CA GLU C 14 62.10 36.46 -35.41
C GLU C 14 60.57 36.34 -35.40
N LEU C 15 60.05 35.46 -34.56
CA LEU C 15 58.61 35.21 -34.49
C LEU C 15 57.85 36.34 -33.79
N ARG C 16 58.50 36.97 -32.81
CA ARG C 16 57.89 38.05 -32.04
C ARG C 16 58.20 39.44 -32.61
N SER C 17 58.89 39.49 -33.74
CA SER C 17 59.13 40.75 -34.44
C SER C 17 57.99 41.05 -35.42
N GLY C 18 57.08 40.09 -35.57
CA GLY C 18 55.89 40.26 -36.39
C GLY C 18 56.13 40.18 -37.88
N LEU C 19 56.79 39.10 -38.32
CA LEU C 19 57.01 38.85 -39.74
C LEU C 19 55.68 38.59 -40.46
N ARG C 20 55.60 39.05 -41.71
CA ARG C 20 54.39 38.91 -42.53
C ARG C 20 54.58 38.06 -43.79
N ASP C 21 53.46 37.64 -44.36
CA ASP C 21 53.40 36.91 -45.65
C ASP C 21 54.52 35.90 -45.92
N MET C 22 55.35 36.18 -46.94
CA MET C 22 56.30 35.19 -47.46
C MET C 22 57.62 35.15 -46.68
N HIS C 23 57.84 36.17 -45.86
CA HIS C 23 59.00 36.19 -44.94
C HIS C 23 58.75 35.30 -43.73
N LEU C 24 57.48 35.23 -43.31
CA LEU C 24 57.06 34.40 -42.18
C LEU C 24 57.10 32.92 -42.54
N LEU C 25 56.56 32.58 -43.70
CA LEU C 25 56.60 31.22 -44.23
C LEU C 25 58.03 30.76 -44.40
N SER C 26 58.88 31.67 -44.87
CA SER C 26 60.30 31.38 -45.06
C SER C 26 61.04 31.17 -43.73
N CYS C 27 60.60 31.87 -42.70
CA CYS C 27 61.13 31.71 -41.34
C CYS C 27 60.64 30.42 -40.71
N LEU C 28 59.33 30.22 -40.73
CA LEU C 28 58.70 29.05 -40.12
C LEU C 28 59.10 27.75 -40.80
N GLU C 29 59.29 27.81 -42.12
CA GLU C 29 59.77 26.67 -42.90
C GLU C 29 61.10 26.20 -42.35
N SER C 30 62.03 27.13 -42.19
CA SER C 30 63.36 26.88 -41.66
C SER C 30 63.35 26.39 -40.21
N LEU C 31 62.32 26.79 -39.46
CA LEU C 31 62.17 26.40 -38.06
C LEU C 31 61.80 24.93 -37.93
N ARG C 32 61.02 24.44 -38.89
CA ARG C 32 60.59 23.04 -38.92
C ARG C 32 61.75 22.11 -39.22
N VAL C 33 62.64 22.56 -40.12
CA VAL C 33 63.84 21.80 -40.47
C VAL C 33 64.79 21.74 -39.28
N SER C 34 64.88 22.84 -38.53
CA SER C 34 65.66 22.90 -37.30
C SER C 34 65.09 22.05 -36.17
N LEU C 35 63.77 22.10 -35.98
CA LEU C 35 63.10 21.32 -34.91
C LEU C 35 63.14 19.81 -35.13
N ASN C 36 63.09 19.40 -36.39
CA ASN C 36 63.22 17.98 -36.74
C ASN C 36 64.63 17.44 -36.50
N ASN C 37 65.62 18.06 -37.12
CA ASN C 37 67.00 17.55 -37.10
C ASN C 37 67.70 17.66 -35.76
N ASN C 38 67.67 18.85 -35.17
CA ASN C 38 68.30 19.10 -33.86
C ASN C 38 67.82 18.15 -32.75
N PRO C 39 68.65 17.95 -31.70
CA PRO C 39 68.27 17.05 -30.60
C PRO C 39 67.12 17.57 -29.72
N VAL C 40 66.63 16.71 -28.82
CA VAL C 40 65.63 17.08 -27.82
C VAL C 40 66.17 18.26 -27.02
N SER C 41 67.48 18.21 -26.78
CA SER C 41 68.25 19.27 -26.15
C SER C 41 67.93 20.68 -26.67
N TRP C 42 67.89 20.82 -27.99
CA TRP C 42 67.63 22.10 -28.66
C TRP C 42 66.17 22.53 -28.60
N VAL C 43 65.27 21.55 -28.56
CA VAL C 43 63.84 21.81 -28.54
C VAL C 43 63.40 22.36 -27.18
N GLN C 44 64.04 21.88 -26.11
CA GLN C 44 63.72 22.30 -24.74
C GLN C 44 64.09 23.77 -24.48
N THR C 45 65.17 24.24 -25.10
CA THR C 45 65.58 25.65 -24.98
C THR C 45 64.68 26.57 -25.81
N PHE C 46 64.11 26.03 -26.88
CA PHE C 46 63.07 26.73 -27.65
C PHE C 46 61.82 26.83 -26.78
N GLY C 47 61.47 25.70 -26.17
CA GLY C 47 60.54 25.63 -25.04
C GLY C 47 59.20 26.31 -25.19
N ALA C 48 58.59 26.60 -24.06
CA ALA C 48 57.25 27.19 -24.01
C ALA C 48 57.21 28.64 -24.53
N GLU C 49 58.27 29.41 -24.28
CA GLU C 49 58.38 30.79 -24.76
C GLU C 49 58.34 30.86 -26.28
N GLY C 50 58.93 29.86 -26.93
CA GLY C 50 58.94 29.77 -28.39
C GLY C 50 57.64 29.22 -28.94
N LEU C 51 57.11 28.20 -28.27
CA LEU C 51 55.83 27.61 -28.65
C LEU C 51 54.71 28.62 -28.51
N ALA C 52 54.73 29.38 -27.41
CA ALA C 52 53.72 30.38 -27.13
C ALA C 52 53.64 31.41 -28.25
N SER C 53 54.78 31.73 -28.85
CA SER C 53 54.81 32.67 -29.97
C SER C 53 54.24 32.05 -31.25
N LEU C 54 54.51 30.76 -31.46
CA LEU C 54 53.91 30.01 -32.57
C LEU C 54 52.37 30.05 -32.49
N LEU C 55 51.84 29.89 -31.29
CA LEU C 55 50.40 29.85 -31.06
C LEU C 55 49.79 31.24 -31.02
N ASP C 56 50.62 32.25 -30.76
CA ASP C 56 50.19 33.64 -30.88
C ASP C 56 50.09 34.05 -32.35
N ILE C 57 51.00 33.52 -33.16
CA ILE C 57 51.00 33.78 -34.61
C ILE C 57 49.81 33.08 -35.26
N LEU C 58 49.52 31.88 -34.81
CA LEU C 58 48.40 31.09 -35.33
C LEU C 58 47.06 31.74 -34.99
N LYS C 59 46.96 32.30 -33.80
CA LYS C 59 45.76 33.01 -33.36
C LYS C 59 45.53 34.25 -34.21
N ARG C 60 46.60 35.00 -34.51
CA ARG C 60 46.54 36.15 -35.39
C ARG C 60 46.00 35.74 -36.75
N LEU C 61 46.59 34.69 -37.32
CA LEU C 61 46.19 34.17 -38.62
C LEU C 61 44.74 33.68 -38.70
N HIS C 62 44.24 33.08 -37.62
CA HIS C 62 42.84 32.64 -37.57
C HIS C 62 41.89 33.85 -37.45
N ASP C 63 42.40 34.97 -36.97
CA ASP C 63 41.64 36.22 -36.87
C ASP C 63 41.76 37.08 -38.15
N GLU C 64 41.75 36.40 -39.31
CA GLU C 64 41.79 37.05 -40.63
C GLU C 64 41.00 36.27 -41.68
N TYR C 72 48.22 32.16 -49.84
CA TYR C 72 49.54 32.63 -49.43
C TYR C 72 49.69 32.71 -47.90
N ASP C 73 48.72 33.35 -47.25
CA ASP C 73 48.70 33.46 -45.79
C ASP C 73 48.07 32.22 -45.15
N SER C 74 47.59 31.31 -45.99
CA SER C 74 47.15 29.99 -45.55
C SER C 74 48.35 29.06 -45.38
N ARG C 75 49.40 29.30 -46.18
CA ARG C 75 50.64 28.52 -46.14
C ARG C 75 51.30 28.64 -44.77
N ASN C 76 51.30 29.85 -44.23
CA ASN C 76 51.82 30.13 -42.90
C ASN C 76 51.18 29.29 -41.80
N GLN C 77 49.87 29.10 -41.89
CA GLN C 77 49.13 28.29 -40.92
C GLN C 77 49.62 26.85 -40.91
N HIS C 78 49.62 26.23 -42.09
CA HIS C 78 49.99 24.82 -42.24
C HIS C 78 51.42 24.53 -41.76
N GLU C 79 52.36 25.43 -42.08
CA GLU C 79 53.77 25.27 -41.69
C GLU C 79 54.00 25.43 -40.17
N ILE C 80 53.05 26.08 -39.48
CA ILE C 80 53.05 26.17 -38.02
C ILE C 80 52.69 24.79 -37.41
N ILE C 81 51.79 24.10 -38.09
CA ILE C 81 51.32 22.79 -37.65
C ILE C 81 52.37 21.71 -37.92
N ARG C 82 53.13 21.89 -39.00
CA ARG C 82 54.27 21.03 -39.30
C ARG C 82 55.35 21.20 -38.24
N CYS C 83 55.44 22.39 -37.67
CA CYS C 83 56.41 22.69 -36.62
C CYS C 83 55.91 22.12 -35.30
N LEU C 84 54.62 22.25 -35.06
CA LEU C 84 53.99 21.68 -33.88
C LEU C 84 54.19 20.17 -33.87
N LYS C 85 54.02 19.54 -35.02
CA LYS C 85 54.26 18.12 -35.17
C LYS C 85 55.72 17.81 -34.83
N ALA C 86 56.61 18.64 -35.36
CA ALA C 86 58.03 18.51 -35.07
C ALA C 86 58.26 18.70 -33.57
N PHE C 87 57.89 19.88 -33.08
CA PHE C 87 57.97 20.21 -31.65
C PHE C 87 57.41 19.12 -30.74
N MET C 88 56.35 18.47 -31.19
CA MET C 88 55.66 17.47 -30.39
C MET C 88 56.17 16.05 -30.65
N ASN C 89 57.15 15.92 -31.55
CA ASN C 89 57.70 14.62 -31.87
C ASN C 89 58.51 13.96 -30.75
N ASN C 90 58.58 14.63 -29.60
CA ASN C 90 59.27 14.11 -28.42
C ASN C 90 58.45 14.23 -27.14
N LYS C 91 58.90 13.58 -26.07
CA LYS C 91 58.16 13.53 -24.81
C LYS C 91 57.97 14.88 -24.12
N PHE C 92 58.88 15.81 -24.39
CA PHE C 92 58.76 17.16 -23.83
C PHE C 92 57.70 17.99 -24.55
N GLY C 93 57.73 17.94 -25.88
CA GLY C 93 56.80 18.69 -26.72
C GLY C 93 55.35 18.46 -26.36
N ILE C 94 54.95 17.20 -26.41
CA ILE C 94 53.58 16.79 -26.06
C ILE C 94 53.19 17.32 -24.69
N LYS C 95 54.06 17.08 -23.71
CA LYS C 95 53.86 17.51 -22.33
C LYS C 95 53.64 19.03 -22.22
N THR C 96 54.39 19.79 -23.00
CA THR C 96 54.30 21.24 -23.02
C THR C 96 53.00 21.72 -23.69
N MET C 97 52.79 21.30 -24.94
CA MET C 97 51.56 21.61 -25.69
C MET C 97 50.31 21.33 -24.86
N LEU C 98 50.24 20.14 -24.26
CA LEU C 98 49.16 19.77 -23.36
C LEU C 98 48.84 20.85 -22.33
N GLU C 99 49.88 21.52 -21.85
CA GLU C 99 49.72 22.48 -20.76
C GLU C 99 49.11 23.80 -21.20
N THR C 100 49.44 24.24 -22.42
CA THR C 100 48.97 25.53 -22.95
C THR C 100 47.44 25.62 -22.97
N GLU C 101 46.92 26.84 -22.85
CA GLU C 101 45.48 27.06 -22.83
C GLU C 101 44.82 26.87 -24.21
N GLU C 102 45.32 27.62 -25.19
CA GLU C 102 44.76 27.62 -26.54
C GLU C 102 45.28 26.48 -27.42
N GLY C 103 46.08 25.59 -26.83
CA GLY C 103 46.77 24.54 -27.59
C GLY C 103 45.86 23.67 -28.41
N ILE C 104 45.07 22.87 -27.71
CA ILE C 104 44.15 21.93 -28.32
C ILE C 104 43.15 22.64 -29.24
N LEU C 105 42.58 23.73 -28.74
CA LEU C 105 41.55 24.48 -29.47
C LEU C 105 42.11 25.03 -30.77
N LEU C 106 43.28 25.65 -30.72
CA LEU C 106 43.93 26.18 -31.93
C LEU C 106 44.15 25.10 -32.97
N LEU C 107 44.56 23.93 -32.49
CA LEU C 107 44.75 22.76 -33.32
C LEU C 107 43.42 22.39 -33.98
N VAL C 108 42.34 22.34 -33.21
CA VAL C 108 41.01 22.05 -33.74
C VAL C 108 40.58 23.08 -34.78
N ARG C 109 40.79 24.36 -34.46
CA ARG C 109 40.46 25.43 -35.39
C ARG C 109 41.15 25.23 -36.73
N ALA C 110 42.24 24.46 -36.72
CA ALA C 110 43.05 24.20 -37.90
C ALA C 110 42.56 23.03 -38.73
N MET C 111 41.43 22.44 -38.33
CA MET C 111 40.78 21.38 -39.10
C MET C 111 39.76 22.04 -40.01
N ASP C 112 40.21 22.38 -41.21
CA ASP C 112 39.36 23.07 -42.16
C ASP C 112 39.22 22.22 -43.43
N PRO C 113 38.07 21.56 -43.59
CA PRO C 113 37.82 20.66 -44.71
C PRO C 113 38.11 21.35 -46.04
N ALA C 114 38.10 22.69 -46.01
CA ALA C 114 38.45 23.50 -47.16
C ALA C 114 39.86 23.18 -47.65
N VAL C 115 40.85 23.29 -46.76
CA VAL C 115 42.23 22.93 -47.09
C VAL C 115 42.61 21.58 -46.49
N PRO C 116 42.55 20.52 -47.31
CA PRO C 116 42.70 19.14 -46.83
C PRO C 116 44.02 18.89 -46.11
N ASN C 117 45.13 19.31 -46.72
CA ASN C 117 46.46 19.00 -46.21
C ASN C 117 46.76 19.53 -44.81
N MET C 118 46.20 20.69 -44.47
CA MET C 118 46.35 21.23 -43.13
C MET C 118 45.55 20.39 -42.15
N MET C 119 44.32 20.05 -42.53
CA MET C 119 43.45 19.24 -41.68
C MET C 119 44.07 17.88 -41.33
N ILE C 120 44.55 17.18 -42.35
CA ILE C 120 45.25 15.91 -42.15
C ILE C 120 46.22 15.98 -40.96
N ASP C 121 47.14 16.95 -41.02
CA ASP C 121 48.18 17.12 -40.01
C ASP C 121 47.61 17.49 -38.63
N ALA C 122 46.53 18.27 -38.62
CA ALA C 122 45.86 18.68 -37.37
C ALA C 122 45.11 17.52 -36.71
N ALA C 123 44.38 16.77 -37.53
CA ALA C 123 43.58 15.64 -37.07
C ALA C 123 44.49 14.53 -36.58
N LYS C 124 45.55 14.25 -37.32
CA LYS C 124 46.58 13.28 -36.91
C LYS C 124 47.25 13.63 -35.58
N LEU C 125 47.32 14.91 -35.23
CA LEU C 125 47.85 15.28 -33.92
C LEU C 125 46.79 15.09 -32.85
N LEU C 126 45.59 15.60 -33.12
CA LEU C 126 44.47 15.45 -32.20
C LEU C 126 44.19 13.99 -31.89
N SER C 127 44.31 13.14 -32.92
CA SER C 127 44.11 11.70 -32.80
C SER C 127 45.17 11.06 -31.91
N ALA C 128 46.40 11.55 -32.01
CA ALA C 128 47.49 11.07 -31.19
C ALA C 128 47.27 11.45 -29.73
N LEU C 129 46.96 12.72 -29.49
CA LEU C 129 46.61 13.22 -28.16
C LEU C 129 45.48 12.42 -27.49
N CYS C 130 44.43 12.15 -28.26
CA CYS C 130 43.30 11.39 -27.75
C CYS C 130 43.73 10.05 -27.16
N ILE C 131 44.66 9.37 -27.81
CA ILE C 131 45.05 8.04 -27.38
C ILE C 131 46.15 8.01 -26.31
N LEU C 132 46.44 9.18 -25.73
CA LEU C 132 47.41 9.26 -24.64
C LEU C 132 46.88 8.65 -23.35
N PRO C 133 47.76 7.96 -22.60
CA PRO C 133 47.48 7.48 -21.26
C PRO C 133 47.31 8.62 -20.24
N GLN C 134 48.37 9.43 -20.06
CA GLN C 134 48.35 10.56 -19.15
C GLN C 134 48.26 11.82 -19.99
N PRO C 135 47.44 12.81 -19.55
CA PRO C 135 46.61 12.78 -18.33
C PRO C 135 45.19 12.26 -18.56
N GLU C 136 44.64 11.64 -17.52
CA GLU C 136 43.30 11.04 -17.50
C GLU C 136 42.52 11.00 -18.82
N ASP C 137 41.51 11.86 -18.94
CA ASP C 137 40.58 11.80 -20.05
C ASP C 137 40.89 12.83 -21.12
N MET C 138 41.80 12.46 -22.01
CA MET C 138 42.25 13.31 -23.11
C MET C 138 41.22 13.46 -24.23
N ASN C 139 40.58 12.35 -24.62
CA ASN C 139 39.55 12.38 -25.65
C ASN C 139 38.44 13.36 -25.29
N GLU C 140 38.21 13.56 -23.99
CA GLU C 140 37.17 14.44 -23.50
C GLU C 140 37.61 15.90 -23.58
N ARG C 141 38.89 16.15 -23.33
CA ARG C 141 39.47 17.47 -23.51
C ARG C 141 39.39 17.91 -24.96
N VAL C 142 39.72 16.99 -25.86
CA VAL C 142 39.68 17.26 -27.29
C VAL C 142 38.25 17.47 -27.78
N LEU C 143 37.32 16.73 -27.20
CA LEU C 143 35.90 16.90 -27.51
C LEU C 143 35.42 18.31 -27.15
N GLU C 144 35.84 18.78 -25.96
CA GLU C 144 35.54 20.13 -25.45
C GLU C 144 35.97 21.29 -26.35
N ALA C 145 37.16 21.18 -26.95
CA ALA C 145 37.63 22.18 -27.89
C ALA C 145 36.81 22.14 -29.16
N MET C 146 36.34 20.94 -29.53
CA MET C 146 35.51 20.78 -30.72
C MET C 146 34.15 21.44 -30.53
N THR C 147 33.63 21.35 -29.29
CA THR C 147 32.38 22.02 -28.90
C THR C 147 32.57 23.53 -28.76
N GLU C 148 33.70 23.92 -28.18
CA GLU C 148 34.05 25.32 -27.96
C GLU C 148 34.14 26.05 -29.30
N ARG C 149 34.76 25.41 -30.28
CA ARG C 149 34.90 25.97 -31.61
C ARG C 149 33.56 26.00 -32.34
N ALA C 150 32.81 24.90 -32.27
CA ALA C 150 31.50 24.81 -32.89
C ALA C 150 30.56 25.93 -32.41
N GLU C 151 30.66 26.27 -31.13
CA GLU C 151 29.83 27.31 -30.53
C GLU C 151 30.21 28.73 -30.97
N MET C 152 31.50 28.99 -31.15
CA MET C 152 31.96 30.30 -31.61
C MET C 152 31.73 30.50 -33.12
N ASP C 153 31.48 29.41 -33.83
CA ASP C 153 31.14 29.45 -35.25
C ASP C 153 29.64 29.22 -35.51
N GLU C 154 28.90 28.95 -34.44
CA GLU C 154 27.49 28.53 -34.54
C GLU C 154 27.24 27.43 -35.59
N VAL C 155 28.02 26.36 -35.51
CA VAL C 155 27.89 25.18 -36.37
C VAL C 155 27.84 23.94 -35.48
N GLU C 156 27.57 22.77 -36.08
CA GLU C 156 27.63 21.49 -35.36
C GLU C 156 29.07 21.06 -35.14
N ARG C 157 29.34 20.41 -34.01
CA ARG C 157 30.73 20.11 -33.65
C ARG C 157 31.38 19.04 -34.50
N PHE C 158 30.58 18.10 -34.99
CA PHE C 158 31.13 17.07 -35.85
C PHE C 158 30.97 17.41 -37.32
N GLN C 159 30.41 18.59 -37.61
CA GLN C 159 30.28 19.04 -38.99
C GLN C 159 31.62 19.08 -39.71
N PRO C 160 32.70 19.61 -39.07
CA PRO C 160 33.97 19.61 -39.77
C PRO C 160 34.44 18.20 -40.10
N LEU C 161 34.27 17.27 -39.17
CA LEU C 161 34.67 15.88 -39.38
C LEU C 161 33.90 15.22 -40.53
N LEU C 162 32.59 15.42 -40.56
CA LEU C 162 31.74 14.88 -41.61
C LEU C 162 32.06 15.43 -43.00
N ASP C 163 32.27 16.74 -43.09
CA ASP C 163 32.55 17.41 -44.37
C ASP C 163 33.78 16.84 -45.07
N GLY C 164 34.79 16.47 -44.27
CA GLY C 164 36.01 15.87 -44.77
C GLY C 164 35.75 14.47 -45.29
N LEU C 165 34.84 13.78 -44.62
CA LEU C 165 34.45 12.45 -45.03
C LEU C 165 33.69 12.45 -46.35
N LYS C 166 33.02 13.57 -46.67
CA LYS C 166 32.18 13.67 -47.88
C LYS C 166 32.97 13.52 -49.17
N SER C 167 32.58 12.50 -49.94
CA SER C 167 33.41 11.91 -51.00
C SER C 167 33.77 12.79 -52.21
N GLY C 168 33.77 14.11 -52.01
CA GLY C 168 34.32 15.04 -53.01
C GLY C 168 35.76 15.39 -52.66
N THR C 169 36.16 15.02 -51.45
CA THR C 169 37.42 15.42 -50.85
C THR C 169 38.65 14.67 -51.43
N SER C 170 39.69 14.52 -50.60
CA SER C 170 40.82 13.67 -50.93
C SER C 170 40.71 12.34 -50.18
N ILE C 171 41.60 11.39 -50.48
CA ILE C 171 41.55 10.07 -49.86
C ILE C 171 42.22 10.04 -48.50
N ALA C 172 43.28 10.84 -48.34
CA ALA C 172 43.98 10.93 -47.07
C ALA C 172 43.08 11.59 -46.03
N LEU C 173 42.32 12.58 -46.47
CA LEU C 173 41.46 13.36 -45.59
C LEU C 173 40.34 12.52 -45.02
N LYS C 174 39.82 11.61 -45.83
CA LYS C 174 38.76 10.71 -45.43
C LYS C 174 39.22 9.80 -44.31
N VAL C 175 40.42 9.25 -44.45
CA VAL C 175 40.98 8.37 -43.42
C VAL C 175 41.31 9.19 -42.18
N GLY C 176 41.94 10.34 -42.37
CA GLY C 176 42.29 11.22 -41.26
C GLY C 176 41.09 11.46 -40.37
N CYS C 177 39.94 11.66 -41.00
CA CYS C 177 38.71 11.98 -40.28
C CYS C 177 38.17 10.79 -39.50
N LEU C 178 38.03 9.64 -40.15
CA LEU C 178 37.50 8.44 -39.49
C LEU C 178 38.45 7.96 -38.39
N GLN C 179 39.73 8.29 -38.54
CA GLN C 179 40.71 8.01 -37.52
C GLN C 179 40.45 8.84 -36.27
N LEU C 180 40.27 10.15 -36.43
CA LEU C 180 39.96 11.01 -35.29
C LEU C 180 38.62 10.64 -34.65
N ILE C 181 37.65 10.29 -35.48
CA ILE C 181 36.38 9.77 -35.00
C ILE C 181 36.65 8.58 -34.09
N ASN C 182 37.46 7.65 -34.56
CA ASN C 182 37.84 6.47 -33.78
C ASN C 182 38.63 6.80 -32.51
N ALA C 183 39.49 7.81 -32.61
CA ALA C 183 40.31 8.22 -31.48
C ALA C 183 39.50 9.00 -30.45
N LEU C 184 38.26 9.34 -30.78
CA LEU C 184 37.36 9.99 -29.84
C LEU C 184 36.52 8.95 -29.10
N ILE C 185 36.01 7.98 -29.86
CA ILE C 185 35.11 6.98 -29.29
C ILE C 185 35.82 5.86 -28.53
N THR C 186 36.94 5.35 -29.05
CA THR C 186 37.58 4.16 -28.48
C THR C 186 38.21 4.31 -27.09
N PRO C 187 38.91 5.43 -26.82
CA PRO C 187 39.52 5.62 -25.49
C PRO C 187 38.51 5.86 -24.37
N ALA C 188 37.25 6.11 -24.73
CA ALA C 188 36.20 6.33 -23.74
C ALA C 188 35.93 5.02 -23.02
N GLU C 189 35.59 5.10 -21.74
CA GLU C 189 35.42 3.90 -20.94
C GLU C 189 33.96 3.64 -20.58
N GLU C 190 33.17 4.70 -20.45
CA GLU C 190 31.75 4.57 -20.14
C GLU C 190 30.93 4.33 -21.40
N LEU C 191 30.20 3.22 -21.43
CA LEU C 191 29.44 2.80 -22.60
C LEU C 191 28.47 3.88 -23.07
N ASP C 192 27.81 4.55 -22.12
CA ASP C 192 26.77 5.53 -22.45
C ASP C 192 27.35 6.71 -23.21
N PHE C 193 28.61 7.01 -22.95
CA PHE C 193 29.35 8.09 -23.61
C PHE C 193 29.74 7.76 -25.05
N ARG C 194 30.16 6.51 -25.29
CA ARG C 194 30.49 6.05 -26.65
C ARG C 194 29.28 6.09 -27.57
N VAL C 195 28.17 5.50 -27.09
CA VAL C 195 26.92 5.49 -27.83
C VAL C 195 26.46 6.92 -28.11
N HIS C 196 26.53 7.77 -27.09
CA HIS C 196 26.05 9.15 -27.17
C HIS C 196 26.74 9.94 -28.28
N ILE C 197 28.04 9.72 -28.43
CA ILE C 197 28.83 10.37 -29.45
C ILE C 197 28.49 9.73 -30.78
N ARG C 198 28.59 8.41 -30.84
CA ARG C 198 28.31 7.70 -32.08
C ARG C 198 26.91 8.05 -32.61
N SER C 199 25.95 8.19 -31.71
CA SER C 199 24.59 8.51 -32.12
C SER C 199 24.52 9.95 -32.66
N GLU C 200 25.30 10.84 -32.04
CA GLU C 200 25.42 12.23 -32.49
C GLU C 200 26.00 12.32 -33.91
N LEU C 201 27.03 11.51 -34.16
CA LEU C 201 27.58 11.30 -35.50
C LEU C 201 26.51 10.84 -36.49
N MET C 202 25.69 9.87 -36.07
CA MET C 202 24.71 9.26 -36.96
C MET C 202 23.57 10.20 -37.33
N ARG C 203 23.11 10.96 -36.34
CA ARG C 203 22.07 11.98 -36.54
C ARG C 203 22.51 13.00 -37.58
N LEU C 204 23.82 13.16 -37.70
CA LEU C 204 24.45 14.10 -38.62
C LEU C 204 24.72 13.46 -40.00
N GLY C 205 24.32 12.20 -40.17
CA GLY C 205 24.37 11.54 -41.48
C GLY C 205 25.60 10.69 -41.76
N LEU C 206 26.20 10.13 -40.71
CA LEU C 206 27.39 9.29 -40.85
C LEU C 206 27.08 7.96 -41.51
N HIS C 207 25.93 7.38 -41.22
CA HIS C 207 25.59 6.07 -41.76
C HIS C 207 25.63 6.05 -43.29
N GLN C 208 25.07 7.09 -43.91
CA GLN C 208 24.97 7.20 -45.36
C GLN C 208 26.32 7.49 -46.01
N VAL C 209 27.25 8.06 -45.25
CA VAL C 209 28.63 8.27 -45.71
C VAL C 209 29.46 7.01 -45.53
N LEU C 210 29.19 6.26 -44.46
CA LEU C 210 29.87 5.00 -44.21
C LEU C 210 29.66 3.97 -45.32
N GLN C 211 28.45 3.90 -45.85
CA GLN C 211 28.15 2.99 -46.97
C GLN C 211 28.97 3.36 -48.21
N GLU C 212 29.21 4.66 -48.38
CA GLU C 212 29.96 5.18 -49.53
C GLU C 212 31.47 4.95 -49.40
N LEU C 213 31.94 4.84 -48.16
CA LEU C 213 33.37 4.67 -47.88
C LEU C 213 33.81 3.22 -47.88
N ARG C 214 32.86 2.32 -47.68
CA ARG C 214 33.15 0.88 -47.73
C ARG C 214 33.26 0.40 -49.18
N GLU C 215 33.04 1.31 -50.12
CA GLU C 215 33.20 1.07 -51.55
C GLU C 215 34.64 1.30 -52.02
N ILE C 216 35.37 2.18 -51.33
CA ILE C 216 36.76 2.48 -51.65
C ILE C 216 37.69 1.33 -51.25
N GLU C 217 38.53 0.90 -52.20
CA GLU C 217 39.49 -0.17 -51.96
C GLU C 217 40.81 0.42 -51.46
N ASN C 218 40.74 1.15 -50.34
CA ASN C 218 41.94 1.71 -49.71
C ASN C 218 42.28 0.98 -48.41
N GLU C 219 43.52 0.50 -48.33
CA GLU C 219 43.98 -0.28 -47.18
C GLU C 219 43.88 0.48 -45.86
N ASP C 220 44.48 1.68 -45.80
CA ASP C 220 44.49 2.49 -44.58
C ASP C 220 43.09 2.92 -44.17
N MET C 221 42.15 2.79 -45.11
CA MET C 221 40.75 3.13 -44.90
C MET C 221 39.94 1.97 -44.30
N LYS C 222 40.03 0.78 -44.93
CA LYS C 222 39.36 -0.41 -44.41
C LYS C 222 39.73 -0.67 -42.95
N VAL C 223 40.93 -0.24 -42.57
CA VAL C 223 41.44 -0.37 -41.20
C VAL C 223 40.57 0.42 -40.23
N GLN C 224 40.48 1.72 -40.45
CA GLN C 224 39.68 2.59 -39.59
C GLN C 224 38.21 2.18 -39.57
N LEU C 225 37.70 1.71 -40.72
CA LEU C 225 36.33 1.20 -40.80
C LEU C 225 36.20 0.03 -39.86
N CYS C 226 37.08 -0.95 -40.03
CA CYS C 226 37.08 -2.15 -39.20
C CYS C 226 37.14 -1.77 -37.73
N VAL C 227 37.96 -0.78 -37.41
CA VAL C 227 38.07 -0.31 -36.03
C VAL C 227 36.73 0.26 -35.57
N PHE C 228 36.16 1.14 -36.38
CA PHE C 228 34.88 1.79 -36.05
C PHE C 228 33.78 0.77 -35.80
N ASP C 229 33.78 -0.29 -36.62
CA ASP C 229 32.81 -1.37 -36.52
C ASP C 229 33.11 -2.26 -35.32
N GLU C 230 34.38 -2.64 -35.15
CA GLU C 230 34.81 -3.45 -34.01
C GLU C 230 34.40 -2.82 -32.68
N GLN C 231 34.45 -1.49 -32.61
CA GLN C 231 34.04 -0.75 -31.44
C GLN C 231 32.51 -0.75 -31.30
N GLY C 232 31.81 -0.72 -32.44
CA GLY C 232 30.36 -0.68 -32.48
C GLY C 232 29.70 -1.99 -32.08
N ASP C 233 30.41 -3.10 -32.29
CA ASP C 233 29.90 -4.41 -31.92
C ASP C 233 30.08 -4.67 -30.43
N GLU C 234 31.27 -4.33 -29.90
CA GLU C 234 31.55 -4.45 -28.46
C GLU C 234 30.60 -3.62 -27.61
N ASP C 235 30.11 -2.50 -28.14
CA ASP C 235 29.12 -1.69 -27.43
C ASP C 235 27.80 -2.44 -27.37
N PHE C 236 27.40 -3.02 -28.50
CA PHE C 236 26.20 -3.82 -28.57
C PHE C 236 26.36 -5.02 -27.64
N PHE C 237 27.57 -5.59 -27.58
CA PHE C 237 27.84 -6.74 -26.70
C PHE C 237 27.63 -6.35 -25.24
N ASP C 238 28.18 -5.20 -24.86
CA ASP C 238 28.11 -4.73 -23.47
C ASP C 238 26.67 -4.42 -23.11
N LEU C 239 25.95 -3.87 -24.08
CA LEU C 239 24.55 -3.50 -23.90
C LEU C 239 23.68 -4.73 -23.81
N LYS C 240 24.12 -5.80 -24.47
CA LYS C 240 23.45 -7.10 -24.38
C LYS C 240 23.63 -7.63 -22.96
N GLY C 241 24.86 -7.59 -22.47
CA GLY C 241 25.20 -8.05 -21.12
C GLY C 241 24.68 -7.14 -20.01
N ARG C 242 24.36 -5.89 -20.37
CA ARG C 242 23.78 -5.00 -19.38
C ARG C 242 22.35 -5.42 -19.12
N LEU C 243 21.67 -5.83 -20.18
CA LEU C 243 20.28 -6.30 -20.12
C LEU C 243 20.20 -7.66 -19.45
N ASP C 244 21.33 -8.39 -19.43
CA ASP C 244 21.46 -9.65 -18.70
C ASP C 244 21.44 -9.39 -17.20
N ASP C 245 22.21 -8.39 -16.77
CA ASP C 245 22.20 -7.98 -15.38
C ASP C 245 20.79 -7.57 -14.95
N ILE C 246 20.16 -6.71 -15.77
CA ILE C 246 18.77 -6.28 -15.57
C ILE C 246 17.88 -7.49 -15.29
N ARG C 247 17.99 -8.52 -16.14
CA ARG C 247 17.16 -9.71 -16.04
C ARG C 247 17.35 -10.47 -14.73
N MET C 248 18.46 -10.23 -14.04
CA MET C 248 18.77 -11.01 -12.85
C MET C 248 18.49 -10.30 -11.54
N GLU C 249 18.67 -8.98 -11.51
CA GLU C 249 18.36 -8.20 -10.31
C GLU C 249 16.89 -7.77 -10.25
N MET C 250 16.28 -7.58 -11.42
CA MET C 250 14.96 -6.97 -11.51
C MET C 250 13.91 -7.98 -11.95
N ASP C 251 13.66 -8.98 -11.11
CA ASP C 251 12.67 -10.00 -11.40
C ASP C 251 11.40 -9.84 -10.55
N ASP C 252 11.16 -8.61 -10.10
CA ASP C 252 9.98 -8.29 -9.31
C ASP C 252 9.20 -7.12 -9.93
N PHE C 253 8.00 -7.40 -10.42
CA PHE C 253 7.14 -6.39 -11.05
C PHE C 253 7.09 -5.06 -10.29
N GLY C 254 6.61 -5.10 -9.05
CA GLY C 254 6.43 -3.91 -8.22
C GLY C 254 7.66 -3.02 -8.13
N GLU C 255 8.82 -3.65 -7.93
CA GLU C 255 10.10 -2.95 -7.79
C GLU C 255 10.57 -2.39 -9.13
N VAL C 256 10.40 -3.16 -10.20
CA VAL C 256 10.76 -2.73 -11.55
C VAL C 256 9.97 -1.49 -11.92
N PHE C 257 8.64 -1.64 -11.88
CA PHE C 257 7.74 -0.57 -12.25
C PHE C 257 8.00 0.71 -11.45
N GLN C 258 8.35 0.54 -10.18
CA GLN C 258 8.72 1.65 -9.33
C GLN C 258 9.95 2.35 -9.89
N ILE C 259 10.98 1.57 -10.23
CA ILE C 259 12.25 2.09 -10.76
C ILE C 259 12.03 2.94 -12.02
N ILE C 260 11.20 2.45 -12.94
CA ILE C 260 10.84 3.17 -14.16
C ILE C 260 10.12 4.48 -13.83
N LEU C 261 9.10 4.39 -12.97
CA LEU C 261 8.37 5.59 -12.52
C LEU C 261 9.33 6.67 -12.04
N ASN C 262 10.36 6.28 -11.28
CA ASN C 262 11.35 7.23 -10.75
C ASN C 262 12.24 7.82 -11.82
N THR C 263 12.68 6.98 -12.76
CA THR C 263 13.55 7.40 -13.84
C THR C 263 12.80 8.26 -14.86
N VAL C 264 11.47 8.11 -14.86
CA VAL C 264 10.61 8.74 -15.85
C VAL C 264 9.92 9.99 -15.29
N LYS C 265 9.72 9.98 -13.97
CA LYS C 265 9.02 11.02 -13.22
C LYS C 265 9.48 12.42 -13.60
N ASP C 266 8.50 13.32 -13.76
CA ASP C 266 8.73 14.75 -14.05
C ASP C 266 9.54 15.00 -15.34
N SER C 267 9.48 14.07 -16.30
CA SER C 267 10.15 14.25 -17.59
C SER C 267 9.16 14.20 -18.76
N LYS C 268 9.66 14.37 -19.97
CA LYS C 268 8.83 14.27 -21.17
C LYS C 268 8.46 12.81 -21.46
N ALA C 269 9.21 11.89 -20.85
CA ALA C 269 9.01 10.45 -21.04
C ALA C 269 7.84 9.93 -20.19
N GLU C 270 7.52 10.63 -19.12
CA GLU C 270 6.37 10.28 -18.28
C GLU C 270 5.08 10.10 -19.10
N PRO C 271 4.63 11.17 -19.82
CA PRO C 271 3.38 11.07 -20.59
C PRO C 271 3.32 9.81 -21.47
N HIS C 272 4.47 9.41 -22.01
CA HIS C 272 4.55 8.27 -22.91
C HIS C 272 4.36 6.95 -22.20
N PHE C 273 5.07 6.78 -21.09
CA PHE C 273 5.02 5.51 -20.36
C PHE C 273 3.56 5.15 -20.08
N LEU C 274 2.81 6.15 -19.61
CA LEU C 274 1.41 5.97 -19.31
C LEU C 274 0.67 5.49 -20.55
N SER C 275 0.90 6.17 -21.67
CA SER C 275 0.27 5.82 -22.93
C SER C 275 0.58 4.37 -23.32
N ILE C 276 1.85 3.98 -23.17
CA ILE C 276 2.27 2.61 -23.41
C ILE C 276 1.44 1.65 -22.57
N LEU C 277 1.35 1.92 -21.27
CA LEU C 277 0.54 1.10 -20.37
C LEU C 277 -0.92 1.06 -20.81
N GLN C 278 -1.41 2.21 -21.25
CA GLN C 278 -2.81 2.33 -21.59
C GLN C 278 -3.12 1.49 -22.82
N HIS C 279 -2.24 1.50 -23.80
CA HIS C 279 -2.44 0.69 -25.00
C HIS C 279 -2.34 -0.77 -24.66
N LEU C 280 -1.68 -1.08 -23.55
CA LEU C 280 -1.43 -2.47 -23.18
C LEU C 280 -2.71 -3.10 -22.66
N LEU C 281 -3.65 -2.25 -22.23
CA LEU C 281 -4.95 -2.69 -21.77
C LEU C 281 -5.90 -2.97 -22.92
N LEU C 282 -5.55 -2.50 -24.11
CA LEU C 282 -6.39 -2.72 -25.28
C LEU C 282 -6.16 -4.10 -25.84
N VAL C 283 -4.99 -4.69 -25.56
CA VAL C 283 -4.69 -6.04 -26.01
C VAL C 283 -5.95 -6.86 -25.79
N ARG C 284 -6.49 -7.36 -26.90
CA ARG C 284 -7.77 -8.02 -26.91
C ARG C 284 -7.81 -9.15 -25.90
N ASN C 285 -8.93 -9.33 -25.23
CA ASN C 285 -9.10 -10.42 -24.24
C ASN C 285 -9.33 -11.77 -24.91
N ASP C 286 -8.43 -12.16 -25.80
CA ASP C 286 -8.49 -13.48 -26.43
C ASP C 286 -7.44 -14.38 -25.81
N TYR C 287 -7.82 -15.61 -25.47
CA TYR C 287 -6.98 -16.46 -24.63
C TYR C 287 -5.62 -16.73 -25.23
N GLU C 288 -5.59 -16.95 -26.54
CA GLU C 288 -4.34 -17.27 -27.22
C GLU C 288 -3.85 -16.18 -28.18
N ALA C 289 -4.62 -15.11 -28.31
CA ALA C 289 -4.16 -13.94 -29.05
C ALA C 289 -3.36 -13.01 -28.16
N ARG C 290 -3.79 -12.89 -26.90
CA ARG C 290 -3.19 -11.94 -25.98
C ARG C 290 -1.70 -12.20 -25.74
N PRO C 291 -1.33 -13.45 -25.44
CA PRO C 291 0.10 -13.69 -25.21
C PRO C 291 0.96 -13.30 -26.41
N GLN C 292 0.40 -13.49 -27.60
CA GLN C 292 1.08 -13.20 -28.86
C GLN C 292 1.22 -11.70 -29.08
N TYR C 293 0.18 -10.95 -28.71
CA TYR C 293 0.26 -9.51 -28.71
C TYR C 293 1.46 -9.12 -27.87
N TYR C 294 1.46 -9.53 -26.61
CA TYR C 294 2.55 -9.25 -25.69
C TYR C 294 3.91 -9.68 -26.23
N LYS C 295 3.95 -10.86 -26.86
CA LYS C 295 5.21 -11.36 -27.42
C LYS C 295 5.75 -10.45 -28.52
N LEU C 296 4.86 -10.03 -29.44
CA LEU C 296 5.23 -9.13 -30.50
C LEU C 296 5.68 -7.80 -29.91
N ILE C 297 4.92 -7.28 -28.93
CA ILE C 297 5.29 -6.03 -28.25
C ILE C 297 6.70 -6.19 -27.68
N GLU C 298 6.93 -7.32 -27.00
CA GLU C 298 8.22 -7.62 -26.40
C GLU C 298 9.32 -7.61 -27.44
N GLU C 299 9.05 -8.25 -28.58
CA GLU C 299 10.02 -8.31 -29.67
C GLU C 299 10.30 -6.93 -30.28
N CYS C 300 9.24 -6.16 -30.59
CA CYS C 300 9.43 -4.80 -31.11
C CYS C 300 10.31 -3.99 -30.15
N VAL C 301 9.98 -4.03 -28.86
CA VAL C 301 10.67 -3.21 -27.86
C VAL C 301 12.15 -3.59 -27.82
N SER C 302 12.43 -4.89 -27.88
CA SER C 302 13.80 -5.39 -27.80
C SER C 302 14.69 -4.96 -28.99
N GLN C 303 14.07 -4.47 -30.07
CA GLN C 303 14.81 -3.95 -31.21
C GLN C 303 15.11 -2.50 -30.99
N ILE C 304 14.07 -1.75 -30.62
CA ILE C 304 14.21 -0.31 -30.39
C ILE C 304 15.27 -0.09 -29.33
N VAL C 305 15.15 -0.82 -28.22
CA VAL C 305 16.01 -0.62 -27.07
C VAL C 305 17.41 -1.22 -27.23
N LEU C 306 17.48 -2.49 -27.64
CA LEU C 306 18.76 -3.15 -27.79
C LEU C 306 19.25 -3.03 -29.24
N HIS C 307 19.24 -1.79 -29.74
CA HIS C 307 19.53 -1.46 -31.14
C HIS C 307 20.97 -1.82 -31.51
N LYS C 308 21.15 -2.53 -32.61
CA LYS C 308 22.49 -2.96 -33.07
C LYS C 308 23.42 -1.79 -33.43
N ASN C 309 24.71 -2.09 -33.51
CA ASN C 309 25.74 -1.13 -33.91
C ASN C 309 26.06 -0.08 -32.84
N GLY C 310 25.44 -0.24 -31.67
CA GLY C 310 25.65 0.67 -30.55
C GLY C 310 25.30 2.10 -30.91
N THR C 311 24.04 2.30 -31.30
CA THR C 311 23.48 3.61 -31.61
C THR C 311 22.00 3.63 -31.29
N ASP C 312 21.46 4.84 -31.17
CA ASP C 312 20.02 5.03 -31.04
C ASP C 312 19.35 4.72 -32.38
N PRO C 313 18.07 4.33 -32.34
CA PRO C 313 17.27 4.30 -33.57
C PRO C 313 17.13 5.70 -34.15
N ASP C 314 16.88 5.81 -35.46
CA ASP C 314 16.73 7.11 -36.08
C ASP C 314 15.41 7.72 -35.66
N PHE C 315 15.47 8.83 -34.93
CA PHE C 315 14.26 9.41 -34.37
C PHE C 315 13.47 10.26 -35.36
N LYS C 316 13.76 10.09 -36.66
CA LYS C 316 12.97 10.68 -37.75
C LYS C 316 12.34 9.62 -38.68
N CYS C 317 12.77 8.37 -38.51
CA CYS C 317 12.33 7.27 -39.37
C CYS C 317 11.74 6.07 -38.60
N ARG C 318 11.72 4.90 -39.25
CA ARG C 318 10.95 3.73 -38.80
C ARG C 318 11.68 2.41 -39.03
N HIS C 319 10.91 1.37 -39.41
CA HIS C 319 11.44 0.10 -39.93
C HIS C 319 12.11 -0.83 -38.92
N LEU C 320 11.44 -1.95 -38.67
CA LEU C 320 11.82 -2.86 -37.59
C LEU C 320 11.70 -4.32 -38.02
N GLN C 321 12.80 -5.07 -37.97
CA GLN C 321 12.74 -6.51 -38.28
C GLN C 321 13.21 -7.41 -37.11
N ILE C 322 13.04 -8.71 -37.23
CA ILE C 322 13.52 -9.64 -36.20
C ILE C 322 14.22 -10.90 -36.80
N ASP C 323 15.39 -11.25 -36.25
CA ASP C 323 16.27 -12.32 -36.80
C ASP C 323 15.75 -13.75 -36.63
N ARG D 6 50.76 -29.02 55.38
CA ARG D 6 50.78 -29.41 56.82
C ARG D 6 49.90 -30.63 57.10
N SER D 7 48.60 -30.39 57.31
CA SER D 7 47.68 -31.43 57.75
C SER D 7 46.41 -31.52 56.90
N ALA D 8 46.37 -30.77 55.80
CA ALA D 8 45.18 -30.65 54.95
C ALA D 8 44.83 -31.92 54.16
N MET D 9 45.87 -32.62 53.69
CA MET D 9 45.70 -33.84 52.91
C MET D 9 44.98 -34.95 53.68
N MET D 10 45.03 -34.86 55.01
CA MET D 10 44.42 -35.85 55.89
C MET D 10 42.94 -35.56 56.19
N TYR D 11 42.55 -34.29 56.14
CA TYR D 11 41.16 -33.90 56.26
C TYR D 11 40.34 -34.47 55.10
N ILE D 12 40.98 -34.62 53.95
CA ILE D 12 40.35 -35.20 52.75
C ILE D 12 40.05 -36.68 52.94
N GLN D 13 40.98 -37.41 53.55
CA GLN D 13 40.83 -38.84 53.80
C GLN D 13 39.74 -39.10 54.85
N GLU D 14 39.71 -38.25 55.88
CA GLU D 14 38.71 -38.32 56.95
C GLU D 14 37.27 -38.17 56.42
N LEU D 15 37.11 -37.36 55.38
CA LEU D 15 35.82 -37.11 54.74
C LEU D 15 35.33 -38.30 53.91
N ARG D 16 36.26 -38.97 53.24
CA ARG D 16 35.94 -40.06 52.31
C ARG D 16 35.88 -41.44 52.97
N SER D 17 36.31 -41.51 54.23
CA SER D 17 36.15 -42.73 55.02
C SER D 17 34.69 -42.92 55.45
N GLY D 18 33.89 -41.88 55.24
CA GLY D 18 32.44 -41.94 55.47
C GLY D 18 32.06 -41.85 56.93
N LEU D 19 32.42 -40.74 57.57
CA LEU D 19 32.05 -40.50 58.97
C LEU D 19 30.58 -40.11 59.06
N ARG D 20 29.91 -40.53 60.13
CA ARG D 20 28.47 -40.31 60.31
C ARG D 20 28.13 -39.58 61.62
N ASP D 21 26.86 -39.23 61.78
CA ASP D 21 26.30 -38.71 63.04
C ASP D 21 27.11 -37.63 63.75
N MET D 22 27.72 -37.99 64.88
CA MET D 22 28.49 -37.05 65.69
C MET D 22 29.97 -37.02 65.30
N HIS D 23 30.51 -38.18 64.90
CA HIS D 23 31.92 -38.31 64.52
C HIS D 23 32.29 -37.44 63.32
N LEU D 24 31.35 -37.28 62.40
CA LEU D 24 31.53 -36.41 61.25
C LEU D 24 31.53 -34.94 61.66
N LEU D 25 30.60 -34.58 62.55
CA LEU D 25 30.43 -33.19 63.01
C LEU D 25 31.65 -32.66 63.77
N SER D 26 32.29 -33.54 64.55
CA SER D 26 33.47 -33.17 65.32
C SER D 26 34.67 -33.03 64.40
N CYS D 27 34.60 -33.68 63.25
CA CYS D 27 35.61 -33.57 62.19
C CYS D 27 35.45 -32.24 61.47
N LEU D 28 34.21 -31.93 61.07
CA LEU D 28 33.91 -30.71 60.34
C LEU D 28 34.09 -29.45 61.19
N GLU D 29 33.89 -29.59 62.50
CA GLU D 29 33.99 -28.45 63.44
C GLU D 29 35.44 -28.05 63.69
N SER D 30 36.35 -29.02 63.57
CA SER D 30 37.79 -28.77 63.70
C SER D 30 38.40 -28.36 62.36
N LEU D 31 37.76 -28.78 61.28
CA LEU D 31 38.13 -28.35 59.92
C LEU D 31 37.84 -26.86 59.72
N ARG D 32 36.67 -26.41 60.19
CA ARG D 32 36.29 -25.00 60.17
C ARG D 32 37.27 -24.15 60.95
N VAL D 33 37.68 -24.66 62.12
CA VAL D 33 38.64 -24.01 63.00
C VAL D 33 39.99 -23.84 62.28
N SER D 34 40.38 -24.86 61.54
CA SER D 34 41.60 -24.82 60.73
C SER D 34 41.50 -23.78 59.62
N LEU D 35 40.48 -23.90 58.77
CA LEU D 35 40.30 -23.03 57.58
C LEU D 35 40.20 -21.51 57.85
N ASN D 36 39.84 -21.17 59.08
CA ASN D 36 39.79 -19.76 59.50
C ASN D 36 41.14 -19.26 59.97
N ASN D 37 41.75 -19.98 60.91
CA ASN D 37 42.94 -19.51 61.59
C ASN D 37 44.24 -19.74 60.81
N ASN D 38 44.28 -20.78 59.99
CA ASN D 38 45.44 -21.08 59.14
C ASN D 38 45.61 -20.05 58.01
N PRO D 39 46.81 -19.99 57.40
CA PRO D 39 47.05 -19.03 56.32
C PRO D 39 46.36 -19.38 54.99
N VAL D 40 46.60 -18.53 53.99
CA VAL D 40 46.05 -18.69 52.65
C VAL D 40 46.59 -19.95 51.97
N SER D 41 47.91 -20.11 52.05
CA SER D 41 48.64 -21.23 51.43
C SER D 41 48.10 -22.61 51.78
N TRP D 42 47.64 -22.76 53.02
CA TRP D 42 47.11 -24.02 53.55
C TRP D 42 45.82 -24.45 52.83
N VAL D 43 44.99 -23.49 52.47
CA VAL D 43 43.68 -23.77 51.88
C VAL D 43 43.78 -24.15 50.40
N GLN D 44 44.83 -23.67 49.72
CA GLN D 44 45.07 -23.99 48.31
C GLN D 44 45.46 -25.45 48.09
N THR D 45 46.27 -26.00 48.99
CA THR D 45 46.63 -27.41 48.96
C THR D 45 45.47 -28.30 49.46
N PHE D 46 44.50 -27.67 50.13
CA PHE D 46 43.19 -28.29 50.37
C PHE D 46 42.42 -28.22 49.06
N GLY D 47 42.30 -27.01 48.53
CA GLY D 47 41.81 -26.73 47.18
C GLY D 47 40.60 -27.49 46.68
N ALA D 48 40.65 -27.86 45.41
CA ALA D 48 39.53 -28.51 44.71
C ALA D 48 39.16 -29.89 45.26
N GLU D 49 40.17 -30.67 45.64
CA GLU D 49 39.96 -32.02 46.17
C GLU D 49 39.08 -32.05 47.41
N GLY D 50 39.50 -31.33 48.46
CA GLY D 50 38.78 -31.31 49.73
C GLY D 50 37.45 -30.58 49.65
N LEU D 51 37.35 -29.63 48.74
CA LEU D 51 36.11 -28.88 48.53
C LEU D 51 35.02 -29.76 47.93
N ALA D 52 35.37 -30.50 46.87
CA ALA D 52 34.43 -31.40 46.19
C ALA D 52 34.03 -32.59 47.07
N SER D 53 34.79 -32.81 48.14
CA SER D 53 34.42 -33.79 49.16
C SER D 53 33.36 -33.19 50.07
N LEU D 54 33.63 -31.97 50.55
CA LEU D 54 32.67 -31.22 51.35
C LEU D 54 31.31 -31.14 50.68
N LEU D 55 31.34 -30.99 49.34
CA LEU D 55 30.14 -30.85 48.54
C LEU D 55 29.50 -32.20 48.20
N ASP D 56 30.22 -33.28 48.48
CA ASP D 56 29.69 -34.62 48.23
C ASP D 56 29.03 -35.16 49.49
N ILE D 57 29.64 -34.86 50.64
CA ILE D 57 29.05 -35.15 51.94
C ILE D 57 27.82 -34.27 52.15
N LEU D 58 27.92 -33.02 51.69
CA LEU D 58 26.77 -32.12 51.68
C LEU D 58 25.65 -32.71 50.83
N LYS D 59 26.00 -33.17 49.62
CA LYS D 59 25.03 -33.80 48.71
C LYS D 59 24.42 -35.06 49.30
N ARG D 60 25.22 -35.82 50.06
CA ARG D 60 24.75 -37.03 50.74
C ARG D 60 23.69 -36.69 51.80
N LEU D 61 24.02 -35.77 52.70
CA LEU D 61 23.13 -35.34 53.77
C LEU D 61 21.82 -34.75 53.26
N HIS D 62 21.90 -34.11 52.08
CA HIS D 62 20.72 -33.55 51.43
C HIS D 62 19.75 -34.65 50.97
N ASP D 63 20.30 -35.77 50.51
CA ASP D 63 19.48 -36.91 50.10
C ASP D 63 19.22 -37.89 51.26
N GLU D 64 19.11 -37.33 52.47
CA GLU D 64 18.69 -38.07 53.67
C GLU D 64 17.26 -37.62 54.02
N LYS D 65 16.65 -36.87 53.11
CA LYS D 65 15.32 -36.31 53.29
C LYS D 65 14.22 -37.35 53.02
N GLU D 66 14.30 -38.47 53.73
CA GLU D 66 13.24 -39.48 53.70
C GLU D 66 12.51 -39.50 55.05
N GLU D 67 12.37 -38.32 55.64
CA GLU D 67 11.65 -38.12 56.89
C GLU D 67 11.67 -36.63 57.27
N THR D 68 10.51 -36.10 57.63
CA THR D 68 10.39 -34.70 58.09
C THR D 68 9.92 -34.64 59.55
N SER D 69 9.48 -33.46 59.98
CA SER D 69 9.00 -33.22 61.35
C SER D 69 10.02 -33.56 62.45
N GLY D 70 11.25 -33.85 62.02
CA GLY D 70 12.34 -34.21 62.94
C GLY D 70 13.48 -34.90 62.21
N ASN D 71 14.60 -34.19 62.10
CA ASN D 71 15.82 -34.76 61.54
C ASN D 71 16.93 -34.92 62.57
N TYR D 72 17.85 -35.82 62.28
CA TYR D 72 18.91 -36.20 63.21
C TYR D 72 20.24 -35.53 62.85
N ASP D 73 20.50 -35.36 61.55
CA ASP D 73 21.74 -34.78 61.05
C ASP D 73 21.54 -33.67 60.01
N SER D 74 21.05 -32.53 60.47
CA SER D 74 21.07 -31.28 59.71
C SER D 74 22.00 -30.29 60.41
N ARG D 75 22.57 -30.75 61.51
CA ARG D 75 23.60 -30.04 62.26
C ARG D 75 24.94 -30.17 61.53
N ASN D 76 25.10 -31.31 60.84
CA ASN D 76 26.24 -31.55 59.97
C ASN D 76 26.24 -30.62 58.77
N GLN D 77 25.05 -30.42 58.20
CA GLN D 77 24.85 -29.56 57.03
C GLN D 77 25.30 -28.13 57.29
N HIS D 78 24.90 -27.59 58.45
CA HIS D 78 25.24 -26.24 58.86
C HIS D 78 26.75 -26.07 59.08
N GLU D 79 27.41 -27.13 59.53
CA GLU D 79 28.84 -27.06 59.73
C GLU D 79 29.61 -26.97 58.41
N ILE D 80 29.13 -27.69 57.39
CA ILE D 80 29.72 -27.60 56.05
C ILE D 80 29.59 -26.17 55.50
N ILE D 81 28.42 -25.56 55.71
CA ILE D 81 28.15 -24.19 55.29
C ILE D 81 29.12 -23.19 55.93
N ARG D 82 29.49 -23.46 57.18
CA ARG D 82 30.46 -22.63 57.89
C ARG D 82 31.86 -22.88 57.35
N CYS D 83 32.12 -24.14 56.99
CA CYS D 83 33.38 -24.52 56.36
C CYS D 83 33.51 -23.80 55.02
N LEU D 84 32.47 -23.91 54.19
CA LEU D 84 32.41 -23.24 52.89
C LEU D 84 32.56 -21.72 52.98
N LYS D 85 32.12 -21.14 54.09
CA LYS D 85 32.31 -19.71 54.36
C LYS D 85 33.77 -19.40 54.65
N ALA D 86 34.38 -20.21 55.51
CA ALA D 86 35.77 -20.07 55.87
C ALA D 86 36.69 -20.34 54.66
N PHE D 87 36.32 -21.35 53.89
CA PHE D 87 36.98 -21.71 52.62
C PHE D 87 36.97 -20.53 51.65
N MET D 88 35.78 -19.97 51.43
CA MET D 88 35.58 -18.85 50.51
C MET D 88 35.97 -17.50 51.10
N ASN D 89 36.65 -17.53 52.26
CA ASN D 89 37.09 -16.30 52.90
C ASN D 89 38.22 -15.63 52.13
N ASN D 90 38.86 -16.39 51.25
CA ASN D 90 39.95 -15.89 50.40
C ASN D 90 39.60 -15.94 48.91
N LYS D 91 40.42 -15.29 48.09
CA LYS D 91 40.17 -15.09 46.64
C LYS D 91 40.26 -16.36 45.78
N PHE D 92 41.09 -17.31 46.21
CA PHE D 92 41.24 -18.60 45.54
C PHE D 92 39.97 -19.44 45.72
N GLY D 93 39.50 -19.53 46.95
CA GLY D 93 38.30 -20.30 47.29
C GLY D 93 37.07 -19.84 46.55
N ILE D 94 36.91 -18.52 46.45
CA ILE D 94 35.86 -17.91 45.64
C ILE D 94 35.97 -18.42 44.21
N LYS D 95 37.16 -18.27 43.63
CA LYS D 95 37.42 -18.67 42.26
C LYS D 95 37.19 -20.17 42.06
N THR D 96 37.66 -20.98 43.01
CA THR D 96 37.53 -22.45 42.95
C THR D 96 36.09 -22.90 43.14
N MET D 97 35.37 -22.25 44.04
CA MET D 97 33.97 -22.57 44.29
C MET D 97 33.17 -22.47 43.01
N LEU D 98 33.31 -21.34 42.33
CA LEU D 98 32.57 -21.03 41.11
C LEU D 98 32.77 -22.04 39.99
N GLU D 99 33.93 -22.71 40.02
CA GLU D 99 34.27 -23.67 38.98
C GLU D 99 33.57 -25.03 39.14
N THR D 100 33.07 -25.31 40.35
CA THR D 100 32.34 -26.56 40.60
C THR D 100 31.00 -26.57 39.89
N GLU D 101 30.53 -27.78 39.55
CA GLU D 101 29.28 -27.95 38.81
C GLU D 101 28.04 -27.82 39.70
N GLU D 102 28.23 -28.01 41.01
CA GLU D 102 27.11 -28.01 41.96
C GLU D 102 27.41 -27.22 43.24
N GLY D 103 28.53 -26.52 43.28
CA GLY D 103 28.92 -25.74 44.46
C GLY D 103 27.90 -24.69 44.85
N ILE D 104 27.39 -23.97 43.86
CA ILE D 104 26.38 -22.95 44.09
C ILE D 104 25.00 -23.59 44.32
N LEU D 105 24.64 -24.54 43.46
CA LEU D 105 23.34 -25.21 43.55
C LEU D 105 23.06 -25.82 44.91
N LEU D 106 24.07 -26.49 45.48
CA LEU D 106 23.91 -27.13 46.78
C LEU D 106 23.82 -26.10 47.92
N LEU D 107 24.39 -24.91 47.69
CA LEU D 107 24.26 -23.78 48.60
C LEU D 107 22.84 -23.25 48.59
N VAL D 108 22.14 -23.47 47.49
CA VAL D 108 20.74 -23.06 47.31
C VAL D 108 19.76 -24.04 47.96
N ARG D 109 20.07 -25.34 47.85
CA ARG D 109 19.29 -26.39 48.51
C ARG D 109 19.46 -26.29 50.02
N ALA D 110 20.52 -25.62 50.45
CA ALA D 110 20.79 -25.34 51.86
C ALA D 110 19.81 -24.35 52.46
N MET D 111 19.24 -23.48 51.62
CA MET D 111 18.28 -22.48 52.05
C MET D 111 16.93 -23.08 52.40
N ASP D 112 16.62 -23.08 53.68
CA ASP D 112 15.43 -23.71 54.22
C ASP D 112 14.89 -22.85 55.37
N PRO D 113 13.66 -22.33 55.20
CA PRO D 113 13.06 -21.46 56.22
C PRO D 113 12.80 -22.20 57.52
N ALA D 114 12.63 -23.53 57.42
CA ALA D 114 12.39 -24.38 58.57
C ALA D 114 13.51 -24.32 59.60
N VAL D 115 14.76 -24.27 59.13
CA VAL D 115 15.91 -24.13 60.00
C VAL D 115 16.67 -22.82 59.70
N PRO D 116 16.35 -21.75 60.45
CA PRO D 116 16.82 -20.38 60.19
C PRO D 116 18.33 -20.20 59.98
N ASN D 117 19.13 -20.53 60.98
CA ASN D 117 20.56 -20.19 61.00
C ASN D 117 21.40 -20.61 59.80
N MET D 118 21.07 -21.76 59.21
CA MET D 118 21.78 -22.25 58.03
C MET D 118 21.46 -21.40 56.81
N MET D 119 20.19 -21.04 56.66
CA MET D 119 19.71 -20.22 55.54
C MET D 119 20.27 -18.80 55.58
N ILE D 120 20.46 -18.26 56.78
CA ILE D 120 21.09 -16.95 56.95
C ILE D 120 22.49 -16.96 56.35
N ASP D 121 23.28 -17.97 56.70
CA ASP D 121 24.66 -18.11 56.23
C ASP D 121 24.72 -18.49 54.76
N ALA D 122 23.82 -19.39 54.34
CA ALA D 122 23.75 -19.84 52.95
C ALA D 122 23.33 -18.72 51.99
N ALA D 123 22.32 -17.94 52.38
CA ALA D 123 21.84 -16.81 51.57
C ALA D 123 22.79 -15.60 51.62
N LYS D 124 23.69 -15.61 52.60
CA LYS D 124 24.70 -14.56 52.74
C LYS D 124 25.89 -14.81 51.79
N LEU D 125 26.14 -16.08 51.51
CA LEU D 125 27.20 -16.47 50.58
C LEU D 125 26.76 -16.21 49.15
N LEU D 126 25.52 -16.58 48.84
CA LEU D 126 24.93 -16.32 47.53
C LEU D 126 24.80 -14.83 47.26
N SER D 127 24.46 -14.06 48.31
CA SER D 127 24.39 -12.59 48.22
C SER D 127 25.74 -11.96 47.95
N ALA D 128 26.81 -12.62 48.40
CA ALA D 128 28.16 -12.17 48.13
C ALA D 128 28.56 -12.50 46.69
N LEU D 129 28.25 -13.72 46.26
CA LEU D 129 28.53 -14.16 44.90
C LEU D 129 27.82 -13.29 43.85
N CYS D 130 26.62 -12.84 44.18
CA CYS D 130 25.79 -12.03 43.29
C CYS D 130 26.41 -10.69 42.93
N ILE D 131 27.06 -10.05 43.91
CA ILE D 131 27.65 -8.74 43.72
C ILE D 131 29.09 -8.80 43.17
N LEU D 132 29.50 -9.98 42.71
CA LEU D 132 30.84 -10.19 42.14
C LEU D 132 31.00 -9.59 40.75
N PRO D 133 32.11 -8.84 40.53
CA PRO D 133 32.49 -8.29 39.22
C PRO D 133 32.78 -9.39 38.18
N GLN D 134 33.79 -10.21 38.46
CA GLN D 134 34.11 -11.36 37.61
C GLN D 134 33.60 -12.63 38.29
N PRO D 135 32.98 -13.55 37.51
CA PRO D 135 32.77 -13.46 36.08
C PRO D 135 31.36 -13.01 35.66
N GLU D 136 31.33 -12.11 34.67
CA GLU D 136 30.11 -11.63 33.99
C GLU D 136 28.79 -11.68 34.74
N ASP D 137 27.86 -12.51 34.26
CA ASP D 137 26.49 -12.53 34.77
C ASP D 137 26.36 -13.45 35.99
N MET D 138 26.87 -12.98 37.13
CA MET D 138 26.92 -13.81 38.33
C MET D 138 25.57 -14.05 39.02
N ASN D 139 24.86 -12.96 39.32
CA ASN D 139 23.53 -13.05 39.92
C ASN D 139 22.60 -13.98 39.14
N GLU D 140 22.82 -14.06 37.83
CA GLU D 140 22.00 -14.88 36.94
C GLU D 140 22.24 -16.38 37.13
N ARG D 141 23.50 -16.74 37.39
CA ARG D 141 23.86 -18.12 37.76
C ARG D 141 23.16 -18.54 39.04
N VAL D 142 23.21 -17.66 40.04
CA VAL D 142 22.54 -17.87 41.32
C VAL D 142 21.05 -18.13 41.08
N LEU D 143 20.44 -17.32 40.21
CA LEU D 143 19.05 -17.49 39.82
C LEU D 143 18.82 -18.84 39.17
N GLU D 144 19.74 -19.24 38.28
CA GLU D 144 19.65 -20.52 37.58
C GLU D 144 19.63 -21.69 38.57
N ALA D 145 20.47 -21.60 39.60
CA ALA D 145 20.51 -22.62 40.66
C ALA D 145 19.18 -22.72 41.37
N MET D 146 18.62 -21.57 41.73
CA MET D 146 17.35 -21.48 42.42
C MET D 146 16.23 -22.06 41.57
N THR D 147 16.35 -21.89 40.26
CA THR D 147 15.39 -22.44 39.30
C THR D 147 15.54 -23.95 39.24
N GLU D 148 16.80 -24.39 39.23
CA GLU D 148 17.15 -25.81 39.15
C GLU D 148 16.63 -26.55 40.37
N ARG D 149 16.78 -25.92 41.53
CA ARG D 149 16.28 -26.47 42.78
C ARG D 149 14.76 -26.61 42.72
N ALA D 150 14.11 -25.56 42.23
CA ALA D 150 12.66 -25.51 42.13
C ALA D 150 12.10 -26.58 41.22
N GLU D 151 12.86 -26.94 40.18
CA GLU D 151 12.45 -27.96 39.22
C GLU D 151 12.27 -29.33 39.88
N MET D 152 13.29 -29.78 40.61
CA MET D 152 13.29 -31.09 41.25
C MET D 152 12.33 -31.19 42.44
N ASP D 153 12.01 -30.04 43.04
CA ASP D 153 11.10 -29.97 44.18
C ASP D 153 9.63 -29.77 43.78
N GLU D 154 9.42 -29.29 42.55
CA GLU D 154 8.10 -28.91 42.00
C GLU D 154 7.46 -27.69 42.70
N VAL D 155 8.32 -26.80 43.20
CA VAL D 155 7.91 -25.58 43.92
C VAL D 155 8.29 -24.33 43.10
N GLU D 156 7.76 -23.17 43.48
CA GLU D 156 8.18 -21.89 42.90
C GLU D 156 9.62 -21.53 43.33
N ARG D 157 10.39 -20.94 42.42
CA ARG D 157 11.84 -20.72 42.65
C ARG D 157 12.19 -19.72 43.76
N PHE D 158 11.34 -18.73 43.99
CA PHE D 158 11.57 -17.75 45.05
C PHE D 158 10.85 -18.11 46.35
N GLN D 159 9.99 -19.12 46.29
CA GLN D 159 9.13 -19.51 47.42
C GLN D 159 9.86 -19.61 48.77
N PRO D 160 11.05 -20.25 48.82
CA PRO D 160 11.77 -20.25 50.09
C PRO D 160 12.13 -18.84 50.56
N LEU D 161 12.64 -17.99 49.66
CA LEU D 161 12.96 -16.60 50.00
C LEU D 161 11.74 -15.85 50.54
N LEU D 162 10.58 -16.10 49.95
CA LEU D 162 9.32 -15.56 50.43
C LEU D 162 8.92 -16.12 51.79
N ASP D 163 9.08 -17.43 51.96
CA ASP D 163 8.73 -18.13 53.20
C ASP D 163 9.59 -17.66 54.37
N GLY D 164 10.84 -17.31 54.07
CA GLY D 164 11.78 -16.80 55.06
C GLY D 164 11.43 -15.39 55.51
N LEU D 165 10.86 -14.60 54.61
CA LEU D 165 10.47 -13.22 54.91
C LEU D 165 9.25 -13.14 55.80
N LYS D 166 8.37 -14.14 55.69
CA LYS D 166 7.10 -14.19 56.44
C LYS D 166 7.32 -14.10 57.95
N SER D 167 6.48 -13.30 58.61
CA SER D 167 6.72 -12.80 59.96
C SER D 167 7.00 -13.82 61.06
N GLY D 168 6.70 -15.10 60.80
CA GLY D 168 6.86 -16.16 61.80
C GLY D 168 8.28 -16.48 62.22
N THR D 169 9.24 -16.18 61.35
CA THR D 169 10.64 -16.59 61.53
C THR D 169 11.44 -15.73 62.52
N SER D 170 12.61 -15.24 62.09
CA SER D 170 13.50 -14.41 62.93
C SER D 170 13.92 -13.12 62.22
N ILE D 171 14.49 -12.18 63.00
CA ILE D 171 14.87 -10.87 62.46
C ILE D 171 16.11 -10.95 61.56
N ALA D 172 17.02 -11.85 61.90
CA ALA D 172 18.23 -12.04 61.10
C ALA D 172 17.90 -12.67 59.75
N LEU D 173 16.88 -13.53 59.71
CA LEU D 173 16.46 -14.20 58.48
C LEU D 173 15.62 -13.30 57.57
N LYS D 174 14.79 -12.47 58.18
CA LYS D 174 13.99 -11.51 57.45
C LYS D 174 14.88 -10.59 56.63
N VAL D 175 15.95 -10.09 57.24
CA VAL D 175 16.93 -9.27 56.55
C VAL D 175 17.70 -10.10 55.50
N GLY D 176 18.24 -11.25 55.94
CA GLY D 176 19.03 -12.13 55.07
C GLY D 176 18.36 -12.51 53.76
N CYS D 177 17.03 -12.63 53.79
CA CYS D 177 16.25 -12.96 52.60
C CYS D 177 16.05 -11.75 51.67
N LEU D 178 15.77 -10.59 52.25
CA LEU D 178 15.62 -9.34 51.49
C LEU D 178 16.95 -8.88 50.90
N GLN D 179 18.02 -9.17 51.63
CA GLN D 179 19.40 -8.97 51.18
C GLN D 179 19.66 -9.71 49.87
N LEU D 180 19.34 -11.00 49.84
CA LEU D 180 19.49 -11.79 48.63
C LEU D 180 18.55 -11.32 47.51
N ILE D 181 17.34 -10.92 47.88
CA ILE D 181 16.41 -10.32 46.93
C ILE D 181 17.11 -9.17 46.22
N ASN D 182 17.62 -8.22 47.01
CA ASN D 182 18.37 -7.09 46.48
C ASN D 182 19.58 -7.54 45.68
N ALA D 183 20.37 -8.44 46.25
CA ALA D 183 21.58 -8.95 45.62
C ALA D 183 21.32 -9.62 44.27
N LEU D 184 20.13 -10.19 44.09
CA LEU D 184 19.75 -10.75 42.81
C LEU D 184 19.37 -9.67 41.79
N ILE D 185 18.75 -8.59 42.27
CA ILE D 185 18.17 -7.56 41.40
C ILE D 185 19.14 -6.42 41.02
N THR D 186 19.84 -5.86 42.01
CA THR D 186 20.66 -4.65 41.81
C THR D 186 21.87 -4.77 40.84
N PRO D 187 22.58 -5.92 40.83
CA PRO D 187 23.70 -6.07 39.89
C PRO D 187 23.28 -6.21 38.41
N ALA D 188 22.09 -6.74 38.18
CA ALA D 188 21.55 -6.94 36.83
C ALA D 188 21.41 -5.61 36.09
N GLU D 189 21.94 -5.55 34.87
CA GLU D 189 22.03 -4.29 34.15
C GLU D 189 20.80 -3.96 33.29
N GLU D 190 20.28 -4.95 32.57
CA GLU D 190 19.13 -4.73 31.69
C GLU D 190 17.81 -4.63 32.46
N LEU D 191 17.02 -3.60 32.12
CA LEU D 191 15.78 -3.27 32.85
C LEU D 191 14.73 -4.38 32.83
N ASP D 192 14.39 -4.83 31.61
CA ASP D 192 13.41 -5.87 31.38
C ASP D 192 13.63 -7.12 32.22
N PHE D 193 14.83 -7.23 32.80
CA PHE D 193 15.16 -8.34 33.69
C PHE D 193 14.82 -7.97 35.14
N ARG D 194 15.34 -6.83 35.60
CA ARG D 194 15.11 -6.38 36.97
C ARG D 194 13.62 -6.32 37.27
N VAL D 195 12.86 -5.75 36.35
CA VAL D 195 11.40 -5.69 36.47
C VAL D 195 10.80 -7.08 36.39
N HIS D 196 11.23 -7.87 35.41
CA HIS D 196 10.71 -9.23 35.20
C HIS D 196 10.78 -10.06 36.47
N ILE D 197 11.84 -9.87 37.24
CA ILE D 197 12.03 -10.60 38.49
C ILE D 197 11.24 -9.99 39.65
N ARG D 198 11.30 -8.67 39.79
CA ARG D 198 10.53 -8.00 40.85
C ARG D 198 9.04 -8.29 40.71
N SER D 199 8.57 -8.42 39.46
CA SER D 199 7.20 -8.80 39.19
C SER D 199 6.90 -10.24 39.60
N GLU D 200 7.91 -11.11 39.50
CA GLU D 200 7.76 -12.49 39.95
C GLU D 200 7.68 -12.55 41.48
N LEU D 201 8.34 -11.61 42.14
CA LEU D 201 8.26 -11.47 43.60
C LEU D 201 6.89 -10.96 44.07
N MET D 202 6.31 -10.03 43.30
CA MET D 202 5.01 -9.46 43.64
C MET D 202 3.88 -10.46 43.42
N ARG D 203 3.94 -11.20 42.32
CA ARG D 203 2.96 -12.26 42.03
C ARG D 203 2.95 -13.30 43.14
N LEU D 204 4.13 -13.58 43.69
CA LEU D 204 4.27 -14.53 44.79
C LEU D 204 3.86 -13.89 46.12
N GLY D 205 3.59 -12.59 46.08
CA GLY D 205 2.97 -11.87 47.18
C GLY D 205 3.90 -11.08 48.07
N LEU D 206 4.88 -10.42 47.45
CA LEU D 206 5.86 -9.64 48.21
C LEU D 206 5.24 -8.38 48.81
N HIS D 207 4.44 -7.68 48.02
CA HIS D 207 3.89 -6.38 48.44
C HIS D 207 3.12 -6.45 49.75
N GLN D 208 2.43 -7.57 49.98
CA GLN D 208 1.73 -7.83 51.23
C GLN D 208 2.74 -7.91 52.37
N VAL D 209 3.76 -8.75 52.19
CA VAL D 209 4.80 -8.97 53.19
C VAL D 209 5.64 -7.72 53.48
N LEU D 210 5.99 -6.98 52.43
CA LEU D 210 6.86 -5.81 52.57
C LEU D 210 6.28 -4.75 53.48
N GLN D 211 4.95 -4.63 53.48
CA GLN D 211 4.29 -3.62 54.30
C GLN D 211 4.19 -4.01 55.76
N GLU D 212 4.58 -5.24 56.06
CA GLU D 212 4.71 -5.72 57.44
C GLU D 212 6.10 -5.46 57.96
N LEU D 213 7.09 -5.51 57.08
CA LEU D 213 8.48 -5.31 57.46
C LEU D 213 8.86 -3.84 57.62
N ARG D 214 7.97 -2.94 57.20
CA ARG D 214 8.20 -1.50 57.40
C ARG D 214 7.80 -1.08 58.81
N GLU D 215 7.12 -1.98 59.51
CA GLU D 215 6.68 -1.75 60.88
C GLU D 215 7.84 -1.96 61.85
N ILE D 216 8.67 -2.98 61.57
CA ILE D 216 9.81 -3.39 62.40
C ILE D 216 10.86 -2.28 62.46
N GLU D 217 11.28 -1.93 63.68
CA GLU D 217 12.22 -0.82 63.90
C GLU D 217 13.70 -1.25 63.88
N ASN D 218 14.01 -2.25 63.06
CA ASN D 218 15.37 -2.76 62.89
C ASN D 218 16.13 -1.93 61.87
N GLU D 219 17.39 -1.63 62.17
CA GLU D 219 18.23 -0.82 61.31
C GLU D 219 18.71 -1.56 60.05
N ASP D 220 19.25 -2.76 60.27
CA ASP D 220 19.74 -3.64 59.19
C ASP D 220 18.60 -4.04 58.26
N MET D 221 17.38 -3.91 58.75
CA MET D 221 16.17 -4.15 57.96
C MET D 221 15.80 -2.93 57.14
N LYS D 222 15.80 -1.75 57.76
CA LYS D 222 15.50 -0.50 57.03
C LYS D 222 16.46 -0.25 55.87
N VAL D 223 17.74 -0.58 56.07
CA VAL D 223 18.77 -0.50 55.04
C VAL D 223 18.35 -1.24 53.78
N GLN D 224 17.84 -2.46 53.94
CA GLN D 224 17.49 -3.32 52.80
C GLN D 224 16.21 -2.90 52.11
N LEU D 225 15.24 -2.39 52.88
CA LEU D 225 14.01 -1.82 52.34
C LEU D 225 14.32 -0.56 51.53
N CYS D 226 15.12 0.32 52.11
CA CYS D 226 15.53 1.57 51.49
C CYS D 226 16.32 1.36 50.18
N VAL D 227 17.17 0.34 50.15
CA VAL D 227 17.91 -0.04 48.95
C VAL D 227 16.98 -0.64 47.89
N PHE D 228 16.09 -1.53 48.33
CA PHE D 228 15.06 -2.13 47.49
C PHE D 228 14.15 -1.08 46.86
N ASP D 229 13.68 -0.14 47.68
CA ASP D 229 12.87 1.00 47.25
C ASP D 229 13.62 1.89 46.25
N GLU D 230 14.90 2.14 46.54
CA GLU D 230 15.78 2.92 45.65
C GLU D 230 15.85 2.28 44.25
N GLN D 231 16.31 1.03 44.20
CA GLN D 231 16.43 0.28 42.94
C GLN D 231 15.10 0.22 42.16
N GLY D 232 13.98 0.19 42.89
CA GLY D 232 12.65 0.22 42.30
C GLY D 232 12.28 1.57 41.67
N ASP D 233 12.81 2.65 42.23
CA ASP D 233 12.58 3.99 41.70
C ASP D 233 13.44 4.25 40.47
N GLU D 234 14.68 3.73 40.50
CA GLU D 234 15.57 3.80 39.35
C GLU D 234 14.84 3.25 38.12
N ASP D 235 14.25 2.08 38.29
CA ASP D 235 13.54 1.40 37.20
C ASP D 235 12.40 2.21 36.62
N PHE D 236 11.64 2.90 37.48
CA PHE D 236 10.56 3.78 37.05
C PHE D 236 11.13 4.93 36.23
N PHE D 237 12.14 5.59 36.79
CA PHE D 237 12.83 6.69 36.11
C PHE D 237 13.32 6.27 34.71
N ASP D 238 13.97 5.11 34.62
CA ASP D 238 14.49 4.57 33.35
C ASP D 238 13.38 4.24 32.35
N LEU D 239 12.23 3.83 32.87
CA LEU D 239 11.07 3.53 32.05
C LEU D 239 10.47 4.83 31.53
N LYS D 240 10.57 5.89 32.34
CA LYS D 240 10.05 7.19 31.96
C LYS D 240 10.95 7.81 30.89
N GLY D 241 12.24 7.52 30.98
CA GLY D 241 13.22 7.96 29.98
C GLY D 241 13.06 7.20 28.67
N ARG D 242 12.70 5.92 28.76
CA ARG D 242 12.47 5.08 27.58
C ARG D 242 11.19 5.51 26.87
N LEU D 243 10.29 6.13 27.64
CA LEU D 243 9.05 6.71 27.12
C LEU D 243 9.36 7.97 26.30
N ASP D 244 10.31 8.75 26.79
CA ASP D 244 10.78 9.95 26.09
C ASP D 244 11.47 9.61 24.76
N ASP D 245 12.30 8.57 24.76
CA ASP D 245 12.95 8.10 23.54
C ASP D 245 11.94 7.62 22.50
N ILE D 246 10.87 6.95 22.96
CA ILE D 246 9.80 6.52 22.07
C ILE D 246 9.08 7.74 21.50
N ARG D 247 8.87 8.76 22.34
CA ARG D 247 8.20 10.00 21.93
C ARG D 247 8.96 10.80 20.88
N MET D 248 10.27 10.59 20.82
CA MET D 248 11.12 11.37 19.95
C MET D 248 11.60 10.59 18.72
N GLU D 249 11.48 9.26 18.76
CA GLU D 249 11.90 8.45 17.63
C GLU D 249 10.72 7.96 16.79
N MET D 250 9.60 7.67 17.46
CA MET D 250 8.39 7.20 16.78
C MET D 250 7.32 8.28 16.81
N ASP D 251 7.24 9.07 15.74
CA ASP D 251 6.27 10.16 15.66
C ASP D 251 5.37 10.07 14.44
N ASP D 252 5.62 9.07 13.59
CA ASP D 252 4.74 8.76 12.47
C ASP D 252 3.73 7.69 12.90
N PHE D 253 2.45 7.96 12.63
CA PHE D 253 1.36 7.04 12.95
C PHE D 253 1.57 5.68 12.30
N GLY D 254 1.74 5.70 10.97
CA GLY D 254 1.86 4.50 10.15
C GLY D 254 3.03 3.62 10.57
N GLU D 255 4.12 4.26 10.98
CA GLU D 255 5.33 3.57 11.43
C GLU D 255 5.10 2.91 12.78
N VAL D 256 4.52 3.65 13.72
CA VAL D 256 4.24 3.16 15.09
C VAL D 256 3.31 1.96 15.06
N PHE D 257 2.23 2.11 14.31
CA PHE D 257 1.24 1.07 14.13
C PHE D 257 1.83 -0.21 13.54
N GLN D 258 2.80 -0.05 12.64
CA GLN D 258 3.50 -1.19 12.07
C GLN D 258 4.31 -1.89 13.14
N ILE D 259 5.06 -1.12 13.92
CA ILE D 259 5.91 -1.66 14.98
C ILE D 259 5.08 -2.50 15.95
N ILE D 260 3.99 -1.93 16.47
CA ILE D 260 3.08 -2.67 17.34
C ILE D 260 2.62 -3.93 16.63
N LEU D 261 2.10 -3.77 15.41
CA LEU D 261 1.67 -4.90 14.60
C LEU D 261 2.72 -6.00 14.51
N ASN D 262 3.98 -5.61 14.26
CA ASN D 262 5.10 -6.57 14.20
C ASN D 262 5.33 -7.30 15.52
N THR D 263 5.29 -6.53 16.62
CA THR D 263 5.48 -7.04 17.99
C THR D 263 4.32 -7.96 18.41
N VAL D 264 3.12 -7.68 17.93
CA VAL D 264 1.93 -8.39 18.35
C VAL D 264 1.56 -9.60 17.47
N LYS D 265 1.97 -9.56 16.21
CA LYS D 265 1.70 -10.61 15.24
C LYS D 265 1.96 -12.01 15.80
N ASP D 266 1.01 -12.92 15.58
CA ASP D 266 1.16 -14.35 15.92
C ASP D 266 1.30 -14.66 17.42
N SER D 267 0.90 -13.73 18.29
CA SER D 267 0.86 -14.00 19.72
C SER D 267 -0.57 -13.96 20.27
N LYS D 268 -0.71 -14.01 21.60
CA LYS D 268 -2.02 -13.96 22.22
C LYS D 268 -2.49 -12.53 22.50
N ALA D 269 -1.61 -11.57 22.24
CA ALA D 269 -1.91 -10.14 22.39
C ALA D 269 -2.53 -9.55 21.13
N GLU D 270 -2.46 -10.29 20.02
CA GLU D 270 -3.10 -9.87 18.78
C GLU D 270 -4.61 -9.68 18.93
N PRO D 271 -5.35 -10.74 19.36
CA PRO D 271 -6.79 -10.57 19.59
C PRO D 271 -7.16 -9.36 20.44
N HIS D 272 -6.33 -9.05 21.44
CA HIS D 272 -6.61 -7.94 22.35
C HIS D 272 -6.36 -6.57 21.72
N PHE D 273 -5.29 -6.46 20.92
CA PHE D 273 -4.96 -5.20 20.25
C PHE D 273 -6.03 -4.83 19.26
N LEU D 274 -6.51 -5.83 18.51
CA LEU D 274 -7.62 -5.62 17.58
C LEU D 274 -8.84 -5.07 18.30
N SER D 275 -9.13 -5.66 19.47
CA SER D 275 -10.30 -5.30 20.26
C SER D 275 -10.19 -3.89 20.83
N ILE D 276 -8.98 -3.48 21.19
CA ILE D 276 -8.74 -2.12 21.64
C ILE D 276 -9.09 -1.14 20.52
N LEU D 277 -8.62 -1.43 19.32
CA LEU D 277 -8.89 -0.55 18.17
C LEU D 277 -10.37 -0.50 17.83
N GLN D 278 -11.04 -1.64 17.88
CA GLN D 278 -12.47 -1.71 17.64
C GLN D 278 -13.23 -0.81 18.63
N HIS D 279 -12.95 -0.99 19.92
CA HIS D 279 -13.58 -0.20 20.98
C HIS D 279 -13.38 1.31 20.78
N LEU D 280 -12.22 1.69 20.26
CA LEU D 280 -11.94 3.09 19.95
C LEU D 280 -12.92 3.66 18.92
N LEU D 281 -13.57 2.79 18.14
CA LEU D 281 -14.55 3.22 17.15
C LEU D 281 -15.91 3.49 17.78
N LEU D 282 -16.02 3.28 19.09
CA LEU D 282 -17.26 3.57 19.80
C LEU D 282 -17.24 4.90 20.51
N VAL D 283 -16.04 5.40 20.82
CA VAL D 283 -15.92 6.71 21.45
C VAL D 283 -16.83 7.67 20.68
N ARG D 284 -17.93 8.05 21.33
CA ARG D 284 -19.04 8.78 20.73
C ARG D 284 -18.61 9.90 19.77
N ASN D 285 -19.44 10.12 18.76
CA ASN D 285 -19.15 11.09 17.71
C ASN D 285 -19.54 12.54 18.07
N ASP D 286 -19.20 12.95 19.30
CA ASP D 286 -19.42 14.33 19.78
C ASP D 286 -18.11 15.12 19.65
N TYR D 287 -18.20 16.33 19.08
CA TYR D 287 -17.02 17.18 18.88
C TYR D 287 -16.19 17.33 20.15
N GLU D 288 -16.87 17.45 21.30
CA GLU D 288 -16.23 17.77 22.57
C GLU D 288 -15.90 16.55 23.43
N ALA D 289 -16.82 15.59 23.46
CA ALA D 289 -16.63 14.40 24.29
C ALA D 289 -15.55 13.48 23.74
N ARG D 290 -15.40 13.45 22.41
CA ARG D 290 -14.46 12.52 21.77
C ARG D 290 -12.99 12.74 22.15
N PRO D 291 -12.53 13.99 22.23
CA PRO D 291 -11.20 14.20 22.78
C PRO D 291 -11.07 13.74 24.22
N GLN D 292 -12.05 14.09 25.05
CA GLN D 292 -12.05 13.73 26.47
C GLN D 292 -12.04 12.21 26.63
N TYR D 293 -12.68 11.52 25.69
CA TYR D 293 -12.64 10.06 25.62
C TYR D 293 -11.21 9.57 25.41
N TYR D 294 -10.54 10.09 24.38
CA TYR D 294 -9.17 9.68 24.08
C TYR D 294 -8.16 10.08 25.15
N LYS D 295 -8.38 11.24 25.78
CA LYS D 295 -7.51 11.68 26.86
C LYS D 295 -7.60 10.73 28.05
N LEU D 296 -8.83 10.45 28.50
CA LEU D 296 -9.03 9.53 29.62
C LEU D 296 -8.47 8.15 29.32
N ILE D 297 -8.76 7.63 28.12
CA ILE D 297 -8.19 6.36 27.68
C ILE D 297 -6.67 6.43 27.80
N GLU D 298 -6.06 7.40 27.11
CA GLU D 298 -4.61 7.60 27.19
C GLU D 298 -4.14 7.61 28.64
N GLU D 299 -4.68 8.53 29.43
CA GLU D 299 -4.39 8.66 30.85
C GLU D 299 -4.42 7.33 31.63
N CYS D 300 -5.47 6.52 31.45
CA CYS D 300 -5.55 5.18 32.04
C CYS D 300 -4.36 4.32 31.59
N VAL D 301 -4.13 4.24 30.28
CA VAL D 301 -3.09 3.39 29.71
C VAL D 301 -1.71 3.71 30.30
N SER D 302 -1.40 5.00 30.38
CA SER D 302 -0.13 5.49 30.91
C SER D 302 0.14 5.03 32.34
N GLN D 303 -0.93 4.74 33.08
CA GLN D 303 -0.82 4.20 34.42
C GLN D 303 -0.67 2.67 34.43
N ILE D 304 -1.26 2.00 33.43
CA ILE D 304 -1.13 0.54 33.30
C ILE D 304 0.30 0.21 32.92
N VAL D 305 0.76 0.81 31.82
CA VAL D 305 2.06 0.50 31.24
C VAL D 305 3.22 1.12 32.04
N LEU D 306 3.20 2.44 32.20
CA LEU D 306 4.26 3.13 32.93
C LEU D 306 3.95 3.09 34.42
N HIS D 307 3.92 1.87 34.97
CA HIS D 307 3.45 1.58 36.35
C HIS D 307 4.53 1.89 37.40
N LYS D 308 4.11 2.42 38.55
CA LYS D 308 5.05 2.83 39.60
C LYS D 308 5.82 1.67 40.24
N ASN D 309 6.97 2.00 40.83
CA ASN D 309 7.87 1.06 41.55
C ASN D 309 8.53 -0.03 40.70
N GLY D 310 8.38 0.07 39.38
CA GLY D 310 9.01 -0.86 38.44
C GLY D 310 8.55 -2.29 38.53
N THR D 311 7.23 -2.50 38.54
CA THR D 311 6.62 -3.84 38.51
C THR D 311 5.42 -3.85 37.57
N ASP D 312 5.06 -5.04 37.11
CA ASP D 312 3.82 -5.24 36.35
C ASP D 312 2.65 -4.95 37.27
N PRO D 313 1.58 -4.36 36.72
CA PRO D 313 0.33 -4.32 37.45
C PRO D 313 -0.12 -5.74 37.76
N ASP D 314 -0.84 -5.93 38.86
CA ASP D 314 -1.36 -7.25 39.21
C ASP D 314 -2.40 -7.69 38.19
N PHE D 315 -2.21 -8.89 37.66
CA PHE D 315 -3.10 -9.36 36.60
C PHE D 315 -4.27 -10.18 37.14
N LYS D 316 -4.37 -10.26 38.47
CA LYS D 316 -5.48 -10.96 39.08
C LYS D 316 -6.43 -10.02 39.84
N CYS D 317 -6.14 -8.72 39.75
CA CYS D 317 -6.91 -7.69 40.45
C CYS D 317 -7.29 -6.51 39.55
N ARG D 318 -7.80 -5.43 40.16
CA ARG D 318 -8.41 -4.30 39.44
C ARG D 318 -8.37 -3.00 40.26
N HIS D 319 -8.07 -1.86 39.61
CA HIS D 319 -8.06 -0.54 40.31
C HIS D 319 -6.94 0.38 39.84
N LEU D 320 -7.24 1.65 39.59
CA LEU D 320 -6.21 2.61 39.15
C LEU D 320 -6.51 4.11 39.37
N GLN D 321 -5.54 4.83 39.96
CA GLN D 321 -5.66 6.27 40.22
C GLN D 321 -4.83 7.13 39.25
N ILE D 322 -5.04 8.44 39.29
CA ILE D 322 -4.44 9.37 38.32
C ILE D 322 -3.99 10.72 38.92
N ASP D 323 -2.67 10.98 38.80
CA ASP D 323 -1.97 12.25 39.13
C ASP D 323 -2.60 13.25 40.14
N ILE D 324 -1.78 14.02 40.87
CA ILE D 324 -0.31 14.10 40.73
C ILE D 324 0.41 13.56 41.98
N VAL E 12 34.95 43.64 -27.69
CA VAL E 12 35.31 44.57 -26.59
C VAL E 12 34.11 45.44 -26.17
N LEU E 13 33.74 45.34 -24.89
CA LEU E 13 32.64 46.11 -24.25
C LEU E 13 31.21 45.75 -24.72
N PRO E 14 30.36 45.30 -23.77
CA PRO E 14 28.98 44.87 -23.99
C PRO E 14 27.92 45.98 -23.86
N PHE E 15 26.65 45.61 -23.97
CA PHE E 15 25.54 46.57 -24.07
C PHE E 15 25.06 47.22 -22.75
N GLY E 16 25.93 48.04 -22.15
CA GLY E 16 25.61 48.84 -20.97
C GLY E 16 25.89 48.19 -19.63
N LEU E 17 26.98 47.44 -19.53
CA LEU E 17 27.31 46.64 -18.34
C LEU E 17 28.74 46.06 -18.34
N THR E 18 29.12 45.41 -17.23
CA THR E 18 30.49 44.90 -17.02
C THR E 18 30.59 43.37 -16.99
N PRO E 19 31.70 42.81 -17.53
CA PRO E 19 31.97 41.37 -17.51
C PRO E 19 31.97 40.75 -16.11
N LYS E 20 31.42 39.55 -16.03
CA LYS E 20 31.27 38.82 -14.78
C LYS E 20 32.63 38.37 -14.27
N LYS E 21 32.89 38.59 -12.98
CA LYS E 21 34.19 38.30 -12.35
C LYS E 21 34.75 36.94 -12.73
N VAL E 22 36.04 36.93 -13.09
CA VAL E 22 36.75 35.71 -13.44
C VAL E 22 37.23 35.03 -12.17
N TYR E 23 36.78 33.81 -11.95
CA TYR E 23 37.16 33.04 -10.77
C TYR E 23 38.41 32.21 -11.01
N LYS E 24 39.10 31.86 -9.92
CA LYS E 24 40.23 30.93 -9.95
C LYS E 24 40.12 30.01 -8.73
N PRO E 25 39.41 28.88 -8.88
CA PRO E 25 39.18 27.97 -7.75
C PRO E 25 40.42 27.14 -7.41
N GLU E 26 40.40 26.53 -6.23
CA GLU E 26 41.47 25.64 -5.79
C GLU E 26 41.24 24.25 -6.40
N VAL E 27 40.13 23.62 -6.02
CA VAL E 27 39.80 22.29 -6.51
C VAL E 27 38.92 22.41 -7.75
N GLN E 28 39.21 21.60 -8.77
CA GLN E 28 38.39 21.54 -9.98
C GLN E 28 37.09 20.77 -9.72
N LEU E 29 35.98 21.35 -10.15
CA LEU E 29 34.66 20.85 -9.77
C LEU E 29 33.86 20.30 -10.96
N ARG E 30 32.89 19.44 -10.66
CA ARG E 30 31.90 19.00 -11.64
C ARG E 30 31.04 20.21 -11.95
N ARG E 31 30.60 20.32 -13.20
CA ARG E 31 29.92 21.54 -13.64
C ARG E 31 28.67 21.27 -14.48
N PRO E 32 27.71 22.21 -14.44
CA PRO E 32 26.59 22.17 -15.35
C PRO E 32 26.98 22.67 -16.75
N ASN E 33 26.95 21.77 -17.72
CA ASN E 33 27.25 22.11 -19.10
C ASN E 33 26.00 22.64 -19.78
N TRP E 34 25.67 23.90 -19.49
CA TRP E 34 24.52 24.59 -20.08
C TRP E 34 24.90 25.45 -21.28
N SER E 35 23.90 25.80 -22.09
CA SER E 35 24.09 26.78 -23.15
C SER E 35 24.10 28.14 -22.48
N LYS E 36 25.28 28.76 -22.42
CA LYS E 36 25.45 30.04 -21.74
C LYS E 36 24.89 31.20 -22.56
N PHE E 37 24.86 32.39 -21.96
CA PHE E 37 24.61 33.61 -22.70
C PHE E 37 25.81 34.53 -22.52
N VAL E 38 26.50 34.81 -23.62
CA VAL E 38 27.62 35.74 -23.59
C VAL E 38 27.09 37.18 -23.63
N ALA E 39 27.95 38.12 -23.26
CA ALA E 39 27.65 39.56 -23.25
C ALA E 39 26.41 39.98 -24.06
N GLU E 40 26.49 39.82 -25.38
CA GLU E 40 25.50 40.41 -26.31
C GLU E 40 24.46 39.44 -26.88
N ASP E 41 23.96 38.56 -26.02
CA ASP E 41 22.76 37.78 -26.31
C ASP E 41 21.58 38.47 -25.65
N LEU E 42 21.88 39.49 -24.86
CA LEU E 42 20.91 40.19 -24.04
C LEU E 42 20.42 41.47 -24.72
N SER E 43 19.18 41.83 -24.41
CA SER E 43 18.55 43.07 -24.85
C SER E 43 18.34 44.02 -23.67
N GLN E 44 18.04 45.28 -23.96
CA GLN E 44 17.83 46.31 -22.93
C GLN E 44 16.94 45.85 -21.77
N ASP E 45 15.73 45.39 -22.09
CA ASP E 45 14.69 45.14 -21.08
C ASP E 45 14.59 43.70 -20.59
N CYS E 46 15.64 42.90 -20.80
CA CYS E 46 15.60 41.49 -20.40
C CYS E 46 16.06 41.26 -18.95
N PHE E 47 15.71 40.09 -18.42
CA PHE E 47 15.95 39.70 -17.03
C PHE E 47 17.43 39.58 -16.64
N TRP E 48 18.25 39.09 -17.57
CA TRP E 48 19.65 38.82 -17.28
C TRP E 48 20.53 40.07 -17.23
N THR E 49 19.98 41.21 -17.66
CA THR E 49 20.66 42.50 -17.56
C THR E 49 20.50 43.09 -16.15
N LYS E 50 19.34 42.87 -15.55
CA LYS E 50 19.06 43.24 -14.16
C LYS E 50 19.99 42.53 -13.16
N VAL E 51 20.53 41.38 -13.55
CA VAL E 51 21.32 40.55 -12.63
C VAL E 51 22.83 40.81 -12.65
N LYS E 52 23.23 41.98 -13.15
CA LYS E 52 24.61 42.43 -12.96
C LYS E 52 24.85 42.55 -11.46
N GLU E 53 23.87 42.04 -10.69
CA GLU E 53 23.94 41.90 -9.25
C GLU E 53 25.05 40.92 -8.88
N ASP E 54 24.82 39.63 -9.13
CA ASP E 54 25.78 38.56 -8.76
C ASP E 54 26.22 38.61 -7.30
N ARG E 55 25.81 39.65 -6.60
CA ARG E 55 26.15 39.86 -5.20
C ARG E 55 24.91 39.64 -4.33
N PHE E 56 23.74 39.73 -4.94
CA PHE E 56 22.46 39.59 -4.24
C PHE E 56 22.29 38.23 -3.56
N GLU E 57 23.20 37.29 -3.88
CA GLU E 57 23.19 35.96 -3.25
C GLU E 57 24.57 35.45 -2.84
N ASN E 58 25.48 36.37 -2.50
CA ASN E 58 26.84 35.99 -2.12
C ASN E 58 27.05 35.59 -0.65
N ASN E 59 27.70 34.45 -0.46
CA ASN E 59 28.06 33.94 0.86
C ASN E 59 29.52 33.46 0.86
N GLU E 60 29.82 32.55 1.78
CA GLU E 60 31.07 31.81 1.75
C GLU E 60 30.76 30.34 1.54
N LEU E 61 29.88 30.12 0.56
CA LEU E 61 29.36 28.80 0.24
C LEU E 61 30.30 28.08 -0.70
N PHE E 62 31.22 28.82 -1.30
CA PHE E 62 32.19 28.23 -2.22
C PHE E 62 32.92 27.07 -1.56
N ALA E 63 33.29 27.26 -0.29
CA ALA E 63 33.84 26.18 0.52
C ALA E 63 32.86 25.00 0.50
N LYS E 64 31.61 25.26 0.91
CA LYS E 64 30.57 24.24 1.00
C LYS E 64 30.27 23.58 -0.36
N LEU E 65 30.29 24.37 -1.42
CA LEU E 65 30.06 23.90 -2.78
C LEU E 65 31.22 23.04 -3.29
N THR E 66 32.45 23.49 -3.02
CA THR E 66 33.64 22.75 -3.42
C THR E 66 33.69 21.40 -2.72
N LEU E 67 33.36 21.39 -1.43
CA LEU E 67 33.33 20.18 -0.63
C LEU E 67 32.42 19.11 -1.23
N ALA E 68 31.24 19.52 -1.69
CA ALA E 68 30.26 18.57 -2.17
C ALA E 68 30.48 18.13 -3.61
N PHE E 69 31.08 18.99 -4.43
CA PHE E 69 31.24 18.69 -5.88
C PHE E 69 32.68 18.56 -6.38
N SER E 70 33.60 18.22 -5.47
CA SER E 70 35.00 17.99 -5.84
C SER E 70 35.14 16.69 -6.64
N ALA E 71 35.92 16.74 -7.71
CA ALA E 71 36.20 15.56 -8.52
C ALA E 71 37.68 15.13 -8.46
N GLN E 72 38.16 14.85 -7.24
CA GLN E 72 39.57 14.48 -7.01
C GLN E 72 39.86 12.98 -7.14
N THR E 73 41.09 12.59 -6.82
CA THR E 73 41.50 11.18 -6.84
C THR E 73 41.30 10.53 -5.47
N LYS E 95 67.32 -2.95 -23.23
CA LYS E 95 66.22 -2.01 -23.45
C LYS E 95 65.02 -2.11 -22.46
N VAL E 96 64.77 -3.26 -21.83
CA VAL E 96 65.56 -4.49 -21.92
C VAL E 96 64.83 -5.60 -22.68
N LYS E 97 65.59 -6.38 -23.45
CA LYS E 97 65.11 -7.60 -24.13
C LYS E 97 64.26 -7.36 -25.39
N GLU E 98 64.55 -8.14 -26.42
CA GLU E 98 63.91 -8.01 -27.73
C GLU E 98 62.98 -9.20 -28.01
N LEU E 99 62.02 -9.02 -28.91
CA LEU E 99 61.05 -10.06 -29.25
C LEU E 99 61.41 -10.80 -30.54
N LYS E 100 61.74 -12.08 -30.40
CA LYS E 100 62.23 -12.89 -31.53
C LYS E 100 61.17 -13.66 -32.31
N VAL E 101 60.12 -14.11 -31.62
CA VAL E 101 59.08 -14.94 -32.25
C VAL E 101 57.72 -14.26 -32.26
N LEU E 102 57.23 -13.89 -31.08
CA LEU E 102 55.85 -13.43 -30.91
C LEU E 102 55.58 -12.05 -31.49
N ASP E 103 54.36 -11.88 -32.00
CA ASP E 103 53.84 -10.57 -32.41
C ASP E 103 53.54 -9.72 -31.16
N SER E 104 53.50 -8.40 -31.34
CA SER E 104 53.29 -7.47 -30.21
C SER E 104 51.87 -7.51 -29.63
N LYS E 105 50.96 -8.20 -30.33
CA LYS E 105 49.64 -8.55 -29.78
C LYS E 105 49.82 -9.39 -28.52
N THR E 106 50.47 -10.54 -28.68
CA THR E 106 50.56 -11.59 -27.67
C THR E 106 51.68 -11.31 -26.69
N ALA E 107 52.75 -10.68 -27.17
CA ALA E 107 53.90 -10.37 -26.34
C ALA E 107 53.61 -9.22 -25.35
N GLN E 108 52.54 -8.47 -25.61
CA GLN E 108 52.09 -7.42 -24.70
C GLN E 108 51.08 -7.97 -23.68
N ASN E 109 50.14 -8.79 -24.18
CA ASN E 109 49.11 -9.41 -23.35
C ASN E 109 49.69 -10.31 -22.26
N LEU E 110 50.71 -11.08 -22.62
CA LEU E 110 51.45 -11.93 -21.67
C LEU E 110 52.19 -11.11 -20.62
N SER E 111 52.70 -9.95 -21.01
CA SER E 111 53.37 -9.05 -20.08
C SER E 111 52.43 -8.63 -18.95
N ILE E 112 51.14 -8.49 -19.27
CA ILE E 112 50.13 -8.13 -18.27
C ILE E 112 49.67 -9.37 -17.49
N PHE E 113 49.38 -10.45 -18.23
CA PHE E 113 48.93 -11.69 -17.63
C PHE E 113 49.93 -12.24 -16.62
N LEU E 114 51.21 -12.19 -16.99
CA LEU E 114 52.27 -12.68 -16.12
C LEU E 114 52.51 -11.73 -14.96
N GLY E 115 52.10 -10.48 -15.13
CA GLY E 115 52.18 -9.47 -14.08
C GLY E 115 51.24 -9.76 -12.93
N SER E 116 50.13 -10.41 -13.24
CA SER E 116 49.11 -10.78 -12.24
C SER E 116 49.33 -12.16 -11.65
N PHE E 117 50.09 -13.00 -12.34
CA PHE E 117 50.23 -14.39 -11.95
C PHE E 117 51.38 -14.64 -10.97
N ARG E 118 52.51 -13.98 -11.21
CA ARG E 118 53.67 -13.98 -10.28
C ARG E 118 54.28 -15.35 -9.97
N MET E 119 53.75 -16.41 -10.59
CA MET E 119 54.19 -17.78 -10.32
C MET E 119 55.37 -18.15 -11.21
N PRO E 120 56.42 -18.77 -10.62
CA PRO E 120 57.60 -19.19 -11.40
C PRO E 120 57.21 -20.04 -12.59
N TYR E 121 57.78 -19.74 -13.76
CA TYR E 121 57.45 -20.46 -14.99
C TYR E 121 57.70 -21.96 -14.87
N GLN E 122 58.79 -22.33 -14.20
CA GLN E 122 59.13 -23.74 -13.98
C GLN E 122 58.25 -24.45 -12.95
N GLU E 123 57.40 -23.70 -12.26
CA GLU E 123 56.42 -24.29 -11.35
C GLU E 123 55.08 -24.52 -12.04
N ILE E 124 54.62 -23.53 -12.80
CA ILE E 124 53.37 -23.63 -13.58
C ILE E 124 53.39 -24.88 -14.45
N LYS E 125 54.49 -25.08 -15.18
CA LYS E 125 54.68 -26.28 -15.99
C LYS E 125 54.43 -27.53 -15.15
N ASN E 126 55.10 -27.61 -14.00
CA ASN E 126 55.01 -28.77 -13.13
C ASN E 126 53.60 -29.00 -12.58
N VAL E 127 52.87 -27.91 -12.32
CA VAL E 127 51.49 -27.99 -11.81
C VAL E 127 50.51 -28.47 -12.90
N ILE E 128 50.86 -28.21 -14.17
CA ILE E 128 50.09 -28.64 -15.33
C ILE E 128 50.24 -30.15 -15.60
N LEU E 129 51.48 -30.64 -15.53
CA LEU E 129 51.80 -32.03 -15.80
C LEU E 129 51.33 -32.94 -14.66
N GLU E 130 51.51 -32.48 -13.42
CA GLU E 130 51.09 -33.23 -12.22
C GLU E 130 49.58 -33.20 -12.02
N VAL E 131 48.93 -32.18 -12.57
CA VAL E 131 47.52 -31.86 -12.28
C VAL E 131 47.33 -31.72 -10.78
N ASN E 132 48.15 -30.85 -10.17
CA ASN E 132 48.13 -30.65 -8.73
C ASN E 132 46.81 -30.01 -8.30
N GLU E 133 45.96 -30.84 -7.70
CA GLU E 133 44.58 -30.48 -7.40
C GLU E 133 44.45 -29.29 -6.44
N ALA E 134 45.39 -29.18 -5.50
CA ALA E 134 45.38 -28.14 -4.47
C ALA E 134 45.72 -26.74 -5.00
N VAL E 135 46.49 -26.69 -6.09
CA VAL E 135 46.94 -25.42 -6.67
C VAL E 135 46.02 -24.98 -7.82
N LEU E 136 45.46 -25.96 -8.53
CA LEU E 136 44.65 -25.72 -9.72
C LEU E 136 43.20 -25.35 -9.44
N THR E 137 42.72 -24.32 -10.14
CA THR E 137 41.31 -23.94 -10.11
C THR E 137 40.76 -23.69 -11.51
N GLU E 138 39.44 -23.77 -11.63
CA GLU E 138 38.70 -23.47 -12.86
C GLU E 138 39.04 -22.10 -13.47
N SER E 139 39.28 -21.12 -12.60
CA SER E 139 39.67 -19.76 -13.01
C SER E 139 41.08 -19.72 -13.61
N MET E 140 42.03 -20.32 -12.89
CA MET E 140 43.45 -20.36 -13.27
C MET E 140 43.65 -20.93 -14.68
N ILE E 141 43.21 -22.17 -14.89
CA ILE E 141 43.32 -22.87 -16.16
C ILE E 141 42.71 -22.07 -17.31
N GLN E 142 41.50 -21.56 -17.08
CA GLN E 142 40.78 -20.79 -18.10
C GLN E 142 41.55 -19.60 -18.63
N ASN E 143 42.39 -19.00 -17.78
CA ASN E 143 43.25 -17.90 -18.20
C ASN E 143 44.39 -18.38 -19.11
N LEU E 144 45.03 -19.48 -18.72
CA LEU E 144 46.11 -20.06 -19.52
C LEU E 144 45.66 -20.36 -20.94
N ILE E 145 44.56 -21.09 -21.09
CA ILE E 145 43.98 -21.37 -22.41
C ILE E 145 43.93 -20.08 -23.25
N LYS E 146 43.31 -19.05 -22.71
CA LYS E 146 43.09 -17.77 -23.38
C LYS E 146 44.40 -17.04 -23.71
N GLN E 147 45.36 -17.10 -22.79
CA GLN E 147 46.58 -16.31 -22.90
C GLN E 147 47.70 -16.98 -23.71
N MET E 148 47.57 -18.29 -23.90
CA MET E 148 48.56 -19.07 -24.63
C MET E 148 48.69 -18.63 -26.09
N PRO E 149 49.93 -18.51 -26.60
CA PRO E 149 50.15 -18.34 -28.03
C PRO E 149 49.94 -19.67 -28.74
N GLU E 150 49.43 -19.61 -29.98
CA GLU E 150 49.07 -20.82 -30.71
C GLU E 150 50.26 -21.74 -31.01
N PRO E 151 50.03 -23.06 -31.02
CA PRO E 151 51.06 -24.10 -31.17
C PRO E 151 52.15 -23.83 -32.20
N GLU E 152 51.82 -23.07 -33.25
CA GLU E 152 52.78 -22.66 -34.28
C GLU E 152 53.95 -21.88 -33.67
N GLN E 153 53.60 -20.94 -32.79
CA GLN E 153 54.57 -20.03 -32.13
C GLN E 153 55.27 -20.65 -30.93
N LEU E 154 54.70 -21.68 -30.33
CA LEU E 154 55.36 -22.41 -29.26
C LEU E 154 56.50 -23.25 -29.80
N LYS E 155 56.27 -23.91 -30.94
CA LYS E 155 57.30 -24.70 -31.62
C LYS E 155 58.50 -23.81 -31.98
N MET E 156 58.21 -22.67 -32.61
CA MET E 156 59.25 -21.73 -33.03
C MET E 156 59.99 -21.13 -31.84
N LEU E 157 59.45 -21.35 -30.63
CA LEU E 157 60.07 -20.90 -29.39
C LEU E 157 60.86 -22.00 -28.69
N SER E 158 60.55 -23.25 -29.00
CA SER E 158 61.30 -24.36 -28.42
C SER E 158 62.47 -24.80 -29.33
N GLU E 159 62.73 -24.00 -30.37
CA GLU E 159 63.93 -24.17 -31.18
C GLU E 159 64.97 -23.13 -30.74
N LEU E 160 64.57 -22.30 -29.78
CA LEU E 160 65.40 -21.23 -29.22
C LEU E 160 65.58 -21.43 -27.71
N LYS E 161 65.63 -22.68 -27.27
CA LYS E 161 65.70 -23.04 -25.84
C LYS E 161 67.03 -22.67 -25.20
N GLU E 162 68.14 -22.84 -25.93
CA GLU E 162 69.49 -22.59 -25.41
C GLU E 162 69.62 -21.13 -24.99
N GLU E 163 69.33 -20.22 -25.92
CA GLU E 163 69.39 -18.77 -25.69
C GLU E 163 68.21 -18.27 -24.84
N TYR E 164 68.07 -18.86 -23.66
CA TYR E 164 66.94 -18.61 -22.76
C TYR E 164 67.03 -17.26 -22.03
N ASP E 165 68.25 -16.84 -21.71
CA ASP E 165 68.47 -15.68 -20.87
C ASP E 165 68.31 -14.35 -21.61
N ASP E 166 68.53 -14.38 -22.91
CA ASP E 166 68.44 -13.18 -23.74
C ASP E 166 67.01 -12.77 -24.06
N LEU E 167 66.06 -13.67 -23.81
CA LEU E 167 64.65 -13.47 -24.20
C LEU E 167 63.82 -12.66 -23.20
N ALA E 168 62.73 -12.09 -23.71
CA ALA E 168 61.81 -11.29 -22.90
C ALA E 168 60.91 -12.15 -22.02
N GLU E 169 60.29 -11.52 -21.01
CA GLU E 169 59.41 -12.19 -20.05
C GLU E 169 58.33 -13.06 -20.68
N SER E 170 57.65 -12.50 -21.69
CA SER E 170 56.58 -13.20 -22.38
C SER E 170 57.09 -14.45 -23.07
N GLU E 171 58.21 -14.31 -23.78
CA GLU E 171 58.76 -15.41 -24.55
C GLU E 171 59.43 -16.46 -23.67
N GLN E 172 59.89 -16.04 -22.49
CA GLN E 172 60.46 -16.95 -21.50
C GLN E 172 59.44 -17.96 -21.00
N PHE E 173 58.22 -17.47 -20.78
CA PHE E 173 57.07 -18.31 -20.45
C PHE E 173 56.84 -19.35 -21.54
N GLY E 174 56.80 -18.90 -22.80
CA GLY E 174 56.59 -19.77 -23.95
C GLY E 174 57.59 -20.89 -24.11
N VAL E 175 58.87 -20.57 -23.91
CA VAL E 175 59.95 -21.57 -24.03
C VAL E 175 59.78 -22.70 -23.01
N VAL E 176 59.22 -22.37 -21.85
CA VAL E 176 58.89 -23.36 -20.83
C VAL E 176 57.69 -24.21 -21.27
N MET E 177 56.62 -23.54 -21.70
CA MET E 177 55.37 -24.20 -22.09
C MET E 177 55.50 -25.02 -23.38
N GLY E 178 56.52 -24.72 -24.18
CA GLY E 178 56.79 -25.43 -25.43
C GLY E 178 57.23 -26.86 -25.25
N THR E 179 57.87 -27.15 -24.11
CA THR E 179 58.35 -28.50 -23.78
C THR E 179 57.28 -29.38 -23.13
N VAL E 180 56.07 -28.84 -22.96
CA VAL E 180 54.93 -29.61 -22.50
C VAL E 180 54.29 -30.26 -23.72
N PRO E 181 54.24 -31.61 -23.76
CA PRO E 181 53.66 -32.31 -24.91
C PRO E 181 52.14 -32.13 -25.04
N ARG E 182 51.68 -31.85 -26.27
CA ARG E 182 50.27 -31.63 -26.58
C ARG E 182 49.58 -30.76 -25.52
N LEU E 183 49.92 -29.47 -25.49
CA LEU E 183 49.43 -28.57 -24.46
C LEU E 183 47.93 -28.32 -24.58
N ARG E 184 47.51 -27.82 -25.74
CA ARG E 184 46.11 -27.47 -26.01
C ARG E 184 45.12 -28.56 -25.62
N PRO E 185 45.40 -29.84 -25.96
CA PRO E 185 44.57 -30.93 -25.47
C PRO E 185 44.67 -31.13 -23.96
N ARG E 186 45.91 -31.15 -23.45
CA ARG E 186 46.17 -31.38 -22.02
C ARG E 186 45.39 -30.43 -21.13
N LEU E 187 45.36 -29.15 -21.53
CA LEU E 187 44.70 -28.11 -20.76
C LEU E 187 43.18 -28.21 -20.83
N ASN E 188 42.66 -28.58 -22.00
CA ASN E 188 41.23 -28.79 -22.18
C ASN E 188 40.68 -29.89 -21.27
N ALA E 189 41.40 -31.00 -21.19
CA ALA E 189 41.02 -32.11 -20.31
C ALA E 189 41.03 -31.69 -18.84
N ILE E 190 42.03 -30.94 -18.42
CA ILE E 190 42.11 -30.41 -17.05
C ILE E 190 40.89 -29.54 -16.70
N LEU E 191 40.49 -28.68 -17.63
CA LEU E 191 39.35 -27.80 -17.43
C LEU E 191 38.08 -28.61 -17.22
N PHE E 192 37.72 -29.40 -18.22
CA PHE E 192 36.56 -30.30 -18.14
C PHE E 192 36.52 -31.06 -16.82
N LYS E 193 37.69 -31.45 -16.30
CA LYS E 193 37.78 -32.12 -15.01
C LYS E 193 37.37 -31.20 -13.86
N LEU E 194 38.06 -30.09 -13.70
CA LEU E 194 37.75 -29.12 -12.65
C LEU E 194 36.33 -28.56 -12.79
N GLN E 195 35.75 -28.72 -13.97
CA GLN E 195 34.41 -28.21 -14.23
C GLN E 195 33.35 -29.32 -14.22
N PHE E 196 33.75 -30.56 -13.94
CA PHE E 196 32.85 -31.70 -14.10
C PHE E 196 31.76 -31.79 -13.04
N SER E 197 32.16 -31.83 -11.78
CA SER E 197 31.21 -31.95 -10.67
C SER E 197 30.24 -30.78 -10.64
N GLU E 198 30.70 -29.61 -11.07
CA GLU E 198 29.89 -28.40 -11.12
C GLU E 198 28.76 -28.48 -12.14
N GLN E 199 29.03 -29.13 -13.27
CA GLN E 199 28.03 -29.23 -14.33
C GLN E 199 27.13 -30.45 -14.18
N VAL E 200 27.48 -31.37 -13.28
CA VAL E 200 26.54 -32.43 -12.89
C VAL E 200 25.45 -31.81 -12.02
N GLU E 201 25.83 -30.84 -11.20
CA GLU E 201 24.88 -30.14 -10.33
C GLU E 201 24.04 -29.13 -11.11
N ASN E 202 24.25 -29.08 -12.42
CA ASN E 202 23.40 -28.29 -13.32
C ASN E 202 22.31 -29.12 -14.00
N ILE E 203 22.59 -30.41 -14.19
CA ILE E 203 21.66 -31.33 -14.83
C ILE E 203 20.79 -32.01 -13.78
N LYS E 204 21.41 -32.51 -12.71
CA LYS E 204 20.74 -33.42 -11.77
C LYS E 204 19.48 -32.84 -11.14
N PRO E 205 19.60 -31.73 -10.37
CA PRO E 205 18.40 -31.23 -9.70
C PRO E 205 17.20 -31.14 -10.64
N GLU E 206 17.45 -30.63 -11.84
CA GLU E 206 16.41 -30.43 -12.86
C GLU E 206 15.86 -31.72 -13.42
N ILE E 207 16.69 -32.77 -13.49
CA ILE E 207 16.20 -34.10 -13.90
C ILE E 207 15.23 -34.59 -12.83
N VAL E 208 15.56 -34.33 -11.57
CA VAL E 208 14.73 -34.77 -10.45
C VAL E 208 13.41 -33.99 -10.39
N SER E 209 13.48 -32.68 -10.57
CA SER E 209 12.29 -31.83 -10.51
C SER E 209 11.21 -32.29 -11.49
N VAL E 210 11.62 -32.68 -12.69
CA VAL E 210 10.67 -33.12 -13.71
C VAL E 210 10.23 -34.55 -13.47
N THR E 211 11.09 -35.35 -12.83
CA THR E 211 10.74 -36.71 -12.42
C THR E 211 9.68 -36.65 -11.32
N ALA E 212 9.92 -35.82 -10.32
CA ALA E 212 9.01 -35.68 -9.19
C ALA E 212 7.63 -35.20 -9.64
N ALA E 213 7.60 -34.09 -10.37
CA ALA E 213 6.35 -33.53 -10.88
C ALA E 213 5.55 -34.52 -11.73
N CYS E 214 6.24 -35.35 -12.51
CA CYS E 214 5.58 -36.37 -13.33
C CYS E 214 4.95 -37.46 -12.51
N GLU E 215 5.53 -37.72 -11.35
CA GLU E 215 5.05 -38.75 -10.43
C GLU E 215 4.03 -38.23 -9.44
N GLU E 216 4.14 -36.94 -9.09
CA GLU E 216 3.18 -36.28 -8.20
C GLU E 216 1.83 -36.11 -8.90
N LEU E 217 1.90 -35.75 -10.18
CA LEU E 217 0.73 -35.50 -11.03
C LEU E 217 0.06 -36.80 -11.41
N ARG E 218 0.81 -37.88 -11.33
CA ARG E 218 0.29 -39.23 -11.56
C ARG E 218 -0.34 -39.81 -10.27
N LYS E 219 0.25 -39.45 -9.12
CA LYS E 219 -0.22 -39.91 -7.80
C LYS E 219 -1.48 -39.20 -7.30
N SER E 220 -1.63 -37.93 -7.67
CA SER E 220 -2.71 -37.10 -7.13
C SER E 220 -4.11 -37.52 -7.55
N GLU E 221 -4.82 -38.18 -6.64
CA GLU E 221 -6.21 -38.57 -6.89
C GLU E 221 -7.18 -37.45 -6.54
N ASN E 222 -6.71 -36.47 -5.78
CA ASN E 222 -7.46 -35.22 -5.61
C ASN E 222 -7.52 -34.43 -6.91
N PHE E 223 -6.40 -34.40 -7.64
CA PHE E 223 -6.37 -33.84 -8.97
C PHE E 223 -7.34 -34.64 -9.84
N SER E 224 -7.15 -35.96 -9.85
CA SER E 224 -8.05 -36.87 -10.53
C SER E 224 -9.52 -36.47 -10.32
N SER E 225 -9.95 -36.40 -9.06
CA SER E 225 -11.33 -36.07 -8.72
C SER E 225 -11.83 -34.75 -9.29
N LEU E 226 -10.94 -33.76 -9.41
CA LEU E 226 -11.27 -32.48 -10.02
C LEU E 226 -11.69 -32.70 -11.47
N LEU E 227 -10.91 -33.48 -12.21
CA LEU E 227 -11.22 -33.81 -13.60
C LEU E 227 -12.57 -34.49 -13.75
N GLU E 228 -12.83 -35.47 -12.89
CA GLU E 228 -14.11 -36.20 -12.87
C GLU E 228 -15.24 -35.24 -12.62
N LEU E 229 -15.05 -34.40 -11.61
CA LEU E 229 -16.00 -33.36 -11.28
C LEU E 229 -16.19 -32.37 -12.44
N THR E 230 -15.08 -31.95 -13.07
CA THR E 230 -15.12 -31.03 -14.23
C THR E 230 -15.89 -31.66 -15.39
N LEU E 231 -15.57 -32.91 -15.69
CA LEU E 231 -16.19 -33.61 -16.82
C LEU E 231 -17.71 -33.63 -16.69
N LEU E 232 -18.20 -34.08 -15.54
CA LEU E 232 -19.62 -34.17 -15.25
C LEU E 232 -20.31 -32.84 -15.53
N VAL E 233 -19.88 -31.82 -14.79
CA VAL E 233 -20.33 -30.44 -14.93
C VAL E 233 -20.27 -29.96 -16.38
N GLY E 234 -19.18 -30.25 -17.07
CA GLY E 234 -19.06 -29.95 -18.49
C GLY E 234 -20.04 -30.73 -19.34
N ASN E 235 -20.10 -32.05 -19.14
CA ASN E 235 -21.02 -32.92 -19.88
C ASN E 235 -22.48 -32.50 -19.80
N TYR E 236 -22.84 -31.85 -18.70
CA TYR E 236 -24.22 -31.39 -18.51
C TYR E 236 -24.46 -30.07 -19.25
N MET E 237 -23.49 -29.16 -19.19
CA MET E 237 -23.62 -27.86 -19.85
C MET E 237 -23.66 -28.01 -21.35
N ASN E 238 -22.87 -28.95 -21.86
CA ASN E 238 -22.79 -29.24 -23.29
C ASN E 238 -24.09 -29.80 -23.87
N ALA E 239 -25.11 -29.87 -23.01
CA ALA E 239 -26.52 -29.98 -23.37
C ALA E 239 -26.82 -30.97 -24.49
N GLY E 240 -26.99 -30.44 -25.70
CA GLY E 240 -27.35 -31.26 -26.85
C GLY E 240 -26.75 -30.78 -28.15
N SER E 241 -25.42 -30.62 -28.15
CA SER E 241 -24.71 -30.19 -29.35
C SER E 241 -23.34 -30.89 -29.46
N ARG E 242 -22.60 -30.53 -30.51
CA ARG E 242 -21.23 -30.98 -30.77
C ARG E 242 -20.65 -31.82 -29.62
N ASN E 243 -20.08 -31.18 -28.60
CA ASN E 243 -19.70 -31.91 -27.39
C ASN E 243 -20.88 -32.09 -26.46
N ALA E 244 -20.96 -33.30 -25.92
CA ALA E 244 -22.01 -33.73 -25.01
C ALA E 244 -21.83 -35.22 -24.82
N GLY E 245 -21.89 -35.68 -23.58
CA GLY E 245 -21.59 -37.07 -23.26
C GLY E 245 -20.16 -37.46 -23.61
N ALA E 246 -19.26 -36.48 -23.54
CA ALA E 246 -17.84 -36.68 -23.83
C ALA E 246 -17.17 -37.48 -22.72
N PHE E 247 -16.33 -38.43 -23.09
CA PHE E 247 -15.62 -39.25 -22.10
C PHE E 247 -14.45 -38.51 -21.43
N GLY E 248 -13.99 -37.43 -22.06
CA GLY E 248 -12.89 -36.65 -21.50
C GLY E 248 -12.67 -35.32 -22.19
N PHE E 249 -11.70 -34.57 -21.68
CA PHE E 249 -11.25 -33.34 -22.29
C PHE E 249 -9.74 -33.23 -22.13
N ASN E 250 -9.12 -32.33 -22.90
CA ASN E 250 -7.68 -32.15 -22.81
C ASN E 250 -7.22 -31.35 -21.59
N ILE E 251 -6.27 -31.93 -20.85
CA ILE E 251 -5.72 -31.35 -19.64
C ILE E 251 -5.25 -29.91 -19.81
N SER E 252 -4.90 -29.57 -21.05
CA SER E 252 -4.53 -28.22 -21.43
C SER E 252 -5.65 -27.23 -21.07
N PHE E 253 -6.87 -27.61 -21.45
CA PHE E 253 -8.04 -26.76 -21.30
C PHE E 253 -8.24 -26.23 -19.87
N LEU E 254 -7.49 -26.76 -18.92
CA LEU E 254 -7.70 -26.46 -17.51
C LEU E 254 -7.66 -24.97 -17.19
N CYS E 255 -6.71 -24.25 -17.80
CA CYS E 255 -6.66 -22.80 -17.65
C CYS E 255 -7.84 -22.06 -18.27
N LYS E 256 -8.38 -22.62 -19.34
CA LYS E 256 -9.51 -22.02 -20.05
C LYS E 256 -10.82 -22.12 -19.25
N LEU E 257 -10.79 -22.83 -18.13
CA LEU E 257 -12.01 -22.97 -17.33
C LEU E 257 -12.52 -21.60 -16.89
N ARG E 258 -11.59 -20.75 -16.44
CA ARG E 258 -11.85 -19.36 -16.04
C ARG E 258 -12.53 -18.53 -17.13
N ASP E 259 -12.40 -18.97 -18.38
CA ASP E 259 -12.96 -18.24 -19.54
C ASP E 259 -14.46 -18.42 -19.75
N THR E 260 -15.04 -19.44 -19.10
CA THR E 260 -16.50 -19.61 -19.09
C THR E 260 -17.03 -18.92 -17.83
N LYS E 261 -17.97 -17.99 -18.02
CA LYS E 261 -18.56 -17.28 -16.88
C LYS E 261 -20.06 -17.08 -17.01
N SER E 262 -20.69 -16.65 -15.92
CA SER E 262 -22.15 -16.43 -15.84
C SER E 262 -22.64 -15.37 -16.83
N ALA E 263 -23.93 -15.41 -17.13
CA ALA E 263 -24.54 -14.42 -18.02
C ALA E 263 -24.49 -13.01 -17.43
N ASP E 264 -24.76 -12.92 -16.13
CA ASP E 264 -24.59 -11.67 -15.37
C ASP E 264 -23.11 -11.27 -15.24
N GLN E 265 -22.22 -12.13 -15.73
CA GLN E 265 -20.78 -11.86 -15.75
C GLN E 265 -20.16 -11.71 -14.35
N LYS E 266 -20.87 -12.21 -13.34
CA LYS E 266 -20.43 -12.07 -11.97
C LYS E 266 -19.42 -13.14 -11.53
N MET E 267 -19.48 -14.32 -12.14
CA MET E 267 -18.55 -15.40 -11.75
C MET E 267 -18.31 -16.54 -12.78
N THR E 268 -17.13 -17.15 -12.65
CA THR E 268 -16.61 -18.10 -13.64
C THR E 268 -16.84 -19.57 -13.28
N LEU E 269 -16.65 -20.44 -14.26
CA LEU E 269 -16.76 -21.88 -14.10
C LEU E 269 -15.76 -22.38 -13.07
N LEU E 270 -14.53 -21.89 -13.15
CA LEU E 270 -13.48 -22.24 -12.19
C LEU E 270 -13.99 -21.98 -10.78
N HIS E 271 -14.51 -20.78 -10.57
CA HIS E 271 -15.05 -20.36 -9.29
C HIS E 271 -16.10 -21.33 -8.77
N PHE E 272 -17.08 -21.66 -9.62
CA PHE E 272 -18.16 -22.60 -9.29
C PHE E 272 -17.58 -23.94 -8.87
N LEU E 273 -16.68 -24.48 -9.68
CA LEU E 273 -16.03 -25.75 -9.37
C LEU E 273 -15.32 -25.69 -8.03
N ALA E 274 -14.50 -24.66 -7.85
CA ALA E 274 -13.82 -24.41 -6.58
C ALA E 274 -14.81 -24.36 -5.42
N GLU E 275 -15.94 -23.69 -5.61
CA GLU E 275 -16.97 -23.59 -4.58
C GLU E 275 -17.67 -24.93 -4.34
N LEU E 276 -17.84 -25.70 -5.41
CA LEU E 276 -18.43 -27.02 -5.30
C LEU E 276 -17.54 -27.93 -4.45
N CYS E 277 -16.23 -27.82 -4.66
CA CYS E 277 -15.24 -28.56 -3.86
C CYS E 277 -15.29 -28.11 -2.41
N GLU E 278 -15.17 -26.79 -2.21
CA GLU E 278 -15.16 -26.15 -0.90
C GLU E 278 -16.25 -26.67 0.03
N ASN E 279 -17.45 -26.87 -0.51
CA ASN E 279 -18.59 -27.33 0.26
C ASN E 279 -18.74 -28.86 0.28
N ASP E 280 -18.85 -29.45 -0.90
CA ASP E 280 -19.20 -30.87 -1.03
C ASP E 280 -18.03 -31.86 -1.01
N HIS E 281 -16.87 -31.44 -1.52
CA HIS E 281 -15.69 -32.33 -1.58
C HIS E 281 -14.42 -31.60 -1.18
N PRO E 282 -14.21 -31.40 0.14
CA PRO E 282 -13.05 -30.68 0.65
C PRO E 282 -11.71 -31.34 0.36
N GLU E 283 -11.72 -32.65 0.06
CA GLU E 283 -10.50 -33.39 -0.29
C GLU E 283 -9.81 -32.78 -1.52
N VAL E 284 -10.61 -32.37 -2.49
CA VAL E 284 -10.14 -31.83 -3.76
C VAL E 284 -9.28 -30.58 -3.55
N LEU E 285 -9.58 -29.82 -2.51
CA LEU E 285 -8.80 -28.62 -2.19
C LEU E 285 -7.32 -28.86 -1.86
N LYS E 286 -6.94 -30.12 -1.66
CA LYS E 286 -5.57 -30.46 -1.30
C LYS E 286 -4.64 -30.76 -2.48
N PHE E 287 -5.18 -30.73 -3.70
CA PHE E 287 -4.38 -31.08 -4.89
C PHE E 287 -3.22 -30.12 -5.22
N PRO E 288 -3.30 -28.84 -4.82
CA PRO E 288 -2.16 -27.95 -5.05
C PRO E 288 -0.96 -28.32 -4.20
N ASP E 289 -1.22 -29.01 -3.10
CA ASP E 289 -0.18 -29.41 -2.16
C ASP E 289 0.43 -30.75 -2.56
N GLU E 290 -0.30 -31.51 -3.37
CA GLU E 290 0.13 -32.82 -3.83
C GLU E 290 1.06 -32.71 -5.05
N LEU E 291 1.05 -31.52 -5.66
CA LEU E 291 1.88 -31.23 -6.81
C LEU E 291 3.01 -30.30 -6.39
N ALA E 292 3.87 -30.82 -5.53
CA ALA E 292 4.95 -30.06 -4.89
C ALA E 292 5.99 -29.54 -5.89
N HIS E 293 6.54 -30.46 -6.69
CA HIS E 293 7.59 -30.13 -7.66
C HIS E 293 7.11 -29.48 -8.98
N VAL E 294 5.80 -29.28 -9.15
CA VAL E 294 5.23 -28.79 -10.42
C VAL E 294 5.75 -27.41 -10.88
N GLU E 295 6.02 -26.54 -9.91
CA GLU E 295 6.59 -25.22 -10.20
C GLU E 295 8.01 -25.33 -10.76
N LYS E 296 8.85 -26.08 -10.05
CA LYS E 296 10.25 -26.27 -10.43
C LYS E 296 10.41 -26.83 -11.84
N ALA E 297 9.45 -27.66 -12.25
CA ALA E 297 9.46 -28.27 -13.58
C ALA E 297 8.95 -27.31 -14.67
N SER E 298 8.17 -26.31 -14.26
CA SER E 298 7.68 -25.32 -15.23
C SER E 298 8.84 -24.50 -15.78
N ARG E 299 9.93 -24.43 -15.02
CA ARG E 299 11.10 -23.59 -15.34
C ARG E 299 12.27 -24.33 -16.04
N VAL E 300 12.32 -25.65 -15.89
CA VAL E 300 13.39 -26.45 -16.50
C VAL E 300 13.26 -26.49 -18.01
N SER E 301 14.31 -26.10 -18.74
CA SER E 301 14.33 -26.21 -20.19
C SER E 301 14.54 -27.67 -20.61
N ALA E 302 13.60 -28.23 -21.39
CA ALA E 302 13.72 -29.60 -21.86
C ALA E 302 14.80 -29.74 -22.92
N GLU E 303 14.91 -28.72 -23.78
CA GLU E 303 15.89 -28.70 -24.87
C GLU E 303 17.32 -28.48 -24.38
N ASN E 304 17.48 -27.78 -23.25
CA ASN E 304 18.80 -27.53 -22.67
C ASN E 304 19.39 -28.66 -21.85
N LEU E 305 18.53 -29.55 -21.36
CA LEU E 305 19.01 -30.76 -20.71
C LEU E 305 19.52 -31.73 -21.75
N GLN E 306 18.82 -31.81 -22.89
CA GLN E 306 19.23 -32.65 -23.99
C GLN E 306 20.61 -32.22 -24.49
N LYS E 307 20.77 -30.91 -24.73
CA LYS E 307 22.04 -30.34 -25.18
C LYS E 307 23.18 -30.58 -24.20
N SER E 308 22.89 -30.43 -22.91
CA SER E 308 23.89 -30.61 -21.85
C SER E 308 24.46 -32.02 -21.78
N LEU E 309 23.60 -33.03 -21.85
CA LEU E 309 24.05 -34.43 -21.78
C LEU E 309 24.75 -34.85 -23.06
N ASP E 310 24.34 -34.24 -24.17
CA ASP E 310 24.99 -34.47 -25.45
C ASP E 310 26.39 -33.86 -25.46
N GLN E 311 26.56 -32.76 -24.72
CA GLN E 311 27.85 -32.09 -24.61
C GLN E 311 28.77 -32.85 -23.66
N MET E 312 28.21 -33.30 -22.54
CA MET E 312 28.97 -34.05 -21.54
C MET E 312 29.51 -35.33 -22.14
N LYS E 313 28.69 -36.04 -22.91
CA LYS E 313 29.11 -37.27 -23.58
C LYS E 313 30.23 -36.96 -24.57
N LYS E 314 30.11 -35.82 -25.26
CA LYS E 314 31.11 -35.40 -26.22
C LYS E 314 32.43 -35.13 -25.53
N GLN E 315 32.37 -34.32 -24.46
CA GLN E 315 33.57 -33.94 -23.73
C GLN E 315 34.29 -35.14 -23.12
N ILE E 316 33.51 -36.15 -22.74
CA ILE E 316 34.05 -37.43 -22.28
C ILE E 316 34.79 -38.14 -23.41
N ALA E 317 34.14 -38.24 -24.56
CA ALA E 317 34.72 -38.88 -25.74
C ALA E 317 35.95 -38.16 -26.26
N ASP E 318 36.07 -36.89 -25.90
CA ASP E 318 37.22 -36.08 -26.27
C ASP E 318 38.45 -36.49 -25.47
N VAL E 319 38.30 -36.48 -24.14
CA VAL E 319 39.39 -36.84 -23.22
C VAL E 319 39.77 -38.30 -23.43
N GLU E 320 38.78 -39.09 -23.85
CA GLU E 320 38.95 -40.50 -24.19
C GLU E 320 39.91 -40.64 -25.36
N ARG E 321 39.71 -39.82 -26.40
CA ARG E 321 40.58 -39.83 -27.58
C ARG E 321 41.96 -39.27 -27.26
N ASP E 322 42.00 -38.20 -26.45
CA ASP E 322 43.25 -37.60 -26.01
C ASP E 322 44.14 -38.60 -25.29
N VAL E 323 43.57 -39.34 -24.33
CA VAL E 323 44.29 -40.36 -23.56
C VAL E 323 44.90 -41.43 -24.48
N GLN E 324 44.15 -41.84 -25.49
CA GLN E 324 44.63 -42.85 -26.44
C GLN E 324 45.76 -42.34 -27.33
N ASN E 325 45.76 -41.05 -27.64
CA ASN E 325 46.74 -40.48 -28.56
C ASN E 325 47.91 -39.76 -27.87
N PHE E 326 48.11 -40.04 -26.57
CA PHE E 326 49.13 -39.35 -25.78
C PHE E 326 50.49 -40.05 -25.81
N PRO E 327 51.59 -39.28 -25.85
CA PRO E 327 52.93 -39.86 -25.82
C PRO E 327 53.25 -40.45 -24.45
N ALA E 328 54.29 -41.28 -24.41
CA ALA E 328 54.75 -41.89 -23.15
C ALA E 328 55.29 -40.80 -22.24
N ALA E 329 54.82 -40.81 -20.99
CA ALA E 329 55.24 -39.84 -19.97
C ALA E 329 56.74 -39.94 -19.76
N THR E 330 57.49 -39.10 -20.46
CA THR E 330 58.95 -39.20 -20.47
C THR E 330 59.68 -38.44 -19.35
N ASP E 331 58.91 -37.98 -18.35
CA ASP E 331 59.48 -37.57 -17.07
C ASP E 331 58.58 -37.95 -15.89
N GLU E 332 59.17 -38.01 -14.71
CA GLU E 332 58.50 -38.48 -13.49
C GLU E 332 57.25 -37.66 -13.09
N LYS E 333 57.20 -36.40 -13.55
CA LYS E 333 56.16 -35.47 -13.13
C LYS E 333 54.88 -35.50 -13.97
N ASP E 334 54.94 -36.12 -15.15
CA ASP E 334 53.81 -36.21 -16.07
C ASP E 334 52.78 -37.24 -15.58
N LYS E 335 51.78 -36.77 -14.85
CA LYS E 335 50.76 -37.63 -14.26
C LYS E 335 49.47 -37.66 -15.09
N PHE E 336 49.54 -37.24 -16.35
CA PHE E 336 48.35 -37.01 -17.17
C PHE E 336 47.59 -38.28 -17.54
N VAL E 337 48.30 -39.25 -18.13
CA VAL E 337 47.71 -40.53 -18.51
C VAL E 337 47.15 -41.24 -17.28
N GLU E 338 47.81 -41.05 -16.14
CA GLU E 338 47.42 -41.68 -14.88
C GLU E 338 46.09 -41.12 -14.35
N LYS E 339 46.06 -39.81 -14.13
CA LYS E 339 44.91 -39.14 -13.50
C LYS E 339 43.69 -38.99 -14.41
N MET E 340 43.90 -38.88 -15.72
CA MET E 340 42.78 -38.74 -16.66
C MET E 340 42.01 -40.03 -16.92
N THR E 341 42.71 -41.17 -16.87
CA THR E 341 42.05 -42.47 -16.98
C THR E 341 41.24 -42.76 -15.72
N SER E 342 41.71 -42.25 -14.58
CA SER E 342 40.97 -42.31 -13.32
C SER E 342 39.74 -41.39 -13.33
N PHE E 343 39.73 -40.44 -14.26
CA PHE E 343 38.64 -39.48 -14.41
C PHE E 343 37.61 -39.90 -15.46
N VAL E 344 38.07 -40.59 -16.51
CA VAL E 344 37.18 -41.11 -17.55
C VAL E 344 36.30 -42.23 -16.99
N LYS E 345 36.90 -43.10 -16.18
CA LYS E 345 36.13 -44.14 -15.49
C LYS E 345 34.99 -43.52 -14.68
N ASP E 346 35.35 -42.52 -13.87
CA ASP E 346 34.44 -41.85 -12.95
C ASP E 346 33.43 -40.95 -13.67
N ALA E 347 33.91 -40.20 -14.67
CA ALA E 347 33.07 -39.28 -15.42
C ALA E 347 32.05 -40.00 -16.27
N GLN E 348 32.39 -41.20 -16.71
CA GLN E 348 31.46 -42.03 -17.45
C GLN E 348 30.46 -42.69 -16.51
N GLU E 349 30.91 -43.05 -15.31
CA GLU E 349 30.04 -43.66 -14.33
C GLU E 349 28.90 -42.70 -13.98
N GLN E 350 29.25 -41.50 -13.53
CA GLN E 350 28.29 -40.47 -13.17
C GLN E 350 27.39 -40.06 -14.34
N TYR E 351 27.91 -40.15 -15.56
CA TYR E 351 27.16 -39.78 -16.75
C TYR E 351 26.07 -40.79 -17.06
N ASN E 352 26.35 -42.07 -16.81
CA ASN E 352 25.37 -43.12 -17.11
C ASN E 352 24.22 -43.17 -16.11
N LYS E 353 24.50 -42.81 -14.86
CA LYS E 353 23.46 -42.50 -13.89
C LYS E 353 22.62 -41.33 -14.39
N LEU E 354 23.27 -40.27 -14.86
CA LEU E 354 22.58 -39.10 -15.40
C LEU E 354 21.69 -39.43 -16.58
N ARG E 355 22.23 -40.17 -17.54
CA ARG E 355 21.46 -40.54 -18.72
C ARG E 355 20.26 -41.40 -18.35
N MET E 356 20.48 -42.38 -17.47
CA MET E 356 19.41 -43.27 -17.00
C MET E 356 18.20 -42.47 -16.53
N MET E 357 18.48 -41.50 -15.66
CA MET E 357 17.47 -40.61 -15.09
C MET E 357 16.74 -39.81 -16.18
N HIS E 358 17.51 -39.27 -17.13
CA HIS E 358 16.93 -38.49 -18.23
C HIS E 358 15.98 -39.32 -19.10
N SER E 359 16.46 -40.47 -19.55
CA SER E 359 15.61 -41.39 -20.32
C SER E 359 14.44 -41.89 -19.48
N ASN E 360 14.67 -42.03 -18.18
CA ASN E 360 13.59 -42.34 -17.24
C ASN E 360 12.58 -41.21 -17.19
N MET E 361 13.10 -39.99 -17.08
CA MET E 361 12.29 -38.77 -17.00
C MET E 361 11.39 -38.70 -18.22
N GLU E 362 11.99 -38.81 -19.41
CA GLU E 362 11.26 -38.76 -20.67
C GLU E 362 10.20 -39.84 -20.81
N THR E 363 10.46 -41.03 -20.25
CA THR E 363 9.47 -42.10 -20.24
C THR E 363 8.23 -41.64 -19.48
N LEU E 364 8.43 -41.20 -18.23
CA LEU E 364 7.36 -40.78 -17.33
C LEU E 364 6.52 -39.65 -17.91
N TYR E 365 7.12 -38.85 -18.79
CA TYR E 365 6.36 -37.84 -19.53
C TYR E 365 5.49 -38.47 -20.60
N LYS E 366 6.08 -39.36 -21.42
CA LYS E 366 5.32 -40.09 -22.41
C LYS E 366 4.22 -40.92 -21.74
N GLU E 367 4.51 -41.40 -20.52
CA GLU E 367 3.54 -42.14 -19.71
C GLU E 367 2.34 -41.27 -19.39
N LEU E 368 2.58 -40.01 -19.04
CA LEU E 368 1.52 -39.05 -18.75
C LEU E 368 0.66 -38.76 -19.98
N GLY E 369 1.32 -38.62 -21.12
CA GLY E 369 0.65 -38.44 -22.40
C GLY E 369 -0.37 -39.52 -22.67
N ASP E 370 0.03 -40.77 -22.42
CA ASP E 370 -0.83 -41.93 -22.66
C ASP E 370 -1.95 -42.02 -21.64
N TYR E 371 -1.68 -41.51 -20.44
CA TYR E 371 -2.61 -41.62 -19.32
C TYR E 371 -3.71 -40.56 -19.35
N PHE E 372 -3.31 -39.30 -19.50
CA PHE E 372 -4.27 -38.20 -19.57
C PHE E 372 -4.68 -37.84 -21.01
N VAL E 373 -4.24 -38.68 -21.95
CA VAL E 373 -4.44 -38.52 -23.40
C VAL E 373 -4.10 -37.12 -24.00
N PHE E 374 -2.82 -36.94 -24.31
CA PHE E 374 -2.33 -35.75 -24.99
C PHE E 374 -1.00 -36.03 -25.69
N ASP E 375 -0.77 -35.35 -26.81
CA ASP E 375 0.44 -35.58 -27.60
C ASP E 375 1.68 -35.01 -26.89
N PRO E 376 2.55 -35.91 -26.36
CA PRO E 376 3.73 -35.46 -25.62
C PRO E 376 4.77 -34.83 -26.53
N LYS E 377 4.64 -35.08 -27.83
CA LYS E 377 5.55 -34.55 -28.84
C LYS E 377 5.29 -33.09 -29.19
N LYS E 378 4.07 -32.60 -28.92
CA LYS E 378 3.73 -31.24 -29.33
C LYS E 378 3.81 -30.20 -28.19
N LEU E 379 3.95 -30.69 -26.97
CA LEU E 379 4.07 -29.82 -25.83
C LEU E 379 5.30 -30.23 -25.06
N SER E 380 6.29 -29.35 -24.99
CA SER E 380 7.52 -29.62 -24.24
C SER E 380 7.25 -29.63 -22.74
N VAL E 381 8.14 -30.26 -21.98
CA VAL E 381 7.84 -30.55 -20.57
C VAL E 381 7.57 -29.28 -19.77
N GLU E 382 8.45 -28.28 -19.93
CA GLU E 382 8.24 -26.95 -19.35
C GLU E 382 6.85 -26.43 -19.75
N GLU E 383 6.59 -26.37 -21.05
CA GLU E 383 5.28 -25.92 -21.57
C GLU E 383 4.08 -26.57 -20.90
N PHE E 384 4.15 -27.90 -20.70
CA PHE E 384 3.06 -28.67 -20.07
C PHE E 384 2.91 -28.36 -18.58
N PHE E 385 4.03 -28.37 -17.87
CA PHE E 385 4.01 -28.08 -16.44
C PHE E 385 3.88 -26.60 -16.14
N MET E 386 3.93 -25.77 -17.17
CA MET E 386 3.61 -24.36 -17.00
C MET E 386 2.10 -24.19 -16.95
N ASP E 387 1.40 -24.73 -17.96
CA ASP E 387 -0.06 -24.75 -18.01
C ASP E 387 -0.63 -25.31 -16.70
N LEU E 388 0.03 -26.33 -16.18
CA LEU E 388 -0.36 -26.96 -14.91
C LEU E 388 -0.08 -26.04 -13.72
N HIS E 389 1.14 -25.49 -13.66
CA HIS E 389 1.49 -24.56 -12.60
C HIS E 389 0.52 -23.37 -12.57
N ASN E 390 0.23 -22.81 -13.74
CA ASN E 390 -0.68 -21.69 -13.88
C ASN E 390 -2.05 -22.00 -13.36
N PHE E 391 -2.55 -23.19 -13.71
CA PHE E 391 -3.86 -23.62 -13.26
C PHE E 391 -3.93 -23.72 -11.74
N ARG E 392 -2.91 -24.34 -11.14
CA ARG E 392 -2.80 -24.42 -9.69
C ARG E 392 -3.10 -23.05 -9.11
N ASN E 393 -2.33 -22.06 -9.54
CA ASN E 393 -2.43 -20.69 -9.05
C ASN E 393 -3.77 -20.04 -9.35
N MET E 394 -4.44 -20.45 -10.44
CA MET E 394 -5.79 -19.95 -10.76
C MET E 394 -6.80 -20.54 -9.78
N PHE E 395 -6.61 -21.82 -9.46
CA PHE E 395 -7.50 -22.54 -8.56
C PHE E 395 -7.42 -21.98 -7.14
N LEU E 396 -6.19 -21.84 -6.64
CA LEU E 396 -5.95 -21.27 -5.33
C LEU E 396 -6.46 -19.83 -5.27
N GLN E 397 -6.31 -19.11 -6.37
CA GLN E 397 -6.81 -17.74 -6.46
C GLN E 397 -8.34 -17.73 -6.47
N ALA E 398 -8.93 -18.68 -7.20
CA ALA E 398 -10.39 -18.81 -7.24
C ALA E 398 -10.94 -19.17 -5.87
N VAL E 399 -10.14 -19.87 -5.07
CA VAL E 399 -10.57 -20.29 -3.74
C VAL E 399 -10.68 -19.13 -2.76
N LYS E 400 -9.71 -18.21 -2.82
CA LYS E 400 -9.76 -17.02 -1.97
C LYS E 400 -10.77 -16.01 -2.50
N GLU E 401 -10.98 -15.99 -3.80
CA GLU E 401 -12.03 -15.19 -4.43
C GLU E 401 -13.42 -15.67 -4.02
N ASN E 402 -13.54 -16.96 -3.73
CA ASN E 402 -14.79 -17.52 -3.22
C ASN E 402 -15.03 -17.17 -1.77
N GLN E 403 -13.96 -17.22 -0.95
CA GLN E 403 -14.02 -16.83 0.45
C GLN E 403 -14.30 -15.34 0.61
N LYS E 404 -13.42 -14.49 0.09
CA LYS E 404 -13.61 -13.04 0.14
C LYS E 404 -15.03 -12.65 -0.29
N ARG E 405 -15.48 -13.16 -1.43
CA ARG E 405 -16.80 -12.85 -1.97
C ARG E 405 -17.94 -13.34 -1.08
N ARG E 406 -17.73 -14.50 -0.45
CA ARG E 406 -18.72 -15.09 0.45
C ARG E 406 -18.76 -14.34 1.78
N GLU E 407 -17.60 -13.85 2.21
CA GLU E 407 -17.47 -13.02 3.41
C GLU E 407 -18.25 -11.72 3.22
N THR E 408 -18.18 -11.16 2.01
CA THR E 408 -18.93 -9.96 1.65
C THR E 408 -20.43 -10.21 1.80
N GLU E 409 -20.87 -11.44 1.55
CA GLU E 409 -22.30 -11.79 1.55
C GLU E 409 -22.88 -11.86 2.96
N GLU E 410 -22.19 -12.60 3.83
CA GLU E 410 -22.64 -12.85 5.21
C GLU E 410 -22.71 -11.57 6.04
N LYS E 411 -21.72 -10.68 5.86
CA LYS E 411 -21.70 -9.39 6.53
C LYS E 411 -22.86 -8.49 6.06
N MET E 412 -23.08 -8.48 4.75
CA MET E 412 -24.10 -7.61 4.13
C MET E 412 -25.52 -8.13 4.39
N ARG E 413 -25.62 -9.43 4.66
CA ARG E 413 -26.89 -10.04 5.02
C ARG E 413 -27.19 -9.86 6.51
N ARG E 414 -26.15 -9.87 7.34
CA ARG E 414 -26.31 -9.58 8.76
C ARG E 414 -26.59 -8.09 9.02
N ALA E 415 -25.97 -7.23 8.22
CA ALA E 415 -26.12 -5.77 8.35
C ALA E 415 -27.52 -5.28 7.99
N LYS E 416 -28.17 -5.98 7.05
CA LYS E 416 -29.52 -5.61 6.62
C LYS E 416 -30.59 -6.23 7.51
N LEU E 417 -30.29 -7.38 8.11
CA LEU E 417 -31.15 -7.97 9.12
C LEU E 417 -31.18 -7.09 10.36
N ALA E 418 -30.00 -6.68 10.83
CA ALA E 418 -29.88 -5.82 12.00
C ALA E 418 -30.53 -4.45 11.77
N LYS E 419 -30.65 -4.05 10.51
CA LYS E 419 -31.26 -2.76 10.17
C LYS E 419 -32.78 -2.89 10.01
N GLU E 420 -33.24 -4.06 9.55
CA GLU E 420 -34.67 -4.39 9.52
C GLU E 420 -35.23 -4.52 10.94
N LYS E 421 -34.47 -5.21 11.79
CA LYS E 421 -34.77 -5.43 13.21
C LYS E 421 -34.75 -4.13 14.01
N ALA E 422 -33.83 -3.24 13.66
CA ALA E 422 -33.74 -1.94 14.33
C ALA E 422 -34.91 -1.05 13.95
N GLU E 423 -35.30 -1.12 12.67
CA GLU E 423 -36.38 -0.30 12.12
C GLU E 423 -37.75 -0.79 12.61
N LYS E 424 -37.93 -2.11 12.64
CA LYS E 424 -39.13 -2.75 13.19
C LYS E 424 -39.36 -2.31 14.63
N GLU E 425 -38.35 -2.46 15.48
CA GLU E 425 -38.41 -2.00 16.89
C GLU E 425 -38.72 -0.51 16.99
N ARG E 426 -38.22 0.27 16.03
CA ARG E 426 -38.35 1.72 16.02
C ARG E 426 -39.78 2.17 15.75
N LEU E 427 -40.41 1.56 14.74
CA LEU E 427 -41.81 1.79 14.36
C LEU E 427 -42.80 1.43 15.48
N GLU E 428 -42.59 0.24 16.08
CA GLU E 428 -43.34 -0.22 17.25
C GLU E 428 -43.35 0.84 18.36
N LYS E 429 -42.18 1.44 18.61
CA LYS E 429 -42.02 2.51 19.61
C LYS E 429 -42.75 3.79 19.21
N GLN E 430 -42.77 4.10 17.91
CA GLN E 430 -43.50 5.24 17.37
C GLN E 430 -45.00 5.13 17.59
N GLN E 431 -45.58 4.01 17.14
CA GLN E 431 -47.01 3.76 17.27
C GLN E 431 -47.49 3.83 18.72
N LYS E 432 -46.69 3.29 19.63
CA LYS E 432 -47.02 3.28 21.06
C LYS E 432 -47.15 4.69 21.63
N ARG E 433 -46.52 5.67 20.98
CA ARG E 433 -46.61 7.06 21.39
C ARG E 433 -47.74 7.77 20.66
N GLU E 434 -48.19 7.18 19.56
CA GLU E 434 -49.25 7.74 18.73
C GLU E 434 -50.64 7.27 19.15
N GLN E 435 -50.68 6.20 19.95
CA GLN E 435 -51.93 5.71 20.51
C GLN E 435 -52.41 6.64 21.62
N LEU E 436 -51.63 7.68 21.87
CA LEU E 436 -51.99 8.68 22.86
C LEU E 436 -52.99 9.64 22.26
N ILE E 437 -52.60 10.30 21.17
CA ILE E 437 -53.36 11.42 20.64
C ILE E 437 -53.55 11.38 19.12
N ASP E 438 -54.81 11.53 18.71
CA ASP E 438 -55.16 11.59 17.30
C ASP E 438 -55.04 13.03 16.83
N MET E 439 -53.84 13.44 16.43
CA MET E 439 -53.66 14.78 15.86
C MET E 439 -54.26 14.85 14.45
N ASN E 440 -55.11 13.89 14.14
CA ASN E 440 -55.66 13.72 12.79
C ASN E 440 -56.65 14.81 12.38
N ALA E 441 -57.95 14.60 12.68
CA ALA E 441 -59.01 15.53 12.28
C ALA E 441 -60.33 15.37 13.04
N GLU E 442 -60.41 14.36 13.91
CA GLU E 442 -61.65 14.00 14.62
C GLU E 442 -62.25 15.14 15.44
N GLY E 443 -63.55 15.03 15.70
CA GLY E 443 -64.31 16.03 16.48
C GLY E 443 -63.58 16.53 17.71
N ASP E 444 -63.62 17.84 17.89
CA ASP E 444 -62.95 18.50 19.01
C ASP E 444 -63.64 18.25 20.34
N GLU E 445 -62.91 17.63 21.27
CA GLU E 445 -63.37 17.44 22.64
C GLU E 445 -62.27 17.82 23.63
N THR E 446 -62.63 17.96 24.91
CA THR E 446 -61.71 18.56 25.88
C THR E 446 -60.97 17.58 26.81
N GLY E 447 -60.77 16.35 26.35
CA GLY E 447 -59.90 15.42 27.07
C GLY E 447 -58.45 15.78 26.84
N VAL E 448 -58.00 15.52 25.62
CA VAL E 448 -56.64 15.81 25.12
C VAL E 448 -55.54 15.98 26.17
N MET E 449 -55.43 17.19 26.75
CA MET E 449 -54.33 17.51 27.65
C MET E 449 -54.38 16.70 28.94
N ASP E 450 -55.54 16.66 29.58
CA ASP E 450 -55.74 15.89 30.80
C ASP E 450 -55.50 14.40 30.56
N SER E 451 -55.55 14.00 29.29
CA SER E 451 -55.29 12.62 28.87
C SER E 451 -53.80 12.38 28.61
N LEU E 452 -53.09 13.42 28.17
CA LEU E 452 -51.64 13.35 28.00
C LEU E 452 -50.92 13.40 29.35
N LEU E 453 -51.40 14.28 30.22
CA LEU E 453 -50.77 14.46 31.53
C LEU E 453 -50.90 13.23 32.42
N GLU E 454 -51.97 12.46 32.22
CA GLU E 454 -52.16 11.23 32.98
C GLU E 454 -51.16 10.18 32.53
N ALA E 455 -50.92 10.10 31.22
CA ALA E 455 -50.00 9.12 30.65
C ALA E 455 -48.54 9.43 30.98
N LEU E 456 -48.22 10.72 31.11
CA LEU E 456 -46.95 11.17 31.66
C LEU E 456 -46.76 10.69 33.11
N GLN E 457 -47.78 10.87 33.93
CA GLN E 457 -47.75 10.49 35.35
C GLN E 457 -47.58 8.98 35.57
N SER E 458 -48.39 8.19 34.88
CA SER E 458 -48.40 6.73 35.01
C SER E 458 -47.24 6.08 34.26
N GLY E 459 -46.66 6.80 33.31
CA GLY E 459 -45.52 6.30 32.57
C GLY E 459 -45.92 5.72 31.23
N ALA E 460 -47.20 5.87 30.89
CA ALA E 460 -47.75 5.31 29.67
C ALA E 460 -47.22 6.00 28.41
N ALA E 461 -46.72 7.23 28.54
CA ALA E 461 -46.17 7.96 27.40
C ALA E 461 -44.76 7.46 27.03
N PHE E 462 -44.08 6.90 28.02
CA PHE E 462 -42.71 6.43 27.86
C PHE E 462 -42.67 4.91 27.73
N ARG E 463 -43.38 4.38 26.75
CA ARG E 463 -43.34 2.95 26.49
C ARG E 463 -41.93 2.53 26.07
N ARG E 464 -41.59 1.29 26.38
CA ARG E 464 -40.19 0.81 26.34
C ARG E 464 -39.69 0.43 24.94
N LYS E 465 -39.36 -0.86 24.77
CA LYS E 465 -38.67 -1.45 23.61
C LYS E 465 -38.07 -0.47 22.58
N VAL F 12 -23.88 -48.94 -30.75
CA VAL F 12 -22.64 -49.35 -31.46
C VAL F 12 -21.74 -50.23 -30.58
N LEU F 13 -21.80 -50.00 -29.25
CA LEU F 13 -20.96 -50.68 -28.25
C LEU F 13 -19.48 -50.25 -28.37
N PRO F 14 -19.08 -49.25 -27.56
CA PRO F 14 -17.74 -48.64 -27.57
C PRO F 14 -16.57 -49.53 -27.14
N PHE F 15 -15.34 -48.98 -27.18
CA PHE F 15 -14.09 -49.70 -26.94
C PHE F 15 -13.84 -50.19 -25.50
N GLY F 16 -14.70 -51.10 -25.02
CA GLY F 16 -14.52 -51.76 -23.72
C GLY F 16 -15.28 -51.17 -22.54
N LEU F 17 -16.24 -50.29 -22.80
CA LEU F 17 -16.99 -49.60 -21.75
C LEU F 17 -18.36 -49.11 -22.25
N THR F 18 -19.19 -48.60 -21.35
CA THR F 18 -20.60 -48.26 -21.66
C THR F 18 -20.88 -46.75 -21.71
N PRO F 19 -21.76 -46.33 -22.65
CA PRO F 19 -22.06 -44.92 -22.97
C PRO F 19 -22.44 -44.02 -21.81
N LYS F 20 -22.05 -42.75 -21.95
CA LYS F 20 -22.27 -41.72 -20.96
C LYS F 20 -23.64 -41.09 -21.21
N LYS F 21 -24.44 -41.01 -20.15
CA LYS F 21 -25.87 -40.69 -20.24
C LYS F 21 -26.20 -39.37 -20.96
N VAL F 22 -27.27 -39.41 -21.74
CA VAL F 22 -27.78 -38.25 -22.47
C VAL F 22 -28.65 -37.43 -21.53
N TYR F 23 -28.23 -36.20 -21.27
CA TYR F 23 -29.04 -35.28 -20.49
C TYR F 23 -29.98 -34.50 -21.39
N LYS F 24 -31.12 -34.09 -20.83
CA LYS F 24 -32.04 -33.17 -21.49
C LYS F 24 -32.25 -32.01 -20.52
N PRO F 25 -31.70 -30.83 -20.85
CA PRO F 25 -31.77 -29.70 -19.90
C PRO F 25 -33.03 -28.87 -20.05
N GLU F 26 -33.43 -28.21 -18.97
CA GLU F 26 -34.57 -27.28 -18.99
C GLU F 26 -34.15 -25.95 -19.61
N VAL F 27 -33.18 -25.28 -18.98
CA VAL F 27 -32.65 -24.03 -19.48
C VAL F 27 -31.36 -24.30 -20.24
N GLN F 28 -31.17 -23.59 -21.35
CA GLN F 28 -29.95 -23.70 -22.13
C GLN F 28 -28.82 -22.92 -21.46
N LEU F 29 -27.81 -23.64 -21.01
CA LEU F 29 -26.72 -23.08 -20.23
C LEU F 29 -25.54 -22.65 -21.11
N ARG F 30 -24.62 -21.90 -20.52
CA ARG F 30 -23.36 -21.54 -21.16
C ARG F 30 -22.37 -22.69 -20.99
N ARG F 31 -21.73 -23.07 -22.09
CA ARG F 31 -20.89 -24.26 -22.08
C ARG F 31 -19.44 -23.99 -22.44
N PRO F 32 -18.51 -24.68 -21.76
CA PRO F 32 -17.11 -24.68 -22.16
C PRO F 32 -16.97 -25.39 -23.50
N ASN F 33 -16.11 -24.87 -24.38
CA ASN F 33 -15.94 -25.45 -25.70
C ASN F 33 -14.62 -26.21 -25.83
N TRP F 34 -14.40 -27.17 -24.94
CA TRP F 34 -13.18 -27.98 -24.94
C TRP F 34 -13.13 -28.95 -26.12
N SER F 35 -11.94 -29.46 -26.43
CA SER F 35 -11.81 -30.54 -27.38
C SER F 35 -12.19 -31.81 -26.66
N LYS F 36 -13.35 -32.36 -27.03
CA LYS F 36 -13.93 -33.51 -26.34
C LYS F 36 -13.22 -34.81 -26.68
N PHE F 37 -13.29 -35.79 -25.78
CA PHE F 37 -12.83 -37.13 -26.10
C PHE F 37 -14.01 -38.09 -26.20
N VAL F 38 -14.12 -38.74 -27.35
CA VAL F 38 -15.15 -39.75 -27.58
C VAL F 38 -14.55 -41.13 -27.29
N ALA F 39 -15.38 -42.18 -27.35
CA ALA F 39 -14.99 -43.52 -26.90
C ALA F 39 -13.68 -44.09 -27.47
N GLU F 40 -13.53 -44.05 -28.80
CA GLU F 40 -12.37 -44.63 -29.46
C GLU F 40 -11.17 -43.69 -29.57
N ASP F 41 -11.09 -42.71 -28.68
CA ASP F 41 -9.92 -41.83 -28.57
C ASP F 41 -9.01 -42.33 -27.45
N LEU F 42 -9.65 -42.97 -26.47
CA LEU F 42 -9.00 -43.49 -25.28
C LEU F 42 -8.06 -44.67 -25.58
N SER F 43 -7.39 -45.18 -24.55
CA SER F 43 -6.63 -46.43 -24.66
C SER F 43 -7.09 -47.36 -23.54
N GLN F 44 -6.35 -48.45 -23.29
CA GLN F 44 -6.73 -49.40 -22.23
C GLN F 44 -6.50 -48.90 -20.79
N ASP F 45 -5.31 -48.41 -20.53
CA ASP F 45 -4.87 -48.08 -19.17
C ASP F 45 -4.94 -46.58 -18.85
N CYS F 46 -5.61 -45.81 -19.70
CA CYS F 46 -5.67 -44.35 -19.54
C CYS F 46 -6.66 -43.92 -18.46
N PHE F 47 -6.59 -42.63 -18.11
CA PHE F 47 -7.36 -42.08 -17.00
C PHE F 47 -8.85 -41.96 -17.26
N TRP F 48 -9.24 -41.68 -18.49
CA TRP F 48 -10.65 -41.38 -18.79
C TRP F 48 -11.56 -42.62 -18.90
N THR F 49 -10.96 -43.82 -18.86
CA THR F 49 -11.72 -45.06 -18.81
C THR F 49 -12.13 -45.39 -17.38
N LYS F 50 -11.18 -45.27 -16.46
CA LYS F 50 -11.44 -45.43 -15.02
C LYS F 50 -12.55 -44.49 -14.54
N VAL F 51 -12.71 -43.35 -15.20
CA VAL F 51 -13.71 -42.36 -14.77
C VAL F 51 -15.07 -42.51 -15.45
N LYS F 52 -15.44 -43.75 -15.75
CA LYS F 52 -16.82 -44.10 -16.05
C LYS F 52 -17.63 -43.85 -14.77
N GLU F 53 -16.90 -43.45 -13.72
CA GLU F 53 -17.45 -43.02 -12.44
C GLU F 53 -18.07 -41.65 -12.56
N ASP F 54 -19.16 -41.52 -13.31
CA ASP F 54 -19.89 -40.24 -13.31
C ASP F 54 -20.74 -40.13 -12.06
N ARG F 55 -21.02 -41.29 -11.46
CA ARG F 55 -21.74 -41.39 -10.18
C ARG F 55 -20.91 -40.98 -8.97
N PHE F 56 -19.57 -41.04 -9.10
CA PHE F 56 -18.64 -40.67 -8.02
C PHE F 56 -18.96 -39.30 -7.41
N GLU F 57 -19.61 -38.45 -8.20
CA GLU F 57 -20.08 -37.14 -7.74
C GLU F 57 -21.45 -36.84 -8.34
N ASN F 58 -22.51 -36.98 -7.53
CA ASN F 58 -23.88 -36.70 -8.01
C ASN F 58 -24.83 -36.08 -6.99
N ASN F 59 -25.33 -34.89 -7.32
CA ASN F 59 -26.23 -34.13 -6.45
C ASN F 59 -27.40 -33.53 -7.24
N GLU F 60 -28.02 -32.48 -6.68
CA GLU F 60 -28.95 -31.63 -7.41
C GLU F 60 -28.26 -30.33 -7.80
N LEU F 61 -26.93 -30.38 -7.84
CA LEU F 61 -26.11 -29.26 -8.31
C LEU F 61 -26.44 -28.96 -9.78
N PHE F 62 -26.92 -29.97 -10.50
CA PHE F 62 -27.47 -29.78 -11.83
C PHE F 62 -28.53 -28.66 -11.84
N ALA F 63 -29.19 -28.48 -10.70
CA ALA F 63 -30.17 -27.41 -10.51
C ALA F 63 -29.51 -26.15 -9.93
N LYS F 64 -28.33 -26.30 -9.32
CA LYS F 64 -27.58 -25.17 -8.81
C LYS F 64 -26.69 -24.59 -9.91
N LEU F 65 -26.42 -25.41 -10.91
CA LEU F 65 -25.59 -25.03 -12.05
C LEU F 65 -26.43 -24.31 -13.11
N THR F 66 -27.58 -24.89 -13.45
CA THR F 66 -28.52 -24.26 -14.40
C THR F 66 -28.98 -22.89 -13.90
N LEU F 67 -28.76 -22.63 -12.61
CA LEU F 67 -29.11 -21.36 -11.99
C LEU F 67 -28.10 -20.28 -12.31
N ALA F 68 -26.82 -20.58 -12.09
CA ALA F 68 -25.76 -19.61 -12.24
C ALA F 68 -25.38 -19.30 -13.70
N PHE F 69 -25.57 -20.28 -14.59
CA PHE F 69 -25.05 -20.18 -15.96
C PHE F 69 -26.12 -20.16 -17.06
N SER F 70 -27.36 -19.84 -16.72
CA SER F 70 -28.41 -19.80 -17.73
C SER F 70 -28.26 -18.56 -18.63
N ALA F 71 -28.48 -18.76 -19.93
CA ALA F 71 -28.50 -17.66 -20.89
C ALA F 71 -29.90 -17.52 -21.47
N GLN F 72 -30.71 -16.68 -20.82
CA GLN F 72 -32.08 -16.40 -21.24
C GLN F 72 -32.23 -14.94 -21.69
N THR F 73 -33.47 -14.48 -21.80
CA THR F 73 -33.76 -13.08 -22.14
C THR F 73 -34.20 -12.29 -20.91
N LYS F 95 -47.45 -2.92 -44.51
CA LYS F 95 -47.87 -3.08 -45.91
C LYS F 95 -48.10 -1.72 -46.59
N VAL F 96 -48.37 -1.78 -47.90
CA VAL F 96 -48.66 -0.61 -48.75
C VAL F 96 -47.49 0.38 -48.92
N LYS F 97 -47.72 1.41 -49.74
CA LYS F 97 -46.79 2.54 -49.97
C LYS F 97 -45.54 2.18 -50.80
N GLU F 98 -45.41 2.84 -51.95
CA GLU F 98 -44.30 2.60 -52.88
C GLU F 98 -43.31 3.77 -52.92
N LEU F 99 -42.05 3.45 -53.20
CA LEU F 99 -41.00 4.45 -53.36
C LEU F 99 -40.91 4.93 -54.80
N LYS F 100 -40.58 6.21 -54.96
CA LYS F 100 -40.57 6.85 -56.26
C LYS F 100 -39.29 7.63 -56.59
N VAL F 101 -38.59 8.14 -55.57
CA VAL F 101 -37.40 8.97 -55.79
C VAL F 101 -36.17 8.55 -54.96
N LEU F 102 -36.34 8.44 -53.66
CA LEU F 102 -35.24 8.10 -52.75
C LEU F 102 -34.59 6.75 -53.08
N ASP F 103 -33.32 6.61 -52.73
CA ASP F 103 -32.61 5.33 -52.83
C ASP F 103 -32.94 4.46 -51.62
N SER F 104 -32.69 3.16 -51.73
CA SER F 104 -33.06 2.19 -50.69
C SER F 104 -32.48 2.51 -49.31
N LYS F 105 -31.27 3.07 -49.27
CA LYS F 105 -30.60 3.44 -48.03
C LYS F 105 -31.36 4.52 -47.28
N THR F 106 -31.39 5.71 -47.88
CA THR F 106 -31.97 6.93 -47.28
C THR F 106 -33.42 6.75 -46.80
N ALA F 107 -34.27 6.19 -47.66
CA ALA F 107 -35.67 5.94 -47.34
C ALA F 107 -35.83 5.05 -46.11
N GLN F 108 -34.96 4.07 -45.98
CA GLN F 108 -34.94 3.16 -44.83
C GLN F 108 -34.52 3.89 -43.54
N ASN F 109 -33.44 4.65 -43.62
CA ASN F 109 -32.94 5.43 -42.48
C ASN F 109 -34.00 6.35 -41.90
N LEU F 110 -34.76 7.00 -42.78
CA LEU F 110 -35.84 7.90 -42.40
C LEU F 110 -37.02 7.18 -41.76
N SER F 111 -37.30 5.95 -42.21
CA SER F 111 -38.41 5.13 -41.68
C SER F 111 -38.26 4.78 -40.19
N ILE F 112 -37.02 4.53 -39.78
CA ILE F 112 -36.69 4.27 -38.37
C ILE F 112 -36.63 5.58 -37.59
N PHE F 113 -36.18 6.63 -38.26
CA PHE F 113 -36.09 7.95 -37.66
C PHE F 113 -37.47 8.52 -37.35
N LEU F 114 -38.39 8.45 -38.31
CA LEU F 114 -39.72 9.04 -38.19
C LEU F 114 -40.70 8.19 -37.37
N GLY F 115 -40.32 6.95 -37.09
CA GLY F 115 -41.06 6.11 -36.14
C GLY F 115 -40.51 6.24 -34.73
N SER F 116 -39.85 7.37 -34.47
CA SER F 116 -39.22 7.65 -33.17
C SER F 116 -39.37 9.13 -32.81
N PHE F 117 -39.35 9.99 -33.83
CA PHE F 117 -39.44 11.44 -33.67
C PHE F 117 -40.88 11.87 -33.39
N ARG F 118 -41.83 11.19 -34.04
CA ARG F 118 -43.27 11.30 -33.73
C ARG F 118 -43.90 12.69 -33.91
N MET F 119 -43.09 13.68 -34.30
CA MET F 119 -43.58 15.04 -34.56
C MET F 119 -44.16 15.12 -35.96
N PRO F 120 -45.28 15.87 -36.14
CA PRO F 120 -45.88 16.08 -37.47
C PRO F 120 -44.93 16.75 -38.46
N TYR F 121 -45.04 16.40 -39.75
CA TYR F 121 -44.14 16.92 -40.79
C TYR F 121 -44.34 18.41 -41.06
N GLN F 122 -45.56 18.89 -40.91
CA GLN F 122 -45.87 20.33 -40.98
C GLN F 122 -45.26 21.08 -39.80
N GLU F 123 -45.20 20.41 -38.65
CA GLU F 123 -44.66 20.99 -37.44
C GLU F 123 -43.13 21.07 -37.51
N ILE F 124 -42.48 19.99 -37.96
CA ILE F 124 -41.02 19.97 -38.19
C ILE F 124 -40.57 21.17 -39.03
N LYS F 125 -41.28 21.42 -40.12
CA LYS F 125 -41.02 22.55 -40.99
C LYS F 125 -41.11 23.88 -40.24
N ASN F 126 -42.17 24.03 -39.44
CA ASN F 126 -42.43 25.27 -38.71
C ASN F 126 -41.38 25.59 -37.63
N VAL F 127 -40.87 24.55 -36.98
CA VAL F 127 -39.83 24.70 -35.96
C VAL F 127 -38.51 25.18 -36.59
N ILE F 128 -38.23 24.72 -37.81
CA ILE F 128 -37.02 25.12 -38.55
C ILE F 128 -37.09 26.58 -39.01
N LEU F 129 -38.21 26.96 -39.65
CA LEU F 129 -38.39 28.30 -40.20
C LEU F 129 -38.42 29.39 -39.12
N GLU F 130 -39.11 29.11 -38.02
CA GLU F 130 -39.21 30.04 -36.89
C GLU F 130 -37.93 30.11 -36.07
N VAL F 131 -37.15 29.03 -36.10
CA VAL F 131 -36.00 28.84 -35.22
C VAL F 131 -36.48 28.93 -33.76
N ASN F 132 -37.36 28.00 -33.38
CA ASN F 132 -37.99 28.01 -32.07
C ASN F 132 -37.10 27.45 -30.95
N GLU F 133 -36.63 28.33 -30.08
CA GLU F 133 -35.60 28.00 -29.10
C GLU F 133 -36.09 27.11 -27.94
N ALA F 134 -37.40 27.04 -27.75
CA ALA F 134 -37.99 26.16 -26.75
C ALA F 134 -38.12 24.73 -27.27
N VAL F 135 -38.19 24.60 -28.59
CA VAL F 135 -38.39 23.30 -29.25
C VAL F 135 -37.06 22.68 -29.71
N LEU F 136 -36.24 23.48 -30.41
CA LEU F 136 -34.98 23.02 -30.98
C LEU F 136 -33.96 22.62 -29.93
N THR F 137 -33.25 21.53 -30.19
CA THR F 137 -32.08 21.18 -29.39
C THR F 137 -30.89 20.90 -30.32
N GLU F 138 -29.69 20.95 -29.74
CA GLU F 138 -28.46 20.55 -30.42
C GLU F 138 -28.63 19.12 -30.89
N SER F 139 -29.19 18.30 -30.00
CA SER F 139 -29.47 16.91 -30.29
C SER F 139 -30.45 16.77 -31.46
N MET F 140 -31.44 17.67 -31.52
CA MET F 140 -32.50 17.60 -32.52
C MET F 140 -32.04 18.01 -33.91
N ILE F 141 -31.29 19.12 -34.00
CA ILE F 141 -30.78 19.64 -35.27
C ILE F 141 -29.74 18.71 -35.92
N GLN F 142 -28.77 18.24 -35.12
CA GLN F 142 -27.74 17.33 -35.60
C GLN F 142 -28.30 16.12 -36.35
N ASN F 143 -29.34 15.51 -35.77
CA ASN F 143 -30.02 14.38 -36.36
C ASN F 143 -30.70 14.70 -37.69
N LEU F 144 -31.17 15.93 -37.83
CA LEU F 144 -31.79 16.36 -39.06
C LEU F 144 -30.78 16.40 -40.19
N ILE F 145 -29.60 16.95 -39.92
CA ILE F 145 -28.54 17.04 -40.93
C ILE F 145 -28.16 15.64 -41.47
N LYS F 146 -27.98 14.68 -40.57
CA LYS F 146 -27.59 13.32 -40.96
C LYS F 146 -28.69 12.58 -41.74
N GLN F 147 -29.91 12.66 -41.24
CA GLN F 147 -31.05 11.93 -41.80
C GLN F 147 -31.64 12.55 -43.07
N MET F 148 -31.28 13.81 -43.34
CA MET F 148 -31.80 14.54 -44.49
C MET F 148 -31.36 13.97 -45.82
N PRO F 149 -32.30 13.87 -46.78
CA PRO F 149 -31.94 13.62 -48.17
C PRO F 149 -31.15 14.80 -48.71
N GLU F 150 -30.34 14.56 -49.72
CA GLU F 150 -29.48 15.61 -50.26
C GLU F 150 -30.14 16.36 -51.43
N PRO F 151 -29.90 17.68 -51.54
CA PRO F 151 -30.53 18.65 -52.44
C PRO F 151 -31.16 18.10 -53.72
N GLU F 152 -30.42 17.24 -54.44
CA GLU F 152 -30.87 16.64 -55.69
C GLU F 152 -32.17 15.86 -55.52
N GLN F 153 -32.26 15.08 -54.44
CA GLN F 153 -33.45 14.28 -54.15
C GLN F 153 -34.63 15.13 -53.71
N LEU F 154 -34.38 16.04 -52.78
CA LEU F 154 -35.41 16.99 -52.37
C LEU F 154 -36.01 17.68 -53.59
N LYS F 155 -35.16 18.06 -54.55
CA LYS F 155 -35.60 18.70 -55.78
C LYS F 155 -36.48 17.74 -56.59
N MET F 156 -36.04 16.48 -56.69
CA MET F 156 -36.78 15.48 -57.44
C MET F 156 -38.09 15.06 -56.79
N LEU F 157 -38.20 15.28 -55.47
CA LEU F 157 -39.44 15.01 -54.74
C LEU F 157 -40.40 16.19 -54.76
N SER F 158 -39.87 17.39 -55.01
CA SER F 158 -40.68 18.61 -55.01
C SER F 158 -41.61 18.72 -56.22
N GLU F 159 -41.44 17.81 -57.17
CA GLU F 159 -42.23 17.81 -58.40
C GLU F 159 -43.40 16.83 -58.36
N LEU F 160 -43.51 16.10 -57.25
CA LEU F 160 -44.57 15.11 -57.06
C LEU F 160 -45.63 15.58 -56.06
N LYS F 161 -45.60 16.88 -55.78
CA LYS F 161 -46.44 17.50 -54.75
C LYS F 161 -47.87 16.97 -54.70
N GLU F 162 -48.56 17.01 -55.84
CA GLU F 162 -49.99 16.73 -55.91
C GLU F 162 -50.38 15.33 -55.40
N GLU F 163 -49.51 14.35 -55.63
CA GLU F 163 -49.78 12.98 -55.17
C GLU F 163 -49.13 12.65 -53.81
N TYR F 164 -49.15 13.62 -52.90
CA TYR F 164 -48.57 13.48 -51.55
C TYR F 164 -49.10 12.27 -50.77
N ASP F 165 -50.39 11.96 -50.93
CA ASP F 165 -51.06 10.91 -50.15
C ASP F 165 -50.62 9.49 -50.52
N ASP F 166 -50.26 9.30 -51.79
CA ASP F 166 -49.88 7.99 -52.30
C ASP F 166 -48.44 7.63 -51.95
N LEU F 167 -47.69 8.62 -51.47
CA LEU F 167 -46.28 8.42 -51.14
C LEU F 167 -46.08 7.61 -49.85
N ALA F 168 -44.82 7.22 -49.60
CA ALA F 168 -44.45 6.52 -48.38
C ALA F 168 -44.03 7.50 -47.28
N GLU F 169 -44.01 7.03 -46.03
CA GLU F 169 -43.61 7.84 -44.85
C GLU F 169 -42.41 8.76 -45.07
N SER F 170 -41.29 8.18 -45.50
CA SER F 170 -40.04 8.89 -45.70
C SER F 170 -40.13 9.97 -46.78
N GLU F 171 -40.79 9.65 -47.89
CA GLU F 171 -40.90 10.56 -49.01
C GLU F 171 -41.85 11.73 -48.73
N GLN F 172 -42.82 11.50 -47.85
CA GLN F 172 -43.70 12.57 -47.38
C GLN F 172 -42.87 13.65 -46.68
N PHE F 173 -42.02 13.24 -45.74
CA PHE F 173 -41.01 14.12 -45.12
C PHE F 173 -40.20 14.82 -46.21
N GLY F 174 -39.80 14.06 -47.23
CA GLY F 174 -39.00 14.58 -48.34
C GLY F 174 -39.61 15.76 -49.08
N VAL F 175 -40.88 15.63 -49.48
CA VAL F 175 -41.57 16.68 -50.23
C VAL F 175 -41.73 17.94 -49.39
N VAL F 176 -42.10 17.75 -48.12
CA VAL F 176 -42.33 18.85 -47.18
C VAL F 176 -41.05 19.66 -46.97
N MET F 177 -39.95 18.95 -46.72
CA MET F 177 -38.65 19.57 -46.51
C MET F 177 -38.14 20.22 -47.81
N GLY F 178 -38.63 19.72 -48.93
CA GLY F 178 -38.29 20.26 -50.25
C GLY F 178 -38.69 21.71 -50.44
N THR F 179 -39.78 22.13 -49.79
CA THR F 179 -40.29 23.50 -49.94
C THR F 179 -39.55 24.54 -49.10
N VAL F 180 -38.77 24.07 -48.11
CA VAL F 180 -37.97 24.96 -47.27
C VAL F 180 -36.75 25.46 -48.08
N PRO F 181 -36.65 26.78 -48.28
CA PRO F 181 -35.58 27.35 -49.09
C PRO F 181 -34.24 27.33 -48.38
N ARG F 182 -33.20 26.89 -49.10
CA ARG F 182 -31.82 26.85 -48.60
C ARG F 182 -31.70 26.10 -47.26
N LEU F 183 -32.15 24.86 -47.24
CA LEU F 183 -32.27 24.06 -46.01
C LEU F 183 -30.91 23.69 -45.43
N ARG F 184 -30.02 23.21 -46.30
CA ARG F 184 -28.66 22.84 -45.91
C ARG F 184 -27.95 24.00 -45.17
N PRO F 185 -27.91 25.20 -45.80
CA PRO F 185 -27.33 26.35 -45.11
C PRO F 185 -28.14 26.80 -43.89
N ARG F 186 -29.47 26.73 -44.00
CA ARG F 186 -30.37 27.13 -42.91
C ARG F 186 -30.10 26.30 -41.66
N LEU F 187 -29.98 24.98 -41.82
CA LEU F 187 -29.68 24.06 -40.73
C LEU F 187 -28.26 24.24 -40.17
N ASN F 188 -27.28 24.36 -41.06
CA ASN F 188 -25.90 24.64 -40.68
C ASN F 188 -25.76 25.86 -39.80
N ALA F 189 -26.60 26.86 -40.06
CA ALA F 189 -26.65 28.08 -39.26
C ALA F 189 -27.33 27.88 -37.90
N ILE F 190 -28.43 27.12 -37.88
CA ILE F 190 -29.14 26.81 -36.64
C ILE F 190 -28.24 26.04 -35.67
N LEU F 191 -27.55 25.03 -36.20
CA LEU F 191 -26.64 24.17 -35.41
C LEU F 191 -25.55 25.00 -34.72
N PHE F 192 -24.80 25.75 -35.52
CA PHE F 192 -23.74 26.63 -35.03
C PHE F 192 -24.23 27.60 -33.96
N LYS F 193 -25.48 28.06 -34.10
CA LYS F 193 -26.11 28.92 -33.11
C LYS F 193 -26.28 28.20 -31.78
N LEU F 194 -26.95 27.05 -31.80
CA LEU F 194 -27.18 26.28 -30.59
C LEU F 194 -25.88 25.76 -30.00
N GLN F 195 -24.84 25.69 -30.83
CA GLN F 195 -23.54 25.18 -30.39
C GLN F 195 -22.57 26.27 -29.93
N PHE F 196 -22.91 27.53 -30.23
CA PHE F 196 -22.03 28.68 -29.98
C PHE F 196 -21.64 28.87 -28.51
N SER F 197 -22.65 28.93 -27.63
CA SER F 197 -22.40 29.18 -26.21
C SER F 197 -21.68 28.03 -25.49
N GLU F 198 -21.48 26.91 -26.18
CA GLU F 198 -20.62 25.84 -25.69
C GLU F 198 -19.15 26.10 -25.98
N GLN F 199 -18.82 26.36 -27.25
CA GLN F 199 -17.42 26.55 -27.66
C GLN F 199 -16.78 27.85 -27.14
N VAL F 200 -17.61 28.77 -26.67
CA VAL F 200 -17.14 29.92 -25.92
C VAL F 200 -16.51 29.46 -24.61
N GLU F 201 -17.13 28.46 -23.97
CA GLU F 201 -16.66 27.96 -22.69
C GLU F 201 -15.53 26.91 -22.83
N ASN F 202 -15.06 26.70 -24.05
CA ASN F 202 -13.92 25.80 -24.30
C ASN F 202 -12.62 26.57 -24.57
N ILE F 203 -12.76 27.71 -25.22
CA ILE F 203 -11.61 28.55 -25.57
C ILE F 203 -11.19 29.44 -24.41
N LYS F 204 -12.17 30.12 -23.80
CA LYS F 204 -11.90 31.08 -22.72
C LYS F 204 -11.08 30.51 -21.56
N PRO F 205 -11.54 29.40 -20.93
CA PRO F 205 -10.80 28.93 -19.75
C PRO F 205 -9.32 28.67 -20.05
N GLU F 206 -9.05 28.16 -21.26
CA GLU F 206 -7.69 27.86 -21.70
C GLU F 206 -6.89 29.14 -21.97
N ILE F 207 -7.54 30.14 -22.55
CA ILE F 207 -6.92 31.45 -22.76
C ILE F 207 -6.49 32.04 -21.42
N VAL F 208 -7.44 32.10 -20.48
CA VAL F 208 -7.20 32.66 -19.15
C VAL F 208 -6.00 31.99 -18.48
N SER F 209 -5.98 30.66 -18.49
CA SER F 209 -4.89 29.90 -17.87
C SER F 209 -3.53 30.40 -18.32
N VAL F 210 -3.31 30.38 -19.63
CA VAL F 210 -2.01 30.78 -20.19
C VAL F 210 -1.71 32.26 -19.87
N THR F 211 -2.72 33.11 -20.02
CA THR F 211 -2.60 34.53 -19.68
C THR F 211 -2.07 34.70 -18.25
N ALA F 212 -2.63 33.93 -17.32
CA ALA F 212 -2.29 34.02 -15.90
C ALA F 212 -0.86 33.56 -15.59
N ALA F 213 -0.53 32.34 -16.00
CA ALA F 213 0.82 31.78 -15.77
C ALA F 213 1.92 32.69 -16.29
N CYS F 214 1.70 33.27 -17.48
CA CYS F 214 2.58 34.27 -18.05
C CYS F 214 2.77 35.45 -17.08
N GLU F 215 1.68 35.95 -16.54
CA GLU F 215 1.72 37.04 -15.56
C GLU F 215 2.29 36.56 -14.24
N GLU F 216 2.06 35.28 -13.92
CA GLU F 216 2.52 34.68 -12.67
C GLU F 216 4.02 34.49 -12.66
N LEU F 217 4.57 34.10 -13.80
CA LEU F 217 5.99 33.86 -13.95
C LEU F 217 6.78 35.18 -13.91
N ARG F 218 6.25 36.17 -14.61
CA ARG F 218 6.84 37.51 -14.70
C ARG F 218 6.87 38.23 -13.34
N LYS F 219 5.83 38.04 -12.53
CA LYS F 219 5.66 38.75 -11.26
C LYS F 219 6.52 38.21 -10.10
N SER F 220 6.78 36.91 -10.12
CA SER F 220 7.45 36.23 -9.01
C SER F 220 8.94 36.53 -8.93
N GLU F 221 9.35 37.27 -7.89
CA GLU F 221 10.77 37.56 -7.74
C GLU F 221 11.51 36.46 -6.99
N ASN F 222 10.76 35.51 -6.44
CA ASN F 222 11.36 34.35 -5.78
C ASN F 222 11.94 33.35 -6.77
N PHE F 223 11.26 33.18 -7.90
CA PHE F 223 11.79 32.39 -9.01
C PHE F 223 12.98 33.11 -9.63
N SER F 224 12.84 34.43 -9.74
CA SER F 224 13.92 35.30 -10.20
C SER F 224 15.14 35.10 -9.30
N SER F 225 14.90 35.07 -7.99
CA SER F 225 15.97 34.89 -7.00
C SER F 225 16.69 33.56 -7.14
N LEU F 226 15.98 32.52 -7.57
CA LEU F 226 16.59 31.21 -7.79
C LEU F 226 17.54 31.22 -8.99
N LEU F 227 17.10 31.85 -10.09
CA LEU F 227 17.92 31.94 -11.31
C LEU F 227 19.23 32.68 -11.04
N GLU F 228 19.13 33.79 -10.33
CA GLU F 228 20.30 34.53 -9.86
C GLU F 228 21.17 33.55 -9.07
N LEU F 229 20.60 32.95 -8.03
CA LEU F 229 21.30 31.99 -7.19
C LEU F 229 21.94 30.85 -7.99
N THR F 230 21.21 30.33 -8.98
CA THR F 230 21.69 29.23 -9.80
C THR F 230 22.86 29.68 -10.67
N LEU F 231 22.75 30.88 -11.23
CA LEU F 231 23.81 31.40 -12.07
C LEU F 231 25.09 31.63 -11.27
N LEU F 232 24.97 32.14 -10.04
CA LEU F 232 26.14 32.38 -9.18
C LEU F 232 26.91 31.09 -8.89
N VAL F 233 26.17 30.09 -8.40
CA VAL F 233 26.68 28.74 -8.20
C VAL F 233 27.23 28.21 -9.52
N GLY F 234 26.43 28.36 -10.58
CA GLY F 234 26.82 27.95 -11.93
C GLY F 234 28.12 28.54 -12.44
N ASN F 235 28.29 29.86 -12.30
CA ASN F 235 29.48 30.54 -12.78
C ASN F 235 30.78 30.13 -12.08
N TYR F 236 30.67 29.83 -10.79
CA TYR F 236 31.83 29.38 -10.02
C TYR F 236 32.25 27.96 -10.40
N MET F 237 31.28 27.11 -10.67
CA MET F 237 31.55 25.70 -10.99
C MET F 237 32.24 25.55 -12.34
N ASN F 238 31.84 26.36 -13.31
CA ASN F 238 32.42 26.32 -14.65
C ASN F 238 33.89 26.79 -14.69
N ALA F 239 34.44 27.07 -13.51
CA ALA F 239 35.87 27.35 -13.29
C ALA F 239 36.52 28.24 -14.35
N GLY F 240 37.18 27.61 -15.32
CA GLY F 240 37.84 28.31 -16.42
C GLY F 240 37.58 27.60 -17.73
N SER F 241 36.36 27.10 -17.87
CA SER F 241 35.98 26.27 -19.00
C SER F 241 35.44 27.08 -20.17
N ARG F 242 34.67 26.42 -21.01
CA ARG F 242 34.01 27.02 -22.18
C ARG F 242 32.86 27.93 -21.72
N ASN F 243 32.27 27.60 -20.57
CA ASN F 243 31.30 28.46 -19.91
C ASN F 243 32.01 29.39 -18.92
N ALA F 244 31.30 29.84 -17.89
CA ALA F 244 31.85 30.74 -16.88
C ALA F 244 31.83 32.17 -17.38
N GLY F 245 31.43 33.09 -16.50
CA GLY F 245 31.16 34.46 -16.91
C GLY F 245 29.92 34.50 -17.79
N ALA F 246 29.02 33.54 -17.59
CA ALA F 246 27.77 33.47 -18.32
C ALA F 246 26.82 34.54 -17.79
N PHE F 247 26.11 35.20 -18.70
CA PHE F 247 25.12 36.19 -18.30
C PHE F 247 23.76 35.57 -18.07
N GLY F 248 23.67 34.27 -18.31
CA GLY F 248 22.45 33.52 -18.10
C GLY F 248 22.55 32.13 -18.68
N PHE F 249 21.38 31.49 -18.80
CA PHE F 249 21.23 30.15 -19.39
C PHE F 249 19.78 29.96 -19.75
N ASN F 250 19.50 29.09 -20.73
CA ASN F 250 18.12 28.86 -21.12
C ASN F 250 17.29 28.20 -20.01
N ILE F 251 16.06 28.67 -19.85
CA ILE F 251 15.18 28.34 -18.71
C ILE F 251 14.77 26.86 -18.68
N SER F 252 14.85 26.20 -19.83
CA SER F 252 14.59 24.76 -19.93
C SER F 252 15.63 23.95 -19.17
N PHE F 253 16.87 24.43 -19.14
CA PHE F 253 17.97 23.76 -18.45
C PHE F 253 17.69 23.50 -16.97
N LEU F 254 16.61 24.07 -16.46
CA LEU F 254 16.27 23.93 -15.06
C LEU F 254 16.07 22.48 -14.63
N CYS F 255 15.48 21.69 -15.52
CA CYS F 255 15.29 20.25 -15.31
C CYS F 255 16.61 19.46 -15.42
N LYS F 256 17.62 20.07 -16.02
CA LYS F 256 18.94 19.47 -16.23
C LYS F 256 19.85 19.67 -15.02
N LEU F 257 19.38 20.46 -14.06
CA LEU F 257 20.16 20.75 -12.86
C LEU F 257 20.40 19.51 -12.03
N ARG F 258 19.33 18.75 -11.83
CA ARG F 258 19.35 17.45 -11.16
C ARG F 258 20.43 16.52 -11.73
N ASP F 259 20.72 16.64 -13.03
CA ASP F 259 21.67 15.76 -13.73
C ASP F 259 23.12 15.89 -13.24
N THR F 260 23.46 17.03 -12.64
CA THR F 260 24.82 17.27 -12.14
C THR F 260 24.83 16.95 -10.65
N LYS F 261 25.58 15.92 -10.27
CA LYS F 261 25.60 15.47 -8.88
C LYS F 261 26.99 15.42 -8.25
N SER F 262 27.01 15.19 -6.95
CA SER F 262 28.24 15.07 -6.16
C SER F 262 29.07 13.86 -6.57
N ALA F 263 30.33 13.84 -6.15
CA ALA F 263 31.24 12.72 -6.39
C ALA F 263 30.69 11.40 -5.85
N ASP F 264 30.05 11.48 -4.69
CA ASP F 264 29.51 10.32 -3.99
C ASP F 264 28.08 9.94 -4.42
N GLN F 265 27.60 10.55 -5.50
CA GLN F 265 26.27 10.27 -6.10
C GLN F 265 25.10 10.34 -5.11
N LYS F 266 25.35 10.91 -3.94
CA LYS F 266 24.36 10.97 -2.88
C LYS F 266 23.52 12.25 -2.93
N MET F 267 24.12 13.35 -3.39
CA MET F 267 23.37 14.60 -3.61
C MET F 267 23.66 15.29 -4.93
N THR F 268 22.62 15.91 -5.48
CA THR F 268 22.66 16.59 -6.79
C THR F 268 22.78 18.09 -6.63
N LEU F 269 22.84 18.80 -7.76
CA LEU F 269 22.88 20.26 -7.75
C LEU F 269 21.52 20.82 -7.34
N LEU F 270 20.45 20.17 -7.79
CA LEU F 270 19.10 20.60 -7.42
C LEU F 270 18.88 20.46 -5.93
N HIS F 271 19.41 19.38 -5.33
CA HIS F 271 19.29 19.17 -3.90
C HIS F 271 20.05 20.21 -3.11
N PHE F 272 21.19 20.63 -3.66
CA PHE F 272 22.01 21.67 -3.06
C PHE F 272 21.25 22.99 -3.05
N LEU F 273 20.69 23.35 -4.21
CA LEU F 273 19.99 24.62 -4.38
C LEU F 273 18.76 24.74 -3.49
N ALA F 274 18.04 23.64 -3.33
CA ALA F 274 16.88 23.59 -2.43
C ALA F 274 17.34 23.86 -1.00
N GLU F 275 18.34 23.09 -0.55
CA GLU F 275 18.87 23.21 0.81
C GLU F 275 19.46 24.59 1.10
N LEU F 276 20.04 25.22 0.08
CA LEU F 276 20.60 26.57 0.21
C LEU F 276 19.52 27.65 0.29
N CYS F 277 18.34 27.32 -0.23
CA CYS F 277 17.16 28.18 -0.11
C CYS F 277 16.42 27.86 1.18
N GLU F 278 16.50 26.61 1.61
CA GLU F 278 15.89 26.20 2.87
C GLU F 278 16.57 26.90 4.05
N ASN F 279 17.90 27.00 4.00
CA ASN F 279 18.68 27.63 5.05
C ASN F 279 18.77 29.14 4.92
N ASP F 280 19.35 29.61 3.81
CA ASP F 280 19.77 31.00 3.69
C ASP F 280 18.79 31.93 2.97
N HIS F 281 17.88 31.37 2.17
CA HIS F 281 16.91 32.19 1.45
C HIS F 281 15.51 31.57 1.45
N PRO F 282 14.84 31.55 2.61
CA PRO F 282 13.55 30.87 2.77
C PRO F 282 12.49 31.42 1.82
N GLU F 283 12.61 32.70 1.50
CA GLU F 283 11.70 33.39 0.58
C GLU F 283 11.50 32.58 -0.69
N VAL F 284 12.58 31.99 -1.19
CA VAL F 284 12.60 31.28 -2.46
C VAL F 284 11.55 30.18 -2.54
N LEU F 285 11.46 29.38 -1.47
CA LEU F 285 10.59 28.21 -1.43
C LEU F 285 9.10 28.49 -1.64
N LYS F 286 8.74 29.77 -1.78
CA LYS F 286 7.35 30.17 -1.99
C LYS F 286 6.92 30.20 -3.46
N PHE F 287 7.87 30.05 -4.37
CA PHE F 287 7.59 30.16 -5.81
C PHE F 287 6.67 29.06 -6.38
N PRO F 288 6.79 27.81 -5.90
CA PRO F 288 5.87 26.81 -6.44
C PRO F 288 4.41 27.17 -6.15
N ASP F 289 4.21 28.07 -5.17
CA ASP F 289 2.89 28.60 -4.84
C ASP F 289 2.57 29.86 -5.66
N GLU F 290 3.60 30.57 -6.07
CA GLU F 290 3.43 31.76 -6.91
C GLU F 290 3.03 31.39 -8.33
N LEU F 291 3.24 30.13 -8.69
CA LEU F 291 3.01 29.65 -10.06
C LEU F 291 1.78 28.72 -10.16
N ALA F 292 0.62 29.25 -9.78
CA ALA F 292 -0.58 28.42 -9.64
C ALA F 292 -1.19 27.98 -10.97
N HIS F 293 -1.14 28.85 -11.97
CA HIS F 293 -1.71 28.57 -13.27
C HIS F 293 -0.74 27.94 -14.27
N VAL F 294 0.45 27.59 -13.80
CA VAL F 294 1.45 26.97 -14.68
C VAL F 294 1.05 25.54 -15.09
N GLU F 295 0.51 24.78 -14.16
CA GLU F 295 0.02 23.44 -14.44
C GLU F 295 -1.07 23.45 -15.54
N LYS F 296 -2.07 24.30 -15.34
CA LYS F 296 -3.20 24.40 -16.28
C LYS F 296 -2.77 24.92 -17.64
N ALA F 297 -1.61 25.57 -17.69
CA ALA F 297 -1.04 26.04 -18.95
C ALA F 297 -0.25 24.92 -19.62
N SER F 298 0.36 24.06 -18.82
CA SER F 298 1.12 22.93 -19.34
C SER F 298 0.26 21.97 -20.16
N ARG F 299 -1.06 22.04 -19.98
CA ARG F 299 -2.03 21.14 -20.63
C ARG F 299 -2.82 21.75 -21.78
N VAL F 300 -2.58 23.02 -22.11
CA VAL F 300 -3.32 23.68 -23.21
C VAL F 300 -2.70 23.32 -24.58
N SER F 301 -3.30 23.80 -25.66
CA SER F 301 -2.76 23.59 -27.01
C SER F 301 -2.60 24.93 -27.75
N ALA F 302 -1.36 25.26 -28.09
CA ALA F 302 -1.05 26.48 -28.83
C ALA F 302 -1.75 26.48 -30.19
N GLU F 303 -1.52 25.42 -30.96
CA GLU F 303 -2.07 25.30 -32.30
C GLU F 303 -3.59 25.17 -32.30
N ASN F 304 -4.13 24.34 -31.39
CA ASN F 304 -5.58 24.09 -31.33
C ASN F 304 -6.42 25.29 -30.92
N LEU F 305 -5.83 26.23 -30.18
CA LEU F 305 -6.50 27.47 -29.88
C LEU F 305 -6.66 28.27 -31.17
N GLN F 306 -5.55 28.47 -31.88
CA GLN F 306 -5.57 29.16 -33.17
C GLN F 306 -6.53 28.47 -34.14
N LYS F 307 -6.49 27.13 -34.17
CA LYS F 307 -7.43 26.35 -34.96
C LYS F 307 -8.87 26.71 -34.60
N SER F 308 -9.19 26.66 -33.31
CA SER F 308 -10.57 26.86 -32.82
C SER F 308 -11.15 28.23 -33.15
N LEU F 309 -10.35 29.29 -32.94
CA LEU F 309 -10.77 30.65 -33.25
C LEU F 309 -10.89 30.89 -34.75
N ASP F 310 -9.94 30.36 -35.51
CA ASP F 310 -9.96 30.47 -36.97
C ASP F 310 -11.12 29.67 -37.57
N GLN F 311 -11.55 28.63 -36.86
CA GLN F 311 -12.72 27.85 -37.27
C GLN F 311 -14.00 28.56 -36.89
N MET F 312 -13.93 29.36 -35.83
CA MET F 312 -15.07 30.18 -35.40
C MET F 312 -15.27 31.38 -36.32
N LYS F 313 -14.18 32.10 -36.61
CA LYS F 313 -14.22 33.29 -37.49
C LYS F 313 -14.86 32.97 -38.84
N LYS F 314 -14.42 31.86 -39.45
CA LYS F 314 -14.96 31.39 -40.72
C LYS F 314 -16.44 31.04 -40.57
N GLN F 315 -16.81 30.48 -39.42
CA GLN F 315 -18.20 30.09 -39.17
C GLN F 315 -19.14 31.26 -38.90
N ILE F 316 -18.59 32.36 -38.38
CA ILE F 316 -19.37 33.59 -38.25
C ILE F 316 -19.64 34.16 -39.64
N ALA F 317 -18.59 34.28 -40.46
CA ALA F 317 -18.70 34.79 -41.83
C ALA F 317 -19.42 33.84 -42.78
N ASP F 318 -19.61 32.59 -42.36
CA ASP F 318 -20.42 31.62 -43.09
C ASP F 318 -21.90 32.02 -43.02
N VAL F 319 -22.36 32.33 -41.82
CA VAL F 319 -23.75 32.75 -41.58
C VAL F 319 -23.98 34.18 -42.07
N GLU F 320 -22.98 35.03 -41.86
CA GLU F 320 -23.01 36.43 -42.30
C GLU F 320 -23.27 36.54 -43.81
N ARG F 321 -22.62 35.64 -44.57
CA ARG F 321 -22.76 35.59 -46.02
C ARG F 321 -24.01 34.80 -46.43
N ASP F 322 -24.44 33.90 -45.55
CA ASP F 322 -25.69 33.16 -45.73
C ASP F 322 -26.92 34.00 -45.40
N VAL F 323 -26.72 35.10 -44.67
CA VAL F 323 -27.81 36.04 -44.34
C VAL F 323 -27.97 37.12 -45.43
N GLN F 324 -26.99 37.19 -46.34
CA GLN F 324 -27.01 38.16 -47.43
C GLN F 324 -27.67 37.64 -48.71
N ASN F 325 -27.46 36.35 -49.00
CA ASN F 325 -28.01 35.74 -50.21
C ASN F 325 -29.42 35.17 -50.04
N PHE F 326 -29.95 35.24 -48.82
CA PHE F 326 -31.27 34.69 -48.51
C PHE F 326 -32.41 35.45 -49.16
N PRO F 327 -33.34 34.73 -49.82
CA PRO F 327 -34.55 35.30 -50.41
C PRO F 327 -35.47 35.85 -49.32
N ALA F 328 -36.22 36.90 -49.67
CA ALA F 328 -37.13 37.56 -48.73
C ALA F 328 -38.25 36.63 -48.27
N ALA F 329 -38.52 36.66 -46.95
CA ALA F 329 -39.49 35.78 -46.31
C ALA F 329 -40.88 35.87 -46.94
N THR F 330 -41.35 34.74 -47.49
CA THR F 330 -42.62 34.69 -48.22
C THR F 330 -43.81 34.14 -47.41
N ASP F 331 -43.61 33.93 -46.11
CA ASP F 331 -44.71 33.66 -45.16
C ASP F 331 -44.44 34.24 -43.78
N GLU F 332 -45.46 34.28 -42.94
CA GLU F 332 -45.39 34.92 -41.62
C GLU F 332 -44.54 34.11 -40.62
N LYS F 333 -44.08 32.93 -41.05
CA LYS F 333 -43.38 31.99 -40.16
C LYS F 333 -41.84 31.98 -40.30
N ASP F 334 -41.33 32.50 -41.41
CA ASP F 334 -39.89 32.53 -41.69
C ASP F 334 -39.19 33.60 -40.84
N LYS F 335 -38.65 33.17 -39.69
CA LYS F 335 -38.02 34.07 -38.74
C LYS F 335 -36.49 34.01 -38.79
N PHE F 336 -35.95 33.49 -39.89
CA PHE F 336 -34.51 33.29 -40.01
C PHE F 336 -33.74 34.60 -40.05
N VAL F 337 -34.00 35.39 -41.09
CA VAL F 337 -33.23 36.62 -41.35
C VAL F 337 -33.29 37.61 -40.17
N GLU F 338 -34.42 37.64 -39.47
CA GLU F 338 -34.59 38.49 -38.29
C GLU F 338 -33.74 38.02 -37.12
N LYS F 339 -33.86 36.75 -36.78
CA LYS F 339 -33.20 36.18 -35.60
C LYS F 339 -31.70 36.00 -35.75
N MET F 340 -31.26 35.69 -36.97
CA MET F 340 -29.83 35.46 -37.23
C MET F 340 -29.04 36.75 -37.39
N THR F 341 -29.74 37.86 -37.57
CA THR F 341 -29.11 39.18 -37.57
C THR F 341 -28.77 39.59 -36.14
N SER F 342 -29.60 39.12 -35.20
CA SER F 342 -29.37 39.33 -33.77
C SER F 342 -28.18 38.49 -33.27
N PHE F 343 -27.99 37.33 -33.91
CA PHE F 343 -26.94 36.39 -33.55
C PHE F 343 -25.55 36.88 -34.00
N VAL F 344 -25.43 37.28 -35.27
CA VAL F 344 -24.16 37.69 -35.86
C VAL F 344 -23.54 38.94 -35.22
N LYS F 345 -24.40 39.89 -34.80
CA LYS F 345 -23.93 41.04 -34.02
C LYS F 345 -23.49 40.60 -32.62
N ASP F 346 -24.20 39.63 -32.08
CA ASP F 346 -23.93 39.10 -30.74
C ASP F 346 -22.71 38.16 -30.73
N ALA F 347 -22.55 37.37 -31.79
CA ALA F 347 -21.46 36.42 -31.88
C ALA F 347 -20.12 37.09 -32.19
N GLN F 348 -20.15 38.13 -33.01
CA GLN F 348 -18.95 38.85 -33.37
C GLN F 348 -18.50 39.73 -32.19
N GLU F 349 -19.47 40.13 -31.38
CA GLU F 349 -19.22 40.89 -30.15
C GLU F 349 -18.44 40.05 -29.14
N GLN F 350 -18.71 38.76 -29.13
CA GLN F 350 -18.02 37.83 -28.23
C GLN F 350 -16.71 37.30 -28.82
N TYR F 351 -16.66 37.13 -30.14
CA TYR F 351 -15.45 36.66 -30.82
C TYR F 351 -14.34 37.70 -30.71
N ASN F 352 -14.68 38.96 -30.94
CA ASN F 352 -13.70 40.05 -30.88
C ASN F 352 -13.10 40.24 -29.49
N LYS F 353 -13.89 39.94 -28.47
CA LYS F 353 -13.41 39.91 -27.08
C LYS F 353 -12.47 38.74 -26.84
N LEU F 354 -12.72 37.62 -27.52
CA LEU F 354 -11.82 36.47 -27.47
C LEU F 354 -10.54 36.74 -28.24
N ARG F 355 -10.69 37.22 -29.48
CA ARG F 355 -9.56 37.61 -30.33
C ARG F 355 -8.62 38.59 -29.61
N MET F 356 -9.21 39.45 -28.79
CA MET F 356 -8.46 40.36 -27.92
C MET F 356 -7.60 39.60 -26.94
N MET F 357 -8.26 38.77 -26.13
CA MET F 357 -7.60 37.98 -25.08
C MET F 357 -6.48 37.10 -25.62
N HIS F 358 -6.72 36.53 -26.80
CA HIS F 358 -5.80 35.61 -27.45
C HIS F 358 -4.50 36.29 -27.91
N SER F 359 -4.64 37.37 -28.70
CA SER F 359 -3.47 38.11 -29.19
C SER F 359 -2.72 38.80 -28.05
N ASN F 360 -3.46 39.18 -27.00
CA ASN F 360 -2.87 39.68 -25.77
C ASN F 360 -2.03 38.60 -25.08
N MET F 361 -2.59 37.40 -24.98
CA MET F 361 -1.90 36.25 -24.40
C MET F 361 -0.62 35.93 -25.18
N GLU F 362 -0.70 35.92 -26.52
CA GLU F 362 0.47 35.70 -27.37
C GLU F 362 1.53 36.78 -27.19
N THR F 363 1.08 38.03 -27.02
CA THR F 363 1.98 39.15 -26.72
C THR F 363 2.75 38.86 -25.43
N LEU F 364 2.02 38.47 -24.39
CA LEU F 364 2.61 38.13 -23.09
C LEU F 364 3.63 37.01 -23.16
N TYR F 365 3.41 36.06 -24.06
CA TYR F 365 4.34 34.95 -24.27
C TYR F 365 5.56 35.41 -25.09
N LYS F 366 5.33 36.30 -26.06
CA LYS F 366 6.42 36.93 -26.76
C LYS F 366 7.23 37.75 -25.75
N GLU F 367 6.53 38.30 -24.77
CA GLU F 367 7.15 39.12 -23.72
C GLU F 367 8.08 38.28 -22.83
N LEU F 368 7.59 37.12 -22.40
CA LEU F 368 8.40 36.17 -21.63
C LEU F 368 9.57 35.67 -22.45
N GLY F 369 9.34 35.47 -23.74
CA GLY F 369 10.38 35.06 -24.67
C GLY F 369 11.59 35.98 -24.67
N ASP F 370 11.33 37.28 -24.56
CA ASP F 370 12.40 38.27 -24.57
C ASP F 370 13.00 38.50 -23.19
N TYR F 371 12.14 38.49 -22.16
CA TYR F 371 12.58 38.73 -20.78
C TYR F 371 13.54 37.64 -20.34
N PHE F 372 13.17 36.39 -20.58
CA PHE F 372 14.04 35.27 -20.24
C PHE F 372 14.88 34.79 -21.40
N VAL F 373 14.86 35.55 -22.49
CA VAL F 373 15.62 35.26 -23.72
C VAL F 373 15.57 33.79 -24.21
N PHE F 374 14.43 33.45 -24.80
CA PHE F 374 14.23 32.16 -25.44
C PHE F 374 13.33 32.36 -26.67
N ASP F 375 13.55 31.55 -27.70
CA ASP F 375 12.83 31.70 -28.96
C ASP F 375 11.34 31.30 -28.83
N PRO F 376 10.43 32.29 -28.83
CA PRO F 376 9.00 32.02 -28.64
C PRO F 376 8.37 31.27 -29.81
N LYS F 377 9.06 31.26 -30.95
CA LYS F 377 8.54 30.57 -32.14
C LYS F 377 9.05 29.12 -32.26
N LYS F 378 10.16 28.80 -31.60
CA LYS F 378 10.72 27.47 -31.70
C LYS F 378 10.46 26.61 -30.44
N LEU F 379 9.67 27.16 -29.52
CA LEU F 379 9.23 26.44 -28.31
C LEU F 379 7.80 26.85 -27.98
N SER F 380 6.86 25.92 -28.15
CA SER F 380 5.43 26.22 -27.99
C SER F 380 5.06 26.50 -26.54
N VAL F 381 3.87 27.07 -26.34
CA VAL F 381 3.46 27.52 -25.02
C VAL F 381 3.34 26.36 -24.04
N GLU F 382 2.67 25.29 -24.49
CA GLU F 382 2.54 24.07 -23.69
C GLU F 382 3.89 23.44 -23.42
N GLU F 383 4.79 23.51 -24.42
CA GLU F 383 6.13 22.95 -24.31
C GLU F 383 6.85 23.59 -23.17
N PHE F 384 6.80 24.93 -23.13
CA PHE F 384 7.52 25.73 -22.15
C PHE F 384 7.02 25.48 -20.75
N PHE F 385 5.71 25.61 -20.59
CA PHE F 385 5.08 25.45 -19.28
C PHE F 385 5.11 24.02 -18.74
N MET F 386 5.19 23.04 -19.63
CA MET F 386 5.41 21.67 -19.17
C MET F 386 6.80 21.52 -18.55
N ASP F 387 7.81 22.11 -19.20
CA ASP F 387 9.18 22.06 -18.68
C ASP F 387 9.23 22.77 -17.33
N LEU F 388 8.50 23.88 -17.25
CA LEU F 388 8.46 24.72 -16.06
C LEU F 388 7.73 24.00 -14.94
N HIS F 389 6.63 23.34 -15.31
CA HIS F 389 5.84 22.55 -14.40
C HIS F 389 6.66 21.39 -13.87
N ASN F 390 7.32 20.68 -14.78
CA ASN F 390 8.18 19.54 -14.42
C ASN F 390 9.24 19.96 -13.42
N PHE F 391 9.90 21.09 -13.69
CA PHE F 391 10.90 21.63 -12.78
C PHE F 391 10.30 22.07 -11.45
N ARG F 392 9.10 22.64 -11.49
CA ARG F 392 8.43 23.04 -10.25
C ARG F 392 8.30 21.83 -9.31
N ASN F 393 7.86 20.72 -9.87
CA ASN F 393 7.67 19.49 -9.12
C ASN F 393 8.99 18.84 -8.72
N MET F 394 9.98 18.94 -9.60
CA MET F 394 11.34 18.50 -9.29
C MET F 394 11.89 19.20 -8.05
N PHE F 395 11.48 20.46 -7.87
CA PHE F 395 12.03 21.32 -6.83
C PHE F 395 11.45 21.00 -5.46
N LEU F 396 10.13 20.88 -5.40
CA LEU F 396 9.47 20.41 -4.18
C LEU F 396 10.02 19.03 -3.83
N GLN F 397 10.12 18.16 -4.84
CA GLN F 397 10.73 16.84 -4.71
C GLN F 397 12.08 16.92 -3.97
N ALA F 398 12.91 17.85 -4.41
CA ALA F 398 14.22 18.06 -3.80
C ALA F 398 14.10 18.54 -2.35
N VAL F 399 13.10 19.38 -2.08
CA VAL F 399 12.90 19.90 -0.74
C VAL F 399 12.45 18.80 0.21
N LYS F 400 11.46 18.00 -0.21
CA LYS F 400 11.01 16.86 0.57
C LYS F 400 12.16 15.89 0.82
N GLU F 401 12.88 15.52 -0.24
CA GLU F 401 14.05 14.65 -0.14
C GLU F 401 15.10 15.16 0.86
N ASN F 402 15.20 16.48 1.00
CA ASN F 402 16.18 17.09 1.90
C ASN F 402 15.78 17.05 3.37
N GLN F 403 14.51 17.33 3.66
CA GLN F 403 13.96 17.24 5.03
C GLN F 403 13.97 15.79 5.52
N LYS F 404 13.81 14.86 4.58
CA LYS F 404 13.81 13.43 4.83
C LYS F 404 15.23 12.91 5.11
N ARG F 405 16.19 13.35 4.31
CA ARG F 405 17.60 12.97 4.51
C ARG F 405 18.13 13.56 5.81
N ARG F 406 17.83 14.84 6.03
CA ARG F 406 18.25 15.56 7.23
C ARG F 406 17.67 14.98 8.52
N GLU F 407 16.41 14.54 8.48
CA GLU F 407 15.79 13.88 9.64
C GLU F 407 16.49 12.55 9.95
N THR F 408 16.96 11.86 8.91
CA THR F 408 17.70 10.60 9.07
C THR F 408 19.12 10.86 9.56
N GLU F 409 19.56 12.11 9.53
CA GLU F 409 20.87 12.51 10.07
C GLU F 409 20.76 12.90 11.54
N GLU F 410 19.62 13.50 11.90
CA GLU F 410 19.33 13.90 13.28
C GLU F 410 19.00 12.68 14.15
N LYS F 411 18.18 11.77 13.60
CA LYS F 411 17.77 10.55 14.32
C LYS F 411 18.84 9.45 14.29
N MET F 412 19.99 9.75 13.68
CA MET F 412 21.13 8.84 13.66
C MET F 412 22.30 9.41 14.47
N ARG F 413 22.34 10.74 14.57
CA ARG F 413 23.34 11.41 15.42
C ARG F 413 23.01 11.22 16.89
N ARG F 414 21.79 11.58 17.28
CA ARG F 414 21.31 11.40 18.66
C ARG F 414 21.36 9.95 19.10
N ALA F 415 20.98 9.05 18.19
CA ALA F 415 20.90 7.61 18.46
C ALA F 415 22.28 6.99 18.75
N LYS F 416 23.30 7.49 18.07
CA LYS F 416 24.67 7.02 18.30
C LYS F 416 25.23 7.66 19.57
N LEU F 417 24.74 8.86 19.90
CA LEU F 417 25.10 9.55 21.14
C LEU F 417 24.40 8.94 22.36
N ALA F 418 23.17 8.49 22.19
CA ALA F 418 22.43 7.77 23.23
C ALA F 418 23.04 6.39 23.49
N LYS F 419 23.94 5.98 22.60
CA LYS F 419 24.67 4.72 22.72
C LYS F 419 26.05 4.95 23.36
N GLU F 420 26.68 6.06 22.99
CA GLU F 420 27.93 6.50 23.61
C GLU F 420 27.70 6.95 25.06
N LYS F 421 26.47 7.39 25.33
CA LYS F 421 26.04 7.78 26.67
C LYS F 421 25.97 6.57 27.61
N ALA F 422 25.32 5.51 27.14
CA ALA F 422 25.12 4.28 27.91
C ALA F 422 26.42 3.48 28.10
N GLU F 423 27.25 3.45 27.06
CA GLU F 423 28.54 2.75 27.09
C GLU F 423 29.53 3.35 28.09
N LYS F 424 29.52 4.68 28.21
CA LYS F 424 30.35 5.39 29.18
C LYS F 424 29.89 5.11 30.61
N GLU F 425 28.58 5.12 30.81
CA GLU F 425 27.96 4.83 32.11
C GLU F 425 28.08 3.36 32.50
N ARG F 426 28.08 2.49 31.49
CA ARG F 426 28.24 1.03 31.70
C ARG F 426 29.66 0.70 32.17
N LEU F 427 30.64 1.44 31.66
CA LEU F 427 32.03 1.27 32.07
C LEU F 427 32.29 1.97 33.42
N GLU F 428 31.47 2.99 33.72
CA GLU F 428 31.55 3.70 35.00
C GLU F 428 31.06 2.82 36.16
N LYS F 429 30.07 1.98 35.88
CA LYS F 429 29.53 1.02 36.85
C LYS F 429 30.54 -0.09 37.15
N GLN F 430 31.16 -0.62 36.09
CA GLN F 430 32.17 -1.68 36.18
C GLN F 430 33.41 -1.25 36.96
N GLN F 431 33.83 0.00 36.73
CA GLN F 431 35.00 0.57 37.41
C GLN F 431 34.75 0.87 38.89
N LYS F 432 33.49 0.82 39.30
CA LYS F 432 33.11 0.98 40.71
C LYS F 432 33.06 -0.36 41.45
N ARG F 433 32.60 -1.39 40.75
CA ARG F 433 32.48 -2.74 41.34
C ARG F 433 33.83 -3.46 41.44
N GLU F 434 34.70 -3.22 40.46
CA GLU F 434 36.05 -3.81 40.44
C GLU F 434 36.97 -3.25 41.54
N GLN F 435 36.51 -2.19 42.22
CA GLN F 435 37.25 -1.59 43.33
C GLN F 435 37.04 -2.34 44.64
N LEU F 436 36.86 -3.65 44.52
CA LEU F 436 36.70 -4.56 45.67
C LEU F 436 37.45 -5.87 45.42
N ILE F 437 37.54 -6.26 44.15
CA ILE F 437 38.31 -7.43 43.71
C ILE F 437 39.15 -7.09 42.46
N ASP F 438 40.47 -7.21 42.60
CA ASP F 438 41.42 -6.80 41.56
C ASP F 438 41.95 -8.01 40.80
N MET F 439 41.61 -8.12 39.52
CA MET F 439 41.99 -9.30 38.73
C MET F 439 43.04 -8.99 37.66
N ASN F 440 44.31 -9.22 38.01
CA ASN F 440 45.43 -9.08 37.07
C ASN F 440 46.62 -9.99 37.39
N ALA F 441 47.15 -9.86 38.61
CA ALA F 441 48.23 -10.71 39.13
C ALA F 441 48.39 -10.51 40.64
N GLU F 442 47.40 -11.00 41.38
CA GLU F 442 47.29 -10.74 42.82
C GLU F 442 48.24 -11.58 43.69
N GLY F 443 48.18 -11.33 45.00
CA GLY F 443 48.91 -12.11 45.99
C GLY F 443 47.95 -12.87 46.89
N ASP F 444 47.89 -12.47 48.16
CA ASP F 444 47.08 -13.18 49.17
C ASP F 444 46.24 -12.22 50.00
N GLU F 445 45.05 -12.68 50.38
CA GLU F 445 44.19 -12.01 51.37
C GLU F 445 43.00 -12.90 51.73
N THR F 446 42.83 -13.14 53.04
CA THR F 446 41.71 -13.93 53.55
C THR F 446 40.57 -13.06 54.06
N GLY F 447 40.69 -11.75 53.87
CA GLY F 447 39.62 -10.81 54.22
C GLY F 447 38.48 -11.02 53.25
N VAL F 448 38.48 -10.23 52.18
CA VAL F 448 37.58 -10.38 51.03
C VAL F 448 36.10 -10.59 51.39
N MET F 449 35.74 -11.83 51.74
CA MET F 449 34.38 -12.19 52.14
C MET F 449 33.89 -11.37 53.33
N ASP F 450 34.79 -11.07 54.26
CA ASP F 450 34.51 -10.22 55.40
C ASP F 450 34.33 -8.76 54.97
N SER F 451 35.05 -8.38 53.91
CA SER F 451 34.94 -7.03 53.34
C SER F 451 33.70 -6.89 52.47
N LEU F 452 33.26 -8.01 51.89
CA LEU F 452 32.05 -8.05 51.07
C LEU F 452 30.80 -7.82 51.92
N LEU F 453 30.67 -8.57 53.00
CA LEU F 453 29.49 -8.53 53.85
C LEU F 453 29.44 -7.30 54.75
N GLU F 454 30.59 -6.67 54.98
CA GLU F 454 30.69 -5.45 55.77
C GLU F 454 30.01 -4.27 55.08
N ALA F 455 29.88 -4.36 53.76
CA ALA F 455 29.21 -3.34 52.96
C ALA F 455 27.83 -3.81 52.51
N LEU F 456 27.75 -5.07 52.09
CA LEU F 456 26.49 -5.69 51.66
C LEU F 456 25.41 -5.54 52.72
N GLN F 457 25.75 -5.91 53.95
CA GLN F 457 24.81 -5.87 55.08
C GLN F 457 24.63 -4.47 55.64
N SER F 458 25.62 -3.61 55.44
CA SER F 458 25.56 -2.20 55.86
C SER F 458 25.00 -1.29 54.77
N GLY F 459 24.77 -1.86 53.58
CA GLY F 459 24.07 -1.16 52.51
C GLY F 459 24.91 -0.39 51.51
N ALA F 460 26.16 -0.12 51.87
CA ALA F 460 27.06 0.66 51.02
C ALA F 460 27.32 -0.02 49.66
N ALA F 461 27.21 -1.34 49.64
CA ALA F 461 27.50 -2.15 48.44
C ALA F 461 26.42 -2.04 47.37
N PHE F 462 25.68 -0.93 47.39
CA PHE F 462 24.63 -0.64 46.41
C PHE F 462 24.69 0.83 46.00
N ARG F 463 25.56 1.14 45.05
CA ARG F 463 25.86 2.52 44.63
C ARG F 463 24.65 3.26 44.04
N ARG F 464 24.77 4.58 43.91
CA ARG F 464 23.68 5.44 43.42
C ARG F 464 23.81 5.77 41.93
N LYS F 465 24.74 6.67 41.60
CA LYS F 465 24.97 7.19 40.23
C LYS F 465 24.07 6.59 39.14
N VAL G 12 -34.70 48.22 18.62
CA VAL G 12 -34.63 49.61 19.14
C VAL G 12 -33.35 50.32 18.65
N LEU G 13 -32.62 49.64 17.76
CA LEU G 13 -31.36 50.13 17.13
C LEU G 13 -30.08 49.93 17.96
N PRO G 14 -29.06 49.25 17.38
CA PRO G 14 -27.85 48.79 18.08
C PRO G 14 -26.69 49.80 18.08
N PHE G 15 -25.51 49.33 18.49
CA PHE G 15 -24.32 50.18 18.64
C PHE G 15 -23.44 50.21 17.39
N GLY G 16 -23.64 51.23 16.56
CA GLY G 16 -22.82 51.47 15.37
C GLY G 16 -23.55 51.25 14.05
N LEU G 17 -24.18 50.09 13.91
CA LEU G 17 -24.72 49.64 12.62
C LEU G 17 -26.25 49.51 12.59
N THR G 18 -26.76 48.81 11.57
CA THR G 18 -28.20 48.60 11.38
C THR G 18 -28.53 47.11 11.20
N PRO G 19 -29.78 46.70 11.54
CA PRO G 19 -30.30 45.33 11.50
C PRO G 19 -29.88 44.48 10.30
N LYS G 20 -29.60 43.21 10.56
CA LYS G 20 -29.26 42.24 9.53
C LYS G 20 -30.54 41.63 8.97
N LYS G 21 -30.67 41.67 7.64
CA LYS G 21 -31.89 41.30 6.93
C LYS G 21 -32.49 39.95 7.34
N VAL G 22 -33.81 39.94 7.51
CA VAL G 22 -34.56 38.75 7.90
C VAL G 22 -34.92 37.93 6.67
N TYR G 23 -34.59 36.63 6.71
CA TYR G 23 -34.91 35.73 5.61
C TYR G 23 -36.11 34.84 5.94
N LYS G 24 -37.01 34.68 4.98
CA LYS G 24 -38.20 33.85 5.12
C LYS G 24 -38.14 32.73 4.07
N PRO G 25 -37.41 31.65 4.39
CA PRO G 25 -37.11 30.60 3.41
C PRO G 25 -38.27 29.64 3.16
N GLU G 26 -38.28 29.04 1.97
CA GLU G 26 -39.32 28.11 1.52
C GLU G 26 -39.21 26.75 2.21
N VAL G 27 -37.99 26.20 2.21
CA VAL G 27 -37.74 24.87 2.76
C VAL G 27 -36.84 24.98 3.99
N GLN G 28 -37.12 24.19 5.01
CA GLN G 28 -36.30 24.17 6.23
C GLN G 28 -35.02 23.36 6.01
N LEU G 29 -33.90 23.97 6.34
CA LEU G 29 -32.58 23.38 6.13
C LEU G 29 -31.92 23.00 7.45
N ARG G 30 -30.99 22.05 7.39
CA ARG G 30 -30.11 21.76 8.51
C ARG G 30 -29.22 22.98 8.74
N ARG G 31 -28.84 23.21 9.99
CA ARG G 31 -28.10 24.43 10.33
C ARG G 31 -26.96 24.21 11.32
N PRO G 32 -25.98 25.13 11.33
CA PRO G 32 -24.91 25.07 12.32
C PRO G 32 -25.30 25.79 13.61
N ASN G 33 -25.17 25.09 14.74
CA ASN G 33 -25.48 25.69 16.04
C ASN G 33 -24.24 26.28 16.69
N TRP G 34 -23.95 27.53 16.36
CA TRP G 34 -22.78 28.23 16.89
C TRP G 34 -23.10 29.16 18.06
N SER G 35 -22.07 29.83 18.58
CA SER G 35 -22.25 30.90 19.55
C SER G 35 -22.42 32.21 18.79
N LYS G 36 -23.68 32.58 18.54
CA LYS G 36 -23.98 33.77 17.73
C LYS G 36 -23.63 35.08 18.43
N PHE G 37 -23.42 36.12 17.64
CA PHE G 37 -23.18 37.46 18.16
C PHE G 37 -24.27 38.41 17.70
N VAL G 38 -25.01 38.96 18.65
CA VAL G 38 -26.07 39.91 18.36
C VAL G 38 -25.62 41.34 18.67
N ALA G 39 -26.23 42.31 17.98
CA ALA G 39 -26.07 43.73 18.26
C ALA G 39 -24.79 44.11 19.04
N GLU G 40 -24.93 44.26 20.36
CA GLU G 40 -23.93 44.92 21.20
C GLU G 40 -22.79 44.06 21.77
N ASP G 41 -22.49 42.93 21.12
CA ASP G 41 -21.33 42.12 21.48
C ASP G 41 -20.06 42.69 20.86
N LEU G 42 -20.26 43.49 19.82
CA LEU G 42 -19.19 44.04 19.00
C LEU G 42 -18.60 45.30 19.61
N SER G 43 -17.48 45.76 19.06
CA SER G 43 -16.91 47.06 19.42
C SER G 43 -16.76 47.94 18.17
N GLN G 44 -16.07 49.07 18.32
CA GLN G 44 -15.87 49.99 17.20
C GLN G 44 -14.79 49.53 16.21
N ASP G 45 -13.71 48.95 16.74
CA ASP G 45 -12.58 48.53 15.90
C ASP G 45 -12.48 47.00 15.75
N CYS G 46 -13.60 46.31 15.93
CA CYS G 46 -13.64 44.86 15.74
C CYS G 46 -13.94 44.49 14.28
N PHE G 47 -13.72 43.22 13.95
CA PHE G 47 -13.89 42.71 12.58
C PHE G 47 -15.34 42.70 12.11
N TRP G 48 -16.25 42.35 13.01
CA TRP G 48 -17.65 42.09 12.64
C TRP G 48 -18.46 43.37 12.40
N THR G 49 -17.84 44.52 12.60
CA THR G 49 -18.46 45.82 12.28
C THR G 49 -18.32 46.10 10.78
N LYS G 50 -17.10 45.92 10.27
CA LYS G 50 -16.76 46.11 8.85
C LYS G 50 -17.60 45.22 7.92
N VAL G 51 -18.18 44.15 8.47
CA VAL G 51 -18.85 43.14 7.65
C VAL G 51 -20.38 43.20 7.65
N LYS G 52 -20.93 44.40 7.90
CA LYS G 52 -22.35 44.67 7.64
C LYS G 52 -22.57 44.61 6.12
N GLU G 53 -21.64 43.93 5.44
CA GLU G 53 -21.61 43.82 4.00
C GLU G 53 -22.69 42.87 3.47
N ASP G 54 -22.44 41.57 3.57
CA ASP G 54 -23.34 40.52 3.03
C ASP G 54 -23.41 40.57 1.50
N ARG G 55 -23.60 41.78 0.97
CA ARG G 55 -23.66 42.03 -0.48
C ARG G 55 -22.32 41.73 -1.17
N PHE G 56 -21.24 41.76 -0.41
CA PHE G 56 -19.91 41.41 -0.90
C PHE G 56 -19.90 39.99 -1.48
N GLU G 57 -20.89 39.18 -1.07
CA GLU G 57 -20.99 37.79 -1.50
C GLU G 57 -22.45 37.33 -1.76
N ASN G 58 -23.19 38.10 -2.55
CA ASN G 58 -24.61 37.82 -2.81
C ASN G 58 -24.93 37.25 -4.19
N ASN G 59 -25.55 36.07 -4.22
CA ASN G 59 -25.88 35.35 -5.46
C ASN G 59 -27.25 34.68 -5.44
N GLU G 60 -27.36 33.56 -6.16
CA GLU G 60 -28.54 32.69 -6.15
C GLU G 60 -28.31 31.46 -5.28
N LEU G 61 -27.15 31.42 -4.63
CA LEU G 61 -26.73 30.28 -3.80
C LEU G 61 -27.70 29.96 -2.67
N PHE G 62 -28.48 30.97 -2.25
CA PHE G 62 -29.60 30.78 -1.33
C PHE G 62 -30.51 29.66 -1.86
N ALA G 63 -30.70 29.64 -3.17
CA ALA G 63 -31.51 28.63 -3.85
C ALA G 63 -30.72 27.37 -4.19
N LYS G 64 -29.41 27.42 -3.99
CA LYS G 64 -28.54 26.26 -4.24
C LYS G 64 -28.24 25.53 -2.95
N LEU G 65 -28.24 26.27 -1.85
CA LEU G 65 -28.15 25.74 -0.50
C LEU G 65 -29.39 24.91 -0.15
N THR G 66 -30.57 25.51 -0.36
CA THR G 66 -31.84 24.85 -0.08
C THR G 66 -31.93 23.47 -0.73
N LEU G 67 -31.28 23.33 -1.88
CA LEU G 67 -31.32 22.10 -2.67
C LEU G 67 -30.50 20.97 -2.07
N ALA G 68 -29.45 21.32 -1.32
CA ALA G 68 -28.49 20.34 -0.79
C ALA G 68 -28.68 19.96 0.68
N PHE G 69 -29.25 20.88 1.45
CA PHE G 69 -29.38 20.73 2.92
C PHE G 69 -30.82 20.61 3.45
N SER G 70 -31.78 20.34 2.56
CA SER G 70 -33.19 20.25 2.93
C SER G 70 -33.50 19.01 3.77
N ALA G 71 -34.21 19.20 4.88
CA ALA G 71 -34.66 18.09 5.71
C ALA G 71 -36.18 17.99 5.70
N GLN G 72 -36.72 17.32 4.69
CA GLN G 72 -38.16 17.14 4.54
C GLN G 72 -38.53 15.65 4.76
N THR G 73 -39.78 15.31 4.44
CA THR G 73 -40.22 13.91 4.33
C THR G 73 -40.12 13.47 2.86
N LYS G 95 -63.80 5.20 22.53
CA LYS G 95 -62.79 4.15 22.44
C LYS G 95 -63.44 2.76 22.41
N VAL G 96 -64.38 2.57 21.49
CA VAL G 96 -65.18 1.34 21.37
C VAL G 96 -64.46 0.10 21.92
N LYS G 97 -65.06 -0.51 22.95
CA LYS G 97 -64.54 -1.69 23.65
C LYS G 97 -63.62 -1.34 24.83
N GLU G 98 -63.89 -1.97 25.98
CA GLU G 98 -63.28 -1.63 27.27
C GLU G 98 -62.63 -2.85 27.90
N LEU G 99 -61.46 -2.65 28.52
CA LEU G 99 -60.67 -3.74 29.11
C LEU G 99 -61.16 -4.22 30.47
N LYS G 100 -60.97 -5.51 30.72
CA LYS G 100 -61.50 -6.15 31.94
C LYS G 100 -60.48 -6.97 32.72
N VAL G 101 -59.41 -7.43 32.06
CA VAL G 101 -58.44 -8.30 32.73
C VAL G 101 -57.00 -7.80 32.58
N LEU G 102 -56.56 -7.65 31.33
CA LEU G 102 -55.17 -7.30 31.02
C LEU G 102 -54.73 -5.96 31.60
N ASP G 103 -53.42 -5.77 31.71
CA ASP G 103 -52.83 -4.47 32.06
C ASP G 103 -52.61 -3.65 30.79
N SER G 104 -52.48 -2.32 30.94
CA SER G 104 -52.38 -1.42 29.78
C SER G 104 -51.05 -1.51 29.01
N LYS G 105 -50.13 -2.36 29.48
CA LYS G 105 -48.95 -2.71 28.70
C LYS G 105 -49.29 -3.83 27.72
N THR G 106 -49.55 -5.03 28.25
CA THR G 106 -49.76 -6.25 27.46
C THR G 106 -50.90 -6.14 26.46
N ALA G 107 -51.96 -5.43 26.86
CA ALA G 107 -53.12 -5.20 26.01
C ALA G 107 -52.76 -4.26 24.87
N GLN G 108 -51.89 -3.29 25.14
CA GLN G 108 -51.41 -2.37 24.12
C GLN G 108 -50.49 -3.05 23.10
N ASN G 109 -49.49 -3.78 23.60
CA ASN G 109 -48.56 -4.53 22.74
C ASN G 109 -49.31 -5.47 21.80
N LEU G 110 -50.29 -6.19 22.35
CA LEU G 110 -51.10 -7.10 21.55
C LEU G 110 -51.79 -6.36 20.40
N SER G 111 -52.40 -5.22 20.69
CA SER G 111 -53.03 -4.38 19.65
C SER G 111 -52.15 -4.18 18.42
N ILE G 112 -50.94 -3.66 18.62
CA ILE G 112 -49.96 -3.46 17.54
C ILE G 112 -49.67 -4.76 16.82
N PHE G 113 -49.42 -5.81 17.60
CA PHE G 113 -49.07 -7.14 17.10
C PHE G 113 -50.16 -7.73 16.20
N LEU G 114 -51.41 -7.57 16.60
CA LEU G 114 -52.56 -8.14 15.90
C LEU G 114 -52.99 -7.34 14.68
N GLY G 115 -52.55 -6.08 14.62
CA GLY G 115 -52.73 -5.26 13.42
C GLY G 115 -51.69 -5.57 12.37
N SER G 116 -50.63 -6.28 12.79
CA SER G 116 -49.58 -6.75 11.88
C SER G 116 -49.84 -8.18 11.42
N PHE G 117 -50.24 -9.03 12.37
CA PHE G 117 -50.41 -10.45 12.12
C PHE G 117 -51.61 -10.73 11.22
N ARG G 118 -52.75 -10.12 11.53
CA ARG G 118 -53.95 -10.12 10.68
C ARG G 118 -54.64 -11.49 10.48
N MET G 119 -54.02 -12.56 11.00
CA MET G 119 -54.57 -13.91 10.91
C MET G 119 -55.67 -14.09 11.95
N PRO G 120 -56.85 -14.59 11.51
CA PRO G 120 -58.02 -14.79 12.38
C PRO G 120 -57.71 -15.65 13.61
N TYR G 121 -58.32 -15.30 14.74
CA TYR G 121 -57.97 -15.90 16.05
C TYR G 121 -58.19 -17.40 16.14
N GLN G 122 -59.21 -17.89 15.44
CA GLN G 122 -59.47 -19.33 15.39
C GLN G 122 -58.43 -20.08 14.57
N GLU G 123 -57.91 -19.42 13.53
CA GLU G 123 -56.88 -19.99 12.66
C GLU G 123 -55.54 -20.06 13.39
N ILE G 124 -55.22 -19.02 14.17
CA ILE G 124 -54.03 -19.01 15.03
C ILE G 124 -53.97 -20.25 15.92
N LYS G 125 -55.09 -20.54 16.60
CA LYS G 125 -55.23 -21.71 17.46
C LYS G 125 -55.13 -23.01 16.66
N ASN G 126 -55.68 -23.00 15.44
CA ASN G 126 -55.65 -24.17 14.55
C ASN G 126 -54.26 -24.49 13.99
N VAL G 127 -53.35 -23.52 14.05
CA VAL G 127 -51.97 -23.72 13.58
C VAL G 127 -51.02 -24.04 14.74
N ILE G 128 -51.45 -23.71 15.96
CA ILE G 128 -50.70 -24.05 17.18
C ILE G 128 -50.90 -25.52 17.57
N LEU G 129 -52.16 -25.96 17.60
CA LEU G 129 -52.52 -27.34 17.94
C LEU G 129 -52.06 -28.34 16.88
N GLU G 130 -52.15 -27.96 15.61
CA GLU G 130 -51.78 -28.83 14.49
C GLU G 130 -50.29 -28.89 14.23
N VAL G 131 -49.55 -27.89 14.71
CA VAL G 131 -48.13 -27.72 14.40
C VAL G 131 -47.90 -27.75 12.88
N ASN G 132 -48.55 -26.82 12.19
CA ASN G 132 -48.49 -26.74 10.73
C ASN G 132 -47.15 -26.19 10.24
N GLU G 133 -46.33 -27.07 9.67
CA GLU G 133 -44.97 -26.74 9.26
C GLU G 133 -44.92 -25.77 8.06
N ALA G 134 -45.99 -25.77 7.26
CA ALA G 134 -46.08 -24.90 6.09
C ALA G 134 -46.38 -23.44 6.47
N VAL G 135 -46.93 -23.23 7.65
CA VAL G 135 -47.37 -21.90 8.09
C VAL G 135 -46.42 -21.26 9.11
N LEU G 136 -46.13 -21.99 10.19
CA LEU G 136 -45.32 -21.47 11.30
C LEU G 136 -43.85 -21.26 10.94
N THR G 137 -43.35 -20.06 11.20
CA THR G 137 -41.92 -19.80 11.09
C THR G 137 -41.31 -19.60 12.46
N GLU G 138 -39.98 -19.68 12.52
CA GLU G 138 -39.22 -19.34 13.71
C GLU G 138 -39.64 -17.95 14.18
N SER G 139 -39.78 -17.05 13.21
CA SER G 139 -40.19 -15.66 13.46
C SER G 139 -41.58 -15.59 14.05
N MET G 140 -42.46 -16.49 13.61
CA MET G 140 -43.85 -16.53 14.04
C MET G 140 -43.95 -16.86 15.52
N ILE G 141 -43.46 -18.03 15.92
CA ILE G 141 -43.57 -18.52 17.30
C ILE G 141 -42.94 -17.57 18.34
N GLN G 142 -41.78 -17.01 17.99
CA GLN G 142 -41.07 -16.07 18.87
C GLN G 142 -41.89 -14.83 19.19
N ASN G 143 -42.58 -14.30 18.17
CA ASN G 143 -43.56 -13.22 18.37
C ASN G 143 -44.64 -13.68 19.33
N LEU G 144 -45.21 -14.85 19.05
CA LEU G 144 -46.25 -15.42 19.88
C LEU G 144 -45.80 -15.66 21.32
N ILE G 145 -44.56 -16.12 21.52
CA ILE G 145 -44.03 -16.30 22.87
C ILE G 145 -43.83 -14.97 23.61
N LYS G 146 -43.42 -13.94 22.87
CA LYS G 146 -43.18 -12.63 23.48
C LYS G 146 -44.49 -11.92 23.85
N GLN G 147 -45.48 -12.03 22.95
CA GLN G 147 -46.71 -11.23 23.04
C GLN G 147 -47.77 -11.76 23.99
N MET G 148 -47.77 -13.08 24.16
CA MET G 148 -48.78 -13.77 24.97
C MET G 148 -48.83 -13.29 26.42
N PRO G 149 -50.05 -13.13 26.96
CA PRO G 149 -50.23 -12.85 28.38
C PRO G 149 -49.78 -14.05 29.21
N GLU G 150 -49.40 -13.81 30.46
CA GLU G 150 -48.93 -14.89 31.31
C GLU G 150 -50.06 -15.69 31.98
N PRO G 151 -49.83 -16.99 32.25
CA PRO G 151 -50.79 -17.98 32.74
C PRO G 151 -51.97 -17.42 33.54
N GLU G 152 -51.67 -16.62 34.56
CA GLU G 152 -52.69 -16.08 35.48
C GLU G 152 -53.74 -15.29 34.74
N GLN G 153 -53.31 -14.48 33.78
CA GLN G 153 -54.18 -13.62 32.99
C GLN G 153 -55.02 -14.40 31.97
N LEU G 154 -54.44 -15.47 31.43
CA LEU G 154 -55.14 -16.34 30.50
C LEU G 154 -56.30 -17.04 31.19
N LYS G 155 -56.04 -17.60 32.36
CA LYS G 155 -57.07 -18.31 33.11
C LYS G 155 -58.10 -17.33 33.69
N MET G 156 -57.67 -16.09 33.95
CA MET G 156 -58.57 -15.01 34.37
C MET G 156 -59.49 -14.53 33.24
N LEU G 157 -59.08 -14.78 31.99
CA LEU G 157 -59.88 -14.42 30.82
C LEU G 157 -60.78 -15.57 30.35
N SER G 158 -60.34 -16.81 30.57
CA SER G 158 -61.14 -17.99 30.21
C SER G 158 -62.43 -18.07 31.03
N GLU G 159 -62.54 -17.23 32.05
CA GLU G 159 -63.70 -17.15 32.91
C GLU G 159 -64.69 -16.06 32.48
N LEU G 160 -64.56 -15.61 31.24
CA LEU G 160 -65.40 -14.54 30.70
C LEU G 160 -65.89 -14.89 29.27
N LYS G 161 -65.92 -16.20 28.96
CA LYS G 161 -66.18 -16.72 27.61
C LYS G 161 -67.42 -16.17 26.90
N GLU G 162 -68.55 -16.13 27.61
CA GLU G 162 -69.85 -15.80 27.01
C GLU G 162 -69.95 -14.36 26.47
N GLU G 163 -69.18 -13.44 27.04
CA GLU G 163 -69.21 -12.03 26.63
C GLU G 163 -68.08 -11.68 25.64
N TYR G 164 -67.87 -12.54 24.65
CA TYR G 164 -66.76 -12.41 23.68
C TYR G 164 -66.85 -11.20 22.76
N ASP G 165 -68.07 -10.87 22.33
CA ASP G 165 -68.29 -9.81 21.34
C ASP G 165 -68.18 -8.40 21.94
N ASP G 166 -68.27 -8.32 23.26
CA ASP G 166 -68.18 -7.06 24.00
C ASP G 166 -66.74 -6.72 24.39
N LEU G 167 -65.85 -7.71 24.30
CA LEU G 167 -64.44 -7.57 24.69
C LEU G 167 -63.60 -6.91 23.62
N ALA G 168 -62.50 -6.27 24.04
CA ALA G 168 -61.56 -5.62 23.13
C ALA G 168 -60.75 -6.65 22.36
N GLU G 169 -60.28 -6.26 21.18
CA GLU G 169 -59.49 -7.15 20.31
C GLU G 169 -58.32 -7.81 21.02
N SER G 170 -57.74 -7.10 21.99
CA SER G 170 -56.61 -7.60 22.77
C SER G 170 -56.96 -8.77 23.67
N GLU G 171 -58.21 -8.80 24.15
CA GLU G 171 -58.69 -9.86 25.04
C GLU G 171 -59.42 -10.97 24.29
N GLN G 172 -60.04 -10.64 23.16
CA GLN G 172 -60.64 -11.64 22.26
C GLN G 172 -59.63 -12.72 21.93
N PHE G 173 -58.38 -12.32 21.74
CA PHE G 173 -57.25 -13.23 21.53
C PHE G 173 -56.98 -14.06 22.78
N GLY G 174 -57.02 -13.40 23.94
CA GLY G 174 -56.72 -14.04 25.23
C GLY G 174 -57.66 -15.14 25.63
N VAL G 175 -58.94 -14.98 25.29
CA VAL G 175 -59.96 -15.99 25.58
C VAL G 175 -59.76 -17.25 24.74
N VAL G 176 -59.54 -17.05 23.43
CA VAL G 176 -59.25 -18.13 22.48
C VAL G 176 -57.95 -18.86 22.83
N MET G 177 -56.96 -18.11 23.30
CA MET G 177 -55.69 -18.69 23.74
C MET G 177 -55.76 -19.17 25.19
N GLY G 178 -56.88 -18.91 25.85
CA GLY G 178 -57.13 -19.42 27.18
C GLY G 178 -57.67 -20.84 27.15
N THR G 179 -58.12 -21.29 25.98
CA THR G 179 -58.69 -22.62 25.79
C THR G 179 -57.63 -23.65 25.38
N VAL G 180 -56.54 -23.18 24.79
CA VAL G 180 -55.42 -24.04 24.41
C VAL G 180 -54.70 -24.47 25.69
N PRO G 181 -54.68 -25.79 25.98
CA PRO G 181 -54.15 -26.28 27.25
C PRO G 181 -52.63 -26.31 27.31
N ARG G 182 -52.08 -25.95 28.48
CA ARG G 182 -50.63 -25.91 28.72
C ARG G 182 -49.90 -25.28 27.53
N LEU G 183 -50.21 -24.01 27.27
CA LEU G 183 -49.71 -23.31 26.10
C LEU G 183 -48.26 -22.85 26.26
N ARG G 184 -47.91 -22.40 27.47
CA ARG G 184 -46.55 -21.94 27.79
C ARG G 184 -45.45 -22.97 27.47
N PRO G 185 -45.66 -24.25 27.84
CA PRO G 185 -44.69 -25.27 27.42
C PRO G 185 -44.88 -25.73 25.97
N ARG G 186 -46.12 -25.68 25.47
CA ARG G 186 -46.47 -26.14 24.12
C ARG G 186 -45.76 -25.34 23.03
N LEU G 187 -45.59 -24.05 23.27
CA LEU G 187 -44.86 -23.18 22.33
C LEU G 187 -43.34 -23.37 22.44
N ASN G 188 -42.84 -23.46 23.66
CA ASN G 188 -41.41 -23.71 23.93
C ASN G 188 -40.86 -24.92 23.19
N ALA G 189 -41.73 -25.91 22.94
CA ALA G 189 -41.36 -27.10 22.22
C ALA G 189 -41.31 -26.87 20.71
N ILE G 190 -42.37 -26.26 20.17
CA ILE G 190 -42.46 -25.98 18.72
C ILE G 190 -41.32 -25.06 18.27
N LEU G 191 -40.99 -24.09 19.12
CA LEU G 191 -39.84 -23.21 18.93
C LEU G 191 -38.57 -24.03 18.79
N PHE G 192 -38.35 -24.93 19.76
CA PHE G 192 -37.19 -25.80 19.80
C PHE G 192 -37.14 -26.74 18.58
N LYS G 193 -38.31 -27.13 18.07
CA LYS G 193 -38.41 -28.02 16.91
C LYS G 193 -38.06 -27.32 15.59
N LEU G 194 -38.51 -26.08 15.44
CA LEU G 194 -38.22 -25.30 14.25
C LEU G 194 -36.76 -24.82 14.21
N GLN G 195 -36.13 -24.78 15.39
CA GLN G 195 -34.74 -24.32 15.54
C GLN G 195 -33.73 -25.46 15.60
N PHE G 196 -34.20 -26.69 15.82
CA PHE G 196 -33.31 -27.83 16.10
C PHE G 196 -32.24 -28.08 15.04
N SER G 197 -32.64 -28.14 13.76
CA SER G 197 -31.70 -28.41 12.67
C SER G 197 -30.65 -27.31 12.48
N GLU G 198 -30.94 -26.10 12.98
CA GLU G 198 -29.99 -24.99 12.94
C GLU G 198 -28.84 -25.17 13.93
N GLN G 199 -29.18 -25.44 15.19
CA GLN G 199 -28.15 -25.60 16.24
C GLN G 199 -27.35 -26.91 16.11
N VAL G 200 -27.79 -27.80 15.21
CA VAL G 200 -26.99 -28.95 14.81
C VAL G 200 -25.87 -28.46 13.89
N GLU G 201 -26.20 -27.49 13.04
CA GLU G 201 -25.24 -26.89 12.11
C GLU G 201 -24.36 -25.82 12.75
N ASN G 202 -24.48 -25.68 14.08
CA ASN G 202 -23.59 -24.79 14.83
C ASN G 202 -22.64 -25.58 15.74
N ILE G 203 -22.91 -26.88 15.89
CA ILE G 203 -22.09 -27.75 16.72
C ILE G 203 -21.25 -28.71 15.87
N LYS G 204 -21.89 -29.36 14.90
CA LYS G 204 -21.18 -30.30 14.01
C LYS G 204 -19.91 -29.69 13.39
N PRO G 205 -20.05 -28.59 12.61
CA PRO G 205 -18.86 -28.05 11.92
C PRO G 205 -17.69 -27.84 12.88
N GLU G 206 -17.99 -27.43 14.11
CA GLU G 206 -16.96 -27.14 15.10
C GLU G 206 -16.33 -28.41 15.69
N ILE G 207 -17.13 -29.45 15.89
CA ILE G 207 -16.63 -30.74 16.36
C ILE G 207 -15.74 -31.35 15.28
N VAL G 208 -16.19 -31.28 14.03
CA VAL G 208 -15.43 -31.75 12.87
C VAL G 208 -14.04 -31.09 12.83
N SER G 209 -14.02 -29.77 12.99
CA SER G 209 -12.78 -28.98 12.93
C SER G 209 -11.73 -29.41 13.94
N VAL G 210 -12.17 -29.76 15.15
CA VAL G 210 -11.25 -30.21 16.20
C VAL G 210 -10.92 -31.69 16.03
N THR G 211 -11.92 -32.49 15.65
CA THR G 211 -11.71 -33.89 15.36
C THR G 211 -10.57 -34.06 14.35
N ALA G 212 -10.65 -33.30 13.25
CA ALA G 212 -9.66 -33.38 12.17
C ALA G 212 -8.26 -32.86 12.56
N ALA G 213 -8.23 -31.77 13.33
CA ALA G 213 -6.98 -31.14 13.74
C ALA G 213 -6.12 -32.05 14.60
N CYS G 214 -6.76 -32.80 15.50
CA CYS G 214 -6.07 -33.77 16.35
C CYS G 214 -5.44 -34.86 15.51
N GLU G 215 -6.23 -35.41 14.60
CA GLU G 215 -5.79 -36.46 13.69
C GLU G 215 -4.57 -36.02 12.90
N GLU G 216 -4.71 -34.92 12.19
CA GLU G 216 -3.64 -34.35 11.38
C GLU G 216 -2.35 -34.16 12.18
N LEU G 217 -2.49 -33.63 13.39
CA LEU G 217 -1.36 -33.42 14.30
C LEU G 217 -0.75 -34.73 14.79
N ARG G 218 -1.59 -35.76 14.92
CA ARG G 218 -1.14 -37.08 15.33
C ARG G 218 -0.39 -37.79 14.20
N LYS G 219 -0.95 -37.75 12.99
CA LYS G 219 -0.43 -38.53 11.87
C LYS G 219 0.66 -37.83 11.02
N SER G 220 0.90 -36.54 11.29
CA SER G 220 1.90 -35.77 10.53
C SER G 220 3.32 -35.93 11.08
N GLU G 221 4.12 -36.77 10.41
CA GLU G 221 5.48 -37.06 10.87
C GLU G 221 6.51 -35.99 10.48
N ASN G 222 6.13 -35.10 9.57
CA ASN G 222 6.98 -33.95 9.24
C ASN G 222 7.04 -32.94 10.37
N PHE G 223 5.94 -32.82 11.11
CA PHE G 223 5.91 -32.03 12.33
C PHE G 223 6.72 -32.74 13.40
N SER G 224 6.49 -34.04 13.52
CA SER G 224 7.29 -34.92 14.38
C SER G 224 8.78 -34.74 14.10
N SER G 225 9.16 -34.80 12.82
CA SER G 225 10.55 -34.65 12.41
C SER G 225 11.15 -33.30 12.83
N LEU G 226 10.32 -32.27 12.87
CA LEU G 226 10.77 -30.93 13.28
C LEU G 226 11.19 -30.95 14.75
N LEU G 227 10.33 -31.53 15.60
CA LEU G 227 10.56 -31.58 17.03
C LEU G 227 11.85 -32.35 17.37
N GLU G 228 12.09 -33.44 16.64
CA GLU G 228 13.31 -34.22 16.79
C GLU G 228 14.54 -33.36 16.56
N LEU G 229 14.53 -32.64 15.43
CA LEU G 229 15.60 -31.72 15.05
C LEU G 229 15.73 -30.57 16.06
N THR G 230 14.60 -30.14 16.59
CA THR G 230 14.57 -29.11 17.61
C THR G 230 15.24 -29.61 18.89
N LEU G 231 14.94 -30.86 19.27
CA LEU G 231 15.52 -31.48 20.47
C LEU G 231 17.04 -31.64 20.38
N LEU G 232 17.51 -32.10 19.24
CA LEU G 232 18.93 -32.30 19.00
C LEU G 232 19.71 -31.00 19.15
N VAL G 233 19.28 -30.00 18.38
CA VAL G 233 19.90 -28.67 18.39
C VAL G 233 19.83 -28.08 19.79
N GLY G 234 18.65 -28.15 20.40
CA GLY G 234 18.46 -27.72 21.77
C GLY G 234 19.44 -28.36 22.73
N ASN G 235 19.53 -29.68 22.70
CA ASN G 235 20.44 -30.41 23.57
C ASN G 235 21.85 -29.82 23.55
N TYR G 236 22.40 -29.68 22.34
CA TYR G 236 23.76 -29.16 22.16
C TYR G 236 23.92 -27.73 22.68
N MET G 237 22.88 -26.91 22.50
CA MET G 237 22.90 -25.53 22.95
C MET G 237 22.91 -25.45 24.48
N ASN G 238 22.11 -26.31 25.12
CA ASN G 238 22.00 -26.35 26.57
C ASN G 238 23.28 -26.75 27.30
N ALA G 239 24.28 -27.19 26.52
CA ALA G 239 25.63 -27.50 27.03
C ALA G 239 25.60 -28.27 28.33
N GLY G 240 26.26 -27.71 29.35
CA GLY G 240 26.28 -28.30 30.68
C GLY G 240 25.56 -27.40 31.67
N SER G 241 24.25 -27.63 31.81
CA SER G 241 23.41 -26.84 32.70
C SER G 241 22.22 -27.66 33.21
N ARG G 242 21.29 -26.99 33.87
CA ARG G 242 20.03 -27.60 34.33
C ARG G 242 19.37 -28.42 33.22
N ASN G 243 19.01 -27.73 32.13
CA ASN G 243 18.49 -28.41 30.95
C ASN G 243 19.66 -28.92 30.14
N ALA G 244 19.67 -30.23 29.90
CA ALA G 244 20.73 -30.92 29.16
C ALA G 244 20.39 -32.39 29.05
N GLY G 245 20.52 -32.93 27.83
CA GLY G 245 20.18 -34.32 27.58
C GLY G 245 18.70 -34.61 27.74
N ALA G 246 17.88 -33.65 27.34
CA ALA G 246 16.42 -33.75 27.41
C ALA G 246 15.88 -34.81 26.45
N PHE G 247 15.03 -35.69 26.98
CA PHE G 247 14.37 -36.70 26.17
C PHE G 247 13.12 -36.14 25.49
N GLY G 248 12.82 -34.87 25.77
CA GLY G 248 11.68 -34.18 25.18
C GLY G 248 11.43 -32.80 25.78
N PHE G 249 10.58 -32.02 25.14
CA PHE G 249 10.20 -30.70 25.64
C PHE G 249 8.72 -30.42 25.41
N ASN G 250 8.16 -29.48 26.17
CA ASN G 250 6.73 -29.16 26.09
C ASN G 250 6.33 -28.40 24.83
N ILE G 251 5.48 -29.04 24.02
CA ILE G 251 4.99 -28.57 22.72
C ILE G 251 4.62 -27.09 22.64
N SER G 252 4.08 -26.57 23.74
CA SER G 252 3.70 -25.16 23.80
C SER G 252 4.90 -24.26 23.50
N PHE G 253 6.06 -24.62 24.06
CA PHE G 253 7.29 -23.81 23.96
C PHE G 253 7.70 -23.42 22.54
N LEU G 254 7.22 -24.16 21.55
CA LEU G 254 7.54 -23.91 20.15
C LEU G 254 7.47 -22.43 19.74
N CYS G 255 6.61 -21.66 20.42
CA CYS G 255 6.46 -20.22 20.14
C CYS G 255 7.56 -19.34 20.76
N LYS G 256 8.24 -19.87 21.77
CA LYS G 256 9.38 -19.19 22.39
C LYS G 256 10.70 -19.49 21.66
N LEU G 257 10.68 -20.47 20.77
CA LEU G 257 11.86 -20.79 19.96
C LEU G 257 12.34 -19.55 19.26
N ARG G 258 11.38 -18.77 18.75
CA ARG G 258 11.67 -17.52 18.06
C ARG G 258 12.49 -16.57 18.93
N ASP G 259 12.21 -16.61 20.23
CA ASP G 259 12.75 -15.61 21.17
C ASP G 259 14.18 -15.91 21.65
N THR G 260 14.73 -17.04 21.21
CA THR G 260 16.12 -17.40 21.51
C THR G 260 17.01 -17.09 20.31
N LYS G 261 17.54 -15.87 20.28
CA LYS G 261 18.28 -15.41 19.10
C LYS G 261 19.78 -15.18 19.36
N SER G 262 20.53 -15.10 18.26
CA SER G 262 21.98 -14.87 18.31
C SER G 262 22.32 -13.51 18.93
N ALA G 263 23.59 -13.36 19.31
CA ALA G 263 24.06 -12.13 19.95
C ALA G 263 23.85 -10.90 19.07
N ASP G 264 24.13 -11.03 17.78
CA ASP G 264 23.97 -9.91 16.84
C ASP G 264 22.52 -9.59 16.48
N GLN G 265 21.59 -10.41 17.00
CA GLN G 265 20.15 -10.22 16.81
C GLN G 265 19.73 -9.98 15.36
N LYS G 266 20.34 -10.73 14.45
CA LYS G 266 19.99 -10.62 13.03
C LYS G 266 19.20 -11.84 12.55
N MET G 267 19.35 -12.96 13.25
CA MET G 267 18.51 -14.16 13.02
C MET G 267 18.26 -14.99 14.29
N THR G 268 17.13 -15.69 14.31
CA THR G 268 16.61 -16.39 15.50
C THR G 268 16.88 -17.88 15.49
N LEU G 269 16.51 -18.55 16.58
CA LEU G 269 16.58 -20.01 16.65
C LEU G 269 15.55 -20.62 15.69
N LEU G 270 14.42 -19.95 15.52
CA LEU G 270 13.41 -20.40 14.57
C LEU G 270 13.95 -20.32 13.15
N HIS G 271 14.63 -19.21 12.84
CA HIS G 271 15.21 -19.00 11.51
C HIS G 271 16.23 -20.07 11.16
N PHE G 272 17.15 -20.34 12.09
CA PHE G 272 18.20 -21.35 11.89
C PHE G 272 17.61 -22.73 11.71
N LEU G 273 16.59 -23.03 12.49
CA LEU G 273 15.88 -24.31 12.40
C LEU G 273 15.16 -24.41 11.06
N ALA G 274 14.55 -23.31 10.62
CA ALA G 274 13.85 -23.25 9.34
C ALA G 274 14.82 -23.41 8.17
N GLU G 275 16.01 -22.82 8.30
CA GLU G 275 17.03 -22.91 7.27
C GLU G 275 17.65 -24.30 7.20
N LEU G 276 17.76 -24.95 8.36
CA LEU G 276 18.22 -26.33 8.45
C LEU G 276 17.29 -27.26 7.68
N CYS G 277 15.99 -27.04 7.86
CA CYS G 277 14.97 -27.79 7.12
C CYS G 277 15.05 -27.45 5.64
N GLU G 278 15.08 -26.16 5.34
CA GLU G 278 15.12 -25.69 3.96
C GLU G 278 16.25 -26.37 3.20
N ASN G 279 17.46 -26.28 3.73
CA ASN G 279 18.64 -26.90 3.14
C ASN G 279 18.60 -28.43 3.16
N ASP G 280 18.52 -29.01 4.35
CA ASP G 280 18.80 -30.44 4.55
C ASP G 280 17.58 -31.37 4.61
N HIS G 281 16.42 -30.85 5.01
CA HIS G 281 15.22 -31.68 5.15
C HIS G 281 13.95 -31.02 4.59
N PRO G 282 13.87 -30.89 3.25
CA PRO G 282 12.78 -30.15 2.59
C PRO G 282 11.39 -30.72 2.82
N GLU G 283 11.32 -31.98 3.24
CA GLU G 283 10.05 -32.63 3.58
C GLU G 283 9.39 -32.03 4.82
N VAL G 284 10.21 -31.52 5.74
CA VAL G 284 9.72 -30.92 6.98
C VAL G 284 8.92 -29.63 6.71
N LEU G 285 9.23 -28.95 5.61
CA LEU G 285 8.52 -27.73 5.22
C LEU G 285 7.07 -27.96 4.79
N LYS G 286 6.66 -29.23 4.69
CA LYS G 286 5.30 -29.59 4.27
C LYS G 286 4.37 -29.92 5.43
N PHE G 287 4.81 -29.63 6.66
CA PHE G 287 3.97 -29.82 7.84
C PHE G 287 2.85 -28.76 7.98
N PRO G 288 3.10 -27.51 7.52
CA PRO G 288 2.03 -26.52 7.61
C PRO G 288 0.82 -26.86 6.76
N ASP G 289 1.00 -27.76 5.79
CA ASP G 289 -0.08 -28.16 4.89
C ASP G 289 -0.80 -29.42 5.38
N GLU G 290 -0.12 -30.20 6.22
CA GLU G 290 -0.70 -31.40 6.82
C GLU G 290 -1.66 -31.05 7.96
N LEU G 291 -1.47 -29.88 8.57
CA LEU G 291 -2.37 -29.37 9.59
C LEU G 291 -3.30 -28.32 8.97
N ALA G 292 -4.26 -28.81 8.19
CA ALA G 292 -5.18 -27.93 7.48
C ALA G 292 -6.31 -27.44 8.38
N HIS G 293 -6.88 -28.36 9.17
CA HIS G 293 -8.04 -28.04 10.01
C HIS G 293 -7.68 -27.46 11.38
N VAL G 294 -6.46 -26.95 11.52
CA VAL G 294 -6.00 -26.44 12.81
C VAL G 294 -6.47 -25.00 13.06
N GLU G 295 -6.41 -24.16 12.03
CA GLU G 295 -6.88 -22.78 12.12
C GLU G 295 -8.32 -22.73 12.65
N LYS G 296 -9.19 -23.54 12.04
CA LYS G 296 -10.59 -23.66 12.43
C LYS G 296 -10.79 -24.11 13.88
N ALA G 297 -9.88 -24.94 14.37
CA ALA G 297 -9.97 -25.49 15.72
C ALA G 297 -9.66 -24.45 16.78
N SER G 298 -8.70 -23.57 16.48
CA SER G 298 -8.25 -22.54 17.43
C SER G 298 -9.34 -21.50 17.74
N ARG G 299 -10.40 -21.51 16.94
CA ARG G 299 -11.49 -20.55 17.08
C ARG G 299 -12.76 -21.18 17.67
N VAL G 300 -12.64 -22.43 18.13
CA VAL G 300 -13.77 -23.12 18.76
C VAL G 300 -13.68 -22.99 20.27
N SER G 301 -14.79 -22.62 20.90
CA SER G 301 -14.86 -22.52 22.35
C SER G 301 -15.01 -23.89 22.98
N ALA G 302 -14.08 -24.24 23.86
CA ALA G 302 -14.02 -25.54 24.51
C ALA G 302 -15.20 -25.77 25.44
N GLU G 303 -15.42 -24.84 26.37
CA GLU G 303 -16.49 -24.96 27.34
C GLU G 303 -17.87 -24.85 26.70
N ASN G 304 -17.99 -23.97 25.70
CA ASN G 304 -19.26 -23.71 25.02
C ASN G 304 -19.80 -24.89 24.19
N LEU G 305 -18.92 -25.84 23.85
CA LEU G 305 -19.36 -27.05 23.20
C LEU G 305 -20.13 -27.95 24.18
N GLN G 306 -19.59 -28.09 25.39
CA GLN G 306 -20.30 -28.76 26.48
C GLN G 306 -21.61 -28.01 26.73
N LYS G 307 -21.53 -26.70 26.93
CA LYS G 307 -22.68 -25.85 27.19
C LYS G 307 -23.80 -25.97 26.16
N SER G 308 -23.45 -26.20 24.89
CA SER G 308 -24.45 -26.32 23.83
C SER G 308 -25.20 -27.66 23.86
N LEU G 309 -24.44 -28.73 24.12
CA LEU G 309 -25.01 -30.07 24.21
C LEU G 309 -25.76 -30.26 25.52
N ASP G 310 -25.21 -29.71 26.61
CA ASP G 310 -25.84 -29.76 27.92
C ASP G 310 -27.18 -29.02 27.92
N GLN G 311 -27.23 -27.89 27.21
CA GLN G 311 -28.45 -27.11 27.06
C GLN G 311 -29.42 -27.80 26.12
N MET G 312 -28.90 -28.58 25.18
CA MET G 312 -29.73 -29.38 24.30
C MET G 312 -30.34 -30.56 25.06
N LYS G 313 -29.51 -31.28 25.81
CA LYS G 313 -29.96 -32.44 26.61
C LYS G 313 -31.15 -32.07 27.50
N LYS G 314 -31.00 -30.97 28.25
CA LYS G 314 -32.07 -30.41 29.06
C LYS G 314 -33.34 -30.23 28.24
N GLN G 315 -33.18 -29.63 27.06
CA GLN G 315 -34.31 -29.30 26.19
C GLN G 315 -34.76 -30.43 25.27
N ILE G 316 -34.14 -31.61 25.41
CA ILE G 316 -34.69 -32.83 24.84
C ILE G 316 -35.59 -33.49 25.88
N ALA G 317 -35.10 -33.52 27.13
CA ALA G 317 -35.85 -34.07 28.26
C ALA G 317 -36.94 -33.13 28.76
N ASP G 318 -36.90 -31.87 28.31
CA ASP G 318 -37.99 -30.92 28.53
C ASP G 318 -39.20 -31.32 27.70
N VAL G 319 -38.97 -31.54 26.40
CA VAL G 319 -40.00 -31.95 25.46
C VAL G 319 -40.49 -33.38 25.77
N GLU G 320 -39.57 -34.27 26.12
CA GLU G 320 -39.89 -35.64 26.51
C GLU G 320 -40.76 -35.72 27.77
N ARG G 321 -40.52 -34.81 28.73
CA ARG G 321 -41.28 -34.75 29.97
C ARG G 321 -42.66 -34.12 29.76
N ASP G 322 -42.75 -33.20 28.81
CA ASP G 322 -44.00 -32.49 28.49
C ASP G 322 -44.94 -33.30 27.60
N VAL G 323 -44.38 -34.15 26.74
CA VAL G 323 -45.16 -35.12 25.94
C VAL G 323 -45.94 -36.08 26.86
N GLN G 324 -45.36 -36.35 28.03
CA GLN G 324 -45.95 -37.25 29.01
C GLN G 324 -47.08 -36.62 29.84
N ASN G 325 -46.87 -35.37 30.28
CA ASN G 325 -47.83 -34.68 31.15
C ASN G 325 -49.04 -34.04 30.46
N PHE G 326 -49.28 -34.42 29.20
CA PHE G 326 -50.37 -33.84 28.40
C PHE G 326 -51.65 -34.69 28.39
N PRO G 327 -52.81 -34.06 28.69
CA PRO G 327 -54.12 -34.71 28.60
C PRO G 327 -54.44 -35.12 27.16
N ALA G 328 -55.31 -36.12 27.01
CA ALA G 328 -55.68 -36.67 25.70
C ALA G 328 -56.24 -35.61 24.74
N ALA G 329 -55.98 -35.79 23.45
CA ALA G 329 -56.35 -34.81 22.42
C ALA G 329 -57.84 -34.87 22.04
N THR G 330 -58.71 -34.34 22.91
CA THR G 330 -60.17 -34.43 22.70
C THR G 330 -60.73 -33.47 21.65
N ASP G 331 -59.98 -33.27 20.58
CA ASP G 331 -60.46 -32.60 19.36
C ASP G 331 -59.64 -33.09 18.17
N GLU G 332 -60.19 -32.92 16.97
CA GLU G 332 -59.61 -33.49 15.74
C GLU G 332 -58.31 -32.82 15.30
N LYS G 333 -57.99 -31.66 15.89
CA LYS G 333 -56.91 -30.81 15.41
C LYS G 333 -55.62 -30.81 16.26
N ASP G 334 -55.66 -31.44 17.43
CA ASP G 334 -54.48 -31.54 18.29
C ASP G 334 -53.50 -32.61 17.79
N LYS G 335 -52.49 -32.18 17.04
CA LYS G 335 -51.44 -33.08 16.54
C LYS G 335 -50.18 -33.00 17.40
N PHE G 336 -50.30 -32.42 18.60
CA PHE G 336 -49.16 -32.21 19.49
C PHE G 336 -48.51 -33.51 19.95
N VAL G 337 -49.27 -34.32 20.68
CA VAL G 337 -48.75 -35.56 21.27
C VAL G 337 -48.31 -36.56 20.18
N GLU G 338 -48.93 -36.47 19.01
CA GLU G 338 -48.57 -37.30 17.85
C GLU G 338 -47.24 -36.88 17.21
N LYS G 339 -47.13 -35.61 16.86
CA LYS G 339 -45.96 -35.11 16.12
C LYS G 339 -44.69 -34.89 16.95
N MET G 340 -44.85 -34.76 18.27
CA MET G 340 -43.71 -34.49 19.16
C MET G 340 -42.95 -35.75 19.61
N THR G 341 -43.61 -36.90 19.60
CA THR G 341 -42.96 -38.19 19.87
C THR G 341 -42.12 -38.61 18.64
N SER G 342 -42.55 -38.17 17.46
CA SER G 342 -41.81 -38.36 16.21
C SER G 342 -40.57 -37.46 16.12
N PHE G 343 -40.58 -36.40 16.93
CA PHE G 343 -39.47 -35.45 16.97
C PHE G 343 -38.38 -35.90 17.93
N VAL G 344 -38.76 -36.21 19.18
CA VAL G 344 -37.80 -36.61 20.22
C VAL G 344 -37.05 -37.90 19.87
N LYS G 345 -37.75 -38.87 19.29
CA LYS G 345 -37.11 -40.07 18.73
C LYS G 345 -36.02 -39.65 17.74
N ASP G 346 -36.39 -38.75 16.83
CA ASP G 346 -35.51 -38.26 15.77
C ASP G 346 -34.38 -37.39 16.32
N ALA G 347 -34.68 -36.62 17.37
CA ALA G 347 -33.71 -35.72 17.99
C ALA G 347 -32.69 -36.47 18.83
N GLN G 348 -33.16 -37.47 19.59
CA GLN G 348 -32.29 -38.30 20.43
C GLN G 348 -31.27 -39.04 19.57
N GLU G 349 -31.68 -39.37 18.35
CA GLU G 349 -30.83 -40.02 17.36
C GLU G 349 -29.71 -39.07 16.90
N GLN G 350 -30.03 -37.79 16.80
CA GLN G 350 -29.09 -36.78 16.34
C GLN G 350 -28.25 -36.16 17.46
N TYR G 351 -28.80 -36.15 18.67
CA TYR G 351 -28.06 -35.73 19.86
C TYR G 351 -26.95 -36.71 20.20
N ASN G 352 -27.26 -38.00 20.17
CA ASN G 352 -26.27 -39.05 20.48
C ASN G 352 -25.16 -39.15 19.44
N LYS G 353 -25.50 -38.93 18.18
CA LYS G 353 -24.52 -38.93 17.08
C LYS G 353 -23.48 -37.81 17.22
N LEU G 354 -23.88 -36.76 17.94
CA LEU G 354 -22.98 -35.65 18.26
C LEU G 354 -22.33 -35.89 19.63
N ARG G 355 -23.06 -36.55 20.53
CA ARG G 355 -22.55 -36.91 21.85
C ARG G 355 -21.44 -37.94 21.68
N MET G 356 -21.59 -38.82 20.69
CA MET G 356 -20.54 -39.75 20.28
C MET G 356 -19.28 -38.99 19.90
N MET G 357 -19.43 -38.08 18.94
CA MET G 357 -18.31 -37.33 18.37
C MET G 357 -17.60 -36.45 19.38
N HIS G 358 -18.34 -35.93 20.36
CA HIS G 358 -17.77 -35.03 21.36
C HIS G 358 -16.81 -35.72 22.33
N SER G 359 -17.27 -36.76 23.01
CA SER G 359 -16.42 -37.48 23.96
C SER G 359 -15.32 -38.29 23.25
N ASN G 360 -15.52 -38.54 21.95
CA ASN G 360 -14.48 -39.10 21.08
C ASN G 360 -13.45 -38.04 20.73
N MET G 361 -13.95 -36.81 20.54
CA MET G 361 -13.10 -35.65 20.27
C MET G 361 -12.14 -35.44 21.42
N GLU G 362 -12.67 -35.43 22.64
CA GLU G 362 -11.86 -35.26 23.84
C GLU G 362 -10.97 -36.48 24.08
N THR G 363 -11.45 -37.66 23.67
CA THR G 363 -10.65 -38.88 23.69
C THR G 363 -9.38 -38.63 22.88
N LEU G 364 -9.56 -38.15 21.64
CA LEU G 364 -8.44 -37.83 20.75
C LEU G 364 -7.56 -36.66 21.24
N TYR G 365 -8.12 -35.83 22.12
CA TYR G 365 -7.36 -34.72 22.71
C TYR G 365 -6.62 -35.17 23.98
N LYS G 366 -7.14 -36.21 24.63
CA LYS G 366 -6.44 -36.86 25.74
C LYS G 366 -5.36 -37.78 25.18
N GLU G 367 -5.57 -38.24 23.93
CA GLU G 367 -4.64 -39.09 23.19
C GLU G 367 -3.34 -38.34 22.91
N LEU G 368 -3.46 -37.15 22.33
CA LEU G 368 -2.34 -36.24 22.08
C LEU G 368 -1.67 -35.81 23.38
N GLY G 369 -2.48 -35.71 24.44
CA GLY G 369 -2.01 -35.31 25.75
C GLY G 369 -0.96 -36.25 26.30
N ASP G 370 -1.22 -37.54 26.16
CA ASP G 370 -0.28 -38.57 26.58
C ASP G 370 0.83 -38.76 25.56
N TYR G 371 0.50 -38.65 24.26
CA TYR G 371 1.46 -38.86 23.18
C TYR G 371 2.54 -37.79 23.11
N PHE G 372 2.18 -36.54 23.40
CA PHE G 372 3.13 -35.41 23.38
C PHE G 372 3.48 -34.92 24.78
N VAL G 373 2.96 -35.61 25.79
CA VAL G 373 3.17 -35.32 27.22
C VAL G 373 2.89 -33.87 27.69
N PHE G 374 1.62 -33.57 27.89
CA PHE G 374 1.17 -32.28 28.47
C PHE G 374 -0.19 -32.44 29.13
N ASP G 375 -0.48 -31.57 30.10
CA ASP G 375 -1.73 -31.66 30.87
C ASP G 375 -2.93 -31.08 30.09
N PRO G 376 -3.78 -31.97 29.54
CA PRO G 376 -4.91 -31.58 28.68
C PRO G 376 -6.07 -30.91 29.42
N LYS G 377 -6.07 -30.99 30.74
CA LYS G 377 -7.09 -30.33 31.56
C LYS G 377 -6.58 -28.99 32.08
N LYS G 378 -5.28 -28.74 31.91
CA LYS G 378 -4.70 -27.44 32.25
C LYS G 378 -4.37 -26.64 30.99
N LEU G 379 -4.96 -27.08 29.88
CA LEU G 379 -4.83 -26.42 28.59
C LEU G 379 -6.05 -26.76 27.74
N SER G 380 -6.94 -25.78 27.59
CA SER G 380 -8.15 -25.96 26.78
C SER G 380 -7.81 -26.13 25.30
N VAL G 381 -8.64 -26.90 24.59
CA VAL G 381 -8.41 -27.22 23.17
C VAL G 381 -8.07 -25.98 22.33
N GLU G 382 -8.82 -24.90 22.56
CA GLU G 382 -8.61 -23.62 21.91
C GLU G 382 -7.19 -23.12 22.16
N GLU G 383 -6.86 -22.98 23.45
CA GLU G 383 -5.53 -22.52 23.89
C GLU G 383 -4.39 -23.25 23.20
N PHE G 384 -4.50 -24.58 23.14
CA PHE G 384 -3.47 -25.44 22.58
C PHE G 384 -3.31 -25.22 21.08
N PHE G 385 -4.42 -25.30 20.35
CA PHE G 385 -4.40 -25.19 18.91
C PHE G 385 -4.10 -23.79 18.40
N MET G 386 -4.35 -22.77 19.22
CA MET G 386 -3.95 -21.41 18.87
C MET G 386 -2.44 -21.26 19.00
N ASP G 387 -1.85 -21.87 20.03
CA ASP G 387 -0.39 -21.92 20.18
C ASP G 387 0.22 -22.63 18.98
N LEU G 388 -0.44 -23.72 18.58
CA LEU G 388 -0.06 -24.51 17.42
C LEU G 388 -0.17 -23.66 16.16
N HIS G 389 -1.29 -22.95 16.02
CA HIS G 389 -1.58 -22.09 14.86
C HIS G 389 -0.61 -20.93 14.75
N ASN G 390 -0.30 -20.29 15.87
CA ASN G 390 0.65 -19.19 15.90
C ASN G 390 2.05 -19.65 15.50
N PHE G 391 2.45 -20.82 15.99
CA PHE G 391 3.75 -21.40 15.62
C PHE G 391 3.84 -21.66 14.12
N ARG G 392 2.78 -22.24 13.56
CA ARG G 392 2.69 -22.45 12.11
C ARG G 392 3.04 -21.18 11.36
N ASN G 393 2.34 -20.09 11.68
CA ASN G 393 2.51 -18.82 11.00
C ASN G 393 3.82 -18.11 11.36
N MET G 394 4.41 -18.46 12.50
CA MET G 394 5.76 -18.01 12.86
C MET G 394 6.76 -18.66 11.95
N PHE G 395 6.58 -19.97 11.72
CA PHE G 395 7.48 -20.76 10.91
C PHE G 395 7.44 -20.30 9.45
N LEU G 396 6.23 -20.18 8.90
CA LEU G 396 6.06 -19.73 7.53
C LEU G 396 6.67 -18.35 7.33
N GLN G 397 6.63 -17.53 8.38
CA GLN G 397 7.22 -16.20 8.36
C GLN G 397 8.73 -16.31 8.42
N ALA G 398 9.22 -17.32 9.14
CA ALA G 398 10.65 -17.56 9.25
C ALA G 398 11.24 -18.08 7.94
N VAL G 399 10.46 -18.89 7.23
CA VAL G 399 10.83 -19.43 5.92
C VAL G 399 10.89 -18.31 4.88
N LYS G 400 9.93 -17.39 4.94
CA LYS G 400 9.90 -16.25 4.02
C LYS G 400 11.01 -15.24 4.30
N GLU G 401 11.24 -14.92 5.57
CA GLU G 401 12.33 -14.03 5.98
C GLU G 401 13.70 -14.60 5.65
N ASN G 402 13.78 -15.93 5.53
CA ASN G 402 14.99 -16.62 5.11
C ASN G 402 15.26 -16.41 3.62
N GLN G 403 14.26 -16.78 2.79
CA GLN G 403 14.35 -16.59 1.34
C GLN G 403 14.76 -15.17 0.99
N LYS G 404 14.18 -14.20 1.72
CA LYS G 404 14.37 -12.77 1.50
C LYS G 404 15.78 -12.29 1.91
N ARG G 405 16.28 -12.77 3.05
CA ARG G 405 17.63 -12.43 3.51
C ARG G 405 18.71 -13.07 2.65
N ARG G 406 18.50 -14.33 2.26
CA ARG G 406 19.43 -15.07 1.40
C ARG G 406 19.44 -14.53 -0.04
N GLU G 407 18.29 -13.98 -0.49
CA GLU G 407 18.22 -13.33 -1.81
C GLU G 407 19.02 -12.05 -1.82
N THR G 408 19.06 -11.35 -0.69
CA THR G 408 19.89 -10.17 -0.53
C THR G 408 21.38 -10.53 -0.51
N GLU G 409 21.71 -11.71 0.02
CA GLU G 409 23.07 -12.23 0.04
C GLU G 409 23.58 -12.49 -1.38
N GLU G 410 22.79 -13.24 -2.15
CA GLU G 410 23.10 -13.61 -3.53
C GLU G 410 23.31 -12.37 -4.40
N LYS G 411 22.41 -11.39 -4.26
CA LYS G 411 22.45 -10.18 -5.07
C LYS G 411 23.55 -9.21 -4.66
N MET G 412 24.02 -9.30 -3.41
CA MET G 412 25.11 -8.45 -2.95
C MET G 412 26.49 -9.03 -3.24
N ARG G 413 26.57 -10.36 -3.32
CA ARG G 413 27.81 -11.03 -3.70
C ARG G 413 28.12 -10.81 -5.18
N ARG G 414 27.12 -11.01 -6.02
CA ARG G 414 27.22 -10.72 -7.46
C ARG G 414 27.50 -9.24 -7.70
N ALA G 415 26.97 -8.39 -6.83
CA ALA G 415 27.21 -6.94 -6.90
C ALA G 415 28.68 -6.64 -6.71
N LYS G 416 29.28 -7.25 -5.70
CA LYS G 416 30.68 -7.02 -5.38
C LYS G 416 31.64 -7.63 -6.41
N LEU G 417 31.28 -8.77 -6.98
CA LEU G 417 32.12 -9.43 -7.98
C LEU G 417 32.15 -8.68 -9.32
N ALA G 418 31.01 -8.12 -9.73
CA ALA G 418 30.94 -7.32 -10.95
C ALA G 418 31.68 -5.99 -10.79
N LYS G 419 31.67 -5.46 -9.57
CA LYS G 419 32.38 -4.22 -9.26
C LYS G 419 33.91 -4.44 -9.21
N GLU G 420 34.33 -5.62 -8.77
CA GLU G 420 35.74 -6.02 -8.83
C GLU G 420 36.15 -6.49 -10.23
N LYS G 421 35.17 -6.92 -11.02
CA LYS G 421 35.37 -7.32 -12.42
C LYS G 421 35.70 -6.10 -13.27
N ALA G 422 34.88 -5.06 -13.13
CA ALA G 422 35.02 -3.82 -13.89
C ALA G 422 36.24 -3.00 -13.45
N GLU G 423 36.62 -3.14 -12.18
CA GLU G 423 37.79 -2.44 -11.64
C GLU G 423 39.10 -3.03 -12.16
N LYS G 424 39.14 -4.36 -12.32
CA LYS G 424 40.32 -5.07 -12.84
C LYS G 424 40.57 -4.76 -14.31
N GLU G 425 39.51 -4.84 -15.12
CA GLU G 425 39.56 -4.47 -16.53
C GLU G 425 40.03 -3.03 -16.75
N ARG G 426 39.45 -2.10 -15.97
CA ARG G 426 39.78 -0.69 -16.03
C ARG G 426 41.28 -0.46 -15.83
N LEU G 427 41.84 -1.09 -14.79
CA LEU G 427 43.27 -0.94 -14.49
C LEU G 427 44.16 -1.60 -15.55
N GLU G 428 43.62 -2.60 -16.23
CA GLU G 428 44.34 -3.30 -17.31
C GLU G 428 44.36 -2.46 -18.59
N LYS G 429 43.20 -1.87 -18.91
CA LYS G 429 43.07 -0.97 -20.06
C LYS G 429 43.93 0.27 -19.83
N GLN G 430 44.05 0.69 -18.58
CA GLN G 430 44.89 1.83 -18.20
C GLN G 430 46.38 1.57 -18.45
N GLN G 431 46.82 0.34 -18.18
CA GLN G 431 48.23 -0.05 -18.33
C GLN G 431 48.64 -0.26 -19.79
N LYS G 432 47.67 -0.62 -20.63
CA LYS G 432 47.90 -0.76 -22.07
C LYS G 432 48.24 0.57 -22.71
N ARG G 433 47.50 1.60 -22.33
CA ARG G 433 47.73 2.96 -22.81
C ARG G 433 49.06 3.47 -22.25
N GLU G 434 49.32 3.16 -20.97
CA GLU G 434 50.59 3.50 -20.31
C GLU G 434 51.80 2.86 -20.99
N GLN G 435 51.55 1.95 -21.93
CA GLN G 435 52.61 1.19 -22.60
C GLN G 435 53.00 1.70 -23.98
N LEU G 436 52.08 2.37 -24.67
CA LEU G 436 52.38 3.00 -25.97
C LEU G 436 53.47 4.06 -25.78
N ILE G 437 53.21 5.00 -24.88
CA ILE G 437 54.19 6.00 -24.46
C ILE G 437 54.38 5.87 -22.96
N ASP G 438 55.64 5.96 -22.52
CA ASP G 438 55.92 6.10 -21.09
C ASP G 438 55.97 7.58 -20.73
N MET G 439 54.80 8.12 -20.38
CA MET G 439 54.65 9.53 -20.03
C MET G 439 55.09 9.80 -18.59
N ASN G 440 55.83 8.85 -18.02
CA ASN G 440 56.20 8.88 -16.60
C ASN G 440 57.62 9.37 -16.33
N ALA G 441 58.62 8.51 -16.53
CA ALA G 441 60.01 8.88 -16.23
C ALA G 441 61.00 8.12 -17.13
N GLU G 442 61.22 8.64 -18.33
CA GLU G 442 62.12 7.98 -19.30
C GLU G 442 63.05 8.94 -20.05
N GLY G 443 63.78 8.41 -21.02
CA GLY G 443 64.85 9.14 -21.73
C GLY G 443 64.43 10.12 -22.81
N ASP G 444 65.40 10.53 -23.61
CA ASP G 444 65.20 11.56 -24.65
C ASP G 444 65.54 11.08 -26.06
N GLU G 445 64.52 10.61 -26.76
CA GLU G 445 64.62 10.23 -28.17
C GLU G 445 63.57 11.05 -28.90
N THR G 446 63.73 11.22 -30.22
CA THR G 446 62.70 11.94 -30.99
C THR G 446 61.49 11.05 -31.27
N GLY G 447 61.18 10.82 -32.55
CA GLY G 447 59.99 10.07 -33.00
C GLY G 447 59.02 9.45 -31.98
N VAL G 448 58.52 10.26 -31.05
CA VAL G 448 57.49 9.81 -30.10
C VAL G 448 56.13 9.97 -30.75
N MET G 449 55.97 11.07 -31.48
CA MET G 449 54.76 11.34 -32.23
C MET G 449 54.66 10.38 -33.42
N ASP G 450 55.82 10.00 -33.97
CA ASP G 450 55.89 9.09 -35.11
C ASP G 450 55.45 7.66 -34.74
N SER G 451 55.81 7.22 -33.54
CA SER G 451 55.35 5.92 -33.00
C SER G 451 53.83 5.91 -32.91
N LEU G 452 53.27 7.06 -32.52
CA LEU G 452 51.84 7.21 -32.27
C LEU G 452 50.98 7.24 -33.53
N LEU G 453 51.45 7.94 -34.57
CA LEU G 453 50.75 7.95 -35.84
C LEU G 453 50.83 6.57 -36.49
N GLU G 454 52.00 5.93 -36.38
CA GLU G 454 52.23 4.60 -36.98
C GLU G 454 51.34 3.53 -36.32
N ALA G 455 51.09 3.70 -35.04
CA ALA G 455 50.22 2.79 -34.29
C ALA G 455 48.75 3.07 -34.58
N LEU G 456 48.48 4.28 -35.07
CA LEU G 456 47.12 4.74 -35.34
C LEU G 456 46.72 4.36 -36.77
N GLN G 457 47.65 4.49 -37.72
CA GLN G 457 47.39 4.16 -39.12
C GLN G 457 47.28 2.66 -39.34
N SER G 458 47.98 1.89 -38.50
CA SER G 458 47.95 0.43 -38.58
C SER G 458 46.79 -0.15 -37.77
N GLY G 459 46.28 0.62 -36.82
CA GLY G 459 45.16 0.20 -36.00
C GLY G 459 45.60 -0.38 -34.67
N ALA G 460 46.91 -0.56 -34.52
CA ALA G 460 47.50 -1.11 -33.29
C ALA G 460 47.01 -0.39 -32.03
N ALA G 461 46.91 0.94 -32.11
CA ALA G 461 46.52 1.78 -30.98
C ALA G 461 45.11 1.50 -30.46
N PHE G 462 44.25 0.95 -31.31
CA PHE G 462 42.89 0.60 -30.94
C PHE G 462 42.79 -0.88 -30.59
N ARG G 463 43.81 -1.40 -29.91
CA ARG G 463 43.82 -2.78 -29.47
C ARG G 463 42.53 -3.10 -28.73
N ARG G 464 41.82 -4.11 -29.25
CA ARG G 464 40.57 -4.58 -28.69
C ARG G 464 40.71 -4.91 -27.20
N LYS G 465 39.69 -4.52 -26.43
CA LYS G 465 39.69 -4.74 -24.99
C LYS G 465 38.68 -5.85 -24.64
N VAL H 12 21.41 -44.97 37.39
CA VAL H 12 20.05 -45.40 37.85
C VAL H 12 19.35 -46.24 36.77
N LEU H 13 19.55 -45.87 35.51
CA LEU H 13 18.98 -46.57 34.33
C LEU H 13 17.48 -46.32 34.13
N PRO H 14 17.07 -45.88 32.91
CA PRO H 14 15.71 -45.40 32.64
C PRO H 14 14.71 -46.49 32.20
N PHE H 15 13.43 -46.09 32.09
CA PHE H 15 12.33 -47.02 31.80
C PHE H 15 12.32 -47.53 30.36
N GLY H 16 13.14 -48.55 30.08
CA GLY H 16 13.10 -49.27 28.80
C GLY H 16 13.75 -48.57 27.63
N LEU H 17 14.73 -47.72 27.90
CA LEU H 17 15.49 -47.01 26.86
C LEU H 17 16.92 -46.67 27.31
N THR H 18 17.65 -45.93 26.49
CA THR H 18 19.05 -45.59 26.76
C THR H 18 19.30 -44.07 26.88
N PRO H 19 20.25 -43.65 27.76
CA PRO H 19 20.58 -42.24 28.00
C PRO H 19 21.06 -41.45 26.77
N LYS H 20 21.04 -40.12 26.90
CA LYS H 20 21.44 -39.22 25.84
C LYS H 20 22.88 -38.75 26.04
N LYS H 21 23.59 -38.52 24.94
CA LYS H 21 25.04 -38.23 24.96
C LYS H 21 25.42 -36.90 25.59
N VAL H 22 26.44 -36.94 26.45
CA VAL H 22 26.96 -35.75 27.11
C VAL H 22 27.96 -35.04 26.20
N TYR H 23 27.56 -33.88 25.67
CA TYR H 23 28.42 -33.08 24.82
C TYR H 23 29.38 -32.22 25.63
N LYS H 24 30.50 -31.85 25.01
CA LYS H 24 31.46 -30.94 25.61
C LYS H 24 31.86 -29.88 24.58
N PRO H 25 31.11 -28.75 24.56
CA PRO H 25 31.27 -27.72 23.53
C PRO H 25 32.49 -26.83 23.73
N GLU H 26 33.05 -26.37 22.61
CA GLU H 26 34.22 -25.50 22.62
C GLU H 26 33.90 -24.11 23.20
N VAL H 27 32.86 -23.48 22.65
CA VAL H 27 32.45 -22.14 23.07
C VAL H 27 31.07 -22.20 23.73
N GLN H 28 30.87 -21.38 24.76
CA GLN H 28 29.58 -21.30 25.44
C GLN H 28 28.58 -20.52 24.59
N LEU H 29 27.43 -21.15 24.36
CA LEU H 29 26.43 -20.62 23.44
C LEU H 29 25.23 -20.00 24.15
N ARG H 30 24.26 -19.52 23.37
CA ARG H 30 22.97 -19.07 23.88
C ARG H 30 21.96 -20.21 23.77
N ARG H 31 21.12 -20.37 24.79
CA ARG H 31 20.32 -21.57 24.94
C ARG H 31 18.83 -21.30 25.25
N PRO H 32 17.94 -22.21 24.80
CA PRO H 32 16.53 -22.17 25.16
C PRO H 32 16.28 -22.64 26.59
N ASN H 33 15.53 -21.86 27.36
CA ASN H 33 15.24 -22.17 28.77
C ASN H 33 13.90 -22.88 28.94
N TRP H 34 13.71 -23.95 28.17
CA TRP H 34 12.45 -24.69 28.13
C TRP H 34 12.23 -25.60 29.35
N SER H 35 11.09 -26.29 29.36
CA SER H 35 10.80 -27.30 30.36
C SER H 35 11.26 -28.65 29.85
N LYS H 36 12.45 -29.07 30.27
CA LYS H 36 13.05 -30.33 29.84
C LYS H 36 12.25 -31.53 30.35
N PHE H 37 12.33 -32.64 29.61
CA PHE H 37 11.76 -33.88 30.08
C PHE H 37 12.85 -34.92 30.31
N VAL H 38 13.16 -35.13 31.59
CA VAL H 38 14.20 -36.05 32.00
C VAL H 38 13.66 -37.49 31.98
N ALA H 39 14.58 -38.45 31.95
CA ALA H 39 14.30 -39.89 31.94
C ALA H 39 12.85 -40.34 32.18
N GLU H 40 12.37 -40.17 33.41
CA GLU H 40 11.09 -40.77 33.84
C GLU H 40 9.92 -39.80 34.06
N ASP H 41 9.68 -38.93 33.08
CA ASP H 41 8.42 -38.18 32.98
C ASP H 41 7.57 -38.82 31.89
N LEU H 42 8.25 -39.60 31.04
CA LEU H 42 7.68 -40.21 29.84
C LEU H 42 6.89 -41.48 30.17
N SER H 43 6.30 -42.07 29.13
CA SER H 43 5.64 -43.36 29.24
C SER H 43 6.03 -44.25 28.05
N GLN H 44 5.58 -45.49 28.05
CA GLN H 44 5.97 -46.45 27.01
C GLN H 44 5.40 -46.16 25.62
N ASP H 45 4.20 -45.58 25.56
CA ASP H 45 3.55 -45.31 24.28
C ASP H 45 3.47 -43.83 23.89
N CYS H 46 4.49 -43.06 24.26
CA CYS H 46 4.56 -41.63 23.90
C CYS H 46 5.56 -41.37 22.78
N PHE H 47 5.52 -40.17 22.23
CA PHE H 47 6.35 -39.76 21.10
C PHE H 47 7.84 -39.73 21.44
N TRP H 48 8.17 -39.17 22.61
CA TRP H 48 9.56 -38.97 23.02
C TRP H 48 10.34 -40.26 23.31
N THR H 49 9.63 -41.39 23.36
CA THR H 49 10.26 -42.71 23.48
C THR H 49 10.91 -43.11 22.17
N LYS H 50 10.22 -42.78 21.07
CA LYS H 50 10.64 -43.09 19.71
C LYS H 50 11.91 -42.33 19.28
N VAL H 51 12.19 -41.19 19.92
CA VAL H 51 13.33 -40.34 19.53
C VAL H 51 14.66 -40.74 20.18
N LYS H 52 14.80 -42.02 20.53
CA LYS H 52 16.06 -42.59 21.01
C LYS H 52 17.04 -42.71 19.84
N GLU H 53 16.97 -41.73 18.94
CA GLU H 53 17.76 -41.69 17.73
C GLU H 53 18.95 -40.76 17.92
N ASP H 54 18.69 -39.45 17.97
CA ASP H 54 19.73 -38.41 17.99
C ASP H 54 20.74 -38.59 16.85
N ARG H 55 20.33 -39.37 15.85
CA ARG H 55 21.20 -39.83 14.79
C ARG H 55 20.56 -39.48 13.45
N PHE H 56 19.24 -39.33 13.48
CA PHE H 56 18.41 -39.03 12.32
C PHE H 56 18.80 -37.70 11.65
N GLU H 57 19.56 -36.86 12.36
CA GLU H 57 19.92 -35.52 11.89
C GLU H 57 21.31 -35.02 12.31
N ASN H 58 22.32 -35.88 12.22
CA ASN H 58 23.69 -35.52 12.64
C ASN H 58 24.61 -35.01 11.53
N ASN H 59 25.34 -33.93 11.83
CA ASN H 59 26.19 -33.22 10.86
C ASN H 59 27.37 -32.50 11.50
N GLU H 60 27.89 -31.52 10.76
CA GLU H 60 28.92 -30.61 11.24
C GLU H 60 28.26 -29.32 11.72
N LEU H 61 26.94 -29.29 11.66
CA LEU H 61 26.14 -28.13 12.06
C LEU H 61 26.45 -27.63 13.47
N PHE H 62 26.94 -28.53 14.32
CA PHE H 62 27.35 -28.19 15.67
C PHE H 62 28.47 -27.14 15.66
N ALA H 63 29.24 -27.12 14.57
CA ALA H 63 30.21 -26.06 14.32
C ALA H 63 29.50 -24.80 13.84
N LYS H 64 28.49 -24.97 12.98
CA LYS H 64 27.76 -23.85 12.40
C LYS H 64 26.89 -23.12 13.43
N LEU H 65 26.48 -23.85 14.46
CA LEU H 65 25.76 -23.27 15.59
C LEU H 65 26.67 -22.37 16.41
N THR H 66 27.79 -22.93 16.88
CA THR H 66 28.75 -22.19 17.73
C THR H 66 29.23 -20.90 17.09
N LEU H 67 29.20 -20.86 15.76
CA LEU H 67 29.55 -19.65 15.01
C LEU H 67 28.44 -18.62 15.12
N ALA H 68 27.20 -19.08 14.98
CA ALA H 68 26.02 -18.21 15.02
C ALA H 68 25.73 -17.69 16.43
N PHE H 69 25.82 -18.58 17.42
CA PHE H 69 25.39 -18.27 18.78
C PHE H 69 26.53 -18.18 19.81
N SER H 70 27.65 -17.62 19.39
CA SER H 70 28.78 -17.37 20.28
C SER H 70 28.48 -16.20 21.20
N ALA H 71 28.84 -16.34 22.48
CA ALA H 71 28.67 -15.26 23.46
C ALA H 71 30.03 -14.91 24.07
N GLN H 72 30.85 -14.19 23.30
CA GLN H 72 32.24 -13.90 23.68
C GLN H 72 32.52 -12.43 24.01
N THR H 73 33.71 -12.18 24.57
CA THR H 73 34.15 -10.82 24.92
C THR H 73 34.52 -10.01 23.67
N LYS H 95 49.07 0.17 49.81
CA LYS H 95 47.85 0.97 49.97
C LYS H 95 48.01 2.42 49.46
N VAL H 96 49.15 3.03 49.81
CA VAL H 96 49.49 4.45 49.54
C VAL H 96 48.36 5.50 49.73
N LYS H 97 48.61 6.45 50.62
CA LYS H 97 47.68 7.55 50.96
C LYS H 97 46.60 7.14 51.97
N GLU H 98 46.05 8.14 52.67
CA GLU H 98 44.94 7.92 53.61
C GLU H 98 43.97 9.12 53.63
N LEU H 99 42.68 8.82 53.71
CA LEU H 99 41.62 9.83 53.73
C LEU H 99 41.41 10.42 55.13
N LYS H 100 41.24 11.73 55.20
CA LYS H 100 41.12 12.44 56.49
C LYS H 100 39.81 13.22 56.67
N VAL H 101 39.29 13.79 55.58
CA VAL H 101 38.10 14.66 55.63
C VAL H 101 36.87 14.07 54.92
N LEU H 102 37.06 13.66 53.66
CA LEU H 102 35.96 13.18 52.81
C LEU H 102 35.43 11.81 53.20
N ASP H 103 34.11 11.67 53.18
CA ASP H 103 33.47 10.35 53.30
C ASP H 103 33.75 9.55 52.03
N SER H 104 33.73 8.21 52.14
CA SER H 104 34.07 7.34 51.01
C SER H 104 33.10 7.43 49.82
N LYS H 105 32.09 8.27 49.95
CA LYS H 105 31.17 8.59 48.84
C LYS H 105 31.86 9.47 47.78
N THR H 106 32.07 10.74 48.14
CA THR H 106 32.61 11.74 47.22
C THR H 106 34.08 11.47 46.88
N ALA H 107 34.79 10.88 47.84
CA ALA H 107 36.20 10.50 47.66
C ALA H 107 36.35 9.37 46.64
N GLN H 108 35.32 8.50 46.54
CA GLN H 108 35.28 7.46 45.52
C GLN H 108 34.86 8.04 44.17
N ASN H 109 33.91 8.98 44.21
CA ASN H 109 33.42 9.64 43.00
C ASN H 109 34.46 10.55 42.34
N LEU H 110 35.31 11.17 43.16
CA LEU H 110 36.41 12.02 42.66
C LEU H 110 37.50 11.24 41.93
N SER H 111 37.82 10.04 42.45
CA SER H 111 38.84 9.16 41.85
C SER H 111 38.49 8.76 40.42
N ILE H 112 37.20 8.50 40.18
CA ILE H 112 36.70 8.17 38.84
C ILE H 112 36.68 9.41 37.96
N PHE H 113 36.20 10.52 38.53
CA PHE H 113 36.07 11.79 37.81
C PHE H 113 37.42 12.34 37.32
N LEU H 114 38.41 12.35 38.19
CA LEU H 114 39.74 12.87 37.86
C LEU H 114 40.51 11.97 36.90
N GLY H 115 40.23 10.66 36.97
CA GLY H 115 40.89 9.67 36.12
C GLY H 115 40.53 9.77 34.65
N SER H 116 39.53 10.61 34.35
CA SER H 116 39.10 10.86 32.98
C SER H 116 39.50 12.27 32.53
N PHE H 117 39.58 13.18 33.51
CA PHE H 117 39.84 14.60 33.25
C PHE H 117 41.30 14.86 32.89
N ARG H 118 42.21 14.24 33.65
CA ARG H 118 43.67 14.26 33.39
C ARG H 118 44.37 15.61 33.62
N MET H 119 43.60 16.69 33.73
CA MET H 119 44.16 18.05 33.90
C MET H 119 44.70 18.27 35.32
N PRO H 120 45.90 18.88 35.43
CA PRO H 120 46.50 19.22 36.74
C PRO H 120 45.60 20.12 37.60
N TYR H 121 45.76 20.03 38.91
CA TYR H 121 44.87 20.68 39.87
C TYR H 121 45.06 22.20 39.97
N GLN H 122 46.29 22.66 39.76
CA GLN H 122 46.60 24.08 39.76
C GLN H 122 46.12 24.77 38.48
N GLU H 123 46.14 24.02 37.37
CA GLU H 123 45.72 24.54 36.07
C GLU H 123 44.20 24.77 36.00
N ILE H 124 43.43 23.82 36.54
CA ILE H 124 41.97 23.93 36.59
C ILE H 124 41.54 25.15 37.40
N LYS H 125 42.24 25.39 38.51
CA LYS H 125 42.01 26.56 39.36
C LYS H 125 42.22 27.87 38.58
N ASN H 126 43.21 27.87 37.69
CA ASN H 126 43.51 29.03 36.86
C ASN H 126 42.47 29.28 35.79
N VAL H 127 41.93 28.20 35.22
CA VAL H 127 40.93 28.27 34.16
C VAL H 127 39.58 28.80 34.68
N ILE H 128 39.30 28.51 35.96
CA ILE H 128 38.08 28.97 36.63
C ILE H 128 38.16 30.46 37.00
N LEU H 129 39.26 30.86 37.62
CA LEU H 129 39.46 32.25 38.04
C LEU H 129 39.59 33.22 36.86
N GLU H 130 40.24 32.77 35.80
CA GLU H 130 40.41 33.57 34.57
C GLU H 130 39.16 33.56 33.68
N VAL H 131 38.32 32.54 33.87
CA VAL H 131 37.14 32.31 33.02
C VAL H 131 37.60 32.18 31.56
N ASN H 132 38.26 31.06 31.28
CA ASN H 132 38.89 30.83 29.99
C ASN H 132 37.93 30.14 29.00
N GLU H 133 37.39 30.91 28.05
CA GLU H 133 36.50 30.39 27.02
C GLU H 133 37.16 29.39 26.07
N ALA H 134 38.48 29.52 25.91
CA ALA H 134 39.26 28.62 25.06
C ALA H 134 39.26 27.19 25.61
N VAL H 135 39.29 27.06 26.93
CA VAL H 135 39.35 25.76 27.59
C VAL H 135 37.95 25.23 27.96
N LEU H 136 37.16 26.08 28.61
CA LEU H 136 35.86 25.69 29.17
C LEU H 136 34.80 25.40 28.11
N THR H 137 34.02 24.35 28.36
CA THR H 137 32.75 24.12 27.64
C THR H 137 31.63 23.89 28.66
N GLU H 138 30.40 24.01 28.19
CA GLU H 138 29.21 23.72 29.00
C GLU H 138 29.37 22.42 29.79
N SER H 139 29.76 21.37 29.06
CA SER H 139 29.92 20.02 29.61
C SER H 139 30.96 19.97 30.74
N MET H 140 32.02 20.75 30.61
CA MET H 140 33.13 20.78 31.58
C MET H 140 32.70 21.27 32.97
N ILE H 141 31.91 22.34 33.01
CA ILE H 141 31.46 22.93 34.29
C ILE H 141 30.36 22.12 34.95
N GLN H 142 29.48 21.52 34.15
CA GLN H 142 28.43 20.64 34.67
C GLN H 142 29.01 19.45 35.44
N ASN H 143 30.23 19.05 35.06
CA ASN H 143 30.97 18.03 35.77
C ASN H 143 31.65 18.54 37.04
N LEU H 144 31.79 19.85 37.14
CA LEU H 144 32.44 20.48 38.28
C LEU H 144 31.46 20.89 39.38
N ILE H 145 30.17 20.84 39.08
CA ILE H 145 29.13 21.19 40.07
C ILE H 145 28.61 19.96 40.80
N LYS H 146 28.49 18.84 40.09
CA LYS H 146 27.96 17.60 40.68
C LYS H 146 29.02 16.84 41.50
N GLN H 147 30.24 16.77 40.98
CA GLN H 147 31.31 15.95 41.59
C GLN H 147 32.03 16.61 42.77
N MET H 148 31.89 17.93 42.89
CA MET H 148 32.58 18.70 43.93
C MET H 148 31.99 18.52 45.32
N PRO H 149 32.86 18.48 46.36
CA PRO H 149 32.40 18.46 47.75
C PRO H 149 31.77 19.79 48.14
N GLU H 150 30.68 19.72 48.92
CA GLU H 150 29.93 20.92 49.33
C GLU H 150 30.73 21.84 50.27
N PRO H 151 30.40 23.16 50.28
CA PRO H 151 31.08 24.22 51.04
C PRO H 151 31.73 23.81 52.36
N GLU H 152 31.04 22.99 53.15
CA GLU H 152 31.49 22.57 54.48
C GLU H 152 32.78 21.74 54.45
N GLN H 153 32.87 20.82 53.48
CA GLN H 153 34.01 19.93 53.33
C GLN H 153 35.25 20.62 52.76
N LEU H 154 35.02 21.68 51.98
CA LEU H 154 36.11 22.50 51.43
C LEU H 154 36.74 23.37 52.52
N LYS H 155 35.92 23.73 53.51
CA LYS H 155 36.36 24.51 54.66
C LYS H 155 37.28 23.67 55.56
N MET H 156 36.98 22.37 55.67
CA MET H 156 37.74 21.46 56.52
C MET H 156 38.90 20.77 55.79
N LEU H 157 39.11 21.14 54.53
CA LEU H 157 40.28 20.70 53.77
C LEU H 157 41.29 21.83 53.58
N SER H 158 40.81 23.07 53.58
CA SER H 158 41.67 24.25 53.48
C SER H 158 42.37 24.56 54.80
N GLU H 159 42.02 23.81 55.84
CA GLU H 159 42.70 23.87 57.13
C GLU H 159 43.83 22.84 57.19
N LEU H 160 43.88 21.97 56.17
CA LEU H 160 44.92 20.94 56.04
C LEU H 160 45.82 21.22 54.83
N LYS H 161 46.39 22.43 54.78
CA LYS H 161 47.20 22.87 53.64
C LYS H 161 48.65 22.39 53.69
N GLU H 162 49.26 22.49 54.87
CA GLU H 162 50.68 22.15 55.05
C GLU H 162 50.97 20.68 54.73
N GLU H 163 50.02 19.80 55.02
CA GLU H 163 50.11 18.38 54.70
C GLU H 163 49.46 18.06 53.35
N TYR H 164 50.00 18.65 52.28
CA TYR H 164 49.49 18.46 50.92
C TYR H 164 49.95 17.16 50.27
N ASP H 165 51.19 16.78 50.54
CA ASP H 165 51.82 15.62 49.90
C ASP H 165 51.36 14.27 50.47
N ASP H 166 50.80 14.29 51.67
CA ASP H 166 50.39 13.07 52.38
C ASP H 166 48.95 12.63 52.07
N LEU H 167 48.12 13.57 51.61
CA LEU H 167 46.71 13.31 51.33
C LEU H 167 46.49 12.50 50.05
N ALA H 168 45.29 11.92 49.92
CA ALA H 168 44.92 11.12 48.76
C ALA H 168 44.59 12.01 47.55
N GLU H 169 44.35 11.38 46.40
CA GLU H 169 43.96 12.09 45.16
C GLU H 169 42.68 12.89 45.30
N SER H 170 41.72 12.34 46.04
CA SER H 170 40.41 12.98 46.26
C SER H 170 40.49 14.24 47.13
N GLU H 171 41.54 14.34 47.95
CA GLU H 171 41.70 15.46 48.86
C GLU H 171 42.71 16.52 48.38
N GLN H 172 43.66 16.10 47.52
CA GLN H 172 44.58 17.04 46.86
C GLN H 172 43.80 18.03 45.99
N PHE H 173 42.75 17.52 45.36
CA PHE H 173 41.78 18.31 44.61
C PHE H 173 41.13 19.36 45.53
N GLY H 174 40.59 18.90 46.67
CA GLY H 174 39.80 19.73 47.58
C GLY H 174 40.51 20.88 48.28
N VAL H 175 41.82 20.75 48.46
CA VAL H 175 42.62 21.79 49.11
C VAL H 175 42.86 22.97 48.17
N VAL H 176 43.15 22.67 46.90
CA VAL H 176 43.38 23.69 45.87
C VAL H 176 42.10 24.49 45.56
N MET H 177 40.96 23.79 45.61
CA MET H 177 39.67 24.41 45.31
C MET H 177 39.06 25.11 46.52
N GLY H 178 39.44 24.68 47.71
CA GLY H 178 38.98 25.29 48.96
C GLY H 178 39.53 26.69 49.18
N THR H 179 40.54 27.06 48.39
CA THR H 179 41.17 28.38 48.46
C THR H 179 40.56 29.36 47.45
N VAL H 180 39.60 28.89 46.66
CA VAL H 180 38.86 29.75 45.75
C VAL H 180 37.58 30.23 46.45
N PRO H 181 37.46 31.56 46.64
CA PRO H 181 36.34 32.12 47.42
C PRO H 181 35.00 32.07 46.68
N ARG H 182 33.96 31.67 47.40
CA ARG H 182 32.59 31.58 46.89
C ARG H 182 32.50 30.75 45.61
N LEU H 183 32.76 29.45 45.74
CA LEU H 183 32.86 28.56 44.59
C LEU H 183 31.51 28.19 43.98
N ARG H 184 30.53 27.92 44.83
CA ARG H 184 29.20 27.50 44.40
C ARG H 184 28.47 28.55 43.54
N PRO H 185 28.50 29.84 43.96
CA PRO H 185 27.95 30.88 43.07
C PRO H 185 28.86 31.23 41.90
N ARG H 186 30.18 31.06 42.07
CA ARG H 186 31.15 31.33 41.02
C ARG H 186 30.91 30.45 39.79
N LEU H 187 30.69 29.15 40.04
CA LEU H 187 30.41 28.19 38.97
C LEU H 187 29.01 28.36 38.38
N ASN H 188 28.04 28.59 39.25
CA ASN H 188 26.67 28.88 38.82
C ASN H 188 26.62 30.08 37.88
N ALA H 189 27.50 31.04 38.12
CA ALA H 189 27.64 32.19 37.25
C ALA H 189 28.30 31.80 35.92
N ILE H 190 29.22 30.85 35.97
CA ILE H 190 29.95 30.41 34.77
C ILE H 190 29.08 29.57 33.85
N LEU H 191 28.32 28.64 34.44
CA LEU H 191 27.40 27.79 33.68
C LEU H 191 26.38 28.62 32.91
N PHE H 192 25.70 29.51 33.64
CA PHE H 192 24.73 30.45 33.06
C PHE H 192 25.33 31.27 31.92
N LYS H 193 26.65 31.48 31.95
CA LYS H 193 27.32 32.24 30.90
C LYS H 193 27.49 31.43 29.63
N LEU H 194 28.10 30.24 29.74
CA LEU H 194 28.32 29.38 28.58
C LEU H 194 27.04 28.82 27.99
N GLN H 195 25.92 29.04 28.69
CA GLN H 195 24.61 28.59 28.25
C GLN H 195 23.70 29.71 27.75
N PHE H 196 24.12 30.95 27.92
CA PHE H 196 23.24 32.11 27.68
C PHE H 196 22.71 32.26 26.26
N SER H 197 23.57 32.03 25.26
CA SER H 197 23.17 32.17 23.86
C SER H 197 22.26 31.03 23.41
N GLU H 198 22.46 29.84 23.98
CA GLU H 198 21.68 28.65 23.63
C GLU H 198 20.20 28.73 24.06
N GLN H 199 19.92 29.48 25.12
CA GLN H 199 18.55 29.65 25.60
C GLN H 199 17.93 30.97 25.13
N VAL H 200 18.72 31.78 24.44
CA VAL H 200 18.19 32.91 23.70
C VAL H 200 17.65 32.40 22.36
N GLU H 201 18.31 31.38 21.83
CA GLU H 201 17.90 30.73 20.57
C GLU H 201 16.77 29.70 20.74
N ASN H 202 16.37 29.45 21.98
CA ASN H 202 15.22 28.58 22.27
C ASN H 202 13.93 29.36 22.53
N ILE H 203 14.10 30.66 22.80
CA ILE H 203 12.99 31.52 23.19
C ILE H 203 12.63 32.51 22.07
N LYS H 204 13.65 33.13 21.49
CA LYS H 204 13.46 34.13 20.44
C LYS H 204 12.59 33.64 19.27
N PRO H 205 12.90 32.46 18.69
CA PRO H 205 12.16 32.03 17.50
C PRO H 205 10.67 31.82 17.80
N GLU H 206 10.39 31.25 18.97
CA GLU H 206 9.02 30.91 19.35
C GLU H 206 8.16 32.15 19.66
N ILE H 207 8.80 33.26 20.01
CA ILE H 207 8.09 34.53 20.09
C ILE H 207 7.74 35.00 18.68
N VAL H 208 8.74 35.04 17.80
CA VAL H 208 8.57 35.41 16.39
C VAL H 208 7.44 34.58 15.76
N SER H 209 7.50 33.27 15.96
CA SER H 209 6.51 32.32 15.43
C SER H 209 5.06 32.72 15.75
N VAL H 210 4.79 33.00 17.02
CA VAL H 210 3.46 33.42 17.46
C VAL H 210 3.16 34.82 16.98
N THR H 211 4.15 35.71 17.07
CA THR H 211 4.03 37.10 16.62
C THR H 211 3.59 37.18 15.17
N ALA H 212 4.21 36.34 14.34
CA ALA H 212 3.94 36.32 12.91
C ALA H 212 2.52 35.89 12.58
N ALA H 213 2.08 34.79 13.19
CA ALA H 213 0.75 34.24 12.96
C ALA H 213 -0.37 35.18 13.42
N CYS H 214 -0.08 35.97 14.44
CA CYS H 214 -1.04 36.96 14.94
C CYS H 214 -1.23 38.11 13.96
N GLU H 215 -0.19 38.37 13.17
CA GLU H 215 -0.24 39.41 12.15
C GLU H 215 -0.79 38.86 10.84
N GLU H 216 -0.35 37.66 10.48
CA GLU H 216 -0.81 36.98 9.27
C GLU H 216 -2.33 36.76 9.28
N LEU H 217 -2.88 36.43 10.45
CA LEU H 217 -4.30 36.15 10.64
C LEU H 217 -5.15 37.42 10.56
N ARG H 218 -4.57 38.52 11.06
CA ARG H 218 -5.20 39.83 11.07
C ARG H 218 -5.21 40.47 9.66
N LYS H 219 -4.07 40.39 8.97
CA LYS H 219 -3.89 40.98 7.64
C LYS H 219 -4.56 40.19 6.52
N SER H 220 -4.96 38.96 6.82
CA SER H 220 -5.63 38.09 5.84
C SER H 220 -7.08 38.51 5.63
N GLU H 221 -7.34 39.17 4.50
CA GLU H 221 -8.71 39.53 4.13
C GLU H 221 -9.37 38.42 3.33
N ASN H 222 -8.58 37.43 2.94
CA ASN H 222 -9.09 36.21 2.33
C ASN H 222 -9.75 35.31 3.37
N PHE H 223 -9.09 35.16 4.51
CA PHE H 223 -9.69 34.48 5.66
C PHE H 223 -10.87 35.29 6.15
N SER H 224 -10.72 36.61 6.11
CA SER H 224 -11.81 37.54 6.40
C SER H 224 -12.99 37.31 5.45
N SER H 225 -12.71 37.05 4.18
CA SER H 225 -13.76 36.78 3.20
C SER H 225 -14.53 35.52 3.55
N LEU H 226 -13.82 34.50 4.06
CA LEU H 226 -14.42 33.22 4.41
C LEU H 226 -15.46 33.39 5.50
N LEU H 227 -15.16 34.23 6.50
CA LEU H 227 -16.06 34.45 7.62
C LEU H 227 -17.32 35.23 7.23
N GLU H 228 -17.23 36.06 6.18
CA GLU H 228 -18.41 36.71 5.61
C GLU H 228 -19.28 35.67 4.91
N LEU H 229 -18.65 34.85 4.08
CA LEU H 229 -19.33 33.82 3.32
C LEU H 229 -20.00 32.77 4.22
N THR H 230 -19.30 32.37 5.28
CA THR H 230 -19.83 31.42 6.26
C THR H 230 -21.09 32.00 6.89
N LEU H 231 -20.95 33.19 7.48
CA LEU H 231 -22.03 33.91 8.14
C LEU H 231 -23.26 34.03 7.25
N LEU H 232 -23.04 34.47 6.01
CA LEU H 232 -24.11 34.60 5.05
C LEU H 232 -24.84 33.27 4.90
N VAL H 233 -24.08 32.23 4.54
CA VAL H 233 -24.63 30.87 4.37
C VAL H 233 -25.26 30.39 5.67
N GLY H 234 -24.64 30.74 6.80
CA GLY H 234 -25.16 30.40 8.11
C GLY H 234 -26.50 31.03 8.40
N ASN H 235 -26.55 32.37 8.35
CA ASN H 235 -27.76 33.13 8.69
C ASN H 235 -29.02 32.66 7.96
N TYR H 236 -28.84 32.22 6.72
CA TYR H 236 -29.94 31.68 5.93
C TYR H 236 -30.45 30.36 6.50
N MET H 237 -29.52 29.50 6.89
CA MET H 237 -29.86 28.17 7.40
C MET H 237 -30.50 28.25 8.78
N ASN H 238 -30.07 29.25 9.56
CA ASN H 238 -30.63 29.44 10.89
C ASN H 238 -32.05 30.04 10.88
N ALA H 239 -32.54 30.36 9.68
CA ALA H 239 -33.94 30.75 9.41
C ALA H 239 -34.54 31.73 10.41
N GLY H 240 -35.27 31.19 11.38
CA GLY H 240 -35.89 31.98 12.44
C GLY H 240 -35.83 31.24 13.76
N SER H 241 -34.62 30.84 14.14
CA SER H 241 -34.41 30.05 15.35
C SER H 241 -33.80 30.91 16.46
N ARG H 242 -33.21 30.26 17.45
CA ARG H 242 -32.40 30.93 18.47
C ARG H 242 -31.29 31.71 17.80
N ASN H 243 -30.51 31.02 16.95
CA ASN H 243 -29.61 31.66 16.02
C ASN H 243 -30.41 32.02 14.78
N ALA H 244 -30.13 33.21 14.22
CA ALA H 244 -30.78 33.74 13.03
C ALA H 244 -30.38 35.20 12.92
N GLY H 245 -30.10 35.66 11.71
CA GLY H 245 -29.59 37.00 11.50
C GLY H 245 -28.49 37.34 12.50
N ALA H 246 -27.63 36.36 12.74
CA ALA H 246 -26.48 36.54 13.63
C ALA H 246 -25.49 37.49 12.97
N PHE H 247 -24.94 38.41 13.74
CA PHE H 247 -23.98 39.39 13.22
C PHE H 247 -22.56 38.83 13.15
N GLY H 248 -22.39 37.60 13.63
CA GLY H 248 -21.11 36.91 13.63
C GLY H 248 -21.11 35.72 14.57
N PHE H 249 -20.06 34.92 14.50
CA PHE H 249 -19.92 33.75 15.37
C PHE H 249 -18.51 33.65 15.93
N ASN H 250 -18.32 32.75 16.89
CA ASN H 250 -17.02 32.52 17.51
C ASN H 250 -16.09 31.75 16.58
N ILE H 251 -14.87 32.26 16.39
CA ILE H 251 -13.86 31.66 15.49
C ILE H 251 -13.51 30.21 15.88
N SER H 252 -13.72 29.89 17.16
CA SER H 252 -13.65 28.52 17.65
C SER H 252 -14.49 27.54 16.83
N PHE H 253 -15.67 27.99 16.40
CA PHE H 253 -16.67 27.13 15.72
C PHE H 253 -16.27 26.59 14.35
N LEU H 254 -15.23 27.16 13.73
CA LEU H 254 -14.85 26.80 12.37
C LEU H 254 -14.70 25.30 12.09
N CYS H 255 -14.20 24.57 13.08
CA CYS H 255 -14.02 23.12 12.96
C CYS H 255 -15.32 22.32 13.02
N LYS H 256 -16.40 22.98 13.42
CA LYS H 256 -17.72 22.35 13.58
C LYS H 256 -18.57 22.38 12.31
N LEU H 257 -18.12 23.14 11.30
CA LEU H 257 -18.84 23.21 10.03
C LEU H 257 -18.99 21.82 9.47
N ARG H 258 -17.87 21.10 9.48
CA ARG H 258 -17.75 19.72 9.03
C ARG H 258 -18.74 18.75 9.70
N ASP H 259 -19.34 19.18 10.80
CA ASP H 259 -20.32 18.36 11.52
C ASP H 259 -21.73 18.59 11.01
N THR H 260 -21.89 19.66 10.25
CA THR H 260 -23.15 19.98 9.58
C THR H 260 -23.12 19.42 8.17
N LYS H 261 -23.69 18.22 7.99
CA LYS H 261 -23.67 17.55 6.68
C LYS H 261 -25.01 17.63 5.95
N SER H 262 -25.05 17.06 4.75
CA SER H 262 -26.24 17.07 3.91
C SER H 262 -27.33 16.18 4.46
N ALA H 263 -28.52 16.29 3.88
CA ALA H 263 -29.63 15.41 4.20
C ALA H 263 -29.26 13.96 3.92
N ASP H 264 -28.68 13.73 2.74
CA ASP H 264 -28.35 12.40 2.25
C ASP H 264 -26.95 11.91 2.67
N GLN H 265 -26.30 12.65 3.57
CA GLN H 265 -24.94 12.33 4.08
C GLN H 265 -23.81 12.48 3.05
N LYS H 266 -24.15 12.94 1.84
CA LYS H 266 -23.20 13.07 0.74
C LYS H 266 -21.99 13.92 1.12
N MET H 267 -22.21 15.23 1.27
CA MET H 267 -21.16 16.15 1.62
C MET H 267 -21.63 17.14 2.69
N THR H 268 -20.67 17.86 3.29
CA THR H 268 -20.94 18.66 4.49
C THR H 268 -20.93 20.15 4.18
N LEU H 269 -21.25 20.95 5.20
CA LEU H 269 -21.26 22.42 5.10
C LEU H 269 -19.87 22.95 4.75
N LEU H 270 -18.82 22.27 5.19
CA LEU H 270 -17.44 22.65 4.87
C LEU H 270 -17.17 22.42 3.40
N HIS H 271 -17.66 21.28 2.90
CA HIS H 271 -17.49 20.95 1.48
C HIS H 271 -18.22 21.96 0.58
N PHE H 272 -19.50 22.21 0.88
CA PHE H 272 -20.28 23.21 0.16
C PHE H 272 -19.54 24.54 0.15
N LEU H 273 -19.03 24.93 1.32
CA LEU H 273 -18.40 26.23 1.50
C LEU H 273 -17.11 26.37 0.70
N ALA H 274 -16.35 25.28 0.63
CA ALA H 274 -15.08 25.27 -0.09
C ALA H 274 -15.33 25.26 -1.60
N GLU H 275 -16.37 24.54 -2.03
CA GLU H 275 -16.76 24.48 -3.44
C GLU H 275 -17.32 25.82 -3.90
N LEU H 276 -18.15 26.43 -3.04
CA LEU H 276 -18.71 27.77 -3.29
C LEU H 276 -17.60 28.80 -3.49
N CYS H 277 -16.41 28.53 -2.96
CA CYS H 277 -15.24 29.37 -3.23
C CYS H 277 -14.62 29.01 -4.57
N GLU H 278 -14.37 27.71 -4.78
CA GLU H 278 -13.70 27.22 -5.97
C GLU H 278 -14.31 27.75 -7.26
N ASN H 279 -15.65 27.85 -7.29
CA ASN H 279 -16.38 28.39 -8.44
C ASN H 279 -16.49 29.91 -8.41
N ASP H 280 -17.04 30.45 -7.33
CA ASP H 280 -17.43 31.85 -7.24
C ASP H 280 -16.37 32.80 -6.66
N HIS H 281 -15.56 32.32 -5.72
CA HIS H 281 -14.52 33.16 -5.09
C HIS H 281 -13.18 32.43 -4.91
N PRO H 282 -12.39 32.32 -6.00
CA PRO H 282 -11.09 31.64 -5.94
C PRO H 282 -10.02 32.44 -5.20
N GLU H 283 -10.38 33.64 -4.75
CA GLU H 283 -9.50 34.48 -3.93
C GLU H 283 -9.31 33.81 -2.57
N VAL H 284 -10.41 33.29 -2.03
CA VAL H 284 -10.46 32.68 -0.71
C VAL H 284 -9.50 31.50 -0.55
N LEU H 285 -9.36 30.70 -1.60
CA LEU H 285 -8.49 29.51 -1.58
C LEU H 285 -7.02 29.75 -1.19
N LYS H 286 -6.62 31.02 -1.11
CA LYS H 286 -5.23 31.37 -0.80
C LYS H 286 -5.00 31.78 0.66
N PHE H 287 -6.03 31.61 1.49
CA PHE H 287 -5.89 31.90 2.92
C PHE H 287 -5.02 30.88 3.66
N PRO H 288 -5.06 29.58 3.24
CA PRO H 288 -4.19 28.63 3.92
C PRO H 288 -2.72 28.95 3.66
N ASP H 289 -2.47 29.74 2.62
CA ASP H 289 -1.14 30.22 2.28
C ASP H 289 -0.83 31.53 2.98
N GLU H 290 -1.87 32.31 3.26
CA GLU H 290 -1.73 33.59 3.97
C GLU H 290 -1.41 33.37 5.45
N LEU H 291 -1.46 32.11 5.88
CA LEU H 291 -1.21 31.74 7.25
C LEU H 291 -0.03 30.76 7.33
N ALA H 292 1.16 31.27 7.04
CA ALA H 292 2.37 30.45 7.00
C ALA H 292 2.81 30.01 8.39
N HIS H 293 3.01 30.98 9.28
CA HIS H 293 3.55 30.73 10.61
C HIS H 293 2.57 30.08 11.61
N VAL H 294 1.29 30.01 11.25
CA VAL H 294 0.25 29.45 12.12
C VAL H 294 0.59 28.04 12.63
N GLU H 295 1.09 27.17 11.74
CA GLU H 295 1.42 25.79 12.12
C GLU H 295 2.47 25.76 13.22
N LYS H 296 3.46 26.63 13.11
CA LYS H 296 4.51 26.71 14.13
C LYS H 296 3.96 27.19 15.46
N ALA H 297 3.02 28.13 15.41
CA ALA H 297 2.41 28.72 16.60
C ALA H 297 1.49 27.75 17.35
N SER H 298 1.13 26.64 16.70
CA SER H 298 0.36 25.61 17.38
C SER H 298 1.25 24.89 18.41
N ARG H 299 2.53 24.78 18.09
CA ARG H 299 3.47 24.00 18.89
C ARG H 299 4.20 24.77 19.98
N VAL H 300 4.03 26.09 20.01
CA VAL H 300 4.66 26.91 21.03
C VAL H 300 3.97 26.70 22.36
N SER H 301 4.75 26.51 23.42
CA SER H 301 4.20 26.37 24.75
C SER H 301 4.00 27.74 25.39
N ALA H 302 2.74 28.15 25.52
CA ALA H 302 2.37 29.48 26.00
C ALA H 302 2.86 29.78 27.40
N GLU H 303 2.61 28.86 28.33
CA GLU H 303 3.02 29.03 29.72
C GLU H 303 4.53 28.89 29.89
N ASN H 304 5.15 28.00 29.12
CA ASN H 304 6.59 27.77 29.20
C ASN H 304 7.44 28.95 28.75
N LEU H 305 6.87 29.79 27.88
CA LEU H 305 7.53 31.04 27.51
C LEU H 305 7.67 31.95 28.74
N GLN H 306 6.59 32.10 29.49
CA GLN H 306 6.59 32.92 30.71
C GLN H 306 7.51 32.38 31.81
N LYS H 307 7.66 31.05 31.85
CA LYS H 307 8.64 30.43 32.73
C LYS H 307 10.07 30.73 32.27
N SER H 308 10.30 30.64 30.96
CA SER H 308 11.63 30.83 30.39
C SER H 308 12.12 32.28 30.45
N LEU H 309 11.20 33.23 30.47
CA LEU H 309 11.57 34.64 30.60
C LEU H 309 11.71 35.05 32.06
N ASP H 310 10.84 34.50 32.92
CA ASP H 310 10.92 34.77 34.35
C ASP H 310 12.12 34.05 34.98
N GLN H 311 12.54 32.94 34.38
CA GLN H 311 13.71 32.21 34.88
C GLN H 311 15.02 32.86 34.46
N MET H 312 15.03 33.50 33.30
CA MET H 312 16.20 34.24 32.83
C MET H 312 16.42 35.50 33.69
N LYS H 313 15.33 36.22 33.97
CA LYS H 313 15.35 37.40 34.84
C LYS H 313 15.95 37.05 36.19
N LYS H 314 15.61 35.86 36.69
CA LYS H 314 16.12 35.37 37.96
C LYS H 314 17.62 35.18 37.92
N GLN H 315 18.11 34.45 36.92
CA GLN H 315 19.53 34.13 36.81
C GLN H 315 20.40 35.34 36.48
N ILE H 316 19.79 36.34 35.85
CA ILE H 316 20.45 37.61 35.61
C ILE H 316 20.62 38.36 36.94
N ALA H 317 19.55 38.38 37.73
CA ALA H 317 19.58 38.98 39.06
C ALA H 317 20.40 38.17 40.07
N ASP H 318 20.54 36.86 39.79
CA ASP H 318 21.38 35.98 40.60
C ASP H 318 22.84 36.34 40.45
N VAL H 319 23.28 36.51 39.20
CA VAL H 319 24.65 36.91 38.91
C VAL H 319 24.89 38.36 39.34
N GLU H 320 23.87 39.20 39.17
CA GLU H 320 23.94 40.62 39.54
C GLU H 320 24.26 40.86 41.02
N ARG H 321 23.71 40.01 41.89
CA ARG H 321 23.96 40.10 43.33
C ARG H 321 25.32 39.51 43.69
N ASP H 322 25.73 38.47 42.96
CA ASP H 322 27.02 37.81 43.18
C ASP H 322 28.20 38.75 42.96
N VAL H 323 28.10 39.57 41.91
CA VAL H 323 29.10 40.60 41.60
C VAL H 323 29.21 41.61 42.74
N GLN H 324 28.08 41.95 43.34
CA GLN H 324 28.03 42.89 44.47
C GLN H 324 28.56 42.29 45.78
N ASN H 325 28.51 40.97 45.90
CA ASN H 325 28.90 40.30 47.14
C ASN H 325 30.28 39.62 47.13
N PHE H 326 31.09 39.95 46.12
CA PHE H 326 32.43 39.38 46.00
C PHE H 326 33.53 40.23 46.66
N PRO H 327 34.48 39.56 47.35
CA PRO H 327 35.69 40.20 47.88
C PRO H 327 36.66 40.62 46.80
N ALA H 328 37.62 41.48 47.16
CA ALA H 328 38.62 42.00 46.24
C ALA H 328 39.52 40.90 45.69
N ALA H 329 39.65 40.86 44.36
CA ALA H 329 40.47 39.87 43.66
C ALA H 329 41.94 40.05 43.98
N THR H 330 42.44 39.27 44.94
CA THR H 330 43.79 39.43 45.47
C THR H 330 44.87 38.61 44.75
N ASP H 331 44.70 38.39 43.46
CA ASP H 331 45.73 37.78 42.61
C ASP H 331 45.63 38.20 41.14
N GLU H 332 46.65 37.87 40.36
CA GLU H 332 46.78 38.29 38.96
C GLU H 332 45.82 37.56 38.02
N LYS H 333 45.13 36.54 38.53
CA LYS H 333 44.35 35.62 37.69
C LYS H 333 42.82 35.65 37.91
N ASP H 334 42.36 36.33 38.95
CA ASP H 334 40.93 36.41 39.27
C ASP H 334 40.22 37.40 38.34
N LYS H 335 39.81 36.91 37.18
CA LYS H 335 39.13 37.72 36.17
C LYS H 335 37.60 37.62 36.28
N PHE H 336 37.12 37.40 37.50
CA PHE H 336 35.69 37.25 37.76
C PHE H 336 34.97 38.60 37.73
N VAL H 337 35.25 39.43 38.73
CA VAL H 337 34.62 40.75 38.89
C VAL H 337 34.55 41.52 37.56
N GLU H 338 35.60 41.40 36.76
CA GLU H 338 35.73 42.12 35.50
C GLU H 338 34.77 41.58 34.43
N LYS H 339 34.98 40.33 34.00
CA LYS H 339 34.26 39.74 32.88
C LYS H 339 32.74 39.62 33.06
N MET H 340 32.30 39.54 34.31
CA MET H 340 30.88 39.33 34.63
C MET H 340 30.06 40.62 34.61
N THR H 341 30.68 41.75 34.88
CA THR H 341 30.03 43.05 34.73
C THR H 341 29.81 43.34 33.24
N SER H 342 30.72 42.82 32.42
CA SER H 342 30.61 42.87 30.96
C SER H 342 29.51 41.94 30.43
N PHE H 343 29.13 40.97 31.26
CA PHE H 343 28.10 40.00 30.92
C PHE H 343 26.70 40.47 31.33
N VAL H 344 26.62 41.17 32.46
CA VAL H 344 25.34 41.68 32.98
C VAL H 344 24.80 42.79 32.09
N LYS H 345 25.68 43.66 31.62
CA LYS H 345 25.31 44.70 30.66
C LYS H 345 24.78 44.04 29.39
N ASP H 346 25.50 43.05 28.89
CA ASP H 346 25.14 42.30 27.68
C ASP H 346 23.86 41.49 27.86
N ALA H 347 23.70 40.89 29.05
CA ALA H 347 22.57 40.02 29.35
C ALA H 347 21.26 40.78 29.54
N GLN H 348 21.31 41.89 30.28
CA GLN H 348 20.15 42.73 30.53
C GLN H 348 19.56 43.30 29.24
N GLU H 349 20.44 43.87 28.42
CA GLU H 349 20.06 44.43 27.12
C GLU H 349 19.36 43.37 26.26
N GLN H 350 19.98 42.19 26.16
CA GLN H 350 19.42 41.09 25.38
C GLN H 350 18.12 40.55 25.97
N TYR H 351 18.00 40.57 27.30
CA TYR H 351 16.76 40.15 27.96
C TYR H 351 15.62 41.12 27.66
N ASN H 352 15.92 42.41 27.68
CA ASN H 352 14.91 43.44 27.47
C ASN H 352 14.31 43.44 26.08
N LYS H 353 15.13 43.08 25.08
CA LYS H 353 14.64 42.86 23.72
C LYS H 353 13.62 41.73 23.69
N LEU H 354 13.89 40.67 24.45
CA LEU H 354 13.00 39.53 24.59
C LEU H 354 11.79 39.85 25.46
N ARG H 355 12.00 40.74 26.43
CA ARG H 355 10.90 41.23 27.26
C ARG H 355 9.94 42.07 26.42
N MET H 356 10.51 42.92 25.57
CA MET H 356 9.76 43.74 24.61
C MET H 356 8.91 42.88 23.67
N MET H 357 9.56 41.90 23.03
CA MET H 357 8.93 41.04 22.04
C MET H 357 7.78 40.21 22.61
N HIS H 358 7.92 39.81 23.87
CA HIS H 358 6.95 38.95 24.55
C HIS H 358 5.66 39.69 24.89
N SER H 359 5.77 40.89 25.44
CA SER H 359 4.60 41.70 25.80
C SER H 359 3.88 42.21 24.55
N ASN H 360 4.66 42.54 23.52
CA ASN H 360 4.11 42.90 22.22
C ASN H 360 3.29 41.77 21.60
N MET H 361 3.79 40.55 21.71
CA MET H 361 3.06 39.35 21.29
C MET H 361 1.75 39.24 22.04
N GLU H 362 1.79 39.47 23.35
CA GLU H 362 0.61 39.46 24.20
C GLU H 362 -0.34 40.62 23.89
N THR H 363 0.22 41.79 23.56
CA THR H 363 -0.54 42.91 23.05
C THR H 363 -1.25 42.49 21.76
N LEU H 364 -0.52 41.79 20.89
CA LEU H 364 -1.03 41.33 19.61
C LEU H 364 -2.05 40.20 19.71
N TYR H 365 -1.97 39.41 20.79
CA TYR H 365 -2.93 38.33 21.01
C TYR H 365 -4.23 38.82 21.61
N LYS H 366 -4.15 39.83 22.49
CA LYS H 366 -5.34 40.50 23.03
C LYS H 366 -6.00 41.34 21.92
N GLU H 367 -5.20 41.76 20.95
CA GLU H 367 -5.68 42.49 19.77
C GLU H 367 -6.69 41.65 19.00
N LEU H 368 -6.31 40.41 18.68
CA LEU H 368 -7.15 39.46 17.93
C LEU H 368 -8.42 39.10 18.67
N GLY H 369 -8.33 38.96 19.98
CA GLY H 369 -9.48 38.75 20.84
C GLY H 369 -10.47 39.89 20.77
N ASP H 370 -9.95 41.11 20.63
CA ASP H 370 -10.80 42.29 20.48
C ASP H 370 -11.41 42.34 19.09
N TYR H 371 -10.57 42.04 18.10
CA TYR H 371 -10.95 42.13 16.68
C TYR H 371 -11.92 41.03 16.23
N PHE H 372 -11.66 39.78 16.62
CA PHE H 372 -12.54 38.66 16.29
C PHE H 372 -13.52 38.27 17.40
N VAL H 373 -13.56 39.10 18.44
CA VAL H 373 -14.39 38.91 19.65
C VAL H 373 -14.40 37.49 20.27
N PHE H 374 -13.37 37.23 21.08
CA PHE H 374 -13.26 36.04 21.93
C PHE H 374 -12.37 36.35 23.13
N ASP H 375 -12.48 35.55 24.18
CA ASP H 375 -11.75 35.77 25.43
C ASP H 375 -10.32 35.21 25.35
N PRO H 376 -9.31 36.10 25.37
CA PRO H 376 -7.92 35.68 25.17
C PRO H 376 -7.32 34.97 26.40
N LYS H 377 -7.98 35.09 27.55
CA LYS H 377 -7.52 34.45 28.76
C LYS H 377 -8.20 33.12 28.97
N LYS H 378 -9.32 32.92 28.29
CA LYS H 378 -10.08 31.67 28.40
C LYS H 378 -9.69 30.69 27.28
N LEU H 379 -8.55 30.97 26.66
CA LEU H 379 -8.02 30.16 25.55
C LEU H 379 -6.56 30.53 25.34
N SER H 380 -5.67 29.58 25.57
CA SER H 380 -4.23 29.82 25.41
C SER H 380 -3.82 29.93 23.94
N VAL H 381 -2.70 30.62 23.70
CA VAL H 381 -2.18 30.85 22.35
C VAL H 381 -2.05 29.56 21.53
N GLU H 382 -1.51 28.51 22.14
CA GLU H 382 -1.33 27.23 21.47
C GLU H 382 -2.70 26.66 21.11
N GLU H 383 -3.60 26.67 22.09
CA GLU H 383 -4.96 26.17 21.92
C GLU H 383 -5.66 26.91 20.80
N PHE H 384 -5.46 28.22 20.71
CA PHE H 384 -6.15 29.02 19.69
C PHE H 384 -5.63 28.76 18.27
N PHE H 385 -4.31 28.76 18.13
CA PHE H 385 -3.67 28.55 16.84
C PHE H 385 -3.63 27.09 16.42
N MET H 386 -4.08 26.20 17.30
CA MET H 386 -4.26 24.79 16.93
C MET H 386 -5.62 24.60 16.26
N ASP H 387 -6.66 25.14 16.89
CA ASP H 387 -8.03 25.11 16.36
C ASP H 387 -8.03 25.66 14.94
N LEU H 388 -7.19 26.66 14.74
CA LEU H 388 -7.07 27.39 13.49
C LEU H 388 -6.31 26.54 12.47
N HIS H 389 -5.21 25.95 12.93
CA HIS H 389 -4.38 25.04 12.14
C HIS H 389 -5.20 23.83 11.71
N ASN H 390 -5.96 23.27 12.65
CA ASN H 390 -6.83 22.16 12.35
C ASN H 390 -7.82 22.53 11.26
N PHE H 391 -8.42 23.71 11.38
CA PHE H 391 -9.33 24.22 10.34
C PHE H 391 -8.63 24.35 9.00
N ARG H 392 -7.47 25.00 9.00
CA ARG H 392 -6.67 25.20 7.79
C ARG H 392 -6.44 23.88 7.07
N ASN H 393 -6.23 22.81 7.82
CA ASN H 393 -6.01 21.49 7.25
C ASN H 393 -7.29 20.84 6.77
N MET H 394 -8.41 21.13 7.45
CA MET H 394 -9.71 20.60 7.06
C MET H 394 -10.16 21.22 5.74
N PHE H 395 -9.88 22.50 5.59
CA PHE H 395 -10.26 23.23 4.40
C PHE H 395 -9.55 22.68 3.18
N LEU H 396 -8.25 22.44 3.30
CA LEU H 396 -7.44 21.88 2.22
C LEU H 396 -7.97 20.50 1.84
N GLN H 397 -8.26 19.69 2.86
CA GLN H 397 -8.83 18.35 2.71
C GLN H 397 -10.14 18.37 1.96
N ALA H 398 -11.06 19.23 2.40
CA ALA H 398 -12.37 19.34 1.78
C ALA H 398 -12.29 19.85 0.34
N VAL H 399 -11.26 20.64 0.04
CA VAL H 399 -11.02 21.12 -1.32
C VAL H 399 -10.64 19.95 -2.23
N LYS H 400 -9.66 19.16 -1.80
CA LYS H 400 -9.28 17.96 -2.54
C LYS H 400 -10.42 16.94 -2.60
N GLU H 401 -11.19 16.83 -1.53
CA GLU H 401 -12.37 15.95 -1.52
C GLU H 401 -13.51 16.45 -2.41
N ASN H 402 -13.45 17.73 -2.80
CA ASN H 402 -14.41 18.30 -3.75
C ASN H 402 -13.98 18.13 -5.21
N GLN H 403 -12.68 18.02 -5.44
CA GLN H 403 -12.15 17.78 -6.77
C GLN H 403 -12.33 16.33 -7.17
N LYS H 404 -11.82 15.43 -6.33
CA LYS H 404 -11.93 13.99 -6.55
C LYS H 404 -13.39 13.54 -6.70
N ARG H 405 -14.29 14.23 -5.99
CA ARG H 405 -15.73 13.95 -6.09
C ARG H 405 -16.32 14.47 -7.41
N ARG H 406 -15.82 15.62 -7.86
CA ARG H 406 -16.29 16.21 -9.13
C ARG H 406 -15.66 15.51 -10.34
N GLU H 407 -14.53 14.86 -10.10
CA GLU H 407 -13.83 14.08 -11.12
C GLU H 407 -14.56 12.79 -11.42
N THR H 408 -15.07 12.13 -10.38
CA THR H 408 -15.86 10.91 -10.53
C THR H 408 -17.19 11.22 -11.23
N GLU H 409 -17.84 12.30 -10.79
CA GLU H 409 -19.10 12.78 -11.40
C GLU H 409 -18.98 12.91 -12.92
N GLU H 410 -17.93 13.59 -13.38
CA GLU H 410 -17.69 13.80 -14.82
C GLU H 410 -17.35 12.52 -15.58
N LYS H 411 -16.50 11.68 -14.99
CA LYS H 411 -16.16 10.38 -15.59
C LYS H 411 -17.42 9.53 -15.72
N MET H 412 -18.20 9.48 -14.64
CA MET H 412 -19.41 8.68 -14.57
C MET H 412 -20.56 9.30 -15.37
N ARG H 413 -20.47 10.60 -15.62
CA ARG H 413 -21.39 11.26 -16.55
C ARG H 413 -21.08 10.80 -17.97
N ARG H 414 -19.88 11.10 -18.44
CA ARG H 414 -19.46 10.84 -19.82
C ARG H 414 -19.54 9.37 -20.22
N ALA H 415 -19.25 8.48 -19.27
CA ALA H 415 -19.33 7.03 -19.49
C ALA H 415 -20.75 6.58 -19.79
N LYS H 416 -21.73 7.17 -19.10
CA LYS H 416 -23.14 6.80 -19.29
C LYS H 416 -23.74 7.42 -20.54
N LEU H 417 -23.11 8.50 -21.02
CA LEU H 417 -23.46 9.09 -22.33
C LEU H 417 -22.85 8.29 -23.49
N ALA H 418 -21.69 7.70 -23.26
CA ALA H 418 -21.04 6.84 -24.23
C ALA H 418 -21.81 5.52 -24.39
N LYS H 419 -22.44 5.06 -23.31
CA LYS H 419 -23.15 3.78 -23.29
C LYS H 419 -24.56 3.87 -23.88
N GLU H 420 -25.21 5.02 -23.71
CA GLU H 420 -26.52 5.29 -24.34
C GLU H 420 -26.39 5.53 -25.85
N LYS H 421 -25.33 6.22 -26.25
CA LYS H 421 -25.02 6.50 -27.66
C LYS H 421 -24.61 5.23 -28.42
N ALA H 422 -23.83 4.36 -27.79
CA ALA H 422 -23.48 3.08 -28.38
C ALA H 422 -24.67 2.12 -28.41
N GLU H 423 -25.54 2.24 -27.41
CA GLU H 423 -26.81 1.48 -27.37
C GLU H 423 -27.79 1.96 -28.45
N LYS H 424 -27.85 3.27 -28.68
CA LYS H 424 -28.64 3.81 -29.78
C LYS H 424 -28.14 3.22 -31.10
N GLU H 425 -26.86 3.46 -31.42
CA GLU H 425 -26.23 2.93 -32.64
C GLU H 425 -26.48 1.43 -32.83
N ARG H 426 -26.54 0.70 -31.71
CA ARG H 426 -26.70 -0.75 -31.70
C ARG H 426 -28.11 -1.19 -32.15
N LEU H 427 -29.13 -0.60 -31.52
CA LEU H 427 -30.53 -0.88 -31.80
C LEU H 427 -30.92 -0.50 -33.23
N GLU H 428 -30.28 0.55 -33.75
CA GLU H 428 -30.49 1.04 -35.10
C GLU H 428 -29.90 0.11 -36.16
N LYS H 429 -28.83 -0.61 -35.78
CA LYS H 429 -28.25 -1.66 -36.62
C LYS H 429 -29.12 -2.92 -36.58
N GLN H 430 -29.84 -3.09 -35.47
CA GLN H 430 -30.79 -4.20 -35.26
C GLN H 430 -32.08 -4.04 -36.06
N GLN H 431 -32.72 -2.88 -35.93
CA GLN H 431 -33.96 -2.57 -36.63
C GLN H 431 -33.81 -2.66 -38.15
N LYS H 432 -32.65 -2.23 -38.65
CA LYS H 432 -32.36 -2.23 -40.08
C LYS H 432 -32.45 -3.65 -40.69
N ARG H 433 -32.02 -4.64 -39.91
CA ARG H 433 -32.04 -6.03 -40.36
C ARG H 433 -33.42 -6.65 -40.15
N GLU H 434 -34.16 -6.13 -39.17
CA GLU H 434 -35.51 -6.59 -38.90
C GLU H 434 -36.53 -6.13 -39.94
N GLN H 435 -36.16 -5.13 -40.75
CA GLN H 435 -36.99 -4.70 -41.89
C GLN H 435 -36.92 -5.71 -43.04
N LEU H 436 -36.43 -6.92 -42.74
CA LEU H 436 -36.26 -7.97 -43.74
C LEU H 436 -37.16 -9.18 -43.50
N ILE H 437 -37.32 -9.57 -42.24
CA ILE H 437 -38.16 -10.72 -41.88
C ILE H 437 -39.06 -10.46 -40.67
N ASP H 438 -40.33 -10.81 -40.83
CA ASP H 438 -41.30 -10.79 -39.73
C ASP H 438 -41.57 -12.24 -39.31
N MET H 439 -40.73 -12.75 -38.41
CA MET H 439 -40.85 -14.12 -37.91
C MET H 439 -42.07 -14.31 -37.00
N ASN H 440 -43.00 -13.35 -37.06
CA ASN H 440 -44.15 -13.36 -36.17
C ASN H 440 -45.46 -13.12 -36.91
N ALA H 441 -45.82 -11.83 -37.03
CA ALA H 441 -47.20 -11.37 -37.26
C ALA H 441 -47.98 -11.91 -38.47
N GLU H 442 -47.38 -11.87 -39.65
CA GLU H 442 -48.10 -12.22 -40.89
C GLU H 442 -48.26 -13.72 -41.10
N GLY H 443 -49.15 -14.09 -42.02
CA GLY H 443 -49.49 -15.48 -42.31
C GLY H 443 -48.40 -16.26 -43.03
N ASP H 444 -48.71 -16.74 -44.23
CA ASP H 444 -47.79 -17.61 -44.98
C ASP H 444 -47.82 -17.40 -46.49
N GLU H 445 -46.67 -17.00 -47.04
CA GLU H 445 -46.45 -16.91 -48.49
C GLU H 445 -45.03 -17.38 -48.82
N THR H 446 -44.72 -17.46 -50.11
CA THR H 446 -43.47 -18.10 -50.56
C THR H 446 -42.38 -17.13 -51.02
N GLY H 447 -42.57 -15.84 -50.80
CA GLY H 447 -41.50 -14.87 -51.08
C GLY H 447 -40.32 -15.15 -50.17
N VAL H 448 -40.57 -15.03 -48.86
CA VAL H 448 -39.61 -15.22 -47.76
C VAL H 448 -38.13 -15.44 -48.12
N MET H 449 -37.77 -16.64 -48.55
CA MET H 449 -36.37 -16.98 -48.79
C MET H 449 -35.77 -16.13 -49.90
N ASP H 450 -36.46 -16.07 -51.04
CA ASP H 450 -36.01 -15.29 -52.19
C ASP H 450 -35.85 -13.81 -51.87
N SER H 451 -36.56 -13.34 -50.86
CA SER H 451 -36.46 -11.96 -50.40
C SER H 451 -35.22 -11.75 -49.53
N LEU H 452 -34.79 -12.81 -48.85
CA LEU H 452 -33.58 -12.75 -48.03
C LEU H 452 -32.30 -12.85 -48.86
N LEU H 453 -32.32 -13.70 -49.89
CA LEU H 453 -31.15 -13.90 -50.74
C LEU H 453 -30.93 -12.73 -51.67
N GLU H 454 -32.01 -12.03 -52.00
CA GLU H 454 -31.96 -10.83 -52.82
C GLU H 454 -31.26 -9.71 -52.05
N ALA H 455 -31.67 -9.52 -50.81
CA ALA H 455 -31.11 -8.49 -49.91
C ALA H 455 -29.69 -8.84 -49.51
N LEU H 456 -29.43 -10.14 -49.43
CA LEU H 456 -28.11 -10.65 -49.14
C LEU H 456 -27.18 -10.37 -50.31
N GLN H 457 -27.72 -10.41 -51.53
CA GLN H 457 -26.93 -10.16 -52.73
C GLN H 457 -26.68 -8.68 -52.93
N SER H 458 -27.63 -7.84 -52.50
CA SER H 458 -27.54 -6.39 -52.71
C SER H 458 -26.79 -5.68 -51.59
N GLY H 459 -26.45 -6.42 -50.54
CA GLY H 459 -25.80 -5.86 -49.37
C GLY H 459 -26.76 -5.18 -48.41
N ALA H 460 -28.05 -5.24 -48.74
CA ALA H 460 -29.10 -4.66 -47.91
C ALA H 460 -29.30 -5.40 -46.60
N ALA H 461 -28.81 -6.65 -46.55
CA ALA H 461 -28.90 -7.48 -45.34
C ALA H 461 -27.86 -7.06 -44.32
N PHE H 462 -26.73 -6.56 -44.80
CA PHE H 462 -25.66 -6.06 -43.94
C PHE H 462 -25.65 -4.54 -43.97
N ARG H 463 -26.53 -3.94 -43.18
CA ARG H 463 -26.56 -2.49 -43.09
C ARG H 463 -25.54 -2.04 -42.08
N ARG H 464 -24.94 -0.88 -42.35
CA ARG H 464 -23.88 -0.30 -41.54
C ARG H 464 -24.39 0.23 -40.18
N LYS H 465 -23.46 0.57 -39.29
CA LYS H 465 -23.80 1.16 -37.99
C LYS H 465 -23.73 2.69 -38.07
#